data_6N8V
#
_entry.id   6N8V
#
_cell.length_a   1.000
_cell.length_b   1.000
_cell.length_c   1.000
_cell.angle_alpha   90.00
_cell.angle_beta   90.00
_cell.angle_gamma   90.00
#
_symmetry.space_group_name_H-M   'P 1'
#
loop_
_entity.id
_entity.type
_entity.pdbx_description
1 polymer 'Heat shock protein 104'
2 non-polymer "ADENOSINE-5'-TRIPHOSPHATE"
#
_entity_poly.entity_id   1
_entity_poly.type   'polypeptide(L)'
_entity_poly.pdbx_seq_one_letter_code
;QFTERALTILTLAQKLASDHQHPQLQPIHILAAFIETPEDGSVPYLQNLIEKGRYDYDLFKKVVNRNLVRIPQQQPAPAE
ITPSYALGKVLQDAAKIQKQQKDSFIAQDHILFALFNDSSIQQIFKEAQVDIEAIKQQALELRGNTRIDSRGADTNTPLE
YLSKYAIDMTEQARQGKLDPVIGREEEIRSTIRVLARRIKSNPCLIGEPGIGKTAIIEGVAQRIIDDDVPTILQGAKLFS
LDLAALTAGAKYKGDFEERFKGVLKEIEESKTLIVLFIDEIHMLMGNGKDDAANILKPALSRGQLKVIGATTNNEYRSIV
EKDGAFERRFQKIEVAEPSVRQTVAILRGLQPKYEIHHGVRILDSALVTAAQLAKRYLPYRRLPDSALDLVDISCAGVAV
ARDSKPEELDSKERQLQLIQVEIKALERDEDADSTTKDRLKLARQKEASLQEELEPLRQRYNEEKHGHEELTQAKKKLDE
LENKALDAERRYDTATAADLRYFAIPDIKKQIEKLEDQVAEEERRAGANSMIQNVVDSDTISETAARLTGIPVKKLSESE
NEKLIHMERDLSSEVVGQMDAIKAVSNAVRLSRSGLANPRQPASFLFLGLSGSGKTELAKKVAGFLFNDEDMMIRVDCSE
LSEKYAVSKLLGTTAGYVGYDEGGFLTNQLQYKPYSVLLFDEVEKAHPDVLTVMLQMLDDGRITSGQGKTIDCSNCIVIM
TSNLGAEFINSQQGSKIQESTKNLVMGAVRQHFRPEFLNRISSIVIFNKLSRKAIHKIVDIRLKEIEERFEQNDKHYKLN
LTQEAKDFLAKYGYSDDMGARPLNRLIQNEILNKLALRILKNEIKDKETVNVVLKKGKSRDENVPEEAEECLEVLPNHE
;
_entity_poly.pdbx_strand_id   A,B,C,D,E,F
#
loop_
_chem_comp.id
_chem_comp.type
_chem_comp.name
_chem_comp.formula
ATP non-polymer ADENOSINE-5'-TRIPHOSPHATE 'C10 H16 N5 O13 P3'
#
# COMPACT_ATOMS: atom_id res chain seq x y z
N GLN A 1 42.21 10.29 -40.81
CA GLN A 1 42.26 11.71 -41.04
C GLN A 1 43.45 12.35 -40.33
N PHE A 2 43.94 13.45 -40.87
CA PHE A 2 45.02 14.18 -40.22
C PHE A 2 44.54 14.77 -38.91
N THR A 3 45.49 15.05 -38.03
CA THR A 3 45.15 15.77 -36.82
C THR A 3 44.68 17.17 -37.17
N GLU A 4 43.57 17.59 -36.54
CA GLU A 4 43.14 18.96 -36.67
C GLU A 4 44.28 19.93 -36.37
N ARG A 5 44.89 19.78 -35.20
CA ARG A 5 46.06 20.57 -34.86
C ARG A 5 47.08 20.55 -35.98
N ALA A 6 47.40 19.35 -36.47
CA ALA A 6 48.21 19.23 -37.66
C ALA A 6 47.53 19.94 -38.83
N LEU A 7 46.30 19.55 -39.13
CA LEU A 7 45.59 20.13 -40.26
C LEU A 7 45.43 21.64 -40.08
N THR A 8 45.28 22.09 -38.84
CA THR A 8 45.28 23.53 -38.58
C THR A 8 46.50 24.17 -39.20
N ILE A 9 47.66 23.57 -39.00
CA ILE A 9 48.85 24.02 -39.71
C ILE A 9 48.75 23.70 -41.19
N LEU A 10 48.29 22.48 -41.51
CA LEU A 10 48.34 21.99 -42.88
C LEU A 10 47.57 22.91 -43.83
N THR A 11 46.30 23.14 -43.52
CA THR A 11 45.56 24.09 -44.34
C THR A 11 46.19 25.47 -44.24
N LEU A 12 46.65 25.85 -43.05
CA LEU A 12 47.43 27.07 -42.93
C LEU A 12 48.72 26.97 -43.72
N ALA A 13 49.25 25.75 -43.89
CA ALA A 13 50.35 25.54 -44.81
C ALA A 13 49.88 25.65 -46.25
N GLN A 14 48.71 25.08 -46.54
CA GLN A 14 48.07 25.42 -47.80
C GLN A 14 47.77 26.91 -47.86
N LYS A 15 47.32 27.48 -46.74
CA LYS A 15 47.20 28.93 -46.67
C LYS A 15 48.57 29.60 -46.79
N LEU A 16 49.60 28.97 -46.22
CA LEU A 16 50.95 29.52 -46.33
C LEU A 16 51.34 29.71 -47.79
N ALA A 17 51.29 28.63 -48.58
CA ALA A 17 51.62 28.74 -50.00
C ALA A 17 50.64 29.63 -50.73
N SER A 18 49.48 29.92 -50.12
CA SER A 18 48.49 30.77 -50.76
C SER A 18 48.82 32.25 -50.60
N ASP A 19 49.36 32.66 -49.44
CA ASP A 19 49.56 34.09 -49.19
C ASP A 19 50.51 34.69 -50.19
N HIS A 20 51.67 34.07 -50.38
CA HIS A 20 52.56 34.43 -51.48
C HIS A 20 52.11 33.79 -52.78
N GLN A 21 50.99 33.08 -52.76
CA GLN A 21 50.46 32.36 -53.91
C GLN A 21 51.57 31.59 -54.60
N HIS A 22 52.01 30.53 -53.94
CA HIS A 22 53.06 29.69 -54.46
C HIS A 22 52.53 28.85 -55.62
N PRO A 23 53.38 28.49 -56.57
CA PRO A 23 52.91 27.64 -57.68
C PRO A 23 52.64 26.23 -57.25
N GLN A 24 53.31 25.75 -56.21
CA GLN A 24 53.31 24.33 -55.90
C GLN A 24 53.58 24.18 -54.40
N LEU A 25 53.09 23.09 -53.84
CA LEU A 25 53.41 22.74 -52.47
C LEU A 25 54.64 21.83 -52.48
N GLN A 26 55.73 22.32 -51.90
CA GLN A 26 57.05 21.75 -52.05
C GLN A 26 57.76 21.74 -50.72
N PRO A 27 58.80 20.88 -50.57
CA PRO A 27 59.22 20.47 -49.22
C PRO A 27 59.43 21.59 -48.22
N ILE A 28 60.07 22.69 -48.62
CA ILE A 28 60.52 23.67 -47.64
C ILE A 28 59.42 24.65 -47.26
N HIS A 29 58.21 24.51 -47.83
CA HIS A 29 57.09 25.39 -47.52
C HIS A 29 56.75 25.50 -46.04
N ILE A 30 56.10 24.47 -45.49
CA ILE A 30 55.50 24.55 -44.17
C ILE A 30 56.53 24.86 -43.10
N LEU A 31 57.81 24.79 -43.44
CA LEU A 31 58.83 25.27 -42.54
C LEU A 31 58.54 26.68 -42.08
N ALA A 32 57.85 27.45 -42.91
CA ALA A 32 57.27 28.71 -42.46
C ALA A 32 55.92 28.50 -41.77
N ALA A 33 55.10 27.58 -42.29
CA ALA A 33 53.75 27.43 -41.75
C ALA A 33 53.75 26.78 -40.37
N PHE A 34 54.71 25.90 -40.11
CA PHE A 34 54.89 25.37 -38.76
C PHE A 34 55.11 26.44 -37.73
N ILE A 35 55.47 27.65 -38.14
CA ILE A 35 55.84 28.70 -37.22
C ILE A 35 55.06 29.97 -37.50
N GLU A 36 54.18 30.35 -36.56
CA GLU A 36 53.70 31.73 -36.53
C GLU A 36 54.85 32.68 -36.27
N THR A 37 55.52 32.47 -35.15
CA THR A 37 56.69 33.24 -34.76
C THR A 37 57.56 32.31 -33.90
N PRO A 38 58.79 32.73 -33.55
CA PRO A 38 59.65 31.84 -32.75
C PRO A 38 59.04 31.35 -31.45
N GLU A 39 57.92 31.91 -30.99
CA GLU A 39 57.29 31.46 -29.76
C GLU A 39 57.11 29.95 -29.77
N ASP A 40 57.27 29.33 -28.60
CA ASP A 40 56.91 27.92 -28.50
C ASP A 40 55.44 27.68 -28.81
N GLY A 41 54.64 28.75 -28.82
CA GLY A 41 53.36 28.69 -29.50
C GLY A 41 53.52 28.17 -30.92
N SER A 42 54.68 28.40 -31.51
CA SER A 42 55.14 27.58 -32.62
C SER A 42 56.24 26.68 -32.08
N VAL A 43 55.89 25.43 -31.83
CA VAL A 43 56.78 24.42 -31.30
C VAL A 43 57.91 24.12 -32.28
N PRO A 44 57.63 24.03 -33.59
CA PRO A 44 58.70 23.73 -34.54
C PRO A 44 59.91 24.63 -34.43
N TYR A 45 59.80 25.74 -33.71
CA TYR A 45 60.97 26.57 -33.51
C TYR A 45 61.91 25.91 -32.51
N LEU A 46 61.52 25.93 -31.24
CA LEU A 46 62.36 25.52 -30.13
C LEU A 46 61.85 24.23 -29.52
N GLN A 47 60.61 24.26 -29.04
CA GLN A 47 59.95 23.07 -28.52
C GLN A 47 59.88 21.96 -29.55
N ASN A 48 60.19 22.26 -30.82
CA ASN A 48 60.28 21.20 -31.82
C ASN A 48 61.24 20.10 -31.41
N LEU A 49 60.89 18.89 -31.83
CA LEU A 49 61.66 17.68 -31.60
C LEU A 49 63.01 17.71 -32.28
N ILE A 50 63.28 18.72 -33.10
CA ILE A 50 64.50 18.82 -33.86
C ILE A 50 65.49 19.72 -33.11
N GLU A 51 65.09 20.98 -32.82
CA GLU A 51 65.93 21.83 -31.97
C GLU A 51 66.43 21.06 -30.76
N LYS A 52 65.56 20.27 -30.15
CA LYS A 52 66.01 19.34 -29.10
C LYS A 52 66.60 18.06 -29.70
N GLY A 53 66.03 17.56 -30.80
CA GLY A 53 66.64 16.40 -31.44
C GLY A 53 67.95 16.63 -32.16
N ARG A 54 67.93 17.45 -33.20
CA ARG A 54 69.16 17.78 -33.94
C ARG A 54 69.30 19.27 -34.26
N TYR A 55 68.44 19.79 -35.12
CA TYR A 55 68.62 21.12 -35.69
C TYR A 55 67.85 22.15 -34.87
N ASP A 56 68.58 23.00 -34.15
CA ASP A 56 67.98 24.16 -33.52
C ASP A 56 67.57 25.16 -34.59
N TYR A 57 66.41 25.77 -34.39
CA TYR A 57 65.80 26.63 -35.38
C TYR A 57 66.02 28.12 -35.14
N ASP A 58 66.82 28.49 -34.13
CA ASP A 58 66.96 29.90 -33.77
C ASP A 58 67.40 30.78 -34.92
N LEU A 59 68.66 30.69 -35.31
CA LEU A 59 69.05 31.35 -36.55
C LEU A 59 68.41 30.63 -37.72
N PHE A 60 68.27 29.32 -37.61
CA PHE A 60 67.62 28.49 -38.60
C PHE A 60 66.16 28.89 -38.78
N LYS A 61 65.65 29.78 -37.93
CA LYS A 61 64.49 30.61 -38.24
C LYS A 61 64.67 31.43 -39.50
N LYS A 62 65.92 31.66 -39.93
CA LYS A 62 66.18 32.64 -40.99
C LYS A 62 65.61 32.19 -42.33
N VAL A 63 65.84 30.93 -42.70
CA VAL A 63 65.80 30.56 -44.12
C VAL A 63 64.41 30.25 -44.65
N VAL A 64 63.42 30.03 -43.79
CA VAL A 64 62.18 29.40 -44.22
C VAL A 64 61.44 30.26 -45.25
N ASN A 65 61.10 31.51 -44.89
CA ASN A 65 60.47 32.38 -45.87
C ASN A 65 61.40 32.74 -47.01
N ARG A 66 62.72 32.75 -46.75
CA ARG A 66 63.68 33.03 -47.80
C ARG A 66 63.42 32.18 -49.03
N ASN A 67 63.04 30.92 -48.82
CA ASN A 67 62.64 30.10 -49.96
C ASN A 67 61.26 30.51 -50.45
N LEU A 68 60.29 30.59 -49.55
CA LEU A 68 58.91 30.79 -49.97
C LEU A 68 58.68 32.18 -50.55
N VAL A 69 59.60 33.10 -50.33
CA VAL A 69 59.58 34.31 -51.15
C VAL A 69 60.29 34.05 -52.47
N ARG A 70 61.30 33.18 -52.49
CA ARG A 70 62.00 32.92 -53.75
C ARG A 70 61.35 31.81 -54.55
N ILE A 71 60.25 31.24 -54.09
CA ILE A 71 59.44 30.40 -54.97
C ILE A 71 59.02 31.28 -56.13
N PRO A 72 58.89 30.74 -57.34
CA PRO A 72 58.32 31.56 -58.42
C PRO A 72 56.86 31.86 -58.13
N GLN A 73 56.50 33.14 -58.24
CA GLN A 73 55.17 33.55 -57.83
C GLN A 73 54.12 32.90 -58.72
N GLN A 74 52.92 32.72 -58.17
CA GLN A 74 51.83 32.09 -58.89
C GLN A 74 50.58 32.97 -58.79
N GLN A 75 49.42 32.45 -59.20
CA GLN A 75 48.16 33.16 -59.06
C GLN A 75 47.25 32.36 -58.15
N PRO A 76 46.07 32.86 -57.76
CA PRO A 76 45.38 32.26 -56.60
C PRO A 76 44.98 30.81 -56.77
N ALA A 77 44.35 30.45 -57.89
CA ALA A 77 43.83 29.09 -58.01
C ALA A 77 44.93 28.05 -58.03
N PRO A 78 46.03 28.20 -58.79
CA PRO A 78 47.11 27.22 -58.69
C PRO A 78 47.80 27.19 -57.34
N ALA A 79 47.63 28.22 -56.52
CA ALA A 79 48.11 28.15 -55.15
C ALA A 79 47.28 27.12 -54.39
N GLU A 80 47.95 26.27 -53.61
CA GLU A 80 47.39 25.16 -52.85
C GLU A 80 46.50 24.28 -53.73
N ILE A 81 46.73 24.31 -55.04
CA ILE A 81 45.95 23.46 -55.92
C ILE A 81 46.55 22.07 -55.97
N THR A 82 47.82 21.95 -55.63
CA THR A 82 48.49 20.69 -55.86
C THR A 82 49.08 20.17 -54.56
N PRO A 83 48.93 18.86 -54.29
CA PRO A 83 49.76 18.25 -53.25
C PRO A 83 51.19 18.11 -53.71
N SER A 84 51.39 18.00 -55.02
CA SER A 84 52.73 17.87 -55.58
C SER A 84 53.42 16.69 -54.93
N TYR A 85 53.06 15.48 -55.32
CA TYR A 85 53.22 14.31 -54.45
C TYR A 85 54.60 14.23 -53.82
N ALA A 86 55.61 14.86 -54.42
CA ALA A 86 56.85 15.11 -53.70
C ALA A 86 56.55 15.66 -52.32
N LEU A 87 55.73 16.70 -52.24
CA LEU A 87 55.17 17.09 -50.94
C LEU A 87 53.91 16.28 -50.64
N GLY A 88 53.09 15.98 -51.64
CA GLY A 88 51.85 15.27 -51.41
C GLY A 88 52.02 13.96 -50.68
N LYS A 89 53.20 13.36 -50.74
CA LYS A 89 53.43 12.14 -49.95
C LYS A 89 53.35 12.44 -48.47
N VAL A 90 53.84 13.61 -48.05
CA VAL A 90 53.84 13.96 -46.63
C VAL A 90 52.47 13.79 -46.04
N LEU A 91 51.43 13.94 -46.86
CA LEU A 91 50.11 13.51 -46.47
C LEU A 91 50.15 12.08 -45.97
N GLN A 92 50.62 11.16 -46.81
CA GLN A 92 50.78 9.77 -46.40
C GLN A 92 52.08 9.56 -45.63
N ASP A 93 53.17 10.18 -46.09
CA ASP A 93 54.47 9.94 -45.50
C ASP A 93 54.49 10.27 -44.01
N ALA A 94 53.57 11.12 -43.57
CA ALA A 94 53.48 11.41 -42.15
C ALA A 94 53.05 10.21 -41.33
N ALA A 95 52.49 9.20 -41.97
CA ALA A 95 52.02 7.99 -41.31
C ALA A 95 53.14 7.00 -41.07
N LYS A 96 54.38 7.36 -41.36
CA LYS A 96 55.47 6.43 -41.15
C LYS A 96 55.94 6.39 -39.69
N ILE A 97 56.05 7.57 -39.08
CA ILE A 97 56.49 7.69 -37.65
C ILE A 97 55.34 7.23 -36.75
N GLN A 98 54.33 6.58 -37.33
CA GLN A 98 53.16 6.08 -36.55
C GLN A 98 53.40 4.61 -36.17
N LYS A 99 54.36 3.96 -36.84
CA LYS A 99 54.68 2.53 -36.56
C LYS A 99 55.86 2.46 -35.58
N GLN A 100 56.86 3.32 -35.78
CA GLN A 100 58.06 3.34 -34.89
C GLN A 100 57.76 4.20 -33.65
N GLN A 101 57.10 5.34 -33.85
CA GLN A 101 56.76 6.26 -32.73
C GLN A 101 55.56 5.68 -31.96
N LYS A 102 54.74 4.88 -32.64
CA LYS A 102 53.54 4.25 -32.00
C LYS A 102 52.39 5.26 -32.00
N ASP A 103 51.87 5.59 -33.19
CA ASP A 103 50.75 6.56 -33.32
C ASP A 103 49.65 5.95 -34.19
N SER A 104 48.59 6.72 -34.45
CA SER A 104 47.44 6.24 -35.28
C SER A 104 47.13 7.26 -36.37
N PHE A 105 46.78 8.49 -35.97
CA PHE A 105 46.45 9.55 -36.91
C PHE A 105 47.74 10.23 -37.35
N ILE A 106 47.63 11.34 -38.06
CA ILE A 106 48.78 12.08 -38.53
C ILE A 106 48.81 13.43 -37.83
N ALA A 107 49.82 13.62 -36.97
CA ALA A 107 49.90 14.69 -36.01
C ALA A 107 50.92 15.74 -36.42
N GLN A 108 51.05 16.73 -35.55
CA GLN A 108 52.02 17.80 -35.79
C GLN A 108 53.41 17.25 -35.98
N ASP A 109 53.80 16.28 -35.16
CA ASP A 109 55.07 15.59 -35.41
C ASP A 109 55.04 14.90 -36.76
N HIS A 110 53.93 14.25 -37.08
CA HIS A 110 53.89 13.42 -38.27
C HIS A 110 53.95 14.26 -39.54
N ILE A 111 53.06 15.24 -39.65
CA ILE A 111 53.14 16.17 -40.77
C ILE A 111 54.56 16.71 -40.85
N LEU A 112 55.09 17.12 -39.71
CA LEU A 112 56.53 17.39 -39.60
C LEU A 112 57.34 16.18 -40.00
N PHE A 113 57.02 15.02 -39.44
CA PHE A 113 57.89 13.86 -39.61
C PHE A 113 58.15 13.54 -41.07
N ALA A 114 57.07 13.42 -41.85
CA ALA A 114 57.21 13.10 -43.26
C ALA A 114 58.19 14.01 -43.94
N LEU A 115 58.21 15.27 -43.54
CA LEU A 115 59.00 16.28 -44.21
C LEU A 115 60.50 16.03 -44.13
N PHE A 116 60.93 15.07 -43.32
CA PHE A 116 62.32 15.01 -42.92
C PHE A 116 63.27 14.74 -44.08
N ASN A 117 62.78 14.51 -45.29
CA ASN A 117 63.72 14.38 -46.38
C ASN A 117 64.16 15.73 -46.93
N ASP A 118 63.33 16.37 -47.75
CA ASP A 118 63.77 17.52 -48.53
C ASP A 118 63.37 18.85 -47.88
N SER A 119 62.61 18.81 -46.79
CA SER A 119 62.10 20.03 -46.19
C SER A 119 63.19 20.51 -45.25
N SER A 120 63.87 21.57 -45.64
CA SER A 120 65.25 21.62 -45.24
C SER A 120 66.02 22.76 -45.86
N ILE A 121 67.25 22.91 -45.41
CA ILE A 121 68.38 23.23 -46.27
C ILE A 121 69.06 21.89 -46.48
N GLN A 122 68.94 21.32 -47.67
CA GLN A 122 69.69 20.13 -48.05
C GLN A 122 70.79 20.56 -49.02
N GLN A 123 72.03 20.56 -48.53
CA GLN A 123 73.20 20.98 -49.29
C GLN A 123 74.42 20.27 -48.71
N ILE A 124 75.61 20.67 -49.18
CA ILE A 124 76.84 20.28 -48.49
C ILE A 124 76.77 20.73 -47.03
N PHE A 125 76.37 21.97 -46.81
CA PHE A 125 75.95 22.43 -45.50
C PHE A 125 74.43 22.27 -45.42
N LYS A 126 74.00 21.30 -44.64
CA LYS A 126 72.60 20.89 -44.63
C LYS A 126 72.01 21.25 -43.28
N GLU A 127 71.19 22.30 -43.26
CA GLU A 127 70.35 22.58 -42.12
C GLU A 127 68.99 22.05 -42.48
N ALA A 128 68.62 20.92 -41.91
CA ALA A 128 67.58 20.10 -42.47
C ALA A 128 66.87 19.40 -41.35
N GLN A 129 66.07 18.43 -41.72
CA GLN A 129 65.33 17.62 -40.77
C GLN A 129 65.92 16.23 -40.82
N VAL A 130 66.62 15.85 -39.76
CA VAL A 130 67.06 14.48 -39.64
C VAL A 130 65.84 13.57 -39.67
N ASP A 131 66.03 12.36 -40.22
CA ASP A 131 64.90 11.51 -40.57
C ASP A 131 64.28 10.86 -39.33
N ILE A 132 64.98 9.92 -38.71
CA ILE A 132 64.52 9.35 -37.46
C ILE A 132 65.18 10.01 -36.26
N GLU A 133 66.11 10.93 -36.49
CA GLU A 133 67.06 11.30 -35.45
C GLU A 133 66.46 12.29 -34.45
N ALA A 134 65.69 13.27 -34.90
CA ALA A 134 65.14 14.26 -33.98
C ALA A 134 63.85 13.79 -33.31
N ILE A 135 62.95 13.15 -34.06
CA ILE A 135 61.59 12.90 -33.61
C ILE A 135 61.53 11.70 -32.67
N LYS A 136 61.76 10.49 -33.20
CA LYS A 136 61.78 9.29 -32.35
C LYS A 136 62.63 9.51 -31.12
N GLN A 137 63.70 10.29 -31.25
CA GLN A 137 64.38 10.89 -30.13
C GLN A 137 63.38 11.64 -29.26
N GLN A 138 62.91 12.77 -29.77
CA GLN A 138 62.22 13.74 -28.94
C GLN A 138 60.71 13.67 -29.05
N ALA A 139 60.17 12.78 -29.89
CA ALA A 139 58.76 12.47 -29.83
C ALA A 139 58.40 11.70 -28.58
N LEU A 140 59.40 11.18 -27.87
CA LEU A 140 59.19 10.77 -26.50
C LEU A 140 59.35 11.95 -25.54
N GLU A 141 60.35 12.80 -25.78
CA GLU A 141 60.54 14.06 -25.05
C GLU A 141 59.26 14.86 -25.10
N LEU A 142 58.92 15.35 -26.28
CA LEU A 142 57.52 15.62 -26.56
C LEU A 142 56.72 14.38 -26.24
N ARG A 143 55.66 14.54 -25.46
CA ARG A 143 54.76 13.41 -25.24
C ARG A 143 55.49 12.20 -24.67
N GLY A 144 55.61 11.15 -25.47
CA GLY A 144 55.91 9.81 -25.02
C GLY A 144 54.74 8.88 -25.20
N ASN A 145 53.53 9.41 -25.29
CA ASN A 145 52.51 8.92 -26.23
C ASN A 145 51.85 10.14 -26.82
N THR A 146 52.02 10.35 -28.12
CA THR A 146 51.43 11.52 -28.73
C THR A 146 49.96 11.29 -29.09
N ARG A 147 49.63 10.10 -29.56
CA ARG A 147 48.40 9.92 -30.30
C ARG A 147 47.18 9.92 -29.39
N ILE A 148 46.21 10.77 -29.73
CA ILE A 148 44.87 10.68 -29.15
C ILE A 148 43.85 10.74 -30.29
N ASP A 149 43.69 11.92 -30.87
CA ASP A 149 42.75 12.13 -31.96
C ASP A 149 43.16 13.38 -32.73
N SER A 150 42.60 13.53 -33.93
CA SER A 150 42.75 14.78 -34.66
C SER A 150 42.34 15.96 -33.80
N ARG A 151 41.27 15.77 -33.02
CA ARG A 151 40.76 16.85 -32.13
C ARG A 151 41.44 16.75 -30.76
N GLY A 152 41.65 17.91 -30.10
CA GLY A 152 42.29 17.94 -28.77
C GLY A 152 43.07 19.23 -28.54
N ALA A 153 43.87 19.27 -27.47
CA ALA A 153 44.69 20.46 -27.13
C ALA A 153 46.10 20.28 -27.67
N ASP A 154 47.11 20.93 -27.06
CA ASP A 154 48.46 20.78 -27.55
C ASP A 154 48.97 19.37 -27.29
N THR A 155 49.74 18.86 -28.23
CA THR A 155 50.30 17.53 -28.08
C THR A 155 51.78 17.62 -27.74
N GLU A 160 51.67 20.39 -22.58
CA GLU A 160 51.64 21.82 -22.17
C GLU A 160 50.56 22.03 -21.11
N TYR A 161 50.15 20.95 -20.44
CA TYR A 161 49.09 21.03 -19.39
C TYR A 161 49.75 21.32 -18.04
N LEU A 162 51.09 21.27 -17.99
CA LEU A 162 51.85 21.54 -16.74
C LEU A 162 51.39 22.87 -16.15
N SER A 163 51.52 23.96 -16.91
CA SER A 163 51.10 25.28 -16.45
C SER A 163 49.66 25.62 -16.77
N LYS A 164 48.89 24.72 -17.39
CA LYS A 164 47.74 25.19 -18.14
C LYS A 164 46.65 25.79 -17.27
N TYR A 165 45.93 24.98 -16.54
CA TYR A 165 45.15 25.55 -15.47
C TYR A 165 45.87 25.47 -14.14
N ALA A 166 46.97 24.75 -14.09
CA ALA A 166 47.74 24.65 -12.87
C ALA A 166 48.78 25.74 -12.89
N ILE A 167 48.58 26.76 -12.08
CA ILE A 167 49.50 27.87 -11.99
C ILE A 167 50.08 27.84 -10.59
N ASP A 168 51.35 27.46 -10.51
CA ASP A 168 52.03 27.55 -9.25
C ASP A 168 52.00 28.97 -8.75
N MET A 169 51.51 29.15 -7.56
CA MET A 169 51.70 30.45 -6.95
C MET A 169 52.88 30.48 -6.00
N THR A 170 53.49 29.33 -5.68
CA THR A 170 54.77 29.40 -4.99
C THR A 170 55.76 30.14 -5.85
N GLU A 171 55.55 30.10 -7.16
CA GLU A 171 56.11 31.09 -8.05
C GLU A 171 55.84 32.45 -7.44
N GLN A 172 54.56 32.83 -7.48
CA GLN A 172 54.14 34.12 -6.94
C GLN A 172 54.58 34.29 -5.50
N ALA A 173 54.67 33.19 -4.76
CA ALA A 173 55.20 33.26 -3.41
C ALA A 173 56.69 33.49 -3.42
N ARG A 174 57.43 32.68 -4.19
CA ARG A 174 58.81 33.06 -4.48
C ARG A 174 58.85 34.47 -5.04
N GLN A 175 57.90 34.80 -5.91
CA GLN A 175 57.74 36.18 -6.34
C GLN A 175 57.24 37.07 -5.22
N GLY A 176 56.80 36.51 -4.10
CA GLY A 176 56.22 37.33 -3.06
C GLY A 176 54.94 38.01 -3.44
N LYS A 177 54.34 37.66 -4.59
CA LYS A 177 53.07 38.27 -4.98
C LYS A 177 52.02 38.08 -3.92
N LEU A 178 52.10 36.99 -3.19
CA LEU A 178 51.06 36.54 -2.28
C LEU A 178 51.11 37.33 -0.97
N ASP A 179 50.00 37.26 -0.24
CA ASP A 179 49.66 38.27 0.76
C ASP A 179 49.89 37.77 2.17
N PRO A 180 50.84 38.32 2.91
CA PRO A 180 51.16 37.78 4.24
C PRO A 180 50.10 38.11 5.29
N VAL A 181 49.84 37.14 6.18
CA VAL A 181 48.99 37.29 7.36
C VAL A 181 49.52 36.38 8.46
N ILE A 182 48.71 36.16 9.51
CA ILE A 182 49.21 35.71 10.79
C ILE A 182 48.52 34.44 11.28
N GLY A 183 49.29 33.65 12.05
CA GLY A 183 48.77 32.68 12.98
C GLY A 183 48.47 31.31 12.42
N ARG A 184 48.22 31.20 11.13
CA ARG A 184 47.58 30.02 10.59
C ARG A 184 48.43 28.77 10.67
N GLU A 185 49.70 28.90 11.07
CA GLU A 185 50.67 27.81 11.08
C GLU A 185 50.01 26.59 11.68
N GLU A 186 49.24 26.86 12.72
CA GLU A 186 48.37 25.92 13.38
C GLU A 186 47.65 25.07 12.36
N GLU A 187 46.75 25.65 11.58
CA GLU A 187 46.12 24.85 10.53
C GLU A 187 47.17 24.35 9.58
N ILE A 188 48.11 25.22 9.21
CA ILE A 188 49.05 24.86 8.17
C ILE A 188 49.83 23.63 8.61
N ARG A 189 50.57 23.77 9.71
CA ARG A 189 51.43 22.70 10.21
C ARG A 189 50.68 21.39 10.22
N SER A 190 49.47 21.41 10.77
CA SER A 190 48.58 20.28 10.69
C SER A 190 48.33 19.94 9.24
N THR A 191 47.60 20.81 8.54
CA THR A 191 47.26 20.54 7.15
C THR A 191 48.50 20.17 6.35
N ILE A 192 49.62 20.80 6.66
CA ILE A 192 50.92 20.31 6.20
C ILE A 192 51.00 18.87 6.63
N ARG A 193 51.15 18.68 7.94
CA ARG A 193 51.28 17.35 8.50
C ARG A 193 50.26 16.41 7.88
N VAL A 194 49.07 16.94 7.58
CA VAL A 194 48.09 16.18 6.83
C VAL A 194 48.66 15.82 5.47
N LEU A 195 49.13 16.84 4.74
CA LEU A 195 49.81 16.56 3.49
C LEU A 195 50.99 15.63 3.66
N ALA A 196 51.52 15.51 4.87
CA ALA A 196 52.60 14.57 5.10
C ALA A 196 52.12 13.15 5.36
N ARG A 197 50.82 12.91 5.32
CA ARG A 197 50.26 11.64 5.74
C ARG A 197 50.18 10.68 4.57
N ARG A 198 50.87 9.54 4.70
CA ARG A 198 50.58 8.42 3.84
C ARG A 198 49.09 8.12 3.80
N ILE A 199 48.48 7.95 4.96
CA ILE A 199 47.16 7.33 4.98
C ILE A 199 46.11 8.27 4.41
N LYS A 200 45.74 9.32 5.14
CA LYS A 200 44.77 10.27 4.63
C LYS A 200 45.53 11.57 4.43
N SER A 201 45.80 11.89 3.17
CA SER A 201 46.74 12.97 2.87
C SER A 201 46.10 14.35 2.88
N ASN A 202 44.84 14.44 2.52
CA ASN A 202 44.38 15.67 1.90
C ASN A 202 43.68 16.56 2.91
N PRO A 203 44.31 17.62 3.38
CA PRO A 203 43.63 18.52 4.31
C PRO A 203 42.63 19.38 3.58
N CYS A 204 41.53 19.68 4.27
CA CYS A 204 40.44 20.38 3.63
C CYS A 204 39.77 21.30 4.64
N LEU A 205 39.36 22.47 4.17
CA LEU A 205 38.57 23.39 4.96
C LEU A 205 37.11 23.25 4.60
N ILE A 206 36.27 23.00 5.60
CA ILE A 206 34.86 22.70 5.38
C ILE A 206 34.02 23.81 6.00
N GLY A 207 33.41 24.62 5.18
CA GLY A 207 32.56 25.63 5.74
C GLY A 207 32.58 26.89 4.89
N GLU A 208 32.27 27.98 5.57
CA GLU A 208 31.94 29.24 4.91
C GLU A 208 32.95 29.61 3.84
N PRO A 209 32.52 29.95 2.64
CA PRO A 209 33.43 30.45 1.61
C PRO A 209 34.03 31.78 2.01
N GLY A 210 35.08 32.17 1.27
CA GLY A 210 35.67 33.48 1.45
C GLY A 210 36.40 33.62 2.77
N ILE A 211 36.77 32.50 3.37
CA ILE A 211 37.33 32.48 4.71
C ILE A 211 38.85 32.45 4.64
N GLY A 212 39.41 32.65 3.44
CA GLY A 212 40.85 32.60 3.27
C GLY A 212 41.44 31.22 3.07
N LYS A 213 40.79 30.37 2.27
CA LYS A 213 41.32 29.04 2.02
C LYS A 213 42.70 29.08 1.40
N THR A 214 42.81 29.47 0.14
CA THR A 214 44.13 29.47 -0.46
C THR A 214 45.05 30.46 0.22
N ALA A 215 44.49 31.39 0.98
CA ALA A 215 45.33 32.19 1.86
C ALA A 215 46.16 31.30 2.76
N ILE A 216 45.57 30.23 3.26
CA ILE A 216 46.38 29.16 3.82
C ILE A 216 47.34 28.64 2.77
N ILE A 217 46.82 28.25 1.61
CA ILE A 217 47.69 27.77 0.56
C ILE A 217 48.78 28.79 0.30
N GLU A 218 48.43 30.07 0.34
CA GLU A 218 49.44 31.11 0.40
C GLU A 218 50.44 30.76 1.48
N GLY A 219 49.99 30.82 2.73
CA GLY A 219 50.88 30.48 3.81
C GLY A 219 51.58 29.18 3.56
N VAL A 220 50.83 28.18 3.12
CA VAL A 220 51.43 26.97 2.60
C VAL A 220 52.50 27.36 1.62
N ALA A 221 52.08 27.95 0.51
CA ALA A 221 53.03 28.39 -0.49
C ALA A 221 54.10 29.25 0.14
N GLN A 222 53.69 30.12 1.07
CA GLN A 222 54.67 30.85 1.85
C GLN A 222 55.56 29.88 2.60
N ARG A 223 54.96 29.03 3.43
CA ARG A 223 55.76 28.05 4.12
C ARG A 223 56.50 27.18 3.13
N ILE A 224 55.90 26.93 1.98
CA ILE A 224 56.63 26.30 0.89
C ILE A 224 57.87 27.13 0.60
N ILE A 225 57.66 28.32 0.04
CA ILE A 225 58.81 29.06 -0.47
C ILE A 225 59.68 29.55 0.67
N ASP A 226 59.08 29.81 1.84
CA ASP A 226 59.92 30.15 2.98
C ASP A 226 60.79 28.99 3.42
N ASP A 227 60.58 27.82 2.84
CA ASP A 227 61.08 26.56 3.38
C ASP A 227 60.59 26.38 4.81
N ASP A 228 59.52 27.08 5.15
CA ASP A 228 58.77 26.66 6.31
C ASP A 228 58.07 25.36 5.98
N VAL A 229 57.93 25.06 4.70
CA VAL A 229 57.52 23.74 4.25
C VAL A 229 58.43 22.72 4.91
N PRO A 230 57.87 21.77 5.61
CA PRO A 230 58.69 20.79 6.29
C PRO A 230 59.33 19.80 5.36
N THR A 231 60.14 18.94 5.95
CA THR A 231 61.09 18.08 5.25
C THR A 231 60.46 17.36 4.08
N ILE A 232 59.55 16.44 4.40
CA ILE A 232 59.09 15.45 3.44
C ILE A 232 58.76 16.13 2.14
N LEU A 233 57.99 17.21 2.23
CA LEU A 233 57.33 17.80 1.09
C LEU A 233 58.03 19.05 0.57
N GLN A 234 59.19 19.42 1.13
CA GLN A 234 59.91 20.58 0.60
C GLN A 234 60.02 20.53 -0.91
N GLY A 235 60.32 19.36 -1.45
CA GLY A 235 60.18 19.18 -2.88
C GLY A 235 58.84 19.65 -3.39
N ALA A 236 57.78 19.28 -2.68
CA ALA A 236 56.48 19.72 -3.13
C ALA A 236 56.34 21.23 -2.97
N LYS A 237 55.42 21.76 -3.75
CA LYS A 237 55.02 23.14 -3.84
C LYS A 237 53.54 23.10 -4.16
N LEU A 238 52.99 24.17 -4.71
CA LEU A 238 51.64 24.03 -5.22
C LEU A 238 51.46 24.75 -6.55
N PHE A 239 51.16 23.97 -7.58
CA PHE A 239 50.42 24.53 -8.70
C PHE A 239 48.99 24.79 -8.25
N SER A 240 48.52 26.00 -8.48
CA SER A 240 47.13 26.31 -8.20
C SER A 240 46.31 26.05 -9.46
N LEU A 241 45.32 25.17 -9.35
CA LEU A 241 44.45 24.95 -10.49
C LEU A 241 43.62 26.17 -10.81
N ASP A 242 43.24 26.24 -12.08
CA ASP A 242 42.30 27.23 -12.57
C ASP A 242 41.14 26.41 -13.11
N LEU A 243 40.02 26.42 -12.43
CA LEU A 243 39.04 25.39 -12.71
C LEU A 243 38.11 25.94 -13.77
N ALA A 244 38.33 25.48 -14.99
CA ALA A 244 37.57 25.87 -16.15
C ALA A 244 38.29 25.27 -17.35
N ALA A 245 37.61 25.18 -18.47
CA ALA A 245 38.22 24.83 -19.74
C ALA A 245 37.20 25.12 -20.82
N LEU A 246 37.51 24.75 -22.05
CA LEU A 246 36.56 24.77 -23.14
C LEU A 246 36.25 23.35 -23.56
N THR A 247 34.97 23.09 -23.82
CA THR A 247 34.56 21.79 -24.31
C THR A 247 35.07 21.57 -25.72
N ASP A 255 35.61 17.70 -24.67
CA ASP A 255 35.11 17.91 -23.33
C ASP A 255 36.28 18.27 -22.41
N PHE A 256 35.93 18.58 -21.16
CA PHE A 256 36.88 19.20 -20.25
C PHE A 256 37.77 18.16 -19.56
N GLU A 257 37.17 17.06 -19.13
CA GLU A 257 37.77 16.15 -18.16
C GLU A 257 39.20 15.81 -18.51
N GLU A 258 39.40 15.34 -19.75
CA GLU A 258 40.69 14.90 -20.24
C GLU A 258 41.80 15.83 -19.82
N ARG A 259 41.74 17.07 -20.32
CA ARG A 259 42.72 18.07 -19.93
C ARG A 259 42.91 18.07 -18.42
N PHE A 260 41.80 18.03 -17.69
CA PHE A 260 41.89 17.94 -16.25
C PHE A 260 42.38 16.58 -15.79
N LYS A 261 42.57 15.63 -16.70
CA LYS A 261 43.02 14.31 -16.27
C LYS A 261 44.50 14.12 -16.55
N GLY A 262 44.89 14.17 -17.83
CA GLY A 262 46.28 13.88 -18.16
C GLY A 262 47.25 14.60 -17.25
N VAL A 263 46.93 15.85 -16.90
CA VAL A 263 47.68 16.54 -15.88
C VAL A 263 47.88 15.65 -14.67
N LEU A 264 46.80 15.03 -14.21
CA LEU A 264 46.89 14.24 -13.00
C LEU A 264 47.96 13.20 -13.15
N LYS A 265 48.04 12.61 -14.33
CA LYS A 265 49.13 11.68 -14.59
C LYS A 265 50.45 12.41 -14.54
N GLU A 266 50.54 13.51 -15.27
CA GLU A 266 51.77 14.28 -15.38
C GLU A 266 52.38 14.48 -14.02
N ILE A 267 51.56 14.96 -13.10
CA ILE A 267 52.08 15.60 -11.91
C ILE A 267 52.65 14.59 -10.93
N GLU A 268 51.93 13.51 -10.67
CA GLU A 268 52.53 12.46 -9.86
C GLU A 268 53.71 11.87 -10.59
N GLU A 269 53.56 11.67 -11.89
CA GLU A 269 54.73 11.42 -12.73
C GLU A 269 55.75 12.53 -12.56
N SER A 270 55.29 13.77 -12.47
CA SER A 270 56.18 14.92 -12.37
C SER A 270 57.01 14.92 -11.10
N LYS A 271 56.78 13.96 -10.21
CA LYS A 271 57.59 13.79 -9.01
C LYS A 271 57.47 14.96 -8.03
N THR A 272 56.27 15.11 -7.45
CA THR A 272 56.00 15.82 -6.20
C THR A 272 56.73 17.14 -6.03
N LEU A 273 56.98 17.85 -7.11
CA LEU A 273 57.47 19.20 -6.92
C LEU A 273 56.38 20.12 -6.41
N ILE A 274 55.12 19.73 -6.54
CA ILE A 274 54.02 20.51 -6.03
C ILE A 274 52.99 19.59 -5.39
N VAL A 275 51.98 20.23 -4.85
CA VAL A 275 50.70 19.64 -4.51
C VAL A 275 49.66 20.52 -5.19
N LEU A 276 48.44 20.04 -5.27
CA LEU A 276 47.36 20.83 -5.84
C LEU A 276 46.37 21.25 -4.77
N PHE A 277 45.86 22.46 -4.89
CA PHE A 277 44.73 22.92 -4.11
C PHE A 277 43.54 23.18 -5.01
N ILE A 278 42.39 22.65 -4.62
CA ILE A 278 41.09 22.97 -5.21
C ILE A 278 40.24 23.53 -4.09
N ASP A 279 39.38 24.49 -4.41
CA ASP A 279 39.02 25.39 -3.33
C ASP A 279 37.67 25.08 -2.71
N GLU A 280 36.59 25.57 -3.31
CA GLU A 280 35.26 25.07 -3.00
C GLU A 280 34.71 24.16 -4.07
N ILE A 281 35.37 24.06 -5.22
CA ILE A 281 34.74 23.43 -6.38
C ILE A 281 35.19 21.99 -6.34
N HIS A 282 34.32 21.14 -5.83
CA HIS A 282 34.69 19.76 -5.65
C HIS A 282 33.46 18.98 -6.02
N MET A 283 33.58 18.20 -7.06
CA MET A 283 32.48 18.00 -7.97
C MET A 283 31.82 16.65 -7.71
N LEU A 284 30.52 16.68 -7.51
CA LEU A 284 29.71 15.50 -7.78
C LEU A 284 29.31 15.63 -9.23
N ALA A 292 29.66 10.98 -12.93
CA ALA A 292 30.62 10.96 -11.83
C ALA A 292 31.78 10.02 -12.13
N ALA A 293 31.46 8.74 -12.37
CA ALA A 293 32.47 7.69 -12.52
C ALA A 293 33.46 7.88 -11.38
N ASN A 294 34.75 8.03 -11.65
CA ASN A 294 35.67 8.64 -10.70
C ASN A 294 36.43 9.73 -11.44
N ILE A 295 36.15 10.98 -11.10
CA ILE A 295 36.79 12.12 -11.74
C ILE A 295 37.95 12.51 -10.85
N LEU A 296 39.18 12.31 -11.36
CA LEU A 296 40.38 12.55 -10.59
C LEU A 296 40.49 11.55 -9.44
N LYS A 297 39.38 10.91 -9.14
CA LYS A 297 39.35 10.03 -7.97
C LYS A 297 40.35 8.91 -8.11
N PRO A 298 40.43 8.18 -9.22
CA PRO A 298 41.43 7.11 -9.30
C PRO A 298 42.81 7.69 -9.19
N ALA A 299 43.06 8.76 -9.94
CA ALA A 299 44.28 9.52 -9.78
C ALA A 299 44.45 9.88 -8.32
N LEU A 300 43.43 10.46 -7.73
CA LEU A 300 43.45 10.62 -6.30
C LEU A 300 43.61 9.27 -5.61
N SER A 301 42.89 8.27 -6.11
CA SER A 301 42.90 6.95 -5.50
C SER A 301 44.22 6.23 -5.71
N ARG A 302 45.19 6.86 -6.38
CA ARG A 302 46.42 6.19 -6.76
C ARG A 302 47.27 5.65 -5.63
N GLY A 303 46.86 5.88 -4.38
CA GLY A 303 47.82 5.68 -3.32
C GLY A 303 48.92 6.69 -3.43
N GLN A 304 48.63 7.79 -4.09
CA GLN A 304 49.58 8.77 -4.55
C GLN A 304 48.81 10.06 -4.72
N LEU A 305 49.43 11.03 -5.38
CA LEU A 305 48.74 12.26 -5.76
C LEU A 305 48.27 13.02 -4.51
N LYS A 306 49.24 13.60 -3.83
CA LYS A 306 48.95 14.58 -2.81
C LYS A 306 48.19 15.75 -3.43
N VAL A 307 47.07 16.12 -2.81
CA VAL A 307 46.19 17.18 -3.29
C VAL A 307 45.72 17.97 -2.09
N ILE A 308 45.08 19.11 -2.35
CA ILE A 308 44.41 19.87 -1.31
C ILE A 308 43.01 20.21 -1.82
N GLY A 309 42.00 19.66 -1.17
CA GLY A 309 40.63 20.05 -1.42
C GLY A 309 40.08 20.89 -0.29
N ALA A 310 38.91 21.47 -0.55
CA ALA A 310 38.08 22.06 0.50
C ALA A 310 36.68 22.22 -0.07
N THR A 311 35.72 22.48 0.80
CA THR A 311 34.43 22.96 0.34
C THR A 311 33.69 23.51 1.55
N THR A 312 32.50 24.01 1.31
CA THR A 312 31.71 24.38 2.47
C THR A 312 31.22 23.09 3.13
N ASN A 313 30.61 23.24 4.28
CA ASN A 313 29.95 22.10 4.87
C ASN A 313 28.97 21.48 3.89
N ASN A 314 28.34 22.33 3.07
CA ASN A 314 27.22 21.93 2.25
C ASN A 314 27.59 20.75 1.35
N GLU A 315 28.50 20.98 0.41
CA GLU A 315 28.97 19.89 -0.41
C GLU A 315 29.58 18.82 0.46
N TYR A 316 30.39 19.25 1.42
CA TYR A 316 30.91 18.33 2.41
C TYR A 316 29.80 17.47 2.99
N ARG A 317 28.65 18.08 3.26
CA ARG A 317 27.50 17.26 3.63
C ARG A 317 27.23 16.27 2.52
N SER A 318 26.78 16.77 1.38
CA SER A 318 26.34 15.90 0.30
C SER A 318 27.44 14.97 -0.17
N ILE A 319 28.41 15.50 -0.91
CA ILE A 319 29.24 14.65 -1.75
C ILE A 319 30.20 13.83 -0.90
N VAL A 320 31.00 14.50 -0.07
CA VAL A 320 32.16 13.80 0.48
C VAL A 320 31.73 12.76 1.49
N GLU A 321 30.51 12.88 2.03
CA GLU A 321 30.06 11.89 2.98
C GLU A 321 29.56 10.63 2.30
N LYS A 322 29.26 10.69 1.01
CA LYS A 322 28.74 9.52 0.32
C LYS A 322 29.75 8.38 0.32
N ASP A 323 30.92 8.62 -0.28
CA ASP A 323 32.04 7.70 -0.09
C ASP A 323 32.45 7.65 1.37
N GLY A 324 33.05 8.75 1.83
CA GLY A 324 33.71 8.81 3.10
C GLY A 324 35.12 8.27 3.10
N ALA A 325 35.44 7.38 2.16
CA ALA A 325 36.83 7.10 1.83
C ALA A 325 37.39 8.18 0.94
N PHE A 326 36.55 9.09 0.50
CA PHE A 326 37.03 10.40 0.16
C PHE A 326 37.97 10.88 1.24
N GLU A 327 37.53 10.82 2.49
CA GLU A 327 38.41 11.18 3.57
C GLU A 327 39.62 10.27 3.62
N ARG A 328 39.45 8.99 3.26
CA ARG A 328 40.61 8.12 3.19
C ARG A 328 41.73 8.80 2.45
N ARG A 329 41.39 9.61 1.46
CA ARG A 329 42.26 10.65 0.94
C ARG A 329 42.19 11.94 1.75
N PHE A 330 40.98 12.44 2.00
CA PHE A 330 40.78 13.79 2.52
C PHE A 330 41.06 13.94 4.00
N GLN A 331 41.19 15.19 4.41
CA GLN A 331 41.07 15.57 5.81
C GLN A 331 40.30 16.87 5.94
N LYS A 332 39.22 16.84 6.71
CA LYS A 332 38.51 18.07 6.98
C LYS A 332 39.28 18.90 7.99
N ILE A 333 39.19 20.20 7.83
CA ILE A 333 39.66 21.14 8.82
C ILE A 333 38.68 22.29 8.84
N GLU A 334 38.46 22.84 10.02
CA GLU A 334 37.61 24.01 10.13
C GLU A 334 38.09 25.11 9.23
N VAL A 335 37.19 25.58 8.36
CA VAL A 335 37.43 26.87 7.74
C VAL A 335 37.64 27.86 8.87
N ALA A 336 38.76 28.57 8.83
CA ALA A 336 39.20 29.28 10.03
C ALA A 336 38.62 30.68 9.99
N GLU A 337 37.66 30.92 10.86
CA GLU A 337 37.00 32.20 11.01
C GLU A 337 37.49 32.86 12.29
N PRO A 338 37.96 34.08 12.23
CA PRO A 338 38.76 34.63 13.31
C PRO A 338 37.90 34.97 14.52
N SER A 339 38.57 35.44 15.57
CA SER A 339 37.91 36.32 16.51
C SER A 339 37.93 37.74 15.95
N VAL A 340 36.97 38.54 16.38
CA VAL A 340 36.97 39.93 15.97
C VAL A 340 38.22 40.64 16.45
N ARG A 341 38.60 40.44 17.72
CA ARG A 341 39.75 41.15 18.28
C ARG A 341 41.00 40.88 17.47
N GLN A 342 41.18 39.64 17.03
CA GLN A 342 42.34 39.32 16.23
C GLN A 342 42.11 39.72 14.78
N THR A 343 40.88 39.55 14.29
CA THR A 343 40.49 40.28 13.09
C THR A 343 40.81 41.74 13.24
N VAL A 344 40.31 42.36 14.31
CA VAL A 344 40.76 43.70 14.64
C VAL A 344 42.28 43.74 14.68
N ALA A 345 42.89 42.79 15.40
CA ALA A 345 44.34 42.76 15.50
C ALA A 345 44.99 42.59 14.13
N ILE A 346 44.53 41.62 13.34
CA ILE A 346 45.12 41.47 12.01
C ILE A 346 44.80 42.69 11.18
N LEU A 347 43.72 43.38 11.48
CA LEU A 347 43.48 44.66 10.88
C LEU A 347 43.99 45.81 11.75
N ARG A 348 44.50 45.52 12.94
CA ARG A 348 45.28 46.51 13.67
C ARG A 348 46.68 46.64 13.10
N GLY A 349 47.26 45.54 12.61
CA GLY A 349 48.47 45.67 11.82
C GLY A 349 48.27 46.54 10.59
N LEU A 350 47.02 46.80 10.21
CA LEU A 350 46.75 47.67 9.08
C LEU A 350 47.12 49.12 9.37
N GLN A 351 46.81 49.62 10.59
CA GLN A 351 46.83 51.07 10.88
C GLN A 351 48.12 51.76 10.45
N PRO A 352 49.32 51.30 10.84
CA PRO A 352 50.50 51.96 10.27
C PRO A 352 50.63 51.71 8.78
N LYS A 353 50.33 50.48 8.35
CA LYS A 353 50.51 50.12 6.94
C LYS A 353 49.34 50.57 6.07
N TYR A 354 48.12 50.27 6.45
CA TYR A 354 46.96 50.55 5.61
C TYR A 354 46.44 51.96 5.75
N GLU A 355 46.98 52.75 6.67
CA GLU A 355 46.69 54.17 6.66
C GLU A 355 47.14 54.79 5.35
N ILE A 356 48.29 54.36 4.84
CA ILE A 356 48.94 55.02 3.74
C ILE A 356 48.69 54.34 2.40
N HIS A 357 47.90 53.26 2.37
CA HIS A 357 47.51 52.66 1.09
C HIS A 357 46.95 53.71 0.13
N HIS A 358 45.92 54.41 0.56
CA HIS A 358 45.39 55.56 -0.16
C HIS A 358 45.92 56.89 0.38
N GLY A 359 46.97 56.84 1.21
CA GLY A 359 47.76 58.00 1.51
C GLY A 359 47.28 58.91 2.62
N VAL A 360 46.86 58.36 3.74
CA VAL A 360 46.47 59.13 4.91
C VAL A 360 47.02 58.44 6.15
N ARG A 361 46.58 58.88 7.32
CA ARG A 361 46.77 58.13 8.55
C ARG A 361 45.40 57.70 9.06
N ILE A 362 45.40 56.64 9.88
CA ILE A 362 44.18 56.12 10.47
C ILE A 362 44.25 56.28 11.98
N LEU A 363 43.27 56.98 12.54
CA LEU A 363 43.17 57.11 13.98
C LEU A 363 42.86 55.77 14.62
N ASP A 364 43.12 55.68 15.92
CA ASP A 364 42.45 54.70 16.73
C ASP A 364 40.93 54.78 16.51
N SER A 365 40.44 55.98 16.17
CA SER A 365 39.02 56.16 15.86
C SER A 365 38.63 55.35 14.63
N ALA A 366 39.29 55.60 13.50
CA ALA A 366 38.97 54.87 12.28
C ALA A 366 39.40 53.41 12.34
N LEU A 367 40.04 52.99 13.42
CA LEU A 367 40.70 51.68 13.46
C LEU A 367 39.72 50.53 13.72
N VAL A 368 39.28 50.38 14.97
CA VAL A 368 38.63 49.14 15.39
C VAL A 368 37.18 49.07 14.94
N THR A 369 36.54 50.22 14.73
CA THR A 369 35.09 50.25 14.64
C THR A 369 34.57 49.54 13.41
N ALA A 370 35.21 49.75 12.26
CA ALA A 370 34.72 49.13 11.02
C ALA A 370 34.38 47.68 11.27
N ALA A 371 35.30 46.97 11.91
CA ALA A 371 35.00 45.67 12.48
C ALA A 371 33.79 45.78 13.38
N GLN A 372 33.95 46.47 14.52
CA GLN A 372 32.90 46.54 15.53
C GLN A 372 31.58 46.83 14.84
N LEU A 373 31.61 47.81 13.95
CA LEU A 373 30.54 48.06 13.01
C LEU A 373 30.23 46.85 12.15
N ALA A 374 31.11 46.53 11.20
CA ALA A 374 30.76 45.53 10.21
C ALA A 374 30.31 44.26 10.90
N LYS A 375 30.96 43.93 12.01
CA LYS A 375 30.41 42.91 12.89
C LYS A 375 28.96 43.25 13.19
N ARG A 376 28.74 44.35 13.90
CA ARG A 376 27.40 44.70 14.30
C ARG A 376 26.56 45.11 13.10
N TYR A 377 27.15 45.84 12.16
CA TYR A 377 26.37 46.45 11.10
C TYR A 377 26.49 45.79 9.74
N LEU A 378 27.36 44.83 9.54
CA LEU A 378 27.42 44.38 8.17
C LEU A 378 26.79 43.00 8.05
N PRO A 379 25.85 42.82 7.13
CA PRO A 379 25.16 41.54 7.04
C PRO A 379 26.00 40.38 6.53
N TYR A 380 26.89 40.64 5.57
CA TYR A 380 27.34 39.60 4.63
C TYR A 380 28.77 39.13 4.90
N ARG A 381 29.76 39.96 4.61
CA ARG A 381 31.13 39.51 4.40
C ARG A 381 31.76 39.12 5.73
N ARG A 382 33.07 38.93 5.73
CA ARG A 382 33.72 38.12 6.75
C ARG A 382 34.62 38.98 7.63
N LEU A 383 34.93 38.40 8.77
CA LEU A 383 35.31 39.15 9.95
C LEU A 383 36.43 40.13 9.62
N PRO A 384 37.61 39.69 9.15
CA PRO A 384 38.55 40.69 8.62
C PRO A 384 38.08 41.22 7.29
N ASP A 385 37.31 40.44 6.55
CA ASP A 385 36.90 40.80 5.21
C ASP A 385 35.93 41.96 5.30
N SER A 386 34.73 41.67 5.79
CA SER A 386 33.72 42.70 5.97
C SER A 386 34.30 43.92 6.66
N ALA A 387 35.16 43.70 7.65
CA ALA A 387 35.79 44.82 8.35
C ALA A 387 36.69 45.61 7.42
N LEU A 388 37.66 44.93 6.80
CA LEU A 388 38.59 45.61 5.93
C LEU A 388 37.92 46.21 4.69
N ASP A 389 36.65 45.89 4.44
CA ASP A 389 36.01 46.26 3.19
C ASP A 389 35.74 47.76 3.09
N LEU A 390 35.01 48.31 4.07
CA LEU A 390 34.45 49.64 3.88
C LEU A 390 35.53 50.71 3.82
N VAL A 391 36.60 50.56 4.60
CA VAL A 391 37.55 51.66 4.75
C VAL A 391 38.10 52.09 3.39
N ASP A 392 38.37 51.13 2.50
CA ASP A 392 38.75 51.49 1.14
C ASP A 392 37.52 51.83 0.31
N ILE A 393 36.40 51.15 0.57
CA ILE A 393 35.13 51.59 0.01
C ILE A 393 34.85 53.01 0.48
N SER A 394 35.43 53.39 1.63
CA SER A 394 35.26 54.74 2.15
C SER A 394 36.13 55.74 1.42
N CYS A 395 37.29 55.30 0.93
CA CYS A 395 38.32 56.23 0.47
C CYS A 395 37.89 57.06 -0.73
N ALA A 396 36.69 56.77 -1.28
CA ALA A 396 36.15 57.62 -2.34
C ALA A 396 36.26 59.10 -1.96
N GLY A 397 35.81 59.44 -0.75
CA GLY A 397 36.08 60.76 -0.22
C GLY A 397 37.52 61.02 0.19
N VAL A 398 38.05 60.22 1.12
CA VAL A 398 39.28 60.61 1.80
C VAL A 398 40.52 60.45 0.92
N ALA A 399 40.52 59.50 -0.01
CA ALA A 399 41.65 59.42 -0.95
C ALA A 399 41.48 60.40 -2.10
N VAL A 400 40.30 60.43 -2.73
CA VAL A 400 40.15 61.18 -3.97
C VAL A 400 39.87 62.65 -3.70
N ALA A 401 39.01 62.98 -2.74
CA ALA A 401 38.71 64.38 -2.50
C ALA A 401 39.84 65.11 -1.81
N ARG A 402 40.74 64.37 -1.13
CA ARG A 402 41.86 65.02 -0.45
C ARG A 402 42.86 65.58 -1.45
N ASP A 403 43.35 64.74 -2.37
CA ASP A 403 44.30 65.21 -3.37
C ASP A 403 43.63 65.99 -4.48
N SER A 404 42.30 66.04 -4.50
CA SER A 404 41.56 66.79 -5.51
C SER A 404 41.91 68.27 -5.47
N SER A 530 41.50 69.16 2.59
CA SER A 530 42.51 68.69 1.66
C SER A 530 43.75 68.18 2.39
N MET A 531 43.85 68.55 3.67
CA MET A 531 45.03 68.25 4.47
C MET A 531 44.89 67.01 5.33
N ILE A 532 43.78 66.28 5.24
CA ILE A 532 43.50 65.24 6.22
C ILE A 532 44.63 64.22 6.22
N GLN A 533 45.20 64.01 7.41
CA GLN A 533 46.28 63.05 7.56
C GLN A 533 45.70 61.82 8.25
N ASN A 534 45.44 61.93 9.55
CA ASN A 534 44.68 60.91 10.25
C ASN A 534 43.27 60.85 9.68
N VAL A 535 42.66 59.67 9.76
CA VAL A 535 41.26 59.52 9.39
C VAL A 535 40.50 59.00 10.60
N VAL A 536 39.20 59.29 10.61
CA VAL A 536 38.37 59.11 11.78
C VAL A 536 37.37 57.99 11.49
N ASP A 537 36.88 57.39 12.57
CA ASP A 537 35.86 56.36 12.49
C ASP A 537 34.74 56.78 11.56
N SER A 538 33.93 57.74 12.01
CA SER A 538 32.68 58.06 11.34
C SER A 538 32.87 58.21 9.84
N ASP A 539 33.67 59.19 9.44
CA ASP A 539 33.91 59.47 8.04
C ASP A 539 34.25 58.17 7.31
N THR A 540 35.41 57.60 7.68
CA THR A 540 35.78 56.31 7.13
C THR A 540 34.66 55.31 7.28
N ILE A 541 33.98 55.31 8.41
CA ILE A 541 33.08 54.20 8.65
C ILE A 541 31.66 54.72 8.65
N SER A 542 31.26 55.38 9.74
CA SER A 542 29.84 55.61 10.00
C SER A 542 29.17 56.34 8.85
N GLU A 543 29.80 57.42 8.39
CA GLU A 543 29.39 58.05 7.15
C GLU A 543 29.22 56.98 6.09
N THR A 544 30.35 56.41 5.70
CA THR A 544 30.34 55.34 4.72
C THR A 544 29.60 54.12 5.22
N ALA A 545 29.26 54.08 6.50
CA ALA A 545 28.30 53.09 6.96
C ALA A 545 26.89 53.56 6.71
N ALA A 546 26.63 54.85 6.95
CA ALA A 546 25.32 55.39 6.66
C ALA A 546 24.94 55.23 5.20
N ARG A 547 25.90 54.83 4.36
CA ARG A 547 25.58 54.50 2.98
C ARG A 547 24.38 53.57 2.91
N LEU A 548 24.42 52.48 3.68
CA LEU A 548 23.32 51.53 3.62
C LEU A 548 22.06 52.12 4.21
N THR A 549 22.12 52.59 5.46
CA THR A 549 20.92 53.11 6.09
C THR A 549 21.11 54.55 6.55
N GLY A 550 21.82 54.74 7.64
CA GLY A 550 22.01 56.07 8.17
C GLY A 550 22.11 56.02 9.68
N ILE A 551 21.81 57.17 10.27
CA ILE A 551 21.80 57.37 11.72
C ILE A 551 23.16 56.98 12.29
N PRO A 552 24.26 57.55 11.77
CA PRO A 552 25.57 57.20 12.33
C PRO A 552 25.68 57.56 13.80
N VAL A 553 24.89 58.53 14.24
CA VAL A 553 24.86 58.84 15.67
C VAL A 553 24.48 57.61 16.47
N LYS A 554 23.39 56.94 16.10
CA LYS A 554 23.06 55.70 16.79
C LYS A 554 24.10 54.64 16.51
N LYS A 555 24.72 54.70 15.33
CA LYS A 555 25.90 53.89 15.13
C LYS A 555 27.00 54.31 16.10
N LEU A 556 27.10 55.60 16.39
CA LEU A 556 28.22 56.14 17.17
C LEU A 556 27.80 56.71 18.51
N SER A 557 27.20 57.91 18.46
CA SER A 557 27.08 58.77 19.62
C SER A 557 26.50 58.02 20.81
N GLU A 558 25.65 57.03 20.56
CA GLU A 558 25.26 56.07 21.56
C GLU A 558 25.35 54.67 20.99
N SER A 559 26.20 53.86 21.58
CA SER A 559 26.20 52.43 21.34
C SER A 559 25.79 51.78 22.64
N GLU A 560 24.54 51.34 22.72
CA GLU A 560 24.10 50.39 23.73
C GLU A 560 24.17 50.97 25.12
N ASN A 561 24.95 52.04 25.28
CA ASN A 561 25.31 52.48 26.61
C ASN A 561 24.14 53.20 27.25
N GLU A 562 23.86 54.39 26.74
CA GLU A 562 22.70 55.11 27.20
C GLU A 562 21.42 54.39 26.80
N LYS A 563 21.40 53.83 25.58
CA LYS A 563 20.16 53.28 25.04
C LYS A 563 19.42 52.55 26.11
N LEU A 564 20.04 51.50 26.61
CA LEU A 564 19.56 50.85 27.80
C LEU A 564 19.26 51.88 28.87
N ILE A 565 20.27 52.69 29.21
CA ILE A 565 20.29 53.37 30.50
C ILE A 565 18.93 54.01 30.77
N HIS A 566 18.32 54.58 29.74
CA HIS A 566 16.97 55.07 29.85
C HIS A 566 15.94 54.21 29.15
N MET A 567 16.35 53.09 28.54
CA MET A 567 15.45 52.40 27.60
C MET A 567 14.09 52.12 28.20
N GLU A 568 14.01 51.96 29.51
CA GLU A 568 12.74 51.73 30.17
C GLU A 568 11.67 52.67 29.65
N ARG A 569 11.86 53.95 29.95
CA ARG A 569 10.93 54.95 29.47
C ARG A 569 10.94 55.02 27.95
N ASP A 570 12.06 54.67 27.34
CA ASP A 570 12.11 54.63 25.88
C ASP A 570 11.08 53.64 25.37
N LEU A 571 11.02 52.47 25.97
CA LEU A 571 9.88 51.60 25.76
C LEU A 571 8.60 52.35 26.09
N SER A 572 8.55 52.90 27.31
CA SER A 572 7.34 53.58 27.77
C SER A 572 6.94 54.66 26.78
N SER A 573 7.93 55.29 26.16
CA SER A 573 7.67 56.14 25.00
C SER A 573 6.73 55.42 24.04
N GLU A 574 7.17 54.27 23.54
CA GLU A 574 6.35 53.55 22.59
C GLU A 574 5.09 53.01 23.24
N VAL A 575 5.22 52.41 24.41
CA VAL A 575 4.04 51.95 25.12
C VAL A 575 4.18 52.33 26.57
N VAL A 576 3.31 53.22 27.03
CA VAL A 576 3.13 53.35 28.46
C VAL A 576 2.39 52.12 28.94
N GLY A 577 2.66 51.73 30.18
CA GLY A 577 2.01 50.55 30.73
C GLY A 577 2.79 49.29 30.42
N GLN A 578 2.54 48.29 31.26
CA GLN A 578 3.40 47.12 31.39
C GLN A 578 4.79 47.52 31.88
N MET A 579 4.80 48.34 32.93
CA MET A 579 6.06 48.69 33.58
C MET A 579 6.89 47.47 33.86
N ASP A 580 6.23 46.35 34.15
CA ASP A 580 6.89 45.08 34.37
C ASP A 580 7.89 44.83 33.26
N ALA A 581 7.39 44.55 32.06
CA ALA A 581 8.30 44.32 30.95
C ALA A 581 8.97 45.60 30.51
N ILE A 582 8.28 46.73 30.68
CA ILE A 582 8.96 48.01 30.47
C ILE A 582 10.28 47.98 31.20
N LYS A 583 10.24 47.67 32.50
CA LYS A 583 11.44 47.16 33.08
C LYS A 583 11.79 45.85 32.38
N ALA A 584 11.06 44.81 32.75
CA ALA A 584 11.66 43.48 32.78
C ALA A 584 12.45 43.22 31.52
N VAL A 585 11.75 42.98 30.42
CA VAL A 585 12.45 42.55 29.21
C VAL A 585 13.56 43.53 28.90
N SER A 586 13.20 44.79 28.79
CA SER A 586 14.20 45.84 28.71
C SER A 586 15.19 45.62 29.84
N ASN A 587 14.72 45.79 31.08
CA ASN A 587 15.57 45.60 32.24
C ASN A 587 16.37 44.32 32.07
N ALA A 588 15.69 43.26 31.68
CA ALA A 588 16.39 42.04 31.28
C ALA A 588 17.35 42.33 30.15
N VAL A 589 16.85 42.55 28.94
CA VAL A 589 17.69 42.50 27.76
C VAL A 589 18.90 43.40 27.93
N ARG A 590 18.78 44.37 28.82
CA ARG A 590 19.97 45.04 29.30
C ARG A 590 20.98 43.99 29.75
N LEU A 591 20.55 43.07 30.61
CA LEU A 591 21.40 41.95 30.97
C LEU A 591 21.90 41.24 29.73
N SER A 592 21.06 41.16 28.71
CA SER A 592 21.36 40.33 27.55
C SER A 592 22.78 40.59 27.07
N ARG A 593 23.13 41.84 26.90
CA ARG A 593 24.46 42.14 26.38
C ARG A 593 25.46 42.16 27.53
N SER A 594 26.67 42.63 27.23
CA SER A 594 27.75 42.89 28.16
C SER A 594 28.42 41.61 28.62
N GLY A 595 27.98 40.45 28.16
CA GLY A 595 28.67 39.24 28.53
C GLY A 595 28.60 38.97 30.01
N LEU A 596 27.51 39.38 30.64
CA LEU A 596 27.23 38.84 31.96
C LEU A 596 27.24 37.33 31.90
N ALA A 597 26.60 36.78 30.87
CA ALA A 597 26.44 35.35 30.70
C ALA A 597 26.87 34.92 29.30
N ASN A 598 26.50 33.71 28.93
CA ASN A 598 27.16 32.96 27.88
C ASN A 598 27.39 33.82 26.65
N PRO A 599 28.60 33.82 26.09
CA PRO A 599 28.80 34.46 24.79
C PRO A 599 27.79 33.96 23.80
N ARG A 600 27.55 32.67 23.86
CA ARG A 600 26.49 32.04 23.11
C ARG A 600 25.24 32.05 23.97
N GLN A 601 24.30 32.89 23.62
CA GLN A 601 23.14 32.92 24.47
C GLN A 601 22.09 33.82 23.86
N PRO A 602 20.87 33.38 23.83
CA PRO A 602 19.84 34.13 23.12
C PRO A 602 19.18 35.18 23.99
N ALA A 603 18.26 35.95 23.41
CA ALA A 603 17.44 36.92 24.13
C ALA A 603 15.99 36.58 23.84
N SER A 604 15.27 36.15 24.87
CA SER A 604 14.15 35.24 24.67
C SER A 604 13.02 35.56 25.62
N PHE A 605 11.81 35.68 25.07
CA PHE A 605 10.68 36.00 25.92
C PHE A 605 9.42 35.46 25.30
N LEU A 606 8.48 35.07 26.16
CA LEU A 606 7.08 34.96 25.79
C LEU A 606 6.33 36.19 26.26
N PHE A 607 5.46 36.69 25.41
CA PHE A 607 4.62 37.81 25.78
C PHE A 607 3.17 37.37 25.77
N LEU A 608 2.43 37.97 26.70
CA LEU A 608 1.11 37.53 27.06
C LEU A 608 0.20 38.75 27.11
N GLY A 609 -0.97 38.60 26.54
CA GLY A 609 -1.89 39.70 26.46
C GLY A 609 -2.81 39.51 25.28
N LEU A 610 -3.35 40.61 24.81
CA LEU A 610 -4.26 40.60 23.68
C LEU A 610 -3.61 41.33 22.53
N SER A 611 -3.25 40.59 21.49
CA SER A 611 -2.63 41.16 20.31
C SER A 611 -3.43 42.38 19.89
N GLY A 612 -2.70 43.44 19.54
CA GLY A 612 -3.24 44.75 19.77
C GLY A 612 -3.13 45.18 21.21
N SER A 613 -2.19 44.61 21.96
CA SER A 613 -1.73 45.22 23.19
C SER A 613 -0.43 45.98 22.99
N GLY A 614 0.08 46.03 21.77
CA GLY A 614 1.42 46.55 21.51
C GLY A 614 2.52 45.51 21.62
N LYS A 615 2.23 44.31 22.12
CA LYS A 615 3.27 43.33 22.35
C LYS A 615 3.98 42.96 21.06
N THR A 616 3.22 42.48 20.08
CA THR A 616 3.83 42.05 18.83
C THR A 616 4.65 43.17 18.25
N GLU A 617 4.13 44.38 18.29
CA GLU A 617 4.97 45.54 18.04
C GLU A 617 6.25 45.50 18.86
N LEU A 618 6.11 45.25 20.15
CA LEU A 618 7.00 45.86 21.12
C LEU A 618 8.45 45.83 20.69
N ALA A 619 8.91 44.68 20.22
CA ALA A 619 10.30 44.58 19.80
C ALA A 619 10.61 45.58 18.70
N LYS A 620 9.67 45.80 17.80
CA LYS A 620 9.94 46.71 16.71
C LYS A 620 10.36 48.07 17.23
N LYS A 621 9.73 48.53 18.31
CA LYS A 621 10.41 49.54 19.10
C LYS A 621 11.79 49.04 19.45
N VAL A 622 11.86 48.01 20.26
CA VAL A 622 13.13 47.58 20.82
C VAL A 622 14.20 47.48 19.73
N ALA A 623 13.87 46.77 18.66
CA ALA A 623 14.80 46.68 17.55
C ALA A 623 15.08 48.06 16.97
N GLY A 624 14.02 48.76 16.56
CA GLY A 624 14.16 50.16 16.23
C GLY A 624 14.90 50.92 17.32
N PHE A 625 14.59 50.60 18.58
CA PHE A 625 15.35 51.19 19.66
C PHE A 625 16.78 50.67 19.65
N LEU A 626 16.96 49.38 19.46
CA LEU A 626 18.30 48.79 19.53
C LEU A 626 18.90 48.64 18.14
N PHE A 627 18.35 47.73 17.36
CA PHE A 627 18.92 47.49 16.04
C PHE A 627 18.44 48.50 15.01
N ASN A 628 17.66 49.48 15.44
CA ASN A 628 17.28 50.61 14.60
C ASN A 628 16.59 50.11 13.34
N ASP A 629 15.53 49.36 13.55
CA ASP A 629 14.84 48.68 12.47
C ASP A 629 13.61 47.96 13.01
N GLU A 630 12.62 47.73 12.16
CA GLU A 630 11.55 46.80 12.46
C GLU A 630 11.67 45.49 11.70
N ASP A 631 12.61 45.37 10.78
CA ASP A 631 12.75 44.13 10.04
C ASP A 631 13.47 43.10 10.88
N MET A 632 14.23 43.57 11.87
CA MET A 632 14.81 42.67 12.84
C MET A 632 13.74 41.71 13.33
N MET A 633 12.55 42.23 13.60
CA MET A 633 11.39 41.39 13.87
C MET A 633 11.15 40.43 12.72
N ILE A 634 11.02 39.15 13.05
CA ILE A 634 10.84 38.11 12.05
C ILE A 634 9.85 37.09 12.58
N ARG A 635 9.04 36.56 11.67
CA ARG A 635 7.76 35.96 11.97
C ARG A 635 7.84 34.46 11.89
N VAL A 636 7.48 33.79 12.98
CA VAL A 636 7.45 32.34 13.02
C VAL A 636 6.02 31.94 13.37
N ASP A 637 5.31 31.38 12.40
CA ASP A 637 3.90 31.08 12.60
C ASP A 637 3.76 29.66 13.11
N CYS A 638 3.31 29.55 14.36
CA CYS A 638 3.13 28.25 14.99
C CYS A 638 1.87 27.57 14.51
N SER A 639 0.96 28.32 13.90
CA SER A 639 -0.05 27.69 13.08
C SER A 639 0.61 26.87 12.00
N GLU A 640 1.66 27.41 11.39
CA GLU A 640 2.28 26.75 10.25
C GLU A 640 3.06 25.51 10.63
N LEU A 641 3.24 25.24 11.91
CA LEU A 641 4.30 24.34 12.32
C LEU A 641 3.71 22.98 12.62
N SER A 642 4.15 21.97 11.87
CA SER A 642 3.82 20.58 12.16
C SER A 642 5.06 19.71 12.14
N GLU A 643 5.59 19.46 10.95
CA GLU A 643 6.91 18.85 10.77
C GLU A 643 7.64 19.60 9.67
N LYS A 644 6.99 19.68 8.52
CA LYS A 644 7.60 20.04 7.26
C LYS A 644 8.26 21.40 7.28
N TYR A 645 8.03 22.18 8.34
CA TYR A 645 8.65 23.49 8.42
C TYR A 645 10.15 23.45 8.25
N ALA A 646 10.78 22.33 8.60
CA ALA A 646 12.23 22.28 8.60
C ALA A 646 12.81 22.80 7.30
N VAL A 647 12.06 22.70 6.22
CA VAL A 647 12.36 23.48 5.02
C VAL A 647 12.30 24.96 5.35
N SER A 648 11.11 25.44 5.71
CA SER A 648 10.78 26.86 5.60
C SER A 648 11.75 27.75 6.35
N LYS A 649 12.47 27.23 7.32
CA LYS A 649 13.54 28.01 7.89
C LYS A 649 14.68 28.13 6.89
N LEU A 650 15.37 27.01 6.71
CA LEU A 650 16.30 26.71 5.64
C LEU A 650 16.41 25.20 5.69
N LEU A 651 16.92 24.59 4.62
CA LEU A 651 17.14 23.16 4.69
C LEU A 651 18.29 22.79 3.76
N GLY A 652 18.90 21.64 4.01
CA GLY A 652 19.68 21.00 2.98
C GLY A 652 18.73 20.67 1.85
N THR A 653 18.97 21.24 0.68
CA THR A 653 17.94 21.35 -0.35
C THR A 653 17.95 20.11 -1.21
N THR A 654 16.80 19.45 -1.32
CA THR A 654 16.69 18.27 -2.15
C THR A 654 15.61 18.48 -3.21
N TYR A 660 10.13 22.79 -6.35
CA TYR A 660 11.37 23.32 -5.79
C TYR A 660 11.48 23.16 -4.28
N ASP A 661 12.27 22.18 -3.83
CA ASP A 661 12.75 22.18 -2.46
C ASP A 661 14.11 22.86 -2.47
N GLU A 662 14.17 24.05 -1.91
CA GLU A 662 15.34 24.91 -2.02
C GLU A 662 15.50 25.68 -0.73
N GLY A 663 16.37 26.68 -0.76
CA GLY A 663 16.70 27.44 0.42
C GLY A 663 15.46 27.89 1.15
N GLY A 664 15.42 27.62 2.45
CA GLY A 664 14.28 28.00 3.25
C GLY A 664 14.29 29.48 3.51
N PHE A 665 13.60 29.90 4.55
CA PHE A 665 13.36 31.33 4.71
C PHE A 665 13.76 31.81 6.08
N LEU A 666 13.13 31.25 7.10
CA LEU A 666 13.16 31.91 8.39
C LEU A 666 14.59 32.01 8.91
N THR A 667 15.25 30.87 9.11
CA THR A 667 16.67 30.92 9.40
C THR A 667 17.41 31.65 8.29
N ASN A 668 17.06 31.33 7.05
CA ASN A 668 17.56 32.09 5.93
C ASN A 668 17.39 33.58 6.18
N GLN A 669 16.31 33.98 6.86
CA GLN A 669 16.14 35.40 7.07
C GLN A 669 17.16 35.95 8.04
N LEU A 670 17.41 35.27 9.14
CA LEU A 670 18.52 35.73 9.95
C LEU A 670 19.83 35.49 9.20
N GLN A 671 19.92 34.33 8.55
CA GLN A 671 20.99 34.14 7.59
C GLN A 671 21.03 35.29 6.61
N TYR A 672 19.86 35.76 6.19
CA TYR A 672 19.79 37.04 5.50
C TYR A 672 20.12 38.17 6.44
N LYS A 673 19.51 38.18 7.63
CA LYS A 673 19.49 39.36 8.50
C LYS A 673 20.24 38.98 9.77
N PRO A 674 21.56 39.06 9.74
CA PRO A 674 22.35 38.55 10.86
C PRO A 674 22.04 39.19 12.17
N TYR A 675 21.34 40.32 12.18
CA TYR A 675 20.83 40.94 13.39
C TYR A 675 19.32 40.92 13.25
N SER A 676 18.64 40.30 14.19
CA SER A 676 17.25 39.96 13.93
C SER A 676 16.49 39.83 15.24
N VAL A 677 15.17 39.81 15.11
CA VAL A 677 14.27 39.61 16.24
C VAL A 677 13.24 38.60 15.78
N LEU A 678 13.04 37.57 16.59
CA LEU A 678 12.29 36.42 16.11
C LEU A 678 10.99 36.30 16.87
N LEU A 679 9.91 36.42 16.13
CA LEU A 679 8.57 36.43 16.70
C LEU A 679 7.89 35.11 16.40
N PHE A 680 7.19 34.58 17.39
CA PHE A 680 6.76 33.18 17.41
C PHE A 680 5.26 33.15 17.63
N ASP A 681 4.51 32.73 16.63
CA ASP A 681 3.12 33.14 16.53
C ASP A 681 2.28 32.14 17.29
N GLU A 682 1.80 32.55 18.46
CA GLU A 682 1.14 31.66 19.40
C GLU A 682 1.94 30.37 19.51
N VAL A 683 3.07 30.46 20.19
CA VAL A 683 4.11 29.44 20.16
C VAL A 683 3.59 28.02 20.25
N GLU A 684 3.06 27.67 21.43
CA GLU A 684 2.65 26.30 21.69
C GLU A 684 1.69 25.77 20.63
N LYS A 685 1.07 26.64 19.86
CA LYS A 685 0.30 26.17 18.71
C LYS A 685 1.21 25.47 17.71
N ALA A 686 2.51 25.67 17.80
CA ALA A 686 3.42 24.91 16.98
C ALA A 686 3.49 23.47 17.46
N HIS A 687 3.94 22.60 16.57
CA HIS A 687 4.14 21.19 16.87
C HIS A 687 5.49 20.94 17.52
N PRO A 688 5.71 19.74 18.05
CA PRO A 688 7.02 19.38 18.57
C PRO A 688 8.14 19.64 17.59
N ASP A 689 7.74 19.82 16.33
CA ASP A 689 8.64 20.18 15.24
C ASP A 689 9.63 21.25 15.65
N VAL A 690 9.17 22.48 15.82
CA VAL A 690 10.12 23.57 15.92
C VAL A 690 10.70 23.64 17.32
N LEU A 691 9.84 23.47 18.32
CA LEU A 691 10.29 23.65 19.69
C LEU A 691 11.56 22.88 19.97
N THR A 692 11.73 21.74 19.32
CA THR A 692 12.97 21.02 19.49
C THR A 692 14.10 21.75 18.78
N VAL A 693 13.87 22.23 17.56
CA VAL A 693 14.94 23.00 16.96
C VAL A 693 15.07 24.30 17.70
N MET A 694 13.97 24.77 18.28
CA MET A 694 14.03 25.93 19.14
C MET A 694 14.99 25.72 20.29
N LEU A 695 15.31 24.47 20.60
CA LEU A 695 16.36 24.26 21.57
C LEU A 695 17.61 25.03 21.19
N GLN A 696 18.10 24.81 19.98
CA GLN A 696 19.27 25.59 19.57
C GLN A 696 18.96 27.07 19.67
N MET A 697 17.73 27.45 19.36
CA MET A 697 17.30 28.81 19.63
C MET A 697 17.29 29.08 21.12
N LEU A 698 16.65 28.20 21.88
CA LEU A 698 16.80 28.26 23.33
C LEU A 698 18.27 28.29 23.69
N ASP A 699 19.10 27.60 22.92
CA ASP A 699 20.51 27.60 23.16
C ASP A 699 21.12 28.91 22.71
N ASP A 700 22.27 29.23 23.28
CA ASP A 700 23.44 29.71 22.54
C ASP A 700 23.25 30.99 21.74
N GLY A 701 22.00 31.41 21.54
CA GLY A 701 21.77 32.45 20.58
C GLY A 701 22.51 32.19 19.27
N ARG A 702 22.45 30.96 18.77
CA ARG A 702 23.04 30.61 17.48
C ARG A 702 22.25 29.48 16.85
N ILE A 703 22.12 29.53 15.53
CA ILE A 703 21.19 28.62 14.86
C ILE A 703 21.79 28.01 13.61
N THR A 704 21.94 26.69 13.63
CA THR A 704 22.15 25.95 12.40
C THR A 704 20.96 26.12 11.49
N SER A 705 21.23 26.47 10.24
CA SER A 705 20.16 26.43 9.27
C SER A 705 19.83 24.98 8.95
N GLY A 706 18.82 24.76 8.12
CA GLY A 706 18.44 23.40 7.80
C GLY A 706 19.42 22.68 6.90
N GLN A 707 20.31 23.43 6.26
CA GLN A 707 21.49 22.81 5.66
C GLN A 707 22.56 22.57 6.71
N GLY A 708 22.27 22.89 7.97
CA GLY A 708 23.22 22.75 9.04
C GLY A 708 24.27 23.84 9.09
N LYS A 709 23.84 25.10 9.02
CA LYS A 709 24.77 26.22 9.10
C LYS A 709 24.34 27.14 10.24
N THR A 710 25.21 27.27 11.24
CA THR A 710 24.90 28.04 12.43
C THR A 710 24.95 29.53 12.15
N ILE A 711 24.06 30.29 12.78
CA ILE A 711 24.08 31.75 12.69
C ILE A 711 23.75 32.30 14.07
N ASP A 712 24.40 33.41 14.43
CA ASP A 712 24.35 33.94 15.78
C ASP A 712 23.04 34.68 16.05
N CYS A 713 22.27 34.17 17.02
CA CYS A 713 21.20 34.94 17.62
C CYS A 713 21.62 35.61 18.93
N SER A 714 22.77 35.27 19.51
CA SER A 714 23.18 36.01 20.70
C SER A 714 23.29 37.48 20.39
N ASN A 715 23.43 37.82 19.11
CA ASN A 715 23.25 39.17 18.63
C ASN A 715 21.85 39.41 18.08
N CYS A 716 20.93 38.48 18.27
CA CYS A 716 19.58 38.59 17.74
C CYS A 716 18.56 38.28 18.82
N ILE A 717 17.29 38.51 18.50
CA ILE A 717 16.24 38.42 19.51
C ILE A 717 15.22 37.36 19.11
N VAL A 718 14.64 36.74 20.13
CA VAL A 718 13.62 35.72 19.92
C VAL A 718 12.50 35.95 20.91
N ILE A 719 11.28 36.00 20.44
CA ILE A 719 10.15 36.40 21.26
C ILE A 719 8.94 35.52 21.01
N MET A 720 8.39 34.99 22.09
CA MET A 720 7.31 34.03 22.04
C MET A 720 5.97 34.75 22.19
N THR A 721 4.96 34.26 21.49
CA THR A 721 3.58 34.70 21.69
C THR A 721 2.74 33.51 22.14
N SER A 722 1.83 33.77 23.07
CA SER A 722 0.86 32.74 23.40
C SER A 722 -0.34 33.39 24.07
N ASN A 723 -1.44 32.67 24.05
CA ASN A 723 -2.65 33.05 24.77
C ASN A 723 -2.72 32.42 26.14
N LEU A 724 -1.67 31.72 26.56
CA LEU A 724 -1.77 30.79 27.68
C LEU A 724 -2.40 31.42 28.91
N GLY A 725 -2.36 32.74 29.03
CA GLY A 725 -3.10 33.41 30.06
C GLY A 725 -4.36 34.11 29.58
N ALA A 726 -4.94 33.73 28.45
CA ALA A 726 -6.10 34.45 27.95
C ALA A 726 -7.21 34.51 28.99
N GLU A 727 -7.66 33.35 29.43
CA GLU A 727 -8.50 33.27 30.62
C GLU A 727 -7.88 34.03 31.75
N PHE A 728 -6.56 33.97 31.83
CA PHE A 728 -5.89 34.58 32.96
C PHE A 728 -5.64 36.05 32.70
N ILE A 729 -5.64 36.46 31.43
CA ILE A 729 -5.88 37.85 31.11
C ILE A 729 -7.20 38.26 31.71
N ASN A 730 -8.23 37.44 31.45
CA ASN A 730 -9.49 37.64 32.12
C ASN A 730 -9.30 37.61 33.63
N SER A 731 -8.33 36.86 34.13
CA SER A 731 -8.02 36.98 35.54
C SER A 731 -7.41 38.35 35.83
N GLN A 732 -6.42 38.75 35.04
CA GLN A 732 -5.95 40.13 35.12
C GLN A 732 -7.04 41.13 34.74
N GLN A 733 -8.08 40.70 34.04
CA GLN A 733 -9.22 41.60 33.94
C GLN A 733 -9.86 41.79 35.31
N GLY A 734 -9.97 40.72 36.07
CA GLY A 734 -10.18 40.87 37.49
C GLY A 734 -8.97 41.40 38.24
N SER A 735 -7.84 41.58 37.55
CA SER A 735 -6.62 42.22 38.06
C SER A 735 -6.08 41.48 39.29
N LYS A 736 -5.53 40.29 39.01
CA LYS A 736 -5.04 39.42 40.06
C LYS A 736 -3.78 39.99 40.70
N ILE A 737 -3.46 39.47 41.88
CA ILE A 737 -2.05 39.46 42.20
C ILE A 737 -1.47 38.72 41.02
N GLN A 738 -0.58 39.36 40.30
CA GLN A 738 -0.24 38.83 39.00
C GLN A 738 0.51 37.52 39.16
N GLU A 739 1.30 37.43 40.22
CA GLU A 739 1.97 36.20 40.61
C GLU A 739 1.01 35.04 40.51
N SER A 740 -0.01 35.04 41.34
CA SER A 740 -1.00 33.97 41.34
C SER A 740 -1.47 33.67 39.92
N THR A 741 -1.91 34.70 39.22
CA THR A 741 -2.40 34.43 37.87
C THR A 741 -1.24 34.12 36.93
N LYS A 742 -0.09 34.79 37.11
CA LYS A 742 1.08 34.37 36.37
C LYS A 742 1.48 32.96 36.77
N ASN A 743 1.42 32.65 38.05
CA ASN A 743 1.53 31.26 38.45
C ASN A 743 0.49 30.43 37.72
N LEU A 744 -0.77 30.85 37.84
CA LEU A 744 -1.83 30.26 37.04
C LEU A 744 -1.41 30.15 35.59
N VAL A 745 -0.79 31.20 35.05
CA VAL A 745 -0.19 31.11 33.73
C VAL A 745 1.03 30.20 33.77
N MET A 746 1.92 30.45 34.73
CA MET A 746 3.17 29.71 34.77
C MET A 746 2.89 28.23 34.69
N GLY A 747 2.05 27.74 35.60
CA GLY A 747 1.57 26.38 35.46
C GLY A 747 0.98 26.14 34.09
N ALA A 748 0.08 27.02 33.66
CA ALA A 748 -0.52 26.88 32.35
C ALA A 748 0.56 26.78 31.29
N VAL A 749 1.44 27.79 31.24
CA VAL A 749 2.50 27.73 30.25
C VAL A 749 3.45 26.59 30.57
N ARG A 750 3.60 26.27 31.86
CA ARG A 750 4.45 25.16 32.25
C ARG A 750 4.10 23.90 31.49
N GLN A 751 2.82 23.71 31.18
CA GLN A 751 2.34 22.44 30.67
C GLN A 751 2.93 22.11 29.31
N HIS A 752 2.74 23.00 28.34
CA HIS A 752 3.04 22.66 26.96
C HIS A 752 4.50 22.39 26.70
N PHE A 753 5.38 22.59 27.67
CA PHE A 753 6.77 22.56 27.30
C PHE A 753 7.60 21.82 28.33
N ARG A 754 8.58 21.10 27.82
CA ARG A 754 9.69 20.71 28.65
C ARG A 754 10.30 21.97 29.26
N PRO A 755 10.87 21.86 30.45
CA PRO A 755 11.43 23.05 31.09
C PRO A 755 12.53 23.69 30.28
N GLU A 756 13.30 22.90 29.54
CA GLU A 756 14.39 23.46 28.74
C GLU A 756 13.87 24.61 27.92
N PHE A 757 12.78 24.36 27.22
CA PHE A 757 12.00 25.44 26.66
C PHE A 757 11.75 26.49 27.73
N LEU A 758 11.19 26.06 28.83
CA LEU A 758 10.77 27.00 29.86
C LEU A 758 11.99 27.66 30.50
N ASN A 759 13.08 26.93 30.61
CA ASN A 759 14.26 27.46 31.30
C ASN A 759 15.11 28.36 30.44
N ARG A 760 15.25 28.09 29.16
CA ARG A 760 16.19 28.90 28.41
C ARG A 760 15.65 30.26 28.03
N ILE A 761 14.41 30.57 28.40
CA ILE A 761 13.86 31.87 28.09
C ILE A 761 14.55 32.89 28.98
N SER A 762 15.01 33.99 28.39
CA SER A 762 15.57 35.06 29.19
C SER A 762 14.58 35.48 30.28
N SER A 763 13.31 35.57 29.94
CA SER A 763 12.21 35.47 30.89
C SER A 763 10.93 35.47 30.09
N ILE A 764 9.81 35.51 30.79
CA ILE A 764 8.51 35.67 30.15
C ILE A 764 7.69 36.64 30.97
N VAL A 765 6.93 37.49 30.27
CA VAL A 765 6.19 38.55 30.93
C VAL A 765 4.76 38.59 30.38
N ILE A 766 3.86 39.05 31.22
CA ILE A 766 2.52 39.41 30.82
C ILE A 766 2.51 40.86 30.34
N PHE A 767 1.72 41.13 29.34
CA PHE A 767 1.31 42.50 29.11
C PHE A 767 -0.14 42.56 29.53
N ASN A 768 -0.37 43.14 30.70
CA ASN A 768 -1.53 42.84 31.51
C ASN A 768 -2.65 43.83 31.20
N LYS A 769 -3.70 43.85 32.01
CA LYS A 769 -4.84 44.70 31.75
C LYS A 769 -4.36 46.13 31.55
N LEU A 770 -4.89 46.77 30.54
CA LEU A 770 -4.38 48.06 30.10
C LEU A 770 -5.41 49.11 30.49
N SER A 771 -5.06 49.93 31.48
CA SER A 771 -5.95 51.01 31.89
C SER A 771 -6.06 52.02 30.77
N ARG A 772 -7.24 52.66 30.70
CA ARG A 772 -7.44 53.69 29.70
C ARG A 772 -6.30 54.69 29.73
N LYS A 773 -5.66 54.82 30.88
CA LYS A 773 -4.48 55.65 31.06
C LYS A 773 -3.62 55.44 29.84
N ALA A 774 -3.03 54.25 29.75
CA ALA A 774 -2.25 53.90 28.58
C ALA A 774 -3.05 54.14 27.32
N ILE A 775 -4.26 53.61 27.26
CA ILE A 775 -5.06 53.64 26.05
C ILE A 775 -5.00 55.02 25.45
N HIS A 776 -5.60 56.00 26.12
CA HIS A 776 -5.66 57.32 25.52
C HIS A 776 -4.27 57.82 25.19
N LYS A 777 -3.31 57.56 26.08
CA LYS A 777 -1.93 57.86 25.78
C LYS A 777 -1.58 57.13 24.50
N ILE A 778 -1.59 55.80 24.59
CA ILE A 778 -1.34 54.99 23.40
C ILE A 778 -2.18 55.50 22.25
N VAL A 779 -3.47 55.71 22.51
CA VAL A 779 -4.30 56.37 21.51
C VAL A 779 -3.64 57.68 21.09
N ASP A 780 -3.34 58.53 22.05
CA ASP A 780 -2.70 59.78 21.68
C ASP A 780 -1.41 59.49 20.93
N ILE A 781 -0.70 58.45 21.34
CA ILE A 781 0.40 57.98 20.54
C ILE A 781 -0.12 57.52 19.19
N ARG A 782 -1.12 56.63 19.21
CA ARG A 782 -1.81 56.24 18.00
C ARG A 782 -2.18 57.47 17.19
N LEU A 783 -2.66 58.52 17.87
CA LEU A 783 -2.89 59.78 17.19
C LEU A 783 -1.62 60.24 16.50
N LYS A 784 -0.49 60.15 17.20
CA LYS A 784 0.71 60.78 16.71
C LYS A 784 1.16 60.20 15.38
N GLU A 785 0.93 58.91 15.15
CA GLU A 785 1.61 58.27 14.02
C GLU A 785 1.14 58.84 12.68
N ILE A 786 -0.16 58.91 12.46
CA ILE A 786 -0.65 59.33 11.16
C ILE A 786 -0.28 60.77 10.89
N GLU A 787 -0.57 61.65 11.85
CA GLU A 787 -0.33 63.08 11.65
C GLU A 787 1.13 63.33 11.28
N GLU A 788 2.06 62.60 11.89
CA GLU A 788 3.46 62.77 11.55
C GLU A 788 3.84 62.10 10.24
N ARG A 789 2.90 61.39 9.62
CA ARG A 789 3.16 60.88 8.28
C ARG A 789 2.93 61.95 7.21
N PHE A 790 2.12 62.94 7.52
CA PHE A 790 1.35 63.63 6.48
C PHE A 790 1.48 65.13 6.51
N GLU A 791 1.08 65.78 7.61
CA GLU A 791 1.33 67.20 7.78
C GLU A 791 2.78 67.52 7.47
N GLN A 792 3.68 66.61 7.82
CA GLN A 792 5.08 66.72 7.46
C GLN A 792 5.22 66.98 5.96
N ASN A 793 4.66 66.08 5.16
CA ASN A 793 4.77 66.17 3.70
C ASN A 793 3.38 66.30 3.07
N ASP A 794 2.60 65.23 3.08
CA ASP A 794 1.32 65.16 2.40
C ASP A 794 0.32 66.22 2.85
N LYS A 795 -0.20 66.06 4.06
CA LYS A 795 -1.47 66.68 4.38
C LYS A 795 -1.37 68.07 4.99
N HIS A 796 -0.19 68.53 5.38
CA HIS A 796 -0.04 69.90 5.85
C HIS A 796 -1.03 70.18 6.98
N TYR A 797 -1.38 69.13 7.72
CA TYR A 797 -2.66 69.01 8.39
C TYR A 797 -2.62 69.48 9.84
N LYS A 798 -3.38 70.53 10.15
CA LYS A 798 -3.71 70.83 11.54
C LYS A 798 -5.01 70.15 11.95
N LEU A 799 -5.06 69.76 13.21
CA LEU A 799 -5.94 68.73 13.73
C LEU A 799 -6.93 69.27 14.76
N ASN A 800 -8.05 68.58 14.91
CA ASN A 800 -8.97 68.81 16.02
C ASN A 800 -9.40 67.48 16.61
N LEU A 801 -9.71 67.50 17.90
CA LEU A 801 -10.20 66.33 18.60
C LEU A 801 -11.40 66.70 19.44
N THR A 802 -12.57 66.19 19.08
CA THR A 802 -13.62 66.10 20.07
C THR A 802 -13.18 65.14 21.15
N GLN A 803 -13.60 65.42 22.39
CA GLN A 803 -13.44 64.37 23.38
C GLN A 803 -14.20 63.14 22.96
N GLU A 804 -15.21 63.30 22.10
CA GLU A 804 -15.91 62.16 21.53
C GLU A 804 -14.90 61.13 21.08
N ALA A 805 -14.21 61.42 19.98
CA ALA A 805 -13.16 60.54 19.50
C ALA A 805 -12.20 60.22 20.63
N LYS A 806 -11.70 61.29 21.28
CA LYS A 806 -10.84 61.12 22.45
C LYS A 806 -11.44 60.11 23.41
N ASP A 807 -12.74 60.21 23.67
CA ASP A 807 -13.37 59.20 24.49
C ASP A 807 -13.72 57.97 23.66
N PHE A 808 -14.37 58.17 22.51
CA PHE A 808 -14.83 57.10 21.63
C PHE A 808 -13.73 56.10 21.42
N LEU A 809 -12.69 56.56 20.73
CA LEU A 809 -11.58 55.70 20.37
C LEU A 809 -11.10 54.95 21.59
N ALA A 810 -10.89 55.67 22.69
CA ALA A 810 -10.56 55.01 23.95
C ALA A 810 -11.70 54.09 24.38
N LYS A 811 -12.87 54.67 24.62
CA LYS A 811 -14.02 53.85 24.97
C LYS A 811 -14.37 52.86 23.87
N TYR A 812 -14.97 53.37 22.81
CA TYR A 812 -15.50 52.50 21.77
C TYR A 812 -14.39 51.87 20.96
N GLY A 813 -13.52 52.70 20.39
CA GLY A 813 -12.53 52.18 19.48
C GLY A 813 -11.70 51.06 20.10
N TYR A 814 -11.18 51.30 21.30
CA TYR A 814 -10.56 50.21 22.02
C TYR A 814 -11.59 49.14 22.33
N SER A 815 -11.30 47.92 21.93
CA SER A 815 -12.00 46.76 22.44
C SER A 815 -11.25 46.20 23.62
N ASP A 816 -11.98 45.73 24.63
CA ASP A 816 -11.32 45.00 25.69
C ASP A 816 -10.52 43.86 25.09
N ASP A 817 -11.23 42.86 24.60
CA ASP A 817 -10.62 41.63 24.15
C ASP A 817 -9.88 41.76 22.83
N MET A 818 -10.55 42.22 21.78
CA MET A 818 -9.90 42.35 20.49
C MET A 818 -9.11 43.65 20.37
N GLY A 819 -9.18 44.50 21.38
CA GLY A 819 -8.32 45.65 21.46
C GLY A 819 -8.79 46.80 20.59
N ALA A 820 -8.13 47.92 20.78
CA ALA A 820 -8.11 48.93 19.73
C ALA A 820 -7.38 48.45 18.50
N ARG A 821 -6.83 47.23 18.55
CA ARG A 821 -6.24 46.61 17.37
C ARG A 821 -7.12 46.81 16.14
N PRO A 822 -8.42 46.52 16.15
CA PRO A 822 -9.25 47.00 15.04
C PRO A 822 -9.30 48.51 15.00
N LEU A 823 -9.41 49.16 16.16
CA LEU A 823 -9.47 50.61 16.15
C LEU A 823 -8.25 51.18 15.46
N ASN A 824 -7.09 50.57 15.72
CA ASN A 824 -5.91 50.89 14.95
C ASN A 824 -6.23 50.96 13.46
N ARG A 825 -6.98 49.99 12.96
CA ARG A 825 -7.54 50.13 11.62
C ARG A 825 -8.68 51.13 11.61
N LEU A 826 -9.53 51.11 12.63
CA LEU A 826 -10.65 52.04 12.63
C LEU A 826 -10.16 53.46 12.66
N ILE A 827 -9.08 53.73 13.39
CA ILE A 827 -8.54 55.08 13.43
C ILE A 827 -8.45 55.66 12.03
N GLN A 828 -8.05 54.84 11.07
CA GLN A 828 -8.35 55.21 9.70
C GLN A 828 -9.82 55.53 9.56
N ASN A 829 -10.62 54.48 9.75
CA ASN A 829 -11.99 54.44 9.26
C ASN A 829 -12.81 55.61 9.77
N GLU A 830 -13.13 55.60 11.06
CA GLU A 830 -13.94 56.69 11.57
C GLU A 830 -13.19 58.00 11.62
N ILE A 831 -11.89 58.00 11.40
CA ILE A 831 -11.19 59.26 11.49
C ILE A 831 -10.48 59.55 10.18
N LEU A 832 -9.35 58.88 9.96
CA LEU A 832 -8.58 59.14 8.76
C LEU A 832 -9.45 58.94 7.53
N ASN A 833 -10.02 57.76 7.38
CA ASN A 833 -10.96 57.53 6.30
C ASN A 833 -12.05 58.58 6.32
N LYS A 834 -12.61 58.87 7.49
CA LYS A 834 -13.72 59.82 7.57
C LYS A 834 -13.28 61.24 7.23
N LEU A 835 -12.31 61.78 7.97
CA LEU A 835 -12.03 63.21 7.86
C LEU A 835 -11.23 63.54 6.60
N ALA A 836 -10.32 62.67 6.18
CA ALA A 836 -9.76 62.84 4.85
C ALA A 836 -10.88 62.95 3.85
N LEU A 837 -11.77 61.96 3.84
CA LEU A 837 -12.97 62.04 3.02
C LEU A 837 -13.68 63.37 3.23
N ARG A 838 -13.79 63.81 4.49
CA ARG A 838 -14.26 65.17 4.72
C ARG A 838 -13.40 66.17 3.98
N ILE A 839 -12.07 66.05 4.13
CA ILE A 839 -11.18 67.07 3.61
C ILE A 839 -10.91 66.90 2.12
N LEU A 840 -10.86 65.65 1.64
CA LEU A 840 -10.39 65.41 0.28
C LEU A 840 -11.13 66.25 -0.75
N LYS A 841 -12.35 66.69 -0.43
CA LYS A 841 -13.02 67.66 -1.28
C LYS A 841 -12.22 68.95 -1.42
N ASN A 842 -11.56 69.37 -0.33
CA ASN A 842 -10.75 70.56 -0.07
C ASN A 842 -11.58 71.74 0.40
N GLU A 843 -12.91 71.65 0.36
CA GLU A 843 -13.72 72.79 0.78
C GLU A 843 -13.48 73.12 2.25
N ILE A 844 -13.50 72.10 3.10
CA ILE A 844 -12.68 72.19 4.29
C ILE A 844 -11.23 72.13 3.81
N LYS A 845 -10.49 73.20 4.07
CA LYS A 845 -9.28 73.44 3.30
C LYS A 845 -8.17 72.52 3.77
N ASP A 846 -7.01 72.64 3.13
CA ASP A 846 -5.81 72.00 3.65
C ASP A 846 -5.52 72.54 5.03
N LYS A 847 -4.90 71.69 5.86
CA LYS A 847 -4.48 72.09 7.20
C LYS A 847 -5.69 72.29 8.10
N GLU A 848 -6.89 72.31 7.50
CA GLU A 848 -8.11 72.37 8.30
C GLU A 848 -8.37 71.01 8.93
N THR A 849 -9.39 70.96 9.78
CA THR A 849 -9.78 69.72 10.44
C THR A 849 -11.25 69.79 10.82
N VAL A 850 -11.96 68.68 10.69
CA VAL A 850 -13.29 68.51 11.29
C VAL A 850 -13.38 67.12 11.91
N ASN A 851 -13.44 67.08 13.23
CA ASN A 851 -13.75 65.86 13.96
C ASN A 851 -15.26 65.62 13.99
N VAL A 852 -15.65 64.35 14.13
CA VAL A 852 -17.06 63.99 14.22
C VAL A 852 -17.73 64.69 15.39
N GLN B 1 64.54 -7.13 -23.28
CA GLN B 1 64.54 -8.58 -23.44
C GLN B 1 63.25 -9.05 -24.12
N PHE B 2 63.34 -10.17 -24.82
CA PHE B 2 62.17 -10.74 -25.45
C PHE B 2 61.20 -11.22 -24.39
N THR B 3 59.94 -11.34 -24.79
CA THR B 3 58.96 -11.94 -23.90
C THR B 3 59.32 -13.41 -23.65
N GLU B 4 59.25 -13.82 -22.39
CA GLU B 4 59.40 -15.23 -22.07
C GLU B 4 58.47 -16.07 -22.93
N ARG B 5 57.18 -15.77 -22.88
CA ARG B 5 56.21 -16.45 -23.74
C ARG B 5 56.69 -16.47 -25.18
N ALA B 6 57.11 -15.31 -25.69
CA ALA B 6 57.76 -15.28 -26.99
C ALA B 6 59.00 -16.15 -26.97
N LEU B 7 59.92 -15.87 -26.03
CA LEU B 7 61.16 -16.63 -25.98
C LEU B 7 60.90 -18.10 -25.76
N THR B 8 59.84 -18.44 -25.01
CA THR B 8 59.42 -19.82 -24.89
C THR B 8 59.30 -20.46 -26.26
N ILE B 9 58.64 -19.76 -27.18
CA ILE B 9 58.61 -20.21 -28.56
C ILE B 9 59.98 -20.05 -29.20
N LEU B 10 60.63 -18.92 -28.94
CA LEU B 10 61.86 -18.58 -29.67
C LEU B 10 62.92 -19.64 -29.46
N THR B 11 63.25 -19.91 -28.20
CA THR B 11 64.20 -21.00 -27.96
C THR B 11 63.64 -22.32 -28.47
N LEU B 12 62.33 -22.53 -28.29
CA LEU B 12 61.70 -23.68 -28.91
C LEU B 12 61.77 -23.58 -30.43
N ALA B 13 61.81 -22.36 -30.96
CA ALA B 13 62.08 -22.18 -32.37
C ALA B 13 63.54 -22.47 -32.67
N GLN B 14 64.45 -22.02 -31.80
CA GLN B 14 65.80 -22.53 -31.85
C GLN B 14 65.82 -24.03 -31.63
N LYS B 15 64.99 -24.51 -30.69
CA LYS B 15 64.80 -25.95 -30.56
C LYS B 15 64.16 -26.53 -31.81
N LEU B 16 63.25 -25.79 -32.42
CA LEU B 16 62.61 -26.25 -33.65
C LEU B 16 63.66 -26.58 -34.70
N ALA B 17 64.49 -25.59 -35.05
CA ALA B 17 65.55 -25.83 -36.03
C ALA B 17 66.55 -26.86 -35.54
N SER B 18 66.55 -27.16 -34.24
CA SER B 18 67.47 -28.14 -33.70
C SER B 18 66.99 -29.57 -33.89
N ASP B 19 65.68 -29.81 -33.80
CA ASP B 19 65.17 -31.18 -33.85
C ASP B 19 65.50 -31.83 -35.19
N HIS B 20 65.19 -31.16 -36.28
CA HIS B 20 65.65 -31.58 -37.59
C HIS B 20 67.08 -31.12 -37.85
N GLN B 21 67.70 -30.50 -36.85
CA GLN B 21 69.04 -29.94 -36.95
C GLN B 21 69.19 -29.17 -38.26
N HIS B 22 68.55 -28.02 -38.30
CA HIS B 22 68.60 -27.19 -39.49
C HIS B 22 69.96 -26.50 -39.57
N PRO B 23 70.41 -26.19 -40.79
CA PRO B 23 71.70 -25.51 -40.92
C PRO B 23 71.65 -24.07 -40.48
N GLN B 24 70.48 -23.44 -40.54
CA GLN B 24 70.39 -22.01 -40.39
C GLN B 24 68.99 -21.67 -39.88
N LEU B 25 68.88 -20.56 -39.19
CA LEU B 25 67.58 -20.04 -38.79
C LEU B 25 67.10 -19.07 -39.86
N GLN B 26 66.02 -19.42 -40.53
CA GLN B 26 65.58 -18.78 -41.76
C GLN B 26 64.08 -18.57 -41.72
N PRO B 27 63.56 -17.64 -42.55
CA PRO B 27 62.24 -17.05 -42.25
C PRO B 27 61.14 -18.04 -41.95
N ILE B 28 61.03 -19.13 -42.71
CA ILE B 28 59.83 -19.97 -42.61
C ILE B 28 59.92 -20.98 -41.47
N HIS B 29 61.00 -20.97 -40.70
CA HIS B 29 61.18 -21.88 -39.58
C HIS B 29 60.05 -21.85 -38.56
N ILE B 30 60.02 -20.82 -37.72
CA ILE B 30 59.17 -20.79 -36.55
C ILE B 30 57.70 -20.91 -36.92
N LEU B 31 57.38 -20.80 -38.20
CA LEU B 31 56.04 -21.10 -38.66
C LEU B 31 55.62 -22.47 -38.17
N ALA B 32 56.57 -23.38 -37.99
CA ALA B 32 56.29 -24.61 -37.25
C ALA B 32 56.38 -24.41 -35.75
N ALA B 33 57.34 -23.61 -35.28
CA ALA B 33 57.55 -23.49 -33.83
C ALA B 33 56.44 -22.70 -33.16
N PHE B 34 55.87 -21.73 -33.87
CA PHE B 34 54.68 -21.04 -33.37
C PHE B 34 53.55 -21.99 -33.04
N ILE B 35 53.58 -23.21 -33.57
CA ILE B 35 52.46 -24.12 -33.44
C ILE B 35 52.93 -25.47 -32.90
N GLU B 36 52.49 -25.79 -31.69
CA GLU B 36 52.53 -27.19 -31.24
C GLU B 36 51.62 -28.02 -32.12
N THR B 37 50.34 -27.65 -32.17
CA THR B 37 49.34 -28.30 -32.99
C THR B 37 48.30 -27.23 -33.33
N PRO B 38 47.34 -27.52 -34.22
CA PRO B 38 46.35 -26.50 -34.58
C PRO B 38 45.58 -25.90 -33.40
N GLU B 39 45.66 -26.49 -32.20
CA GLU B 39 44.96 -25.95 -31.05
C GLU B 39 45.25 -24.45 -30.90
N ASP B 40 44.24 -23.70 -30.45
CA ASP B 40 44.50 -22.31 -30.09
C ASP B 40 45.51 -22.22 -28.96
N GLY B 41 45.78 -23.33 -28.27
CA GLY B 41 47.00 -23.42 -27.49
C GLY B 41 48.21 -23.06 -28.32
N SER B 42 48.12 -23.26 -29.63
CA SER B 42 48.97 -22.54 -30.57
C SER B 42 48.08 -21.53 -31.26
N VAL B 43 48.20 -20.29 -30.82
CA VAL B 43 47.43 -19.17 -31.35
C VAL B 43 47.77 -18.90 -32.81
N PRO B 44 49.05 -18.97 -33.20
CA PRO B 44 49.38 -18.71 -34.60
C PRO B 44 48.59 -19.52 -35.61
N TYR B 45 47.88 -20.54 -35.16
CA TYR B 45 47.03 -21.27 -36.08
C TYR B 45 45.80 -20.45 -36.41
N LEU B 46 44.88 -20.36 -35.45
CA LEU B 46 43.57 -19.77 -35.63
C LEU B 46 43.45 -18.46 -34.89
N GLN B 47 43.64 -18.51 -33.56
CA GLN B 47 43.65 -17.32 -32.74
C GLN B 47 44.73 -16.34 -33.18
N ASN B 48 45.63 -16.75 -34.07
CA ASN B 48 46.59 -15.81 -34.64
C ASN B 48 45.91 -14.60 -35.26
N LEU B 49 46.60 -13.47 -35.17
CA LEU B 49 46.18 -12.19 -35.72
C LEU B 49 46.10 -12.21 -37.24
N ILE B 50 46.54 -13.29 -37.86
CA ILE B 50 46.59 -13.40 -39.32
C ILE B 50 45.36 -14.14 -39.81
N GLU B 51 45.15 -15.37 -39.32
CA GLU B 51 43.90 -16.07 -39.64
C GLU B 51 42.69 -15.16 -39.47
N LYS B 52 42.69 -14.35 -38.42
CA LYS B 52 41.70 -13.29 -38.30
C LYS B 52 42.08 -12.05 -39.10
N GLY B 53 43.37 -11.70 -39.14
CA GLY B 53 43.78 -10.59 -39.98
C GLY B 53 43.74 -10.81 -41.47
N ARG B 54 44.55 -11.74 -41.98
CA ARG B 54 44.54 -12.07 -43.40
C ARG B 54 44.55 -13.56 -43.69
N TYR B 55 45.66 -14.23 -43.36
CA TYR B 55 45.89 -15.61 -43.80
C TYR B 55 45.43 -16.59 -42.73
N ASP B 56 44.34 -17.30 -43.02
CA ASP B 56 43.95 -18.42 -42.19
C ASP B 56 44.93 -19.56 -42.36
N TYR B 57 45.24 -20.23 -41.25
CA TYR B 57 46.29 -21.22 -41.21
C TYR B 57 45.78 -22.65 -41.29
N ASP B 58 44.47 -22.87 -41.49
CA ASP B 58 43.91 -24.21 -41.44
C ASP B 58 44.59 -25.18 -42.40
N LEU B 59 44.32 -25.05 -43.68
CA LEU B 59 45.12 -25.81 -44.63
C LEU B 59 46.53 -25.27 -44.65
N PHE B 60 46.67 -23.97 -44.47
CA PHE B 60 47.95 -23.30 -44.37
C PHE B 60 48.77 -23.80 -43.20
N LYS B 61 48.17 -24.64 -42.34
CA LYS B 61 48.89 -25.55 -41.48
C LYS B 61 49.79 -26.50 -42.27
N LYS B 62 49.52 -26.71 -43.56
CA LYS B 62 50.19 -27.77 -44.31
C LYS B 62 51.69 -27.51 -44.48
N VAL B 63 52.05 -26.29 -44.85
CA VAL B 63 53.34 -26.08 -45.51
C VAL B 63 54.52 -25.91 -44.56
N VAL B 64 54.28 -25.68 -43.27
CA VAL B 64 55.34 -25.17 -42.40
C VAL B 64 56.48 -26.20 -42.26
N ASN B 65 56.17 -27.41 -41.80
CA ASN B 65 57.21 -28.42 -41.72
C ASN B 65 57.69 -28.84 -43.10
N ARG B 66 56.84 -28.74 -44.12
CA ARG B 66 57.24 -29.06 -45.49
C ARG B 66 58.54 -28.37 -45.85
N ASN B 67 58.71 -27.12 -45.42
CA ASN B 67 59.98 -26.46 -45.62
C ASN B 67 61.03 -27.01 -44.66
N LEU B 68 60.71 -27.05 -43.38
CA LEU B 68 61.71 -27.39 -42.38
C LEU B 68 62.16 -28.84 -42.47
N VAL B 69 61.41 -29.68 -43.16
CA VAL B 69 61.97 -30.97 -43.55
C VAL B 69 62.80 -30.82 -44.81
N ARG B 70 62.44 -29.88 -45.71
CA ARG B 70 63.21 -29.72 -46.93
C ARG B 70 64.37 -28.75 -46.76
N ILE B 71 64.58 -28.21 -45.57
CA ILE B 71 65.82 -27.52 -45.29
C ILE B 71 66.94 -28.55 -45.49
N PRO B 72 68.11 -28.17 -45.97
CA PRO B 72 69.22 -29.11 -46.02
C PRO B 72 69.65 -29.49 -44.61
N GLN B 73 69.74 -30.78 -44.34
CA GLN B 73 69.98 -31.24 -42.98
C GLN B 73 71.35 -30.76 -42.50
N GLN B 74 71.48 -30.60 -41.19
CA GLN B 74 72.72 -30.12 -40.59
C GLN B 74 73.12 -31.06 -39.46
N GLN B 75 74.11 -30.67 -38.64
CA GLN B 75 74.51 -31.45 -37.49
C GLN B 75 74.27 -30.60 -36.23
N PRO B 76 74.43 -31.14 -35.02
CA PRO B 76 73.85 -30.46 -33.84
C PRO B 76 74.38 -29.06 -33.58
N ALA B 77 75.69 -28.87 -33.58
CA ALA B 77 76.23 -27.57 -33.18
C ALA B 77 75.84 -26.47 -34.15
N PRO B 78 75.94 -26.63 -35.47
CA PRO B 78 75.46 -25.58 -36.37
C PRO B 78 73.96 -25.36 -36.30
N ALA B 79 73.19 -26.30 -35.76
CA ALA B 79 71.79 -26.04 -35.50
C ALA B 79 71.67 -24.99 -34.40
N GLU B 80 70.78 -24.03 -34.61
CA GLU B 80 70.54 -22.88 -33.73
C GLU B 80 71.83 -22.15 -33.39
N ILE B 81 72.85 -22.31 -34.24
CA ILE B 81 74.11 -21.62 -33.98
C ILE B 81 74.04 -20.21 -34.53
N THR B 82 73.14 -19.97 -35.47
CA THR B 82 73.17 -18.70 -36.15
C THR B 82 71.83 -18.00 -36.03
N PRO B 83 71.83 -16.68 -35.76
CA PRO B 83 70.61 -15.91 -35.98
C PRO B 83 70.33 -15.73 -37.45
N SER B 84 71.37 -15.75 -38.28
CA SER B 84 71.22 -15.59 -39.71
C SER B 84 70.47 -14.31 -39.99
N TYR B 85 71.15 -13.16 -39.87
CA TYR B 85 70.46 -11.91 -39.57
C TYR B 85 69.26 -11.67 -40.46
N ALA B 86 69.20 -12.30 -41.63
CA ALA B 86 67.95 -12.38 -42.37
C ALA B 86 66.82 -12.80 -41.44
N LEU B 87 67.03 -13.88 -40.68
CA LEU B 87 66.13 -14.15 -39.56
C LEU B 87 66.58 -13.40 -38.31
N GLY B 88 67.88 -13.27 -38.09
CA GLY B 88 68.38 -12.62 -36.89
C GLY B 88 67.83 -11.22 -36.67
N LYS B 89 67.38 -10.56 -37.73
CA LYS B 89 66.75 -9.26 -37.53
C LYS B 89 65.47 -9.39 -36.75
N VAL B 90 64.72 -10.47 -36.97
CA VAL B 90 63.44 -10.67 -36.28
C VAL B 90 63.63 -10.52 -34.79
N LEU B 91 64.82 -10.82 -34.30
CA LEU B 91 65.18 -10.45 -32.94
C LEU B 91 64.90 -8.96 -32.73
N GLN B 92 65.53 -8.11 -33.54
CA GLN B 92 65.27 -6.69 -33.49
C GLN B 92 64.01 -6.30 -34.23
N ASP B 93 63.80 -6.90 -35.41
CA ASP B 93 62.67 -6.52 -36.27
C ASP B 93 61.35 -6.67 -35.54
N ALA B 94 61.30 -7.53 -34.53
CA ALA B 94 60.08 -7.68 -33.76
C ALA B 94 59.73 -6.42 -32.98
N ALA B 95 60.69 -5.53 -32.80
CA ALA B 95 60.49 -4.29 -32.06
C ALA B 95 59.87 -3.19 -32.91
N LYS B 96 59.47 -3.51 -34.14
CA LYS B 96 58.87 -2.49 -34.99
C LYS B 96 57.40 -2.26 -34.68
N ILE B 97 56.63 -3.33 -34.47
CA ILE B 97 55.20 -3.16 -34.20
C ILE B 97 54.95 -2.69 -32.79
N GLN B 98 55.90 -2.97 -31.88
CA GLN B 98 55.77 -2.57 -30.46
C GLN B 98 55.61 -1.04 -30.39
N LYS B 99 55.90 -0.34 -31.49
CA LYS B 99 55.78 1.14 -31.54
C LYS B 99 54.46 1.51 -32.23
N GLN B 100 54.23 0.99 -33.44
CA GLN B 100 52.98 1.27 -34.21
C GLN B 100 51.78 0.78 -33.39
N GLN B 101 51.89 -0.42 -32.80
CA GLN B 101 50.79 -1.00 -31.99
C GLN B 101 50.98 -0.60 -30.52
N LYS B 102 52.06 0.12 -30.22
CA LYS B 102 52.36 0.57 -28.85
C LYS B 102 52.66 -0.60 -27.92
N ASP B 103 53.83 -1.18 -28.10
CA ASP B 103 54.35 -2.14 -27.13
C ASP B 103 55.81 -1.81 -26.80
N SER B 104 56.32 -2.50 -25.78
CA SER B 104 57.65 -2.22 -25.26
C SER B 104 58.62 -3.38 -25.50
N PHE B 105 58.37 -4.53 -24.87
CA PHE B 105 59.20 -5.71 -25.06
C PHE B 105 58.87 -6.34 -26.40
N ILE B 106 59.39 -7.53 -26.65
CA ILE B 106 59.14 -8.24 -27.89
C ILE B 106 58.35 -9.50 -27.57
N ALA B 107 57.10 -9.52 -28.04
CA ALA B 107 56.09 -10.48 -27.63
C ALA B 107 55.82 -11.50 -28.72
N GLN B 108 54.87 -12.39 -28.42
CA GLN B 108 54.47 -13.41 -29.38
C GLN B 108 54.04 -12.79 -30.68
N ASP B 109 53.25 -11.71 -30.63
CA ASP B 109 52.95 -10.97 -31.84
C ASP B 109 54.21 -10.44 -32.48
N HIS B 110 55.11 -9.90 -31.67
CA HIS B 110 56.28 -9.21 -32.22
C HIS B 110 57.23 -10.17 -32.89
N ILE B 111 57.64 -11.21 -32.17
CA ILE B 111 58.43 -12.26 -32.80
C ILE B 111 57.75 -12.71 -34.07
N LEU B 112 56.45 -12.96 -33.98
CA LEU B 112 55.62 -13.12 -35.17
C LEU B 112 55.73 -11.91 -36.09
N PHE B 113 55.55 -10.72 -35.53
CA PHE B 113 55.42 -9.53 -36.36
C PHE B 113 56.61 -9.36 -37.29
N ALA B 114 57.82 -9.39 -36.74
CA ALA B 114 59.00 -9.22 -37.56
C ALA B 114 59.00 -10.14 -38.75
N LEU B 115 58.48 -11.33 -38.57
CA LEU B 115 58.55 -12.37 -39.59
C LEU B 115 57.79 -12.01 -40.84
N PHE B 116 57.00 -10.95 -40.82
CA PHE B 116 55.98 -10.75 -41.85
C PHE B 116 56.56 -10.54 -43.24
N ASN B 117 57.87 -10.48 -43.40
CA ASN B 117 58.38 -10.41 -44.76
C ASN B 117 58.46 -11.78 -45.42
N ASP B 118 59.50 -12.56 -45.11
CA ASP B 118 59.80 -13.76 -45.86
C ASP B 118 59.27 -15.03 -45.20
N SER B 119 58.70 -14.92 -44.01
CA SER B 119 58.27 -16.11 -43.28
C SER B 119 56.87 -16.40 -43.77
N SER B 120 56.75 -17.46 -44.55
CA SER B 120 55.72 -17.36 -45.56
C SER B 120 55.73 -18.51 -46.54
N ILE B 121 54.73 -18.54 -47.39
CA ILE B 121 54.90 -18.86 -48.79
C ILE B 121 54.91 -17.52 -49.48
N GLN B 122 56.07 -17.10 -49.96
CA GLN B 122 56.19 -15.91 -50.80
C GLN B 122 56.43 -16.37 -52.23
N GLN B 123 55.40 -16.24 -53.07
CA GLN B 123 55.44 -16.66 -54.47
C GLN B 123 54.44 -15.81 -55.25
N ILE B 124 54.21 -16.18 -56.51
CA ILE B 124 53.06 -15.64 -57.24
C ILE B 124 51.78 -15.92 -56.46
N PHE B 125 51.62 -17.17 -56.01
CA PHE B 125 50.63 -17.51 -55.00
C PHE B 125 51.33 -17.43 -53.64
N LYS B 126 50.98 -16.41 -52.87
CA LYS B 126 51.72 -16.10 -51.66
C LYS B 126 50.79 -16.35 -50.49
N GLU B 127 51.03 -17.43 -49.77
CA GLU B 127 50.41 -17.65 -48.46
C GLU B 127 51.47 -17.25 -47.46
N ALA B 128 51.29 -16.09 -46.85
CA ALA B 128 52.39 -15.42 -46.23
C ALA B 128 51.86 -14.63 -45.04
N GLN B 129 52.69 -13.76 -44.52
CA GLN B 129 52.33 -12.91 -43.42
C GLN B 129 52.26 -11.49 -43.95
N VAL B 130 51.05 -10.95 -44.04
CA VAL B 130 50.91 -9.55 -44.35
C VAL B 130 51.65 -8.73 -43.31
N ASP B 131 52.17 -7.59 -43.74
CA ASP B 131 53.14 -6.86 -42.93
C ASP B 131 52.45 -6.12 -41.77
N ILE B 132 51.71 -5.06 -42.08
CA ILE B 132 50.92 -4.39 -41.06
C ILE B 132 49.47 -4.88 -41.05
N GLU B 133 49.10 -5.75 -41.98
CA GLU B 133 47.69 -5.94 -42.30
C GLU B 133 46.98 -6.84 -41.29
N ALA B 134 47.64 -7.91 -40.85
CA ALA B 134 46.98 -8.83 -39.91
C ALA B 134 47.09 -8.38 -38.46
N ILE B 135 48.25 -7.90 -38.05
CA ILE B 135 48.57 -7.68 -36.64
C ILE B 135 47.93 -6.39 -36.11
N LYS B 136 48.42 -5.22 -36.57
CA LYS B 136 47.83 -3.95 -36.17
C LYS B 136 46.33 -3.97 -36.31
N GLN B 137 45.83 -4.69 -37.31
CA GLN B 137 44.44 -5.13 -37.35
C GLN B 137 44.08 -5.84 -36.07
N GLN B 138 44.61 -7.05 -35.90
CA GLN B 138 44.11 -7.96 -34.90
C GLN B 138 44.95 -7.99 -33.63
N ALA B 139 46.04 -7.25 -33.57
CA ALA B 139 46.73 -7.02 -32.31
C ALA B 139 45.92 -6.13 -31.38
N LEU B 140 44.89 -5.49 -31.91
CA LEU B 140 43.84 -4.94 -31.05
C LEU B 140 42.79 -6.00 -30.72
N GLU B 141 42.40 -6.81 -31.72
CA GLU B 141 41.52 -7.96 -31.52
C GLU B 141 42.08 -8.84 -30.43
N LEU B 142 43.21 -9.48 -30.72
CA LEU B 142 44.09 -9.87 -29.64
C LEU B 142 44.36 -8.65 -28.79
N ARG B 143 44.18 -8.79 -27.48
CA ARG B 143 44.58 -7.70 -26.59
C ARG B 143 43.89 -6.40 -26.93
N GLY B 144 44.65 -5.44 -27.44
CA GLY B 144 44.29 -4.04 -27.46
C GLY B 144 45.14 -3.21 -26.53
N ASN B 145 45.77 -3.90 -25.58
CA ASN B 145 46.71 -3.30 -24.57
C ASN B 145 48.01 -4.12 -24.63
N THR B 146 48.88 -3.79 -25.59
CA THR B 146 50.15 -4.54 -25.85
C THR B 146 51.12 -4.48 -24.66
N ARG B 147 51.25 -3.34 -23.98
CA ARG B 147 52.23 -3.25 -22.87
C ARG B 147 51.89 -4.26 -21.77
N ILE B 148 52.89 -5.02 -21.31
CA ILE B 148 52.69 -6.04 -20.23
C ILE B 148 53.62 -5.73 -19.05
N ASP B 149 54.50 -4.72 -19.21
CA ASP B 149 55.47 -4.34 -18.14
C ASP B 149 56.74 -5.20 -18.25
N SER B 150 57.69 -5.01 -17.32
CA SER B 150 58.96 -5.79 -17.32
C SER B 150 58.67 -7.28 -17.12
N ARG B 151 57.76 -7.60 -16.20
CA ARG B 151 57.35 -9.00 -15.92
C ARG B 151 55.85 -9.14 -16.23
N GLY B 152 55.48 -10.13 -17.06
CA GLY B 152 54.07 -10.31 -17.44
C GLY B 152 53.75 -11.72 -17.90
N ALA B 153 52.46 -12.02 -18.03
CA ALA B 153 51.91 -13.31 -18.49
C ALA B 153 51.68 -13.27 -20.00
N ASP B 154 50.78 -14.10 -20.52
CA ASP B 154 50.51 -14.11 -22.00
C ASP B 154 50.11 -12.69 -22.40
N THR B 155 50.71 -12.17 -23.47
CA THR B 155 50.49 -10.80 -23.89
C THR B 155 49.45 -10.75 -25.01
N ASN B 156 48.31 -11.42 -24.77
CA ASN B 156 47.21 -11.46 -25.77
C ASN B 156 45.87 -11.36 -25.04
N THR B 157 45.65 -10.27 -24.30
CA THR B 157 44.39 -10.05 -23.54
C THR B 157 44.17 -11.22 -22.58
N PRO B 158 45.04 -11.44 -21.58
CA PRO B 158 44.85 -12.54 -20.63
C PRO B 158 43.55 -12.37 -19.82
N LEU B 159 42.43 -12.85 -20.37
CA LEU B 159 41.11 -12.75 -19.69
C LEU B 159 40.42 -11.45 -20.12
N GLU B 160 40.99 -10.75 -21.10
CA GLU B 160 40.42 -9.47 -21.61
C GLU B 160 40.62 -8.37 -20.57
N TYR B 161 41.82 -7.77 -20.53
CA TYR B 161 42.13 -6.69 -19.57
C TYR B 161 41.88 -7.20 -18.13
N LEU B 162 42.60 -8.25 -17.73
CA LEU B 162 42.44 -8.83 -16.37
C LEU B 162 43.24 -7.98 -15.37
N SER B 163 44.32 -7.34 -15.84
CA SER B 163 45.17 -6.49 -14.97
C SER B 163 44.70 -5.03 -15.04
N LYS B 164 43.68 -4.77 -15.87
CA LYS B 164 43.14 -3.39 -16.03
C LYS B 164 41.75 -3.31 -15.38
N TYR B 165 41.67 -3.66 -14.08
CA TYR B 165 40.38 -3.62 -13.34
C TYR B 165 40.57 -4.31 -11.97
N ALA B 166 41.65 -5.07 -11.82
CA ALA B 166 41.94 -5.76 -10.57
C ALA B 166 43.43 -5.91 -10.43
N ILE B 167 44.00 -5.24 -9.43
CA ILE B 167 45.42 -5.44 -9.21
C ILE B 167 45.62 -6.86 -8.74
N ASP B 168 46.73 -7.44 -9.17
CA ASP B 168 47.21 -8.64 -8.51
C ASP B 168 48.05 -8.23 -7.32
N MET B 169 47.62 -8.66 -6.15
CA MET B 169 48.50 -8.49 -5.02
C MET B 169 49.54 -9.58 -4.97
N THR B 170 49.23 -10.78 -5.48
CA THR B 170 50.25 -11.81 -5.54
C THR B 170 51.45 -11.31 -6.30
N GLU B 171 51.27 -10.28 -7.12
CA GLU B 171 52.41 -9.53 -7.56
C GLU B 171 53.14 -9.08 -6.32
N GLN B 172 52.52 -8.09 -5.68
CA GLN B 172 53.14 -7.45 -4.54
C GLN B 172 53.54 -8.47 -3.50
N ALA B 173 52.81 -9.58 -3.43
CA ALA B 173 53.25 -10.70 -2.62
C ALA B 173 54.60 -11.20 -3.11
N ARG B 174 54.60 -11.81 -4.30
CA ARG B 174 55.87 -12.22 -4.90
C ARG B 174 56.83 -11.06 -4.95
N GLN B 175 56.30 -9.87 -5.11
CA GLN B 175 57.11 -8.67 -5.02
C GLN B 175 57.36 -8.27 -3.57
N GLY B 176 56.71 -8.91 -2.61
CA GLY B 176 56.94 -8.59 -1.22
C GLY B 176 56.57 -7.16 -0.86
N LYS B 177 55.51 -6.63 -1.46
CA LYS B 177 55.28 -5.20 -1.43
C LYS B 177 54.32 -4.71 -0.37
N LEU B 178 53.80 -5.57 0.49
CA LEU B 178 52.86 -5.10 1.50
C LEU B 178 53.19 -5.70 2.86
N ASP B 179 53.08 -4.87 3.88
CA ASP B 179 53.36 -5.32 5.23
C ASP B 179 52.46 -6.48 5.56
N PRO B 180 53.01 -7.67 5.78
CA PRO B 180 52.14 -8.83 5.99
C PRO B 180 51.28 -8.64 7.23
N VAL B 181 49.97 -8.84 7.05
CA VAL B 181 49.05 -8.68 8.16
C VAL B 181 49.33 -9.76 9.20
N ILE B 182 48.87 -9.49 10.41
CA ILE B 182 49.40 -10.15 11.58
C ILE B 182 48.27 -10.48 12.55
N GLY B 183 48.41 -11.64 13.20
CA GLY B 183 47.31 -12.23 13.94
C GLY B 183 46.21 -12.62 12.97
N ARG B 184 46.58 -12.65 11.70
CA ARG B 184 45.58 -12.79 10.67
C ARG B 184 45.44 -14.20 10.11
N GLU B 185 46.26 -15.14 10.55
CA GLU B 185 46.20 -16.45 9.94
C GLU B 185 45.00 -17.23 10.43
N GLU B 186 44.65 -17.06 11.69
CA GLU B 186 43.38 -17.57 12.19
C GLU B 186 42.22 -17.06 11.35
N GLU B 187 42.27 -15.82 10.91
CA GLU B 187 41.39 -15.41 9.83
C GLU B 187 41.63 -16.28 8.61
N ILE B 188 42.88 -16.33 8.16
CA ILE B 188 43.22 -17.15 7.02
C ILE B 188 42.75 -18.56 7.25
N ARG B 189 42.91 -19.01 8.49
CA ARG B 189 42.42 -20.32 8.87
C ARG B 189 41.03 -20.49 8.33
N SER B 190 40.17 -19.52 8.55
CA SER B 190 38.88 -19.52 7.89
C SER B 190 39.07 -19.63 6.39
N THR B 191 39.77 -18.67 5.82
CA THR B 191 39.81 -18.51 4.38
C THR B 191 40.09 -19.81 3.67
N ILE B 192 41.32 -20.29 3.78
CA ILE B 192 41.66 -21.55 3.16
C ILE B 192 40.60 -22.56 3.47
N ARG B 193 40.28 -22.70 4.76
CA ARG B 193 39.13 -23.49 5.11
C ARG B 193 37.94 -23.07 4.28
N VAL B 194 37.60 -21.78 4.31
CA VAL B 194 36.43 -21.33 3.57
C VAL B 194 36.47 -21.88 2.16
N LEU B 195 37.66 -21.89 1.59
CA LEU B 195 37.80 -22.23 0.19
C LEU B 195 37.33 -23.63 -0.12
N ALA B 196 38.08 -24.64 0.30
CA ALA B 196 38.04 -25.91 -0.40
C ALA B 196 36.64 -26.49 -0.50
N ARG B 197 35.67 -25.91 0.19
CA ARG B 197 34.31 -26.41 0.05
C ARG B 197 33.92 -26.41 -1.40
N ARG B 198 33.59 -27.59 -1.92
CA ARG B 198 33.02 -27.59 -3.26
C ARG B 198 31.67 -26.93 -3.25
N ILE B 199 31.05 -26.87 -2.09
CA ILE B 199 29.83 -26.11 -1.97
C ILE B 199 30.15 -24.63 -2.01
N LYS B 200 30.77 -24.10 -0.98
CA LYS B 200 31.07 -22.68 -0.94
C LYS B 200 32.52 -22.47 -0.56
N SER B 201 33.31 -22.04 -1.52
CA SER B 201 34.60 -21.48 -1.19
C SER B 201 34.46 -20.09 -0.62
N ASN B 202 33.25 -19.54 -0.60
CA ASN B 202 33.08 -18.11 -0.70
C ASN B 202 33.17 -17.50 0.68
N PRO B 203 34.28 -16.85 1.01
CA PRO B 203 34.37 -16.12 2.26
C PRO B 203 33.76 -14.73 2.14
N CYS B 204 33.31 -14.23 3.27
CA CYS B 204 32.90 -12.84 3.36
C CYS B 204 33.37 -12.29 4.69
N LEU B 205 34.19 -11.24 4.64
CA LEU B 205 34.45 -10.51 5.86
C LEU B 205 33.28 -9.59 6.12
N ILE B 206 32.62 -9.80 7.25
CA ILE B 206 31.31 -9.25 7.51
C ILE B 206 31.35 -8.54 8.85
N GLY B 207 31.17 -7.24 8.81
CA GLY B 207 31.19 -6.45 10.03
C GLY B 207 31.72 -5.07 9.70
N GLU B 208 31.73 -4.23 10.71
CA GLU B 208 32.17 -2.87 10.50
C GLU B 208 33.53 -2.86 9.83
N PRO B 209 33.66 -2.22 8.71
CA PRO B 209 34.93 -2.24 7.98
C PRO B 209 36.00 -1.44 8.68
N GLY B 210 37.09 -1.21 7.99
CA GLY B 210 38.11 -0.31 8.46
C GLY B 210 39.09 -0.95 9.40
N ILE B 211 38.77 -2.15 9.90
CA ILE B 211 39.74 -2.93 10.66
C ILE B 211 40.97 -3.22 9.83
N GLY B 212 40.95 -2.88 8.54
CA GLY B 212 41.91 -3.48 7.67
C GLY B 212 41.48 -4.86 7.27
N LYS B 213 40.22 -4.99 6.85
CA LYS B 213 39.70 -6.29 6.47
C LYS B 213 40.54 -6.95 5.39
N THR B 214 40.40 -6.48 4.15
CA THR B 214 41.07 -7.21 3.09
C THR B 214 42.58 -7.16 3.21
N ALA B 215 43.11 -6.28 4.05
CA ALA B 215 44.51 -6.39 4.39
C ALA B 215 44.82 -7.81 4.81
N ILE B 216 43.92 -8.43 5.56
CA ILE B 216 44.04 -9.85 5.84
C ILE B 216 44.30 -10.63 4.57
N ILE B 217 43.61 -10.28 3.49
CA ILE B 217 43.76 -11.07 2.28
C ILE B 217 45.19 -11.10 1.79
N GLU B 218 46.05 -10.25 2.34
CA GLU B 218 47.47 -10.31 2.04
C GLU B 218 48.00 -11.72 2.16
N GLY B 219 48.10 -12.18 3.40
CA GLY B 219 48.67 -13.47 3.65
C GLY B 219 48.11 -14.51 2.72
N VAL B 220 46.81 -14.40 2.43
CA VAL B 220 46.16 -15.28 1.48
C VAL B 220 47.04 -15.33 0.26
N ALA B 221 47.10 -14.21 -0.46
CA ALA B 221 47.95 -14.14 -1.62
C ALA B 221 49.37 -14.54 -1.26
N GLN B 222 49.87 -14.03 -0.14
CA GLN B 222 51.20 -14.39 0.29
C GLN B 222 51.21 -15.90 0.36
N ARG B 223 50.49 -16.42 1.34
CA ARG B 223 50.49 -17.84 1.55
C ARG B 223 49.99 -18.58 0.33
N ILE B 224 49.28 -17.91 -0.57
CA ILE B 224 49.17 -18.46 -1.91
C ILE B 224 50.59 -18.64 -2.41
N ILE B 225 51.24 -17.51 -2.70
CA ILE B 225 52.54 -17.56 -3.34
C ILE B 225 53.64 -17.92 -2.37
N ASP B 226 53.36 -17.88 -1.07
CA ASP B 226 54.30 -18.47 -0.15
C ASP B 226 54.33 -19.97 -0.29
N ASP B 227 53.45 -20.50 -1.13
CA ASP B 227 53.08 -21.90 -1.15
C ASP B 227 52.57 -22.31 0.21
N ASP B 228 52.14 -21.34 0.98
CA ASP B 228 51.58 -21.60 2.29
C ASP B 228 50.09 -21.82 2.16
N VAL B 229 49.57 -21.71 0.94
CA VAL B 229 48.22 -22.13 0.58
C VAL B 229 48.35 -23.55 0.04
N PRO B 230 47.33 -24.35 0.10
CA PRO B 230 47.48 -25.75 -0.31
C PRO B 230 47.16 -26.01 -1.76
N THR B 231 47.37 -27.25 -2.15
CA THR B 231 47.46 -27.60 -3.56
C THR B 231 46.20 -27.22 -4.31
N ILE B 232 45.03 -27.45 -3.74
CA ILE B 232 43.81 -26.94 -4.35
C ILE B 232 44.00 -25.49 -4.71
N LEU B 233 44.66 -24.76 -3.82
CA LEU B 233 44.65 -23.33 -3.86
C LEU B 233 45.88 -22.74 -4.53
N GLN B 234 46.89 -23.53 -4.80
CA GLN B 234 48.17 -22.97 -5.19
C GLN B 234 48.12 -22.47 -6.63
N GLY B 235 47.48 -23.23 -7.51
CA GLY B 235 47.25 -22.73 -8.85
C GLY B 235 46.47 -21.44 -8.87
N ALA B 236 45.52 -21.29 -7.96
CA ALA B 236 44.73 -20.08 -7.92
C ALA B 236 45.59 -18.90 -7.50
N LYS B 237 45.07 -17.71 -7.78
CA LYS B 237 45.79 -16.45 -7.63
C LYS B 237 44.83 -15.39 -7.13
N LEU B 238 45.39 -14.27 -6.70
CA LEU B 238 44.65 -13.30 -5.90
C LEU B 238 44.74 -11.91 -6.51
N PHE B 239 43.62 -11.41 -7.00
CA PHE B 239 43.54 -10.05 -7.51
C PHE B 239 42.44 -9.36 -6.75
N SER B 240 42.36 -8.04 -6.88
CA SER B 240 41.36 -7.26 -6.20
C SER B 240 40.78 -6.23 -7.15
N LEU B 241 39.46 -6.24 -7.31
CA LEU B 241 38.82 -5.39 -8.29
C LEU B 241 39.03 -3.91 -8.00
N ASP B 242 39.01 -3.13 -9.08
CA ASP B 242 39.09 -1.68 -9.05
C ASP B 242 37.99 -1.23 -9.99
N LEU B 243 36.97 -0.57 -9.48
CA LEU B 243 35.75 -0.44 -10.27
C LEU B 243 35.98 0.57 -11.37
N ALA B 244 35.83 0.14 -12.61
CA ALA B 244 35.87 1.04 -13.74
C ALA B 244 34.40 1.29 -14.08
N ALA B 245 33.89 2.41 -13.60
CA ALA B 245 32.46 2.69 -13.64
C ALA B 245 32.27 3.89 -14.55
N LEU B 246 31.43 3.73 -15.56
CA LEU B 246 31.34 4.71 -16.61
C LEU B 246 30.12 4.36 -17.47
N THR B 247 29.83 5.22 -18.46
CA THR B 247 28.76 4.94 -19.41
C THR B 247 28.94 5.75 -20.68
N GLY B 254 26.90 1.12 -23.59
CA GLY B 254 25.94 1.63 -22.62
C GLY B 254 26.47 1.64 -21.22
N ASP B 255 26.42 0.48 -20.56
CA ASP B 255 26.85 0.34 -19.18
C ASP B 255 27.85 -0.81 -19.10
N PHE B 256 29.11 -0.47 -18.82
CA PHE B 256 30.23 -1.37 -19.06
C PHE B 256 30.18 -2.62 -18.20
N GLU B 257 29.27 -2.68 -17.24
CA GLU B 257 29.29 -3.75 -16.26
C GLU B 257 29.19 -5.12 -16.90
N GLU B 258 28.90 -5.19 -18.19
CA GLU B 258 29.21 -6.43 -18.90
C GLU B 258 30.70 -6.68 -18.97
N ARG B 259 31.54 -5.64 -18.90
CA ARG B 259 32.95 -5.90 -18.70
C ARG B 259 33.16 -6.56 -17.35
N PHE B 260 32.54 -5.96 -16.34
CA PHE B 260 32.38 -6.59 -15.04
C PHE B 260 31.76 -7.96 -15.18
N LYS B 261 31.02 -8.20 -16.26
CA LYS B 261 30.74 -9.56 -16.66
C LYS B 261 31.89 -10.14 -17.44
N GLY B 262 32.48 -9.38 -18.36
CA GLY B 262 33.54 -9.94 -19.19
C GLY B 262 34.70 -10.44 -18.36
N VAL B 263 35.10 -9.65 -17.36
CA VAL B 263 36.14 -10.10 -16.45
C VAL B 263 35.81 -11.46 -15.90
N LEU B 264 34.53 -11.75 -15.70
CA LEU B 264 34.17 -13.08 -15.28
C LEU B 264 34.57 -14.06 -16.36
N LYS B 265 34.08 -13.82 -17.57
CA LYS B 265 34.41 -14.66 -18.71
C LYS B 265 35.92 -14.84 -18.80
N GLU B 266 36.68 -13.88 -18.30
CA GLU B 266 38.09 -14.17 -18.16
C GLU B 266 38.26 -15.41 -17.32
N ILE B 267 37.99 -15.26 -16.03
CA ILE B 267 38.84 -15.88 -15.03
C ILE B 267 38.50 -17.36 -14.82
N GLU B 268 37.23 -17.70 -14.65
CA GLU B 268 36.91 -19.13 -14.53
C GLU B 268 37.16 -19.83 -15.85
N GLU B 269 36.88 -19.14 -16.95
CA GLU B 269 37.31 -19.54 -18.27
C GLU B 269 38.82 -19.44 -18.44
N SER B 270 39.52 -18.81 -17.51
CA SER B 270 40.96 -18.66 -17.54
C SER B 270 41.68 -19.86 -16.93
N LYS B 271 40.98 -20.98 -16.77
CA LYS B 271 41.38 -22.11 -15.94
C LYS B 271 41.24 -21.82 -14.46
N THR B 272 40.25 -20.97 -14.09
CA THR B 272 39.85 -20.69 -12.71
C THR B 272 41.10 -20.50 -11.87
N LEU B 273 42.12 -20.00 -12.53
CA LEU B 273 43.50 -20.14 -12.13
C LEU B 273 43.83 -19.09 -11.10
N ILE B 274 42.79 -18.38 -10.67
CA ILE B 274 42.84 -17.31 -9.69
C ILE B 274 41.67 -17.51 -8.77
N VAL B 275 41.68 -16.75 -7.68
CA VAL B 275 40.46 -16.38 -6.98
C VAL B 275 40.50 -14.88 -6.81
N LEU B 276 39.61 -14.20 -7.50
CA LEU B 276 39.54 -12.75 -7.36
C LEU B 276 38.94 -12.41 -6.02
N PHE B 277 39.46 -11.37 -5.42
CA PHE B 277 38.87 -10.85 -4.21
C PHE B 277 37.99 -9.66 -4.59
N ILE B 278 36.71 -9.81 -4.40
CA ILE B 278 35.82 -8.66 -4.40
C ILE B 278 35.90 -8.06 -3.01
N ASP B 279 35.59 -6.78 -2.90
CA ASP B 279 36.21 -6.03 -1.85
C ASP B 279 35.17 -5.56 -0.84
N GLU B 280 34.53 -4.41 -1.04
CA GLU B 280 33.67 -3.90 0.01
C GLU B 280 32.18 -3.79 -0.27
N ILE B 281 31.72 -3.81 -1.51
CA ILE B 281 30.29 -3.63 -1.72
C ILE B 281 29.86 -4.62 -2.77
N HIS B 282 28.99 -5.51 -2.38
CA HIS B 282 28.71 -6.68 -3.16
C HIS B 282 27.21 -6.63 -3.28
N MET B 283 26.77 -6.36 -4.49
CA MET B 283 25.74 -5.36 -4.61
C MET B 283 24.71 -5.75 -5.65
N LEU B 284 23.47 -5.83 -5.21
CA LEU B 284 22.36 -5.52 -6.09
C LEU B 284 22.41 -4.03 -6.35
N MET B 285 22.52 -3.65 -7.62
CA MET B 285 22.55 -2.24 -7.93
C MET B 285 21.30 -1.56 -7.37
N GLY B 286 21.53 -0.49 -6.61
CA GLY B 286 20.45 0.19 -5.91
C GLY B 286 19.33 0.67 -6.81
N ALA B 292 22.08 -5.33 -11.03
CA ALA B 292 22.85 -6.54 -10.78
C ALA B 292 22.09 -7.78 -11.23
N ALA B 293 21.04 -8.12 -10.48
CA ALA B 293 20.30 -9.35 -10.72
C ALA B 293 21.31 -10.49 -10.76
N ASN B 294 21.42 -11.16 -11.89
CA ASN B 294 22.59 -11.97 -12.13
C ASN B 294 23.60 -11.07 -12.81
N ILE B 295 24.58 -10.66 -12.04
CA ILE B 295 25.87 -10.22 -12.52
C ILE B 295 26.84 -10.89 -11.58
N LEU B 296 27.87 -11.54 -12.14
CA LEU B 296 28.90 -12.04 -11.27
C LEU B 296 28.41 -13.18 -10.40
N LYS B 297 27.10 -13.30 -10.27
CA LYS B 297 26.54 -14.54 -9.73
C LYS B 297 26.68 -15.66 -10.75
N PRO B 298 26.17 -15.53 -11.97
CA PRO B 298 25.86 -16.73 -12.76
C PRO B 298 26.93 -17.79 -12.78
N ALA B 299 28.20 -17.42 -12.93
CA ALA B 299 29.26 -18.42 -12.93
C ALA B 299 29.62 -18.83 -11.51
N LEU B 300 29.71 -17.85 -10.62
CA LEU B 300 29.66 -18.17 -9.21
C LEU B 300 28.42 -18.98 -8.93
N SER B 301 27.27 -18.45 -9.36
CA SER B 301 26.04 -19.22 -9.35
C SER B 301 26.19 -20.54 -10.10
N ARG B 302 27.03 -20.58 -11.12
CA ARG B 302 27.26 -21.84 -11.82
C ARG B 302 27.93 -22.88 -10.93
N GLY B 303 28.27 -22.53 -9.71
CA GLY B 303 29.08 -23.43 -8.92
C GLY B 303 30.50 -23.38 -9.39
N GLN B 304 30.96 -22.19 -9.72
CA GLN B 304 32.30 -21.97 -10.23
C GLN B 304 32.74 -20.62 -9.71
N LEU B 305 33.79 -20.08 -10.30
CA LEU B 305 34.16 -18.69 -10.05
C LEU B 305 34.55 -18.51 -8.57
N LYS B 306 35.69 -19.11 -8.24
CA LYS B 306 36.22 -18.99 -6.91
C LYS B 306 36.63 -17.54 -6.67
N VAL B 307 36.01 -16.90 -5.69
CA VAL B 307 35.99 -15.45 -5.57
C VAL B 307 35.70 -15.10 -4.12
N ILE B 308 36.12 -13.91 -3.70
CA ILE B 308 35.99 -13.50 -2.31
C ILE B 308 35.51 -12.05 -2.26
N GLY B 309 34.39 -11.82 -1.59
CA GLY B 309 33.94 -10.50 -1.21
C GLY B 309 34.02 -10.24 0.29
N ALA B 310 33.73 -8.99 0.67
CA ALA B 310 33.61 -8.66 2.08
C ALA B 310 32.82 -7.37 2.23
N THR B 311 32.25 -7.15 3.40
CA THR B 311 31.54 -5.90 3.62
C THR B 311 31.17 -5.80 5.09
N THR B 312 30.33 -4.83 5.43
CA THR B 312 29.83 -4.83 6.78
C THR B 312 28.82 -5.96 6.92
N ASN B 313 28.38 -6.17 8.15
CA ASN B 313 27.17 -6.92 8.33
C ASN B 313 26.04 -6.26 7.55
N ASN B 314 26.06 -4.95 7.46
CA ASN B 314 24.88 -4.21 7.07
C ASN B 314 24.44 -4.57 5.68
N GLU B 315 25.39 -4.75 4.78
CA GLU B 315 25.02 -5.10 3.42
C GLU B 315 24.50 -6.51 3.37
N TYR B 316 25.22 -7.41 4.02
CA TYR B 316 24.61 -8.66 4.41
C TYR B 316 23.24 -8.36 5.00
N ARG B 317 23.23 -7.60 6.10
CA ARG B 317 21.97 -7.14 6.67
C ARG B 317 21.10 -6.43 5.65
N SER B 318 21.68 -6.02 4.54
CA SER B 318 20.84 -5.47 3.49
C SER B 318 20.62 -6.54 2.44
N ILE B 319 21.67 -6.82 1.68
CA ILE B 319 21.50 -7.60 0.47
C ILE B 319 21.31 -9.07 0.81
N VAL B 320 21.99 -9.57 1.84
CA VAL B 320 21.83 -11.00 2.07
C VAL B 320 20.42 -11.26 2.55
N GLU B 321 19.73 -10.20 2.97
CA GLU B 321 18.33 -10.33 3.27
C GLU B 321 17.51 -10.47 2.02
N LYS B 322 18.07 -10.07 0.89
CA LYS B 322 17.35 -10.12 -0.37
C LYS B 322 17.43 -11.48 -1.03
N ASP B 323 18.39 -12.32 -0.67
CA ASP B 323 18.53 -13.58 -1.38
C ASP B 323 18.67 -14.79 -0.47
N GLY B 324 19.83 -14.93 0.15
CA GLY B 324 20.18 -16.13 0.87
C GLY B 324 20.83 -17.19 0.01
N ALA B 325 20.55 -17.19 -1.30
CA ALA B 325 21.41 -17.95 -2.18
C ALA B 325 22.82 -17.40 -2.10
N PHE B 326 22.96 -16.12 -1.74
CA PHE B 326 24.26 -15.60 -1.39
C PHE B 326 24.83 -16.36 -0.21
N GLU B 327 24.07 -16.40 0.88
CA GLU B 327 24.39 -17.34 1.93
C GLU B 327 24.65 -18.71 1.34
N ARG B 328 23.78 -19.13 0.42
CA ARG B 328 24.06 -20.35 -0.32
C ARG B 328 25.25 -20.19 -1.24
N ARG B 329 25.60 -18.97 -1.62
CA ARG B 329 26.85 -18.77 -2.35
C ARG B 329 28.03 -18.68 -1.40
N PHE B 330 27.85 -18.06 -0.24
CA PHE B 330 28.98 -17.59 0.53
C PHE B 330 29.07 -18.26 1.87
N GLN B 331 30.26 -18.23 2.42
CA GLN B 331 30.45 -18.32 3.85
C GLN B 331 30.77 -16.94 4.39
N LYS B 332 29.97 -16.47 5.32
CA LYS B 332 30.28 -15.21 5.97
C LYS B 332 31.31 -15.43 7.07
N ILE B 333 32.08 -14.39 7.34
CA ILE B 333 33.07 -14.45 8.39
C ILE B 333 33.08 -13.14 9.13
N GLU B 334 32.95 -13.22 10.44
CA GLU B 334 32.97 -12.02 11.24
C GLU B 334 34.37 -11.45 11.31
N VAL B 335 34.45 -10.14 11.46
CA VAL B 335 35.69 -9.43 11.65
C VAL B 335 35.63 -8.74 13.01
N ALA B 336 36.72 -8.78 13.74
CA ALA B 336 36.76 -8.22 15.08
C ALA B 336 37.92 -7.27 15.21
N GLU B 337 37.62 -5.99 15.37
CA GLU B 337 38.66 -5.00 15.53
C GLU B 337 39.62 -5.42 16.63
N PRO B 338 40.90 -5.35 16.40
CA PRO B 338 41.87 -5.87 17.35
C PRO B 338 41.71 -5.23 18.71
N SER B 339 41.93 -6.02 19.73
CA SER B 339 42.20 -5.43 21.01
C SER B 339 43.60 -4.86 21.00
N VAL B 340 44.01 -4.37 22.17
CA VAL B 340 45.26 -3.65 22.32
C VAL B 340 46.42 -4.40 21.67
N ARG B 341 46.86 -5.48 22.28
CA ARG B 341 47.97 -6.21 21.69
C ARG B 341 47.61 -6.66 20.30
N GLN B 342 46.41 -7.16 20.14
CA GLN B 342 45.91 -7.49 18.82
C GLN B 342 46.14 -6.33 17.89
N THR B 343 45.87 -5.13 18.36
CA THR B 343 46.32 -3.97 17.63
C THR B 343 47.81 -3.83 17.71
N VAL B 344 48.36 -3.93 18.93
CA VAL B 344 49.75 -3.53 19.15
C VAL B 344 50.63 -4.13 18.11
N ALA B 345 50.27 -5.33 17.67
CA ALA B 345 50.89 -5.94 16.52
C ALA B 345 50.98 -4.93 15.39
N ILE B 346 49.84 -4.60 14.78
CA ILE B 346 49.88 -3.67 13.67
C ILE B 346 50.50 -2.37 14.11
N LEU B 347 50.32 -2.01 15.37
CA LEU B 347 51.02 -0.87 15.89
C LEU B 347 52.49 -1.08 15.68
N ARG B 348 53.05 -2.00 16.47
CA ARG B 348 54.48 -2.20 16.39
C ARG B 348 54.88 -2.74 15.04
N GLY B 349 53.96 -3.45 14.37
CA GLY B 349 54.21 -3.80 12.99
C GLY B 349 54.42 -2.56 12.14
N LEU B 350 53.51 -1.62 12.23
CA LEU B 350 53.59 -0.46 11.38
C LEU B 350 54.37 0.68 12.02
N GLN B 351 54.68 0.55 13.30
CA GLN B 351 55.53 1.55 13.95
C GLN B 351 56.76 1.90 13.13
N PRO B 352 57.61 0.95 12.73
CA PRO B 352 58.70 1.34 11.86
C PRO B 352 58.21 1.94 10.59
N LYS B 353 57.05 1.49 10.14
CA LYS B 353 56.62 1.86 8.81
C LYS B 353 56.40 3.35 8.68
N TYR B 354 55.34 3.88 9.27
CA TYR B 354 55.05 5.24 8.92
C TYR B 354 55.99 6.23 9.57
N GLU B 355 56.63 5.83 10.67
CA GLU B 355 57.69 6.68 11.17
C GLU B 355 58.68 6.94 10.07
N ILE B 356 59.02 5.92 9.29
CA ILE B 356 59.85 6.22 8.15
C ILE B 356 59.01 6.71 6.96
N HIS B 357 57.79 6.21 6.77
CA HIS B 357 56.94 6.74 5.72
C HIS B 357 56.78 8.24 5.86
N HIS B 358 56.16 8.63 6.95
CA HIS B 358 55.98 10.03 7.25
C HIS B 358 57.25 10.64 7.85
N GLY B 359 58.33 9.86 7.90
CA GLY B 359 59.65 10.45 8.11
C GLY B 359 60.00 10.79 9.53
N VAL B 360 59.66 9.91 10.46
CA VAL B 360 59.86 10.16 11.88
C VAL B 360 60.25 8.86 12.57
N ARG B 361 60.18 8.86 13.90
CA ARG B 361 60.44 7.67 14.69
C ARG B 361 59.47 7.64 15.86
N ILE B 362 59.42 6.51 16.57
CA ILE B 362 58.29 6.24 17.46
C ILE B 362 58.75 5.53 18.73
N LEU B 363 57.93 5.65 19.77
CA LEU B 363 57.95 4.78 20.94
C LEU B 363 56.60 4.11 21.11
N ASP B 364 56.60 2.93 21.75
CA ASP B 364 55.33 2.42 22.24
C ASP B 364 54.74 3.32 23.31
N SER B 365 55.56 4.24 23.84
CA SER B 365 55.20 5.13 24.92
C SER B 365 53.80 5.63 24.70
N ALA B 366 53.64 6.43 23.66
CA ALA B 366 52.30 6.78 23.22
C ALA B 366 51.57 5.57 22.65
N LEU B 367 52.28 4.70 21.95
CA LEU B 367 51.67 3.80 20.99
C LEU B 367 50.51 3.04 21.60
N VAL B 368 50.81 2.14 22.52
CA VAL B 368 49.75 1.49 23.27
C VAL B 368 48.79 2.53 23.81
N THR B 369 49.33 3.57 24.41
CA THR B 369 48.50 4.54 25.10
C THR B 369 47.51 5.16 24.14
N ALA B 370 48.01 5.57 22.98
CA ALA B 370 47.12 5.96 21.91
C ALA B 370 46.05 4.91 21.76
N ALA B 371 46.48 3.71 21.40
CA ALA B 371 45.55 2.60 21.31
C ALA B 371 44.66 2.61 22.53
N GLN B 372 45.27 2.68 23.70
CA GLN B 372 44.48 2.75 24.91
C GLN B 372 43.55 3.94 24.79
N LEU B 373 44.15 5.11 24.90
CA LEU B 373 43.37 6.32 25.05
C LEU B 373 42.44 6.51 23.88
N ALA B 374 43.00 6.51 22.68
CA ALA B 374 42.20 6.78 21.50
C ALA B 374 41.00 5.87 21.49
N LYS B 375 41.23 4.56 21.57
CA LYS B 375 40.10 3.68 21.42
C LYS B 375 39.01 4.08 22.38
N ARG B 376 39.40 4.53 23.56
CA ARG B 376 38.37 5.19 24.34
C ARG B 376 38.08 6.52 23.67
N TYR B 377 39.05 7.42 23.69
CA TYR B 377 38.71 8.78 23.36
C TYR B 377 38.57 9.02 21.87
N LEU B 378 39.25 8.26 21.05
CA LEU B 378 38.72 8.30 19.70
C LEU B 378 37.45 7.48 19.73
N PRO B 379 36.32 8.13 19.51
CA PRO B 379 35.05 7.44 19.57
C PRO B 379 34.85 6.51 18.40
N TYR B 380 35.32 6.89 17.23
CA TYR B 380 34.66 6.50 16.01
C TYR B 380 35.04 5.14 15.48
N ARG B 381 36.21 5.12 14.88
CA ARG B 381 36.50 4.16 13.85
C ARG B 381 37.20 2.96 14.45
N ARG B 382 37.78 2.16 13.57
CA ARG B 382 38.65 1.11 14.04
C ARG B 382 39.89 1.74 14.61
N LEU B 383 40.10 1.51 15.88
CA LEU B 383 41.22 2.06 16.59
C LEU B 383 42.50 1.86 15.80
N PRO B 384 42.87 0.61 15.47
CA PRO B 384 44.21 0.39 14.96
C PRO B 384 44.50 1.34 13.85
N ASP B 385 43.55 1.45 12.95
CA ASP B 385 43.52 2.50 11.97
C ASP B 385 43.71 3.81 12.70
N SER B 386 42.67 4.22 13.42
CA SER B 386 42.65 5.54 14.00
C SER B 386 43.87 5.74 14.87
N ALA B 387 44.22 4.72 15.65
CA ALA B 387 45.43 4.82 16.44
C ALA B 387 46.60 5.17 15.54
N LEU B 388 46.85 4.33 14.54
CA LEU B 388 47.79 4.75 13.51
C LEU B 388 47.43 6.15 13.05
N ASP B 389 46.17 6.34 12.68
CA ASP B 389 45.77 7.64 12.17
C ASP B 389 46.18 8.71 13.14
N LEU B 390 45.80 8.53 14.38
CA LEU B 390 46.36 9.33 15.45
C LEU B 390 47.86 9.34 15.32
N VAL B 391 48.46 8.18 15.54
CA VAL B 391 49.90 8.06 15.51
C VAL B 391 50.46 8.79 14.30
N ASP B 392 49.92 8.48 13.13
CA ASP B 392 50.34 9.19 11.92
C ASP B 392 50.24 10.68 12.15
N ILE B 393 49.05 11.14 12.48
CA ILE B 393 48.90 12.57 12.67
C ILE B 393 49.62 12.99 13.92
N SER B 394 49.69 12.11 14.90
CA SER B 394 50.63 12.31 15.99
C SER B 394 52.03 12.47 15.41
N CYS B 395 52.48 11.45 14.68
CA CYS B 395 53.76 11.54 14.02
C CYS B 395 53.82 12.74 13.08
N ALA B 396 52.66 13.17 12.58
CA ALA B 396 52.67 14.31 11.68
C ALA B 396 52.95 15.59 12.43
N GLY B 397 52.04 15.97 13.32
CA GLY B 397 52.19 17.22 14.03
C GLY B 397 53.55 17.37 14.64
N VAL B 398 54.15 16.26 15.06
CA VAL B 398 55.50 16.36 15.57
C VAL B 398 56.48 16.56 14.44
N ALA B 399 56.34 15.79 13.37
CA ALA B 399 57.15 16.06 12.19
C ALA B 399 56.91 17.47 11.69
N VAL B 400 55.65 17.86 11.62
CA VAL B 400 55.33 19.26 11.32
C VAL B 400 56.08 20.14 12.31
N ALA B 401 55.95 19.84 13.60
CA ALA B 401 56.76 20.53 14.58
C ALA B 401 58.24 20.31 14.35
N ARG B 402 58.61 19.17 13.75
CA ARG B 402 60.02 18.78 13.70
C ARG B 402 60.84 19.74 12.85
N ASP B 403 60.45 19.93 11.59
CA ASP B 403 61.34 20.60 10.65
C ASP B 403 61.21 22.11 10.66
N SER B 404 60.41 22.67 11.56
CA SER B 404 60.24 24.11 11.58
C SER B 404 59.89 24.58 12.99
N SER B 530 64.16 20.31 15.32
CA SER B 530 63.90 18.91 15.03
C SER B 530 64.54 18.02 16.10
N MET B 531 64.53 18.50 17.34
CA MET B 531 65.18 17.81 18.43
C MET B 531 64.67 16.39 18.62
N ILE B 532 63.53 16.04 18.03
CA ILE B 532 62.99 14.71 18.09
C ILE B 532 62.82 14.18 16.69
N GLN B 533 62.83 12.88 16.57
CA GLN B 533 62.24 12.18 15.44
C GLN B 533 61.35 11.13 16.06
N ASN B 534 61.94 10.35 16.96
CA ASN B 534 61.16 9.47 17.82
C ASN B 534 60.03 10.25 18.46
N VAL B 535 58.93 9.55 18.72
CA VAL B 535 57.79 10.15 19.38
C VAL B 535 57.51 9.39 20.66
N VAL B 536 57.04 10.12 21.67
CA VAL B 536 56.84 9.60 23.01
C VAL B 536 55.35 9.69 23.27
N ASP B 537 54.95 9.38 24.50
CA ASP B 537 53.61 9.64 24.99
C ASP B 537 53.05 11.00 24.61
N SER B 538 53.58 12.02 25.26
CA SER B 538 52.69 13.05 25.78
C SER B 538 51.81 13.69 24.73
N ASP B 539 52.37 14.62 23.96
CA ASP B 539 51.53 15.35 23.02
C ASP B 539 51.06 14.42 21.93
N THR B 540 51.98 13.58 21.48
CA THR B 540 51.62 12.50 20.57
C THR B 540 50.38 11.81 21.08
N ILE B 541 50.30 11.64 22.38
CA ILE B 541 49.02 11.32 22.94
C ILE B 541 48.25 12.62 23.05
N SER B 542 48.67 13.44 23.98
CA SER B 542 47.73 14.34 24.61
C SER B 542 47.33 15.45 23.68
N GLU B 543 48.31 16.20 23.19
CA GLU B 543 48.00 17.24 22.24
C GLU B 543 47.15 16.66 21.13
N THR B 544 47.66 15.62 20.50
CA THR B 544 46.88 14.90 19.53
C THR B 544 45.53 14.52 20.11
N ALA B 545 45.54 13.85 21.25
CA ALA B 545 44.27 13.60 21.93
C ALA B 545 43.49 14.90 22.05
N ALA B 546 44.12 15.93 22.60
CA ALA B 546 43.45 17.22 22.63
C ALA B 546 43.09 17.65 21.24
N ARG B 547 44.05 17.55 20.31
CA ARG B 547 43.73 17.88 18.92
C ARG B 547 42.53 17.09 18.45
N LEU B 548 42.35 15.87 18.96
CA LEU B 548 41.06 15.26 18.83
C LEU B 548 40.03 15.97 19.69
N THR B 549 40.30 16.08 20.99
CA THR B 549 39.26 16.55 21.87
C THR B 549 39.69 17.74 22.71
N GLY B 550 40.47 17.51 23.73
CA GLY B 550 40.87 18.57 24.63
C GLY B 550 41.12 18.02 26.01
N ILE B 551 41.56 18.92 26.88
CA ILE B 551 41.84 18.62 28.27
C ILE B 551 42.81 17.46 28.35
N PRO B 552 44.05 17.66 27.90
CA PRO B 552 45.03 16.60 28.05
C PRO B 552 45.17 16.22 29.50
N VAL B 553 45.30 17.26 30.32
CA VAL B 553 45.71 17.11 31.70
C VAL B 553 44.97 15.96 32.37
N LYS B 554 43.66 15.95 32.21
CA LYS B 554 42.89 14.82 32.67
C LYS B 554 43.37 13.57 31.94
N LYS B 555 43.12 13.54 30.64
CA LYS B 555 43.49 12.38 29.85
C LYS B 555 44.95 12.04 30.08
N LEU B 556 45.79 13.07 30.11
CA LEU B 556 47.12 12.91 30.68
C LEU B 556 47.04 12.15 31.99
N SER B 557 46.42 12.77 32.97
CA SER B 557 46.59 12.36 34.34
C SER B 557 46.37 10.88 34.58
N GLU B 558 45.12 10.46 34.55
CA GLU B 558 44.70 9.44 35.48
C GLU B 558 44.41 8.12 34.79
N SER B 559 44.78 7.05 35.48
CA SER B 559 44.44 5.67 35.19
C SER B 559 43.12 5.29 35.81
N GLU B 560 42.40 6.28 36.30
CA GLU B 560 41.14 6.24 37.02
C GLU B 560 41.36 6.03 38.50
N ASN B 561 42.55 5.67 38.93
CA ASN B 561 42.79 5.31 40.32
C ASN B 561 42.35 6.43 41.26
N GLU B 562 42.98 7.59 41.14
CA GLU B 562 42.50 8.71 41.92
C GLU B 562 41.07 9.01 41.54
N LYS B 563 40.80 9.11 40.24
CA LYS B 563 39.43 9.21 39.78
C LYS B 563 38.57 8.15 40.40
N LEU B 564 39.09 6.95 40.58
CA LEU B 564 38.43 6.09 41.53
C LEU B 564 38.48 6.80 42.85
N ILE B 565 39.62 6.72 43.54
CA ILE B 565 39.59 6.92 44.97
C ILE B 565 39.06 8.29 45.35
N HIS B 566 39.84 9.33 45.13
CA HIS B 566 39.51 10.56 45.82
C HIS B 566 38.24 11.19 45.28
N MET B 567 37.73 10.62 44.20
CA MET B 567 36.43 11.01 43.66
C MET B 567 35.40 11.14 44.75
N GLU B 568 35.54 10.34 45.81
CA GLU B 568 34.64 10.38 46.94
C GLU B 568 34.37 11.82 47.28
N ARG B 569 35.39 12.45 47.84
CA ARG B 569 35.31 13.86 48.11
C ARG B 569 35.14 14.65 46.83
N ASP B 570 35.66 14.13 45.73
CA ASP B 570 35.65 14.93 44.53
C ASP B 570 34.26 14.93 43.91
N LEU B 571 33.69 13.76 43.74
CA LEU B 571 32.28 13.70 43.39
C LEU B 571 31.48 14.52 44.37
N SER B 572 31.87 14.50 45.63
CA SER B 572 31.09 15.12 46.69
C SER B 572 30.80 16.57 46.37
N SER B 573 31.57 17.14 45.45
CA SER B 573 31.45 18.52 45.05
C SER B 573 30.01 18.93 44.88
N GLU B 574 29.37 18.45 43.82
CA GLU B 574 28.11 19.07 43.44
C GLU B 574 27.07 18.99 44.53
N VAL B 575 26.69 17.79 44.94
CA VAL B 575 25.48 17.68 45.73
C VAL B 575 25.85 17.53 47.20
N VAL B 576 25.54 18.55 47.97
CA VAL B 576 25.48 18.42 49.41
C VAL B 576 24.59 17.25 49.77
N GLY B 577 25.08 16.42 50.68
CA GLY B 577 24.27 15.34 51.10
C GLY B 577 24.05 14.41 49.93
N GLN B 578 23.18 13.44 50.16
CA GLN B 578 23.02 12.33 49.25
C GLN B 578 24.39 11.70 49.00
N MET B 579 25.22 11.81 50.03
CA MET B 579 26.50 11.15 50.04
C MET B 579 26.35 9.69 49.68
N ASP B 580 25.18 9.14 49.95
CA ASP B 580 24.91 7.74 49.67
C ASP B 580 25.20 7.39 48.22
N ALA B 581 24.34 7.83 47.31
CA ALA B 581 24.63 7.64 45.90
C ALA B 581 26.00 8.15 45.58
N ILE B 582 26.34 9.32 46.12
CA ILE B 582 27.70 9.81 46.05
C ILE B 582 28.67 8.69 46.41
N LYS B 583 28.63 8.26 47.67
CA LYS B 583 29.41 7.10 48.07
C LYS B 583 29.13 5.96 47.11
N ALA B 584 27.91 5.46 47.18
CA ALA B 584 27.55 4.24 46.49
C ALA B 584 27.92 4.35 45.03
N VAL B 585 27.17 5.16 44.30
CA VAL B 585 27.25 5.13 42.85
C VAL B 585 28.69 5.18 42.39
N SER B 586 29.44 6.16 42.89
CA SER B 586 30.84 6.25 42.55
C SER B 586 31.48 4.92 42.85
N ASN B 587 31.55 4.60 44.13
CA ASN B 587 32.02 3.30 44.54
C ASN B 587 31.38 2.24 43.68
N ALA B 588 30.06 2.32 43.52
CA ALA B 588 29.37 1.38 42.65
C ALA B 588 29.97 1.42 41.26
N VAL B 589 30.03 2.60 40.66
CA VAL B 589 30.47 2.59 39.28
C VAL B 589 31.93 2.24 39.21
N ARG B 590 32.69 2.65 40.22
CA ARG B 590 34.02 2.09 40.37
C ARG B 590 33.93 0.58 40.26
N LEU B 591 33.01 -0.01 41.01
CA LEU B 591 32.76 -1.42 40.86
C LEU B 591 32.09 -1.73 39.53
N SER B 592 31.36 -0.79 38.96
CA SER B 592 30.87 -1.06 37.62
C SER B 592 32.04 -1.22 36.67
N ARG B 593 32.97 -0.30 36.72
CA ARG B 593 34.23 -0.55 36.03
C ARG B 593 34.97 -1.63 36.82
N SER B 594 36.18 -1.94 36.38
CA SER B 594 37.01 -3.05 36.83
C SER B 594 36.52 -4.35 36.22
N GLY B 595 35.32 -4.38 35.66
CA GLY B 595 34.85 -5.55 34.96
C GLY B 595 34.65 -6.77 35.83
N LEU B 596 34.58 -6.58 37.15
CA LEU B 596 34.37 -7.71 38.05
C LEU B 596 33.01 -8.36 37.88
N ALA B 597 32.16 -7.78 37.05
CA ALA B 597 30.91 -8.36 36.61
C ALA B 597 30.96 -8.37 35.10
N ASN B 598 29.81 -8.54 34.48
CA ASN B 598 29.76 -8.74 33.06
C ASN B 598 30.63 -7.72 32.36
N PRO B 599 31.63 -8.15 31.60
CA PRO B 599 32.39 -7.19 30.81
C PRO B 599 31.46 -6.42 29.93
N ARG B 600 30.44 -7.08 29.45
CA ARG B 600 29.39 -6.40 28.75
C ARG B 600 28.20 -6.35 29.70
N GLN B 601 28.00 -5.18 30.27
CA GLN B 601 26.78 -4.74 30.91
C GLN B 601 27.12 -3.42 31.59
N PRO B 602 26.27 -2.44 31.51
CA PRO B 602 26.68 -1.08 31.89
C PRO B 602 26.42 -0.71 33.34
N ALA B 603 26.77 0.52 33.69
CA ALA B 603 26.40 1.12 34.97
C ALA B 603 24.99 1.70 34.85
N SER B 604 24.12 1.30 35.78
CA SER B 604 22.69 1.28 35.56
C SER B 604 21.98 2.03 36.67
N PHE B 605 21.28 3.10 36.31
CA PHE B 605 20.84 3.99 37.37
C PHE B 605 19.46 4.54 37.12
N LEU B 606 18.64 4.46 38.15
CA LEU B 606 17.33 5.06 38.24
C LEU B 606 17.31 5.83 39.54
N PHE B 607 16.86 7.08 39.51
CA PHE B 607 17.14 7.94 40.64
C PHE B 607 15.89 8.56 41.22
N LEU B 608 16.03 9.06 42.44
CA LEU B 608 14.91 9.55 43.21
C LEU B 608 15.28 10.84 43.90
N GLY B 609 14.34 11.76 43.95
CA GLY B 609 14.59 13.12 44.34
C GLY B 609 13.58 14.02 43.65
N LEU B 610 14.00 15.26 43.42
CA LEU B 610 13.31 16.11 42.47
C LEU B 610 14.28 16.57 41.41
N SER B 611 13.85 16.49 40.17
CA SER B 611 14.53 17.15 39.09
C SER B 611 14.74 18.61 39.46
N GLY B 612 15.99 19.05 39.37
CA GLY B 612 16.37 20.28 40.01
C GLY B 612 17.28 20.09 41.20
N SER B 613 17.68 18.86 41.50
CA SER B 613 18.54 18.63 42.65
C SER B 613 20.02 18.52 42.30
N GLY B 614 20.42 18.74 41.05
CA GLY B 614 21.81 18.64 40.64
C GLY B 614 22.26 17.23 40.28
N LYS B 615 21.51 16.21 40.70
CA LYS B 615 21.78 14.85 40.26
C LYS B 615 22.06 14.79 38.78
N THR B 616 21.23 15.46 38.00
CA THR B 616 21.40 15.44 36.57
C THR B 616 22.78 15.96 36.23
N GLU B 617 23.08 17.17 36.67
CA GLU B 617 24.47 17.60 36.66
C GLU B 617 25.35 16.55 37.27
N LEU B 618 24.99 16.05 38.44
CA LEU B 618 25.85 15.07 39.07
C LEU B 618 26.26 14.02 38.08
N ALA B 619 25.31 13.51 37.32
CA ALA B 619 25.67 12.69 36.18
C ALA B 619 26.70 13.45 35.40
N LYS B 620 26.26 14.55 34.79
CA LYS B 620 27.16 15.34 33.96
C LYS B 620 28.41 15.68 34.72
N LYS B 621 28.27 16.01 36.00
CA LYS B 621 29.44 16.08 36.86
C LYS B 621 30.26 14.83 36.72
N VAL B 622 29.65 13.69 36.98
CA VAL B 622 30.46 12.49 37.04
C VAL B 622 30.91 12.09 35.67
N ALA B 623 30.00 12.16 34.69
CA ALA B 623 30.45 12.01 33.32
C ALA B 623 31.58 12.98 33.05
N GLY B 624 31.32 14.27 33.24
CA GLY B 624 32.39 15.23 33.16
C GLY B 624 33.53 14.84 34.06
N PHE B 625 33.20 14.37 35.25
CA PHE B 625 34.25 13.76 36.05
C PHE B 625 34.86 12.60 35.30
N LEU B 626 34.10 11.52 35.09
CA LEU B 626 34.66 10.42 34.36
C LEU B 626 35.00 10.81 32.94
N PHE B 627 33.98 10.99 32.13
CA PHE B 627 34.16 11.05 30.71
C PHE B 627 34.82 12.33 30.26
N ASN B 628 35.03 13.28 31.16
CA ASN B 628 35.61 14.56 30.78
C ASN B 628 34.72 15.25 29.76
N ASP B 629 33.44 15.33 30.09
CA ASP B 629 32.46 15.96 29.22
C ASP B 629 31.11 15.92 29.89
N GLU B 630 30.28 16.89 29.56
CA GLU B 630 28.89 16.87 29.93
C GLU B 630 28.06 16.15 28.90
N ASP B 631 28.41 16.36 27.63
CA ASP B 631 27.63 15.89 26.51
C ASP B 631 27.54 14.39 26.50
N MET B 632 28.40 13.75 27.29
CA MET B 632 28.21 12.35 27.61
C MET B 632 26.77 12.11 28.01
N MET B 633 26.23 12.97 28.88
CA MET B 633 24.82 12.91 29.17
C MET B 633 24.04 13.10 27.88
N ILE B 634 22.94 12.39 27.78
CA ILE B 634 22.14 12.42 26.58
C ILE B 634 20.68 12.49 26.99
N ARG B 635 19.90 13.21 26.22
CA ARG B 635 18.57 13.63 26.64
C ARG B 635 17.54 12.91 25.80
N VAL B 636 16.81 12.01 26.44
CA VAL B 636 15.58 11.48 25.88
C VAL B 636 14.59 11.45 27.02
N ASP B 637 13.51 12.21 26.89
CA ASP B 637 12.54 12.24 27.95
C ASP B 637 11.48 11.20 27.69
N CYS B 638 11.26 10.36 28.70
CA CYS B 638 10.20 9.37 28.60
C CYS B 638 8.89 10.04 28.28
N SER B 639 8.72 11.30 28.70
CA SER B 639 7.58 12.08 28.27
C SER B 639 7.54 12.20 26.76
N GLU B 640 8.70 12.25 26.13
CA GLU B 640 8.67 12.32 24.68
C GLU B 640 8.26 11.01 24.08
N LEU B 641 8.13 9.97 24.89
CA LEU B 641 8.13 8.62 24.37
C LEU B 641 6.77 8.04 24.68
N SER B 642 5.96 7.81 23.66
CA SER B 642 4.62 7.40 23.98
C SER B 642 4.46 5.89 23.88
N GLU B 643 4.30 5.36 22.69
CA GLU B 643 4.28 3.92 22.59
C GLU B 643 5.19 3.56 21.43
N LYS B 644 4.85 4.09 20.26
CA LYS B 644 5.52 3.77 19.03
C LYS B 644 6.82 4.53 18.88
N TYR B 645 7.15 5.33 19.89
CA TYR B 645 8.42 6.03 19.88
C TYR B 645 9.58 5.09 19.63
N ALA B 646 9.44 3.81 19.97
CA ALA B 646 10.47 2.86 19.64
C ALA B 646 10.90 3.01 18.19
N VAL B 647 10.01 3.50 17.36
CA VAL B 647 10.43 4.06 16.09
C VAL B 647 11.37 5.23 16.33
N SER B 648 10.82 6.35 16.82
CA SER B 648 11.56 7.59 16.73
C SER B 648 12.87 7.55 17.50
N LYS B 649 13.00 6.64 18.46
CA LYS B 649 14.30 6.45 19.08
C LYS B 649 15.31 6.00 18.06
N LEU B 650 14.87 5.16 17.13
CA LEU B 650 15.76 4.26 16.44
C LEU B 650 14.94 3.35 15.56
N LEU B 651 15.53 2.76 14.52
CA LEU B 651 14.69 2.09 13.55
C LEU B 651 15.40 1.26 12.47
N GLY B 652 14.71 0.24 11.97
CA GLY B 652 15.19 -0.50 10.84
C GLY B 652 15.03 0.33 9.59
N THR B 653 16.13 0.55 8.88
CA THR B 653 16.16 1.53 7.80
C THR B 653 14.98 2.29 7.24
N TYR B 660 10.63 6.41 8.16
CA TYR B 660 11.87 7.14 7.95
C TYR B 660 13.05 6.23 7.76
N ASP B 661 14.19 6.85 7.46
CA ASP B 661 15.48 6.19 7.60
C ASP B 661 16.40 7.17 8.31
N GLU B 662 16.82 6.83 9.52
CA GLU B 662 17.62 7.71 10.35
C GLU B 662 18.55 6.89 11.23
N GLY B 663 19.70 7.48 11.55
CA GLY B 663 20.59 6.91 12.53
C GLY B 663 19.86 6.81 13.85
N GLY B 664 19.81 5.62 14.44
CA GLY B 664 18.90 5.43 15.56
C GLY B 664 19.26 6.46 16.59
N PHE B 665 18.32 7.37 16.84
CA PHE B 665 18.69 8.61 17.48
C PHE B 665 19.48 8.34 18.74
N LEU B 666 19.08 7.30 19.44
CA LEU B 666 19.75 6.82 20.63
C LEU B 666 21.20 6.58 20.29
N THR B 667 21.40 5.50 19.55
CA THR B 667 22.70 5.22 18.98
C THR B 667 23.25 6.49 18.38
N ASN B 668 22.43 7.14 17.57
CA ASN B 668 22.93 8.14 16.66
C ASN B 668 23.91 9.05 17.38
N GLN B 669 23.62 9.35 18.65
CA GLN B 669 24.59 10.03 19.49
C GLN B 669 25.65 9.09 20.02
N LEU B 670 25.23 7.93 20.56
CA LEU B 670 26.22 6.94 20.94
C LEU B 670 26.97 6.46 19.74
N GLN B 671 26.23 6.09 18.69
CA GLN B 671 26.83 5.88 17.39
C GLN B 671 27.81 6.98 17.10
N TYR B 672 27.41 8.22 17.34
CA TYR B 672 28.42 9.24 17.38
C TYR B 672 29.38 8.97 18.53
N LYS B 673 28.87 8.89 19.75
CA LYS B 673 29.74 8.97 20.93
C LYS B 673 29.61 7.72 21.79
N PRO B 674 30.42 6.71 21.52
CA PRO B 674 30.35 5.44 22.27
C PRO B 674 30.69 5.55 23.74
N TYR B 675 31.24 6.65 24.19
CA TYR B 675 31.52 6.84 25.59
C TYR B 675 30.66 8.00 26.01
N SER B 676 29.67 7.75 26.85
CA SER B 676 28.62 8.76 27.02
C SER B 676 27.81 8.43 28.26
N VAL B 677 26.70 9.11 28.42
CA VAL B 677 25.82 8.88 29.56
C VAL B 677 24.37 9.04 29.11
N LEU B 678 23.51 8.19 29.65
CA LEU B 678 22.09 8.22 29.32
C LEU B 678 21.27 8.47 30.58
N LEU B 679 20.69 9.65 30.69
CA LEU B 679 19.76 9.94 31.76
C LEU B 679 18.41 10.24 31.13
N PHE B 680 17.45 9.38 31.41
CA PHE B 680 16.14 9.46 30.82
C PHE B 680 15.14 9.34 31.95
N ASP B 681 14.20 10.26 32.01
CA ASP B 681 13.39 10.40 33.20
C ASP B 681 11.93 10.58 32.80
N GLU B 682 11.08 10.53 33.81
CA GLU B 682 9.68 10.15 33.61
C GLU B 682 9.64 8.71 33.11
N VAL B 683 10.68 7.97 33.49
CA VAL B 683 10.78 6.56 33.16
C VAL B 683 9.45 5.90 33.42
N GLU B 684 8.79 6.37 34.48
CA GLU B 684 7.41 6.02 34.70
C GLU B 684 6.57 6.18 33.45
N LYS B 685 6.67 7.30 32.72
CA LYS B 685 5.94 7.28 31.46
C LYS B 685 6.53 6.28 30.49
N ALA B 686 7.85 6.10 30.53
CA ALA B 686 8.48 5.27 29.51
C ALA B 686 7.77 3.94 29.42
N HIS B 687 7.41 3.57 28.24
CA HIS B 687 6.44 2.49 28.21
C HIS B 687 7.14 1.18 27.95
N PRO B 688 6.86 0.19 28.78
CA PRO B 688 7.75 -0.97 28.91
C PRO B 688 8.16 -1.56 27.58
N ASP B 689 7.37 -1.25 26.57
CA ASP B 689 7.84 -1.34 25.21
C ASP B 689 9.26 -0.79 25.17
N VAL B 690 9.48 0.31 25.90
CA VAL B 690 10.81 0.87 25.97
C VAL B 690 11.80 -0.15 26.53
N LEU B 691 11.46 -0.74 27.66
CA LEU B 691 12.52 -1.32 28.47
C LEU B 691 13.22 -2.45 27.77
N THR B 692 12.55 -3.08 26.82
CA THR B 692 13.15 -4.25 26.20
C THR B 692 14.53 -3.92 25.66
N VAL B 693 14.66 -2.79 25.01
CA VAL B 693 15.99 -2.40 24.62
C VAL B 693 16.72 -1.86 25.82
N MET B 694 16.02 -1.09 26.63
CA MET B 694 16.58 -0.73 27.92
C MET B 694 17.08 -1.99 28.56
N LEU B 695 16.30 -3.05 28.48
CA LEU B 695 16.79 -4.34 28.93
C LEU B 695 18.09 -4.65 28.25
N GLN B 696 18.08 -4.73 26.92
CA GLN B 696 19.34 -4.85 26.23
C GLN B 696 20.31 -3.84 26.77
N MET B 697 19.85 -2.61 26.90
CA MET B 697 20.71 -1.57 27.44
C MET B 697 21.05 -1.88 28.88
N LEU B 698 20.05 -2.19 29.70
CA LEU B 698 20.34 -2.77 30.99
C LEU B 698 21.35 -3.88 30.82
N ASP B 699 21.11 -4.73 29.85
CA ASP B 699 21.92 -5.90 29.67
C ASP B 699 23.26 -5.53 29.08
N ASP B 700 24.20 -6.46 29.19
CA ASP B 700 25.03 -6.85 28.06
C ASP B 700 25.87 -5.73 27.48
N GLY B 701 25.60 -4.50 27.89
CA GLY B 701 26.41 -3.37 27.53
C GLY B 701 26.72 -3.18 26.06
N ARG B 702 25.95 -3.76 25.14
CA ARG B 702 26.11 -3.49 23.72
C ARG B 702 24.75 -3.51 23.07
N ILE B 703 24.47 -2.49 22.24
CA ILE B 703 23.08 -2.17 21.94
C ILE B 703 22.85 -2.12 20.45
N THR B 704 21.86 -2.86 19.99
CA THR B 704 21.45 -2.91 18.61
C THR B 704 20.98 -1.55 18.13
N SER B 705 21.01 -1.38 16.81
CA SER B 705 20.21 -0.37 16.16
C SER B 705 18.96 -1.04 15.58
N GLY B 706 18.14 -0.26 14.90
CA GLY B 706 16.95 -0.81 14.29
C GLY B 706 17.34 -1.48 13.00
N GLN B 707 18.19 -0.81 12.22
CA GLN B 707 18.93 -1.53 11.21
C GLN B 707 19.77 -2.63 11.82
N GLY B 708 19.90 -2.65 13.14
CA GLY B 708 20.49 -3.74 13.87
C GLY B 708 21.85 -3.45 14.44
N LYS B 709 22.54 -2.42 13.98
CA LYS B 709 23.91 -2.22 14.38
C LYS B 709 23.99 -2.10 15.88
N THR B 710 24.80 -2.97 16.48
CA THR B 710 24.85 -3.12 17.92
C THR B 710 26.14 -2.52 18.44
N ILE B 711 26.06 -1.75 19.52
CA ILE B 711 27.20 -0.98 19.95
C ILE B 711 27.20 -0.91 21.47
N ASP B 712 28.41 -0.72 22.02
CA ASP B 712 28.63 -0.78 23.45
C ASP B 712 27.70 0.15 24.21
N CYS B 713 26.95 -0.44 25.13
CA CYS B 713 26.32 0.36 26.17
C CYS B 713 27.28 0.62 27.32
N SER B 714 28.03 -0.42 27.71
CA SER B 714 28.79 -0.39 28.96
C SER B 714 29.68 0.84 29.08
N ASN B 715 30.29 1.25 27.99
CA ASN B 715 31.16 2.40 28.07
C ASN B 715 30.38 3.69 27.99
N CYS B 716 29.07 3.59 28.01
CA CYS B 716 28.22 4.70 28.37
C CYS B 716 27.49 4.34 29.64
N ILE B 717 26.98 5.34 30.34
CA ILE B 717 26.30 5.11 31.60
C ILE B 717 24.86 5.52 31.47
N VAL B 718 23.97 4.68 31.94
CA VAL B 718 22.54 4.83 31.68
C VAL B 718 21.84 5.13 32.99
N ILE B 719 21.07 6.21 32.99
CA ILE B 719 20.59 6.80 34.21
C ILE B 719 19.12 7.13 34.05
N MET B 720 18.39 7.05 35.15
CA MET B 720 16.95 7.24 35.13
C MET B 720 16.54 7.90 36.44
N THR B 721 15.38 8.55 36.44
CA THR B 721 14.74 8.93 37.69
C THR B 721 13.26 8.67 37.57
N SER B 722 12.60 8.59 38.72
CA SER B 722 11.16 8.71 38.78
C SER B 722 10.81 9.80 39.77
N ASN B 723 9.62 10.33 39.59
CA ASN B 723 9.01 11.28 40.49
C ASN B 723 8.08 10.61 41.49
N LEU B 724 8.02 9.28 41.46
CA LEU B 724 6.96 8.57 42.16
C LEU B 724 6.84 8.99 43.62
N GLY B 725 7.96 9.02 44.33
CA GLY B 725 7.92 9.17 45.76
C GLY B 725 7.67 10.57 46.24
N ALA B 726 7.28 11.49 45.36
CA ALA B 726 6.97 12.84 45.80
C ALA B 726 6.06 12.80 47.02
N GLU B 727 5.04 11.96 46.94
CA GLU B 727 4.30 11.55 48.11
C GLU B 727 5.24 11.12 49.19
N PHE B 728 6.07 10.13 48.90
CA PHE B 728 6.93 9.56 49.92
C PHE B 728 8.04 10.54 50.23
N ILE B 729 8.41 11.36 49.25
CA ILE B 729 9.28 12.49 49.50
C ILE B 729 8.77 13.30 50.66
N ASN B 730 7.45 13.38 50.81
CA ASN B 730 6.92 14.12 51.95
C ASN B 730 7.54 13.66 53.26
N SER B 731 7.90 12.39 53.34
CA SER B 731 8.73 11.94 54.45
C SER B 731 10.03 12.74 54.53
N GLN B 732 10.95 12.52 53.57
CA GLN B 732 12.18 13.30 53.57
C GLN B 732 11.90 14.79 53.42
N GLN B 733 10.67 15.18 53.06
CA GLN B 733 10.30 16.57 53.27
C GLN B 733 10.32 16.90 54.75
N GLY B 734 9.84 16.00 55.60
CA GLY B 734 10.17 16.11 56.99
C GLY B 734 11.52 15.51 57.32
N SER B 735 12.36 15.33 56.31
CA SER B 735 13.64 14.64 56.38
C SER B 735 13.49 13.22 56.88
N LYS B 736 12.30 12.66 56.76
CA LYS B 736 11.96 11.43 57.47
C LYS B 736 12.68 10.25 56.87
N ILE B 737 12.75 9.16 57.65
CA ILE B 737 13.67 8.06 57.37
C ILE B 737 13.48 7.56 55.97
N GLN B 738 14.59 7.58 55.23
CA GLN B 738 14.50 7.28 53.82
C GLN B 738 14.19 5.81 53.63
N GLU B 739 15.04 4.95 54.16
CA GLU B 739 14.84 3.52 54.01
C GLU B 739 13.40 3.15 54.31
N SER B 740 12.92 3.59 55.46
CA SER B 740 11.52 3.46 55.80
C SER B 740 10.68 3.83 54.60
N THR B 741 10.75 5.09 54.20
CA THR B 741 9.97 5.47 53.05
C THR B 741 10.51 4.84 51.78
N LYS B 742 11.83 4.61 51.69
CA LYS B 742 12.35 3.86 50.54
C LYS B 742 11.60 2.56 50.38
N ASN B 743 11.49 1.82 51.47
CA ASN B 743 10.70 0.60 51.47
C ASN B 743 9.33 0.90 50.94
N LEU B 744 8.67 1.88 51.55
CA LEU B 744 7.50 2.48 50.93
C LEU B 744 7.78 2.87 49.49
N VAL B 745 8.90 3.53 49.24
CA VAL B 745 9.16 4.08 47.91
C VAL B 745 9.20 2.97 46.88
N MET B 746 10.09 1.99 47.08
CA MET B 746 10.27 0.98 46.05
C MET B 746 8.94 0.45 45.60
N GLY B 747 8.08 0.11 46.55
CA GLY B 747 6.80 -0.49 46.20
C GLY B 747 6.17 0.24 45.05
N ALA B 748 6.20 1.55 45.10
CA ALA B 748 5.77 2.33 43.95
C ALA B 748 6.52 1.85 42.72
N VAL B 749 7.80 2.17 42.61
CA VAL B 749 8.53 1.72 41.44
C VAL B 749 8.46 0.22 41.31
N ARG B 750 8.52 -0.48 42.43
CA ARG B 750 8.38 -1.91 42.39
C ARG B 750 7.08 -2.30 41.70
N GLN B 751 6.06 -1.46 41.81
CA GLN B 751 4.81 -1.72 41.10
C GLN B 751 4.90 -1.41 39.63
N HIS B 752 5.87 -0.64 39.20
CA HIS B 752 5.79 -0.07 37.88
C HIS B 752 6.46 -0.91 36.81
N PHE B 753 7.09 -2.01 37.17
CA PHE B 753 7.96 -2.60 36.17
C PHE B 753 7.99 -4.11 36.28
N ARG B 754 8.17 -4.72 35.13
CA ARG B 754 8.75 -6.05 35.11
C ARG B 754 10.00 -6.01 35.98
N PRO B 755 10.15 -6.93 36.90
CA PRO B 755 11.24 -6.80 37.87
C PRO B 755 12.59 -6.69 37.20
N GLU B 756 12.80 -7.50 36.18
CA GLU B 756 14.08 -7.59 35.49
C GLU B 756 14.62 -6.21 35.22
N PHE B 757 13.74 -5.37 34.68
CA PHE B 757 13.97 -3.95 34.49
C PHE B 757 14.65 -3.42 35.72
N LEU B 758 13.91 -3.42 36.81
CA LEU B 758 14.47 -3.06 38.09
C LEU B 758 15.74 -3.84 38.33
N ASN B 759 15.68 -5.14 38.09
CA ASN B 759 16.68 -6.00 38.67
C ASN B 759 18.01 -5.89 37.97
N ARG B 760 18.10 -5.10 36.92
CA ARG B 760 19.42 -4.83 36.38
C ARG B 760 20.12 -3.73 37.14
N ILE B 761 19.38 -2.69 37.51
CA ILE B 761 19.97 -1.43 37.93
C ILE B 761 21.06 -1.64 38.97
N SER B 762 22.14 -0.88 38.79
CA SER B 762 23.12 -0.75 39.85
C SER B 762 22.44 -0.36 41.16
N SER B 763 21.94 0.87 41.24
CA SER B 763 21.19 1.26 42.43
C SER B 763 20.25 2.41 42.11
N ILE B 764 19.37 2.67 43.08
CA ILE B 764 18.37 3.72 42.98
C ILE B 764 18.35 4.49 44.27
N VAL B 765 18.33 5.81 44.20
CA VAL B 765 18.62 6.63 45.37
C VAL B 765 17.71 7.85 45.41
N ILE B 766 17.12 8.09 46.56
CA ILE B 766 16.46 9.35 46.84
C ILE B 766 17.48 10.45 46.99
N PHE B 767 17.12 11.66 46.62
CA PHE B 767 18.00 12.80 46.75
C PHE B 767 17.29 13.79 47.65
N ASN B 768 17.81 13.99 48.85
CA ASN B 768 17.10 14.80 49.82
C ASN B 768 17.05 16.26 49.40
N LYS B 769 16.04 16.94 49.91
CA LYS B 769 15.87 18.36 49.70
C LYS B 769 16.85 19.17 50.55
N LEU B 770 16.95 20.46 50.22
CA LEU B 770 18.01 21.32 50.72
C LEU B 770 18.10 21.32 52.23
N SER B 771 19.27 20.97 52.75
CA SER B 771 19.77 21.63 53.92
C SER B 771 20.44 22.92 53.50
N ARG B 772 20.52 23.87 54.42
CA ARG B 772 21.22 25.11 54.13
C ARG B 772 22.59 24.85 53.56
N LYS B 773 23.21 23.75 53.98
CA LYS B 773 24.52 23.39 53.48
C LYS B 773 24.58 23.51 51.97
N ALA B 774 23.56 23.02 51.30
CA ALA B 774 23.51 23.15 49.86
C ALA B 774 23.55 24.62 49.47
N ILE B 775 22.59 25.37 49.97
CA ILE B 775 22.26 26.68 49.47
C ILE B 775 23.51 27.53 49.28
N HIS B 776 24.14 27.90 50.37
CA HIS B 776 25.36 28.70 50.25
C HIS B 776 26.36 28.02 49.33
N LYS B 777 26.38 26.70 49.31
CA LYS B 777 27.22 26.07 48.31
C LYS B 777 26.57 26.16 46.95
N ILE B 778 25.26 25.90 46.88
CA ILE B 778 24.54 26.22 45.64
C ILE B 778 24.85 27.65 45.26
N VAL B 779 24.89 28.52 46.25
CA VAL B 779 25.40 29.86 46.02
C VAL B 779 26.81 29.77 45.48
N ASP B 780 27.69 29.09 46.21
CA ASP B 780 29.04 28.91 45.72
C ASP B 780 29.01 28.44 44.29
N ILE B 781 28.18 27.44 44.02
CA ILE B 781 27.94 27.04 42.64
C ILE B 781 27.64 28.27 41.82
N ARG B 782 26.59 28.97 42.22
CA ARG B 782 26.26 30.20 41.53
C ARG B 782 27.45 31.12 41.54
N LEU B 783 28.01 31.35 42.73
CA LEU B 783 29.27 32.08 42.82
C LEU B 783 30.27 31.55 41.82
N LYS B 784 30.35 30.22 41.72
CA LYS B 784 31.32 29.68 40.79
C LYS B 784 30.96 30.00 39.36
N GLU B 785 29.71 29.81 39.00
CA GLU B 785 29.34 30.17 37.65
C GLU B 785 29.27 31.69 37.45
N ILE B 786 29.37 32.46 38.52
CA ILE B 786 29.61 33.89 38.35
C ILE B 786 30.93 34.06 37.63
N GLU B 787 31.98 33.76 38.37
CA GLU B 787 33.35 34.09 38.05
C GLU B 787 33.83 33.39 36.81
N GLU B 788 32.98 32.54 36.25
CA GLU B 788 33.38 31.63 35.19
C GLU B 788 34.30 32.31 34.18
N ARG B 789 33.79 33.24 33.40
CA ARG B 789 34.67 34.18 32.74
C ARG B 789 34.67 35.55 33.37
N PHE B 790 33.79 35.81 34.33
CA PHE B 790 33.21 37.15 34.39
C PHE B 790 33.94 38.05 35.37
N GLU B 791 33.86 37.71 36.65
CA GLU B 791 34.44 38.55 37.69
C GLU B 791 35.92 38.83 37.44
N GLN B 792 36.56 38.14 36.49
CA GLN B 792 37.80 38.66 35.90
C GLN B 792 37.80 38.76 34.38
N ASN B 793 38.00 37.64 33.67
CA ASN B 793 38.42 37.76 32.27
C ASN B 793 37.38 38.50 31.47
N ASP B 794 36.13 38.35 31.85
CA ASP B 794 35.06 38.92 31.08
C ASP B 794 34.63 40.20 31.77
N LYS B 795 33.93 40.06 32.89
CA LYS B 795 33.44 41.24 33.58
C LYS B 795 34.51 41.92 34.43
N HIS B 796 35.37 41.15 35.06
CA HIS B 796 36.39 41.69 35.97
C HIS B 796 35.78 42.33 37.21
N TYR B 797 34.56 41.97 37.59
CA TYR B 797 33.87 42.61 38.69
C TYR B 797 33.86 41.72 39.93
N LYS B 798 34.51 42.18 41.00
CA LYS B 798 34.54 41.41 42.23
C LYS B 798 33.14 41.28 42.85
N LEU B 799 32.96 40.26 43.67
CA LEU B 799 31.63 39.98 44.19
C LEU B 799 31.67 39.67 45.67
N ASN B 800 30.93 40.45 46.46
CA ASN B 800 30.71 40.18 47.86
C ASN B 800 29.23 39.89 48.08
N LEU B 801 28.94 39.23 49.19
CA LEU B 801 27.57 38.87 49.51
C LEU B 801 27.27 39.16 50.97
N THR B 802 26.11 39.73 51.21
CA THR B 802 25.55 39.66 52.55
C THR B 802 25.11 38.23 52.83
N GLN B 803 24.96 37.92 54.11
CA GLN B 803 24.24 36.69 54.40
C GLN B 803 22.82 36.79 53.90
N GLU B 804 22.25 37.99 53.94
CA GLU B 804 21.05 38.25 53.15
C GLU B 804 21.23 37.71 51.76
N ALA B 805 22.30 38.16 51.10
CA ALA B 805 22.57 37.72 49.75
C ALA B 805 22.55 36.21 49.67
N LYS B 806 22.92 35.54 50.77
CA LYS B 806 22.60 34.13 50.86
C LYS B 806 21.13 33.95 51.23
N ASP B 807 20.70 34.67 52.25
CA ASP B 807 19.43 34.36 52.89
C ASP B 807 18.27 34.83 52.03
N PHE B 808 18.36 36.07 51.55
CA PHE B 808 17.32 36.63 50.68
C PHE B 808 17.00 35.63 49.59
N LEU B 809 18.03 35.06 49.00
CA LEU B 809 17.86 33.87 48.21
C LEU B 809 17.24 32.81 49.08
N ALA B 810 18.03 32.32 50.04
CA ALA B 810 17.65 31.16 50.82
C ALA B 810 16.22 31.30 51.31
N LYS B 811 15.80 32.52 51.59
CA LYS B 811 14.39 32.84 51.75
C LYS B 811 13.59 32.18 50.65
N TYR B 812 13.74 32.69 49.44
CA TYR B 812 13.05 32.12 48.30
C TYR B 812 13.90 31.06 47.64
N GLY B 813 15.02 30.71 48.25
CA GLY B 813 15.95 29.82 47.59
C GLY B 813 15.29 28.54 47.13
N TYR B 814 14.65 27.83 48.06
CA TYR B 814 14.12 26.52 47.75
C TYR B 814 12.67 26.64 47.31
N SER B 815 12.43 26.40 46.03
CA SER B 815 11.09 26.03 45.63
C SER B 815 10.80 24.67 46.23
N ASP B 816 9.56 24.48 46.68
CA ASP B 816 9.19 23.15 47.12
C ASP B 816 9.55 22.16 46.04
N ASP B 817 8.77 22.19 44.99
CA ASP B 817 9.07 21.35 43.85
C ASP B 817 10.42 21.70 43.24
N MET B 818 10.60 22.95 42.82
CA MET B 818 11.70 23.27 41.93
C MET B 818 12.96 23.67 42.68
N GLY B 819 12.97 23.59 44.00
CA GLY B 819 14.19 23.80 44.74
C GLY B 819 14.79 25.16 44.46
N ALA B 820 16.11 25.16 44.36
CA ALA B 820 16.81 26.38 43.98
C ALA B 820 16.77 26.65 42.50
N ARG B 821 16.37 25.66 41.71
CA ARG B 821 16.38 25.81 40.26
C ARG B 821 15.80 27.13 39.81
N PRO B 822 14.61 27.53 40.23
CA PRO B 822 14.15 28.86 39.84
C PRO B 822 15.12 29.90 40.32
N LEU B 823 15.48 29.81 41.60
CA LEU B 823 16.38 30.80 42.16
C LEU B 823 17.66 30.85 41.36
N ASN B 824 18.18 29.68 41.02
CA ASN B 824 19.37 29.68 40.20
C ASN B 824 19.19 30.50 38.95
N ARG B 825 17.96 30.74 38.50
CA ARG B 825 17.77 31.72 37.46
C ARG B 825 17.83 33.14 37.98
N LEU B 826 17.67 33.35 39.28
CA LEU B 826 17.31 34.69 39.69
C LEU B 826 18.49 35.63 39.73
N ILE B 827 19.62 35.17 40.24
CA ILE B 827 20.78 36.04 40.42
C ILE B 827 21.07 36.79 39.14
N GLN B 828 20.69 36.18 38.03
CA GLN B 828 20.54 36.89 36.77
C GLN B 828 19.83 38.21 36.95
N ASN B 829 18.91 38.29 37.88
CA ASN B 829 17.93 39.34 37.80
C ASN B 829 18.13 40.33 38.92
N GLU B 830 17.66 39.94 40.10
CA GLU B 830 17.78 40.76 41.29
C GLU B 830 19.23 40.96 41.67
N ILE B 831 20.14 40.29 40.99
CA ILE B 831 21.56 40.49 41.27
C ILE B 831 22.21 41.01 40.01
N LEU B 832 22.44 40.12 39.05
CA LEU B 832 23.08 40.52 37.81
C LEU B 832 22.35 41.70 37.20
N ASN B 833 21.05 41.54 36.97
CA ASN B 833 20.34 42.63 36.33
C ASN B 833 20.17 43.79 37.30
N LYS B 834 20.06 43.50 38.59
CA LYS B 834 20.23 44.58 39.55
C LYS B 834 21.64 45.14 39.48
N LEU B 835 22.61 44.30 39.15
CA LEU B 835 23.95 44.83 38.93
C LEU B 835 24.07 45.44 37.55
N ALA B 836 23.24 44.98 36.61
CA ALA B 836 23.18 45.62 35.32
C ALA B 836 23.09 47.13 35.50
N LEU B 837 22.43 47.55 36.56
CA LEU B 837 22.48 48.93 37.03
C LEU B 837 23.88 49.49 36.97
N ARG B 838 24.77 49.02 37.83
CA ARG B 838 26.13 49.46 37.70
C ARG B 838 26.68 49.03 36.36
N ILE B 839 26.41 47.79 35.97
CA ILE B 839 26.90 47.23 34.72
C ILE B 839 26.53 48.11 33.56
N LEU B 840 25.23 48.12 33.22
CA LEU B 840 24.79 48.71 31.97
C LEU B 840 25.30 50.13 31.84
N LYS B 841 25.46 50.81 32.96
CA LYS B 841 26.07 52.12 32.91
C LYS B 841 27.59 52.03 32.83
N ASN B 842 28.19 51.09 33.58
CA ASN B 842 29.52 51.16 34.19
C ASN B 842 29.38 51.73 35.59
N GLU B 843 28.13 51.97 36.01
CA GLU B 843 27.82 53.03 36.95
C GLU B 843 28.77 53.08 38.14
N ILE B 844 28.98 51.97 38.83
CA ILE B 844 30.12 51.87 39.73
C ILE B 844 31.12 51.01 39.00
N LYS B 845 32.39 51.23 39.30
CA LYS B 845 33.44 51.00 38.33
C LYS B 845 33.69 49.50 38.18
N ASP B 846 34.71 49.14 37.42
CA ASP B 846 34.98 47.72 37.31
C ASP B 846 35.75 47.25 38.53
N LYS B 847 35.65 45.94 38.79
CA LYS B 847 36.33 45.26 39.89
C LYS B 847 35.68 45.59 41.23
N GLU B 848 34.62 46.39 41.23
CA GLU B 848 33.89 46.66 42.45
C GLU B 848 33.33 45.34 42.99
N THR B 849 32.89 45.34 44.24
CA THR B 849 32.19 44.20 44.80
C THR B 849 31.03 44.65 45.67
N VAL B 850 29.81 44.20 45.34
CA VAL B 850 28.60 44.68 46.01
C VAL B 850 27.66 43.50 46.23
N ASN B 851 26.70 43.70 47.11
CA ASN B 851 25.63 42.76 47.39
C ASN B 851 24.37 43.55 47.71
N VAL B 852 23.37 42.88 48.24
CA VAL B 852 22.18 43.54 48.76
C VAL B 852 21.92 43.03 50.16
N GLN C 1 12.64 -7.20 -41.19
CA GLN C 1 13.91 -6.51 -41.32
C GLN C 1 15.01 -7.31 -40.64
N PHE C 2 16.24 -6.84 -40.70
CA PHE C 2 17.35 -7.64 -40.23
C PHE C 2 17.34 -7.80 -38.72
N THR C 3 18.06 -8.82 -38.26
CA THR C 3 18.40 -8.95 -36.85
C THR C 3 19.57 -8.03 -36.53
N GLU C 4 19.57 -7.44 -35.34
CA GLU C 4 20.77 -6.73 -34.90
C GLU C 4 21.96 -7.67 -34.86
N ARG C 5 21.73 -8.94 -34.60
CA ARG C 5 22.82 -9.88 -34.72
C ARG C 5 23.08 -10.27 -36.16
N ALA C 6 22.06 -10.22 -37.02
CA ALA C 6 22.33 -10.13 -38.45
C ALA C 6 23.17 -8.90 -38.73
N LEU C 7 22.75 -7.75 -38.21
CA LEU C 7 23.61 -6.57 -38.18
C LEU C 7 24.98 -6.93 -37.64
N THR C 8 25.02 -7.75 -36.59
CA THR C 8 26.30 -8.19 -36.08
C THR C 8 26.95 -9.17 -37.04
N ILE C 9 26.16 -10.08 -37.61
CA ILE C 9 26.62 -10.82 -38.79
C ILE C 9 27.11 -9.81 -39.83
N LEU C 10 26.23 -8.87 -40.20
CA LEU C 10 26.65 -7.80 -41.10
C LEU C 10 27.88 -7.10 -40.59
N THR C 11 27.93 -6.82 -39.28
CA THR C 11 29.10 -6.16 -38.71
C THR C 11 30.36 -6.89 -39.12
N LEU C 12 30.37 -8.21 -38.94
CA LEU C 12 31.59 -8.98 -39.20
C LEU C 12 31.99 -8.88 -40.67
N ALA C 13 31.11 -9.36 -41.57
CA ALA C 13 31.43 -9.31 -43.00
C ALA C 13 31.87 -7.92 -43.39
N GLN C 14 31.21 -6.91 -42.84
CA GLN C 14 31.73 -5.56 -42.93
C GLN C 14 33.05 -5.44 -42.17
N LYS C 15 33.07 -5.79 -40.89
CA LYS C 15 34.31 -5.69 -40.13
C LYS C 15 35.43 -6.43 -40.85
N LEU C 16 35.11 -7.56 -41.46
CA LEU C 16 35.97 -8.22 -42.43
C LEU C 16 36.28 -7.25 -43.57
N ALA C 17 35.25 -6.84 -44.30
CA ALA C 17 35.44 -5.86 -45.35
C ALA C 17 36.01 -4.55 -44.81
N SER C 18 35.97 -4.39 -43.47
CA SER C 18 36.63 -3.26 -42.83
C SER C 18 38.09 -3.60 -42.56
N ASP C 19 38.33 -4.52 -41.65
CA ASP C 19 39.70 -4.93 -41.34
C ASP C 19 40.38 -5.50 -42.57
N HIS C 20 39.78 -6.50 -43.18
CA HIS C 20 40.37 -7.10 -44.36
C HIS C 20 40.11 -6.23 -45.57
N GLN C 21 39.49 -5.07 -45.33
CA GLN C 21 39.39 -3.94 -46.25
C GLN C 21 38.89 -4.38 -47.63
N HIS C 22 37.65 -4.82 -47.65
CA HIS C 22 37.03 -5.14 -48.91
C HIS C 22 36.33 -3.86 -49.36
N PRO C 23 36.60 -3.36 -50.56
CA PRO C 23 36.05 -2.06 -50.97
C PRO C 23 34.55 -2.06 -51.14
N GLN C 24 33.90 -3.22 -51.26
CA GLN C 24 32.46 -3.29 -51.49
C GLN C 24 31.89 -4.41 -50.62
N LEU C 25 30.57 -4.45 -50.54
CA LEU C 25 29.86 -5.55 -49.93
C LEU C 25 29.47 -6.53 -51.03
N GLN C 26 30.11 -7.71 -51.01
CA GLN C 26 30.01 -8.71 -52.06
C GLN C 26 29.15 -9.88 -51.60
N PRO C 27 28.88 -10.86 -52.48
CA PRO C 27 28.12 -12.03 -52.03
C PRO C 27 28.76 -12.78 -50.87
N ILE C 28 30.05 -13.08 -50.96
CA ILE C 28 30.65 -14.09 -50.11
C ILE C 28 31.17 -13.53 -48.78
N HIS C 29 31.08 -12.20 -48.57
CA HIS C 29 31.48 -11.60 -47.30
C HIS C 29 30.91 -12.34 -46.09
N ILE C 30 29.66 -12.74 -46.19
CA ILE C 30 28.88 -13.01 -44.98
C ILE C 30 29.17 -14.39 -44.40
N LEU C 31 29.90 -15.23 -45.13
CA LEU C 31 30.29 -16.53 -44.58
C LEU C 31 31.21 -16.35 -43.38
N ALA C 32 32.29 -15.59 -43.55
CA ALA C 32 33.11 -15.24 -42.39
C ALA C 32 32.24 -14.56 -41.35
N ALA C 33 31.33 -13.70 -41.80
CA ALA C 33 30.31 -13.19 -40.89
C ALA C 33 29.49 -14.31 -40.31
N PHE C 34 29.07 -15.24 -41.15
CA PHE C 34 28.40 -16.42 -40.64
C PHE C 34 29.33 -17.16 -39.70
N ILE C 35 30.39 -17.77 -40.23
CA ILE C 35 31.20 -18.66 -39.40
C ILE C 35 31.83 -17.85 -38.26
N GLU C 36 31.59 -18.31 -37.02
CA GLU C 36 32.24 -17.69 -35.88
C GLU C 36 33.74 -17.87 -35.96
N THR C 37 34.18 -19.10 -36.15
CA THR C 37 35.57 -19.51 -36.30
C THR C 37 35.41 -20.94 -36.84
N PRO C 38 36.47 -21.71 -37.21
CA PRO C 38 36.23 -22.96 -37.96
C PRO C 38 35.23 -23.89 -37.31
N GLU C 39 34.90 -23.58 -36.06
CA GLU C 39 33.82 -24.25 -35.37
C GLU C 39 32.52 -24.18 -36.17
N ASP C 40 31.67 -25.19 -35.95
CA ASP C 40 30.27 -25.13 -36.32
C ASP C 40 29.50 -24.13 -35.47
N GLY C 41 30.17 -23.43 -34.56
CA GLY C 41 29.58 -22.51 -33.61
C GLY C 41 28.60 -21.53 -34.24
N SER C 42 28.73 -21.35 -35.55
CA SER C 42 27.71 -20.67 -36.32
C SER C 42 26.70 -21.67 -36.85
N VAL C 43 25.42 -21.36 -36.65
CA VAL C 43 24.33 -22.11 -37.26
C VAL C 43 24.57 -22.31 -38.76
N PRO C 44 25.23 -21.39 -39.46
CA PRO C 44 25.64 -21.70 -40.83
C PRO C 44 26.77 -22.71 -41.00
N TYR C 45 27.57 -23.08 -39.99
CA TYR C 45 28.83 -23.70 -40.36
C TYR C 45 28.78 -25.21 -40.62
N LEU C 46 28.64 -26.04 -39.58
CA LEU C 46 28.80 -27.49 -39.82
C LEU C 46 27.63 -28.34 -39.35
N GLN C 47 27.31 -28.30 -38.06
CA GLN C 47 26.06 -28.85 -37.53
C GLN C 47 24.91 -28.10 -38.18
N ASN C 48 25.31 -27.20 -39.06
CA ASN C 48 24.55 -26.17 -39.69
C ASN C 48 23.42 -26.71 -40.53
N LEU C 49 22.55 -25.78 -40.90
CA LEU C 49 21.58 -25.98 -41.97
C LEU C 49 22.24 -26.65 -43.17
N ILE C 50 23.48 -26.27 -43.47
CA ILE C 50 24.08 -26.62 -44.75
C ILE C 50 24.50 -28.08 -44.79
N GLU C 51 25.53 -28.43 -44.01
CA GLU C 51 26.19 -29.72 -44.19
C GLU C 51 25.21 -30.88 -44.16
N LYS C 52 24.38 -30.94 -43.12
CA LYS C 52 23.49 -32.09 -42.96
C LYS C 52 22.29 -31.98 -43.89
N GLY C 53 21.80 -30.77 -44.13
CA GLY C 53 20.56 -30.61 -44.87
C GLY C 53 20.68 -31.06 -46.32
N ARG C 54 21.65 -30.52 -47.04
CA ARG C 54 21.87 -30.95 -48.41
C ARG C 54 23.34 -31.31 -48.63
N TYR C 55 24.24 -30.32 -48.60
CA TYR C 55 25.64 -30.54 -48.93
C TYR C 55 26.53 -29.94 -47.84
N ASP C 56 27.72 -30.51 -47.65
CA ASP C 56 28.63 -30.03 -46.61
C ASP C 56 29.14 -28.63 -46.92
N TYR C 57 29.07 -27.74 -45.93
CA TYR C 57 29.68 -26.43 -46.11
C TYR C 57 31.18 -26.44 -45.85
N ASP C 58 31.69 -27.33 -44.98
CA ASP C 58 33.12 -27.29 -44.68
C ASP C 58 33.95 -27.32 -45.96
N LEU C 59 33.53 -28.12 -46.93
CA LEU C 59 34.03 -27.99 -48.29
C LEU C 59 33.93 -26.55 -48.73
N PHE C 60 32.69 -26.06 -48.90
CA PHE C 60 32.53 -24.68 -49.31
C PHE C 60 32.98 -23.70 -48.24
N LYS C 61 33.27 -24.19 -47.03
CA LYS C 61 34.16 -23.46 -46.16
C LYS C 61 35.60 -23.56 -46.63
N LYS C 62 36.09 -24.79 -46.80
CA LYS C 62 37.49 -25.00 -47.11
C LYS C 62 37.91 -24.17 -48.32
N VAL C 63 37.04 -24.06 -49.31
CA VAL C 63 37.41 -23.35 -50.53
C VAL C 63 37.31 -21.84 -50.34
N VAL C 64 36.25 -21.35 -49.68
CA VAL C 64 36.09 -19.90 -49.53
C VAL C 64 37.14 -19.30 -48.64
N ASN C 65 37.93 -20.14 -47.96
CA ASN C 65 39.11 -19.66 -47.27
C ASN C 65 39.90 -18.72 -48.19
N ARG C 66 40.05 -19.12 -49.45
CA ARG C 66 40.69 -18.27 -50.45
C ARG C 66 39.79 -17.11 -50.87
N ASN C 67 38.51 -17.40 -51.11
CA ASN C 67 37.60 -16.36 -51.55
C ASN C 67 37.67 -15.17 -50.64
N LEU C 68 37.67 -15.42 -49.33
CA LEU C 68 37.97 -14.37 -48.38
C LEU C 68 39.26 -13.65 -48.73
N VAL C 69 40.31 -14.42 -49.02
CA VAL C 69 41.60 -13.80 -49.21
C VAL C 69 41.80 -13.31 -50.64
N ARG C 70 40.94 -13.71 -51.56
CA ARG C 70 41.15 -13.21 -52.91
C ARG C 70 40.55 -11.84 -53.11
N ILE C 71 39.98 -11.25 -52.07
CA ILE C 71 39.58 -9.85 -52.15
C ILE C 71 40.80 -8.99 -52.47
N PRO C 72 40.67 -7.94 -53.24
CA PRO C 72 41.83 -7.08 -53.57
C PRO C 72 42.21 -6.14 -52.43
N GLN C 73 43.41 -5.56 -52.58
CA GLN C 73 43.86 -4.53 -51.66
C GLN C 73 43.03 -3.26 -51.79
N GLN C 74 42.89 -2.54 -50.69
CA GLN C 74 42.26 -1.24 -50.61
C GLN C 74 43.29 -0.26 -50.01
N GLN C 75 42.87 0.99 -49.87
CA GLN C 75 43.64 1.99 -49.13
C GLN C 75 42.79 2.40 -47.94
N PRO C 76 43.26 3.26 -47.01
CA PRO C 76 42.59 3.30 -45.70
C PRO C 76 41.11 3.66 -45.72
N ALA C 77 40.73 4.75 -46.41
CA ALA C 77 39.33 5.19 -46.33
C ALA C 77 38.36 4.28 -47.07
N PRO C 78 38.55 3.97 -48.35
CA PRO C 78 37.42 3.51 -49.19
C PRO C 78 36.86 2.13 -48.87
N ALA C 79 37.52 1.29 -48.09
CA ALA C 79 37.08 -0.10 -47.93
C ALA C 79 35.60 -0.17 -47.54
N GLU C 80 34.85 -0.97 -48.30
CA GLU C 80 33.40 -1.21 -48.14
C GLU C 80 32.62 0.07 -47.88
N ILE C 81 32.90 1.11 -48.66
CA ILE C 81 32.23 2.38 -48.41
C ILE C 81 30.83 2.40 -48.98
N THR C 82 30.39 1.32 -49.63
CA THR C 82 29.09 1.26 -50.29
C THR C 82 28.17 0.23 -49.66
N PRO C 83 26.86 0.50 -49.61
CA PRO C 83 25.91 -0.56 -49.25
C PRO C 83 25.80 -1.63 -50.31
N SER C 84 26.17 -1.29 -51.56
CA SER C 84 26.23 -2.27 -52.64
C SER C 84 24.87 -2.97 -52.83
N TYR C 85 23.92 -2.20 -53.37
CA TYR C 85 22.58 -2.74 -53.57
C TYR C 85 22.62 -4.06 -54.34
N ALA C 86 23.61 -4.23 -55.21
CA ALA C 86 23.85 -5.54 -55.81
C ALA C 86 23.87 -6.61 -54.74
N LEU C 87 24.60 -6.36 -53.66
CA LEU C 87 24.43 -7.15 -52.45
C LEU C 87 23.25 -6.65 -51.62
N GLY C 88 23.11 -5.32 -51.51
CA GLY C 88 22.20 -4.64 -50.61
C GLY C 88 20.74 -4.64 -50.99
N LYS C 89 20.34 -5.34 -52.05
CA LYS C 89 18.92 -5.56 -52.25
C LYS C 89 18.35 -6.43 -51.15
N VAL C 90 19.19 -7.25 -50.55
CA VAL C 90 18.82 -8.08 -49.41
C VAL C 90 18.31 -7.24 -48.26
N LEU C 91 18.69 -5.95 -48.22
CA LEU C 91 18.04 -5.01 -47.33
C LEU C 91 16.53 -5.14 -47.43
N GLN C 92 16.02 -5.12 -48.66
CA GLN C 92 14.66 -5.61 -48.87
C GLN C 92 14.59 -7.11 -49.08
N ASP C 93 15.50 -7.68 -49.87
CA ASP C 93 15.29 -9.03 -50.41
C ASP C 93 15.24 -10.08 -49.32
N ALA C 94 15.92 -9.84 -48.19
CA ALA C 94 15.93 -10.86 -47.15
C ALA C 94 14.59 -11.04 -46.47
N ALA C 95 13.60 -10.18 -46.75
CA ALA C 95 12.32 -10.27 -46.08
C ALA C 95 11.59 -11.58 -46.38
N LYS C 96 12.11 -12.41 -47.28
CA LYS C 96 11.50 -13.67 -47.69
C LYS C 96 11.00 -14.49 -46.52
N ILE C 97 11.94 -15.06 -45.77
CA ILE C 97 11.67 -16.08 -44.79
C ILE C 97 11.59 -15.53 -43.38
N GLN C 98 11.73 -14.21 -43.20
CA GLN C 98 11.77 -13.66 -41.85
C GLN C 98 10.54 -14.07 -41.04
N LYS C 99 9.35 -13.83 -41.58
CA LYS C 99 8.11 -14.15 -40.87
C LYS C 99 7.74 -15.62 -40.99
N GLN C 100 8.15 -16.28 -42.08
CA GLN C 100 7.63 -17.59 -42.44
C GLN C 100 8.05 -18.68 -41.47
N GLN C 101 8.96 -18.39 -40.54
CA GLN C 101 9.24 -19.22 -39.38
C GLN C 101 8.26 -18.94 -38.25
N LYS C 102 7.22 -18.14 -38.53
CA LYS C 102 6.29 -17.57 -37.58
C LYS C 102 7.00 -16.59 -36.65
N ASP C 103 7.53 -15.50 -37.24
CA ASP C 103 8.49 -14.63 -36.57
C ASP C 103 8.18 -13.18 -36.92
N SER C 104 9.11 -12.30 -36.57
CA SER C 104 9.01 -10.87 -36.85
C SER C 104 9.91 -10.42 -38.02
N PHE C 105 11.23 -10.48 -37.84
CA PHE C 105 12.19 -9.82 -38.73
C PHE C 105 13.31 -10.78 -39.13
N ILE C 106 14.22 -10.30 -40.02
CA ILE C 106 15.09 -11.20 -40.78
C ILE C 106 16.24 -11.68 -39.90
N ALA C 107 16.77 -12.86 -40.25
CA ALA C 107 17.78 -13.52 -39.46
C ALA C 107 18.90 -14.01 -40.37
N GLN C 108 19.91 -14.62 -39.74
CA GLN C 108 21.18 -14.98 -40.35
C GLN C 108 20.96 -15.91 -41.52
N ASP C 109 20.44 -17.10 -41.23
CA ASP C 109 20.01 -18.01 -42.28
C ASP C 109 19.09 -17.28 -43.24
N HIS C 110 18.33 -16.35 -42.71
CA HIS C 110 17.17 -15.78 -43.38
C HIS C 110 17.56 -14.65 -44.30
N ILE C 111 18.51 -13.81 -43.88
CA ILE C 111 19.18 -12.98 -44.87
C ILE C 111 19.91 -13.88 -45.85
N LEU C 112 20.62 -14.88 -45.35
CA LEU C 112 21.25 -15.88 -46.20
C LEU C 112 20.23 -16.55 -47.09
N PHE C 113 19.02 -16.74 -46.57
CA PHE C 113 17.99 -17.39 -47.35
C PHE C 113 17.82 -16.73 -48.70
N ALA C 114 17.70 -15.41 -48.72
CA ALA C 114 17.69 -14.65 -49.96
C ALA C 114 19.05 -14.61 -50.63
N LEU C 115 20.11 -15.05 -49.94
CA LEU C 115 21.42 -15.02 -50.56
C LEU C 115 21.64 -16.15 -51.54
N PHE C 116 21.04 -17.31 -51.32
CA PHE C 116 21.06 -18.35 -52.35
C PHE C 116 20.59 -17.79 -53.69
N ASN C 117 19.65 -16.86 -53.65
CA ASN C 117 19.41 -15.99 -54.79
C ASN C 117 20.58 -15.04 -54.98
N ASP C 118 20.94 -14.30 -53.93
CA ASP C 118 21.93 -13.22 -54.04
C ASP C 118 23.36 -13.72 -53.83
N SER C 119 23.71 -14.02 -52.58
CA SER C 119 25.08 -14.35 -52.22
C SER C 119 25.31 -15.84 -52.40
N SER C 120 26.21 -16.18 -53.32
CA SER C 120 26.46 -17.55 -53.69
C SER C 120 27.55 -17.53 -54.75
N ILE C 121 28.19 -18.67 -54.93
CA ILE C 121 29.10 -18.80 -56.05
C ILE C 121 28.47 -19.83 -56.96
N GLN C 122 27.73 -19.39 -57.96
CA GLN C 122 26.88 -20.29 -58.71
C GLN C 122 27.59 -20.58 -60.01
N GLN C 123 28.19 -21.76 -60.11
CA GLN C 123 29.26 -21.99 -61.07
C GLN C 123 29.20 -23.45 -61.54
N ILE C 124 30.26 -23.85 -62.25
CA ILE C 124 30.39 -25.23 -62.72
C ILE C 124 30.18 -26.20 -61.57
N PHE C 125 30.95 -26.04 -60.51
CA PHE C 125 30.51 -26.49 -59.20
C PHE C 125 29.81 -25.30 -58.60
N LYS C 126 28.49 -25.36 -58.53
CA LYS C 126 27.75 -24.23 -58.02
C LYS C 126 27.98 -24.18 -56.53
N GLU C 127 28.53 -23.08 -56.06
CA GLU C 127 28.63 -22.92 -54.62
C GLU C 127 27.48 -21.98 -54.28
N ALA C 128 26.37 -22.61 -53.96
CA ALA C 128 25.15 -22.02 -53.47
C ALA C 128 24.51 -23.12 -52.67
N GLN C 129 23.93 -22.78 -51.54
CA GLN C 129 23.71 -23.83 -50.56
C GLN C 129 22.24 -23.92 -50.23
N VAL C 130 21.90 -24.68 -49.17
CA VAL C 130 20.77 -25.60 -49.20
C VAL C 130 19.59 -24.97 -49.93
N ASP C 131 19.09 -25.68 -50.94
CA ASP C 131 18.69 -25.04 -52.19
C ASP C 131 17.30 -24.40 -52.18
N ILE C 132 16.26 -25.20 -52.28
CA ILE C 132 14.92 -24.66 -52.43
C ILE C 132 14.26 -24.56 -51.07
N GLU C 133 13.83 -25.69 -50.51
CA GLU C 133 13.36 -25.72 -49.14
C GLU C 133 14.50 -25.81 -48.14
N ALA C 134 15.58 -26.52 -48.51
CA ALA C 134 16.49 -27.10 -47.55
C ALA C 134 16.95 -26.08 -46.51
N ILE C 135 17.28 -24.87 -46.94
CA ILE C 135 17.53 -23.82 -45.95
C ILE C 135 16.31 -23.59 -45.10
N LYS C 136 15.25 -23.03 -45.68
CA LYS C 136 13.99 -22.86 -44.96
C LYS C 136 13.62 -24.13 -44.21
N GLN C 137 13.74 -25.26 -44.89
CA GLN C 137 13.65 -26.56 -44.25
C GLN C 137 14.53 -26.53 -43.03
N GLN C 138 15.84 -26.54 -43.25
CA GLN C 138 16.76 -26.57 -42.13
C GLN C 138 16.67 -25.31 -41.28
N ALA C 139 16.19 -24.21 -41.85
CA ALA C 139 15.85 -23.06 -41.02
C ALA C 139 14.81 -23.45 -39.99
N LEU C 140 13.75 -24.14 -40.43
CA LEU C 140 12.85 -24.77 -39.48
C LEU C 140 13.49 -26.00 -38.86
N GLU C 141 14.16 -26.83 -39.67
CA GLU C 141 14.64 -28.11 -39.14
C GLU C 141 15.66 -27.90 -38.03
N LEU C 142 16.39 -26.80 -38.05
CA LEU C 142 17.17 -26.39 -36.90
C LEU C 142 16.42 -25.29 -36.17
N ARG C 143 15.92 -25.61 -34.99
CA ARG C 143 15.14 -24.62 -34.26
C ARG C 143 14.05 -24.15 -35.22
N GLY C 144 14.15 -22.93 -35.73
CA GLY C 144 13.10 -22.49 -36.62
C GLY C 144 12.14 -21.74 -35.76
N ASN C 145 11.51 -20.69 -36.28
CA ASN C 145 11.18 -19.57 -35.40
C ASN C 145 12.48 -19.18 -34.69
N THR C 146 13.56 -19.12 -35.47
CA THR C 146 14.91 -19.09 -34.91
C THR C 146 15.21 -17.76 -34.24
N ARG C 147 14.48 -16.70 -34.61
CA ARG C 147 14.76 -15.37 -34.10
C ARG C 147 13.49 -14.55 -34.17
N ILE C 148 13.48 -13.43 -33.45
CA ILE C 148 12.33 -12.52 -33.51
C ILE C 148 12.79 -11.15 -33.98
N ASP C 149 13.40 -10.39 -33.07
CA ASP C 149 13.94 -9.09 -33.41
C ASP C 149 15.27 -8.89 -32.73
N SER C 150 16.34 -8.79 -33.52
CA SER C 150 17.55 -8.08 -33.09
C SER C 150 18.26 -8.71 -31.89
N ARG C 151 17.58 -9.62 -31.19
CA ARG C 151 18.00 -10.03 -29.86
C ARG C 151 18.48 -11.48 -29.88
N GLY C 152 19.67 -11.70 -29.38
CA GLY C 152 20.29 -13.01 -29.35
C GLY C 152 21.00 -13.31 -30.65
N ALA C 153 22.10 -14.05 -30.53
CA ALA C 153 22.99 -14.23 -31.68
C ALA C 153 22.19 -14.79 -32.85
N ASP C 154 22.34 -14.16 -34.00
CA ASP C 154 21.41 -14.42 -35.09
C ASP C 154 21.65 -15.84 -35.58
N THR C 155 20.60 -16.67 -35.51
CA THR C 155 20.79 -18.11 -35.56
C THR C 155 22.00 -18.43 -34.71
N ASN C 156 21.85 -18.21 -33.41
CA ASN C 156 22.86 -18.45 -32.40
C ASN C 156 23.17 -19.92 -32.27
N THR C 157 24.27 -20.22 -31.57
CA THR C 157 24.69 -21.60 -31.37
C THR C 157 24.46 -22.44 -32.62
N PRO C 158 24.74 -23.74 -32.52
CA PRO C 158 24.56 -24.65 -33.65
C PRO C 158 23.10 -24.79 -34.05
N LEU C 159 22.21 -24.74 -33.07
CA LEU C 159 20.77 -24.87 -33.32
C LEU C 159 20.12 -23.49 -33.41
N GLU C 160 19.55 -23.05 -32.29
CA GLU C 160 18.89 -21.75 -32.23
C GLU C 160 18.91 -21.17 -30.82
N TYR C 161 17.74 -21.11 -30.19
CA TYR C 161 17.62 -20.59 -28.84
C TYR C 161 17.74 -21.71 -27.80
N LEU C 162 17.05 -21.54 -26.68
CA LEU C 162 17.07 -22.53 -25.61
C LEU C 162 18.45 -22.84 -25.08
N SER C 163 19.25 -23.51 -25.92
CA SER C 163 20.45 -24.18 -25.45
C SER C 163 21.31 -23.27 -24.61
N LYS C 164 21.21 -21.96 -24.84
CA LYS C 164 21.79 -21.00 -23.92
C LYS C 164 21.26 -21.23 -22.51
N TYR C 165 19.96 -21.13 -22.34
CA TYR C 165 19.40 -21.38 -21.04
C TYR C 165 18.92 -22.80 -20.86
N ALA C 166 18.88 -23.57 -21.93
CA ALA C 166 18.54 -24.99 -21.79
C ALA C 166 19.71 -25.71 -21.13
N ILE C 167 19.43 -26.40 -20.02
CA ILE C 167 20.47 -27.06 -19.25
C ILE C 167 20.05 -28.50 -19.02
N ASP C 168 20.87 -29.44 -19.47
CA ASP C 168 20.55 -30.85 -19.38
C ASP C 168 21.65 -31.57 -18.64
N MET C 169 21.28 -32.22 -17.55
CA MET C 169 22.23 -33.06 -16.86
C MET C 169 22.13 -34.52 -17.25
N THR C 170 21.09 -34.94 -17.98
CA THR C 170 21.11 -36.29 -18.53
C THR C 170 22.42 -36.49 -19.24
N GLU C 171 22.84 -35.46 -19.94
CA GLU C 171 24.20 -35.28 -20.36
C GLU C 171 25.08 -35.56 -19.17
N GLN C 172 25.08 -34.65 -18.20
CA GLN C 172 25.99 -34.77 -17.07
C GLN C 172 25.86 -36.13 -16.41
N ALA C 173 24.66 -36.69 -16.42
CA ALA C 173 24.48 -38.10 -16.11
C ALA C 173 25.30 -38.94 -17.08
N ARG C 174 24.88 -38.95 -18.34
CA ARG C 174 25.63 -39.70 -19.35
C ARG C 174 27.05 -39.18 -19.49
N GLN C 175 27.30 -37.98 -18.98
CA GLN C 175 28.64 -37.47 -18.77
C GLN C 175 29.18 -37.82 -17.41
N GLY C 176 28.40 -38.50 -16.57
CA GLY C 176 28.89 -38.90 -15.28
C GLY C 176 29.07 -37.78 -14.29
N LYS C 177 28.74 -36.56 -14.68
CA LYS C 177 28.93 -35.43 -13.79
C LYS C 177 28.08 -35.50 -12.53
N LEU C 178 27.02 -36.29 -12.53
CA LEU C 178 25.97 -36.17 -11.54
C LEU C 178 26.20 -37.09 -10.35
N ASP C 179 25.90 -36.58 -9.18
CA ASP C 179 25.97 -37.37 -7.97
C ASP C 179 24.88 -38.43 -8.02
N PRO C 180 25.17 -39.68 -7.71
CA PRO C 180 24.09 -40.62 -7.41
C PRO C 180 23.31 -40.12 -6.21
N VAL C 181 22.04 -40.48 -6.17
CA VAL C 181 21.15 -40.03 -5.12
C VAL C 181 20.65 -41.26 -4.40
N ILE C 182 20.03 -41.05 -3.25
CA ILE C 182 19.45 -42.17 -2.54
C ILE C 182 18.06 -41.77 -2.09
N GLY C 183 17.24 -42.79 -1.85
CA GLY C 183 16.18 -42.70 -0.87
C GLY C 183 15.06 -41.75 -1.23
N ARG C 184 15.24 -40.98 -2.28
CA ARG C 184 14.15 -40.23 -2.86
C ARG C 184 13.50 -41.04 -3.96
N GLU C 185 13.87 -42.28 -4.05
CA GLU C 185 13.57 -43.16 -5.15
C GLU C 185 12.10 -43.19 -5.50
N GLU C 186 11.30 -43.87 -4.66
CA GLU C 186 9.88 -43.89 -4.94
C GLU C 186 9.29 -42.51 -4.80
N GLU C 187 9.94 -41.68 -3.99
CA GLU C 187 9.63 -40.26 -3.98
C GLU C 187 9.75 -39.74 -5.39
N ILE C 188 10.88 -39.97 -6.01
CA ILE C 188 10.96 -39.72 -7.43
C ILE C 188 9.86 -40.48 -8.14
N ARG C 189 9.77 -41.78 -7.87
CA ARG C 189 8.69 -42.56 -8.46
C ARG C 189 7.37 -41.87 -8.26
N SER C 190 7.19 -41.23 -7.10
CA SER C 190 5.99 -40.43 -6.90
C SER C 190 6.02 -39.21 -7.82
N THR C 191 7.14 -38.50 -7.84
CA THR C 191 7.29 -37.48 -8.86
C THR C 191 7.08 -38.11 -10.22
N ILE C 192 7.83 -39.17 -10.48
CA ILE C 192 7.55 -39.96 -11.67
C ILE C 192 6.07 -40.26 -11.74
N ARG C 193 5.49 -40.65 -10.61
CA ARG C 193 4.07 -40.91 -10.61
C ARG C 193 3.31 -39.69 -11.06
N VAL C 194 3.78 -38.51 -10.66
CA VAL C 194 3.10 -37.30 -11.10
C VAL C 194 2.93 -37.31 -12.60
N LEU C 195 3.82 -38.00 -13.29
CA LEU C 195 4.08 -37.59 -14.65
C LEU C 195 3.07 -38.16 -15.62
N ALA C 196 2.30 -39.15 -15.22
CA ALA C 196 1.46 -39.79 -16.22
C ALA C 196 0.19 -39.01 -16.49
N ARG C 197 -0.16 -38.07 -15.65
CA ARG C 197 -1.51 -37.57 -15.65
C ARG C 197 -1.70 -36.59 -16.79
N ARG C 198 -2.55 -36.97 -17.73
CA ARG C 198 -3.08 -36.01 -18.68
C ARG C 198 -3.61 -34.78 -17.99
N ILE C 199 -4.12 -34.95 -16.78
CA ILE C 199 -4.52 -33.77 -16.05
C ILE C 199 -3.28 -33.02 -15.60
N LYS C 200 -2.53 -33.57 -14.65
CA LYS C 200 -1.32 -32.89 -14.23
C LYS C 200 -0.18 -33.88 -14.14
N SER C 201 0.78 -33.71 -15.01
CA SER C 201 2.09 -34.32 -14.84
C SER C 201 3.02 -33.41 -14.07
N ASN C 202 2.52 -32.31 -13.54
CA ASN C 202 3.40 -31.26 -13.09
C ASN C 202 3.55 -31.25 -11.58
N PRO C 203 4.68 -31.70 -11.07
CA PRO C 203 4.90 -31.74 -9.62
C PRO C 203 5.25 -30.40 -9.04
N CYS C 204 5.12 -30.33 -7.71
CA CYS C 204 5.76 -29.32 -6.89
C CYS C 204 6.31 -30.00 -5.65
N LEU C 205 7.52 -29.64 -5.25
CA LEU C 205 8.21 -30.36 -4.19
C LEU C 205 8.34 -29.49 -2.96
N ILE C 206 7.60 -29.83 -1.92
CA ILE C 206 7.52 -29.00 -0.73
C ILE C 206 8.57 -29.48 0.24
N GLY C 207 9.32 -28.57 0.81
CA GLY C 207 10.21 -28.95 1.89
C GLY C 207 11.43 -28.06 1.98
N GLU C 208 12.22 -28.36 3.00
CA GLU C 208 13.31 -27.50 3.43
C GLU C 208 14.28 -27.24 2.28
N PRO C 209 14.86 -26.05 2.21
CA PRO C 209 15.97 -25.84 1.28
C PRO C 209 17.12 -26.78 1.62
N GLY C 210 18.01 -26.96 0.66
CA GLY C 210 19.22 -27.72 0.90
C GLY C 210 18.95 -29.20 1.10
N ILE C 211 17.68 -29.58 1.04
CA ILE C 211 17.30 -30.95 1.29
C ILE C 211 17.73 -31.86 0.17
N GLY C 212 18.18 -31.31 -0.95
CA GLY C 212 18.43 -32.08 -2.15
C GLY C 212 17.45 -31.84 -3.28
N LYS C 213 16.51 -30.90 -3.10
CA LYS C 213 15.47 -30.68 -4.10
C LYS C 213 16.04 -30.65 -5.50
N THR C 214 17.14 -29.93 -5.70
CA THR C 214 17.69 -30.00 -7.04
C THR C 214 18.41 -31.33 -7.20
N ALA C 215 19.20 -31.71 -6.20
CA ALA C 215 19.91 -32.98 -6.30
C ALA C 215 18.92 -34.12 -6.53
N ILE C 216 17.71 -33.95 -6.01
CA ILE C 216 16.62 -34.83 -6.36
C ILE C 216 16.58 -35.05 -7.86
N ILE C 217 16.64 -33.96 -8.61
CA ILE C 217 16.46 -34.05 -10.05
C ILE C 217 17.49 -35.00 -10.64
N GLU C 218 18.63 -35.16 -9.98
CA GLU C 218 19.61 -36.10 -10.48
C GLU C 218 18.95 -37.45 -10.70
N GLY C 219 18.64 -38.12 -9.60
CA GLY C 219 18.01 -39.42 -9.71
C GLY C 219 16.83 -39.40 -10.65
N VAL C 220 16.08 -38.31 -10.64
CA VAL C 220 15.04 -38.09 -11.62
C VAL C 220 15.67 -38.39 -12.97
N ALA C 221 16.58 -37.52 -13.38
CA ALA C 221 17.25 -37.72 -14.65
C ALA C 221 18.06 -39.01 -14.63
N GLN C 222 18.78 -39.25 -13.54
CA GLN C 222 19.60 -40.45 -13.48
C GLN C 222 18.77 -41.66 -13.85
N ARG C 223 17.68 -41.88 -13.13
CA ARG C 223 16.80 -42.96 -13.51
C ARG C 223 16.22 -42.74 -14.89
N ILE C 224 16.13 -41.50 -15.35
CA ILE C 224 15.69 -41.28 -16.71
C ILE C 224 16.71 -41.82 -17.69
N ILE C 225 17.97 -41.40 -17.56
CA ILE C 225 18.97 -41.96 -18.44
C ILE C 225 19.18 -43.43 -18.14
N ASP C 226 18.88 -43.85 -16.92
CA ASP C 226 18.79 -45.28 -16.65
C ASP C 226 17.67 -45.91 -17.46
N ASP C 227 16.83 -45.09 -18.08
CA ASP C 227 15.57 -45.49 -18.68
C ASP C 227 14.65 -46.11 -17.64
N ASP C 228 14.91 -45.82 -16.37
CA ASP C 228 13.85 -45.99 -15.38
C ASP C 228 12.77 -44.95 -15.63
N VAL C 229 13.08 -43.95 -16.44
CA VAL C 229 12.08 -43.12 -17.10
C VAL C 229 11.15 -44.08 -17.83
N PRO C 230 9.86 -44.07 -17.56
CA PRO C 230 8.99 -45.01 -18.23
C PRO C 230 8.52 -44.51 -19.58
N THR C 231 7.73 -45.35 -20.25
CA THR C 231 7.46 -45.25 -21.68
C THR C 231 7.16 -43.82 -22.09
N ILE C 232 6.00 -43.33 -21.69
CA ILE C 232 5.62 -41.96 -21.97
C ILE C 232 6.75 -41.04 -21.62
N LEU C 233 7.40 -41.31 -20.51
CA LEU C 233 8.36 -40.36 -19.99
C LEU C 233 9.68 -40.43 -20.74
N GLN C 234 10.00 -41.58 -21.33
CA GLN C 234 11.35 -41.81 -21.84
C GLN C 234 11.78 -40.72 -22.81
N GLY C 235 10.86 -40.25 -23.64
CA GLY C 235 11.22 -39.28 -24.67
C GLY C 235 11.78 -38.00 -24.08
N ALA C 236 11.29 -37.60 -22.93
CA ALA C 236 11.81 -36.39 -22.31
C ALA C 236 13.23 -36.62 -21.82
N LYS C 237 13.92 -35.51 -21.60
CA LYS C 237 15.24 -35.48 -20.99
C LYS C 237 15.27 -34.32 -20.01
N LEU C 238 16.45 -34.05 -19.46
CA LEU C 238 16.55 -33.03 -18.43
C LEU C 238 16.54 -31.66 -19.06
N PHE C 239 15.65 -30.81 -18.57
CA PHE C 239 15.79 -29.38 -18.71
C PHE C 239 15.11 -28.68 -17.56
N SER C 240 15.70 -27.57 -17.14
CA SER C 240 15.21 -26.80 -16.01
C SER C 240 15.77 -25.40 -16.15
N LEU C 241 15.12 -24.45 -15.49
CA LEU C 241 15.52 -23.07 -15.65
C LEU C 241 16.73 -22.73 -14.79
N ASP C 242 17.73 -22.15 -15.42
CA ASP C 242 18.78 -21.45 -14.71
C ASP C 242 18.48 -19.97 -14.85
N LEU C 243 18.03 -19.36 -13.78
CA LEU C 243 17.45 -18.04 -13.89
C LEU C 243 18.46 -17.10 -14.49
N ALA C 244 18.09 -16.50 -15.60
CA ALA C 244 18.94 -15.56 -16.29
C ALA C 244 18.44 -14.17 -15.98
N ALA C 245 19.39 -13.25 -15.83
CA ALA C 245 19.02 -11.85 -15.88
C ALA C 245 18.33 -11.58 -17.21
N LEU C 246 17.21 -10.88 -17.15
CA LEU C 246 16.53 -10.52 -18.38
C LEU C 246 17.36 -9.59 -19.24
N THR C 247 18.39 -8.98 -18.68
CA THR C 247 19.30 -8.10 -19.41
C THR C 247 18.53 -6.98 -20.07
N GLY C 254 14.00 -3.23 -22.46
CA GLY C 254 13.85 -3.00 -21.03
C GLY C 254 13.57 -4.27 -20.25
N ASP C 255 12.39 -4.84 -20.42
CA ASP C 255 11.97 -6.04 -19.71
C ASP C 255 11.80 -7.15 -20.73
N PHE C 256 12.75 -8.08 -20.71
CA PHE C 256 13.02 -8.97 -21.84
C PHE C 256 12.40 -10.35 -21.70
N GLU C 257 11.48 -10.55 -20.75
CA GLU C 257 10.89 -11.86 -20.51
C GLU C 257 10.43 -12.55 -21.78
N GLU C 258 10.21 -11.78 -22.85
CA GLU C 258 10.06 -12.37 -24.17
C GLU C 258 11.13 -13.42 -24.42
N ARG C 259 12.38 -13.08 -24.07
CA ARG C 259 13.43 -14.08 -24.09
C ARG C 259 12.97 -15.33 -23.38
N PHE C 260 12.55 -15.15 -22.15
CA PHE C 260 12.02 -16.21 -21.34
C PHE C 260 10.67 -16.66 -21.85
N LYS C 261 9.99 -15.81 -22.60
CA LYS C 261 8.89 -16.32 -23.42
C LYS C 261 9.43 -17.13 -24.58
N GLY C 262 10.65 -16.82 -25.02
CA GLY C 262 11.20 -17.48 -26.19
C GLY C 262 11.22 -18.97 -26.02
N VAL C 263 11.88 -19.42 -24.95
CA VAL C 263 12.02 -20.84 -24.68
C VAL C 263 10.71 -21.57 -24.80
N LEU C 264 9.63 -20.91 -24.40
CA LEU C 264 8.38 -21.57 -24.11
C LEU C 264 7.89 -22.35 -25.31
N LYS C 265 7.49 -21.66 -26.36
CA LYS C 265 7.07 -22.40 -27.54
C LYS C 265 8.25 -23.17 -28.13
N GLU C 266 9.45 -22.65 -27.96
CA GLU C 266 10.63 -23.39 -28.38
C GLU C 266 10.61 -24.78 -27.80
N ILE C 267 10.68 -24.88 -26.47
CA ILE C 267 10.52 -26.18 -25.86
C ILE C 267 9.17 -26.77 -26.22
N GLU C 268 8.16 -25.94 -26.41
CA GLU C 268 6.88 -26.48 -26.82
C GLU C 268 6.98 -27.10 -28.20
N GLU C 269 7.55 -26.36 -29.15
CA GLU C 269 7.82 -26.95 -30.44
C GLU C 269 8.75 -28.15 -30.33
N SER C 270 9.56 -28.20 -29.26
CA SER C 270 10.68 -29.13 -29.18
C SER C 270 10.26 -30.59 -29.13
N LYS C 271 8.96 -30.88 -29.02
CA LYS C 271 8.45 -32.25 -29.06
C LYS C 271 8.98 -33.07 -27.88
N THR C 272 8.54 -32.67 -26.69
CA THR C 272 8.56 -33.44 -25.44
C THR C 272 9.85 -34.21 -25.25
N LEU C 273 10.93 -33.69 -25.80
CA LEU C 273 12.21 -34.38 -25.72
C LEU C 273 12.86 -34.17 -24.38
N ILE C 274 12.32 -33.27 -23.58
CA ILE C 274 12.90 -32.90 -22.31
C ILE C 274 11.78 -32.60 -21.32
N VAL C 275 12.21 -32.19 -20.14
CA VAL C 275 11.32 -31.87 -19.03
C VAL C 275 11.57 -30.42 -18.69
N LEU C 276 10.66 -29.85 -17.92
CA LEU C 276 10.92 -28.58 -17.26
C LEU C 276 10.85 -28.73 -15.76
N PHE C 277 11.92 -28.33 -15.08
CA PHE C 277 11.92 -28.16 -13.65
C PHE C 277 12.18 -26.71 -13.29
N ILE C 278 11.56 -26.25 -12.21
CA ILE C 278 11.66 -24.87 -11.76
C ILE C 278 12.03 -24.86 -10.29
N ASP C 279 13.04 -24.07 -9.94
CA ASP C 279 13.56 -24.11 -8.57
C ASP C 279 12.55 -23.79 -7.49
N GLU C 280 12.39 -22.50 -7.21
CA GLU C 280 11.81 -22.13 -5.93
C GLU C 280 10.82 -20.98 -6.06
N ILE C 281 11.31 -19.78 -6.33
CA ILE C 281 10.37 -18.77 -6.73
C ILE C 281 9.86 -19.21 -8.08
N HIS C 282 8.60 -19.52 -8.14
CA HIS C 282 8.02 -19.93 -9.37
C HIS C 282 7.30 -18.69 -9.67
N MET C 283 7.87 -17.96 -10.61
CA MET C 283 8.04 -16.57 -10.36
C MET C 283 6.74 -15.90 -10.03
N LEU C 284 6.70 -15.33 -8.85
CA LEU C 284 5.73 -14.31 -8.52
C LEU C 284 6.47 -12.99 -8.52
N MET C 285 6.25 -12.20 -9.55
CA MET C 285 6.74 -10.85 -9.54
C MET C 285 5.80 -10.02 -8.68
N GLY C 286 6.37 -9.04 -7.96
CA GLY C 286 5.53 -8.10 -7.28
C GLY C 286 4.56 -7.38 -8.19
N ASN C 287 4.82 -7.41 -9.50
CA ASN C 287 3.93 -6.81 -10.48
C ASN C 287 3.63 -7.81 -11.60
N ALA C 292 7.02 -11.73 -14.59
CA ALA C 292 6.00 -10.70 -14.47
C ALA C 292 4.61 -11.30 -14.39
N ALA C 293 4.08 -11.37 -13.17
CA ALA C 293 2.72 -11.84 -12.94
C ALA C 293 2.51 -13.15 -13.67
N ASN C 294 1.52 -13.20 -14.54
CA ASN C 294 1.38 -14.33 -15.43
C ASN C 294 2.56 -14.28 -16.38
N ILE C 295 3.36 -15.32 -16.34
CA ILE C 295 4.40 -15.53 -17.32
C ILE C 295 4.36 -17.00 -17.67
N LEU C 296 4.08 -17.29 -18.92
CA LEU C 296 3.93 -18.65 -19.40
C LEU C 296 2.68 -19.27 -18.79
N LYS C 297 2.21 -18.69 -17.69
CA LYS C 297 1.17 -19.31 -16.89
C LYS C 297 0.02 -19.81 -17.74
N PRO C 298 -0.60 -19.01 -18.60
CA PRO C 298 -1.65 -19.56 -19.45
C PRO C 298 -1.13 -20.63 -20.39
N ALA C 299 -0.04 -20.34 -21.08
CA ALA C 299 0.59 -21.37 -21.87
C ALA C 299 1.00 -22.52 -20.98
N LEU C 300 1.55 -22.21 -19.82
CA LEU C 300 1.74 -23.24 -18.81
C LEU C 300 0.42 -23.94 -18.51
N SER C 301 -0.64 -23.15 -18.39
CA SER C 301 -1.94 -23.75 -18.13
C SER C 301 -2.45 -24.56 -19.30
N ARG C 302 -1.78 -24.51 -20.46
CA ARG C 302 -2.33 -25.17 -21.64
C ARG C 302 -2.53 -26.66 -21.40
N GLY C 303 -1.63 -27.29 -20.67
CA GLY C 303 -1.73 -28.71 -20.43
C GLY C 303 -0.68 -29.54 -21.14
N GLN C 304 0.02 -28.96 -22.09
CA GLN C 304 1.31 -29.50 -22.49
C GLN C 304 2.34 -28.93 -21.53
N LEU C 305 3.62 -29.02 -21.84
CA LEU C 305 4.63 -28.43 -20.99
C LEU C 305 4.67 -29.04 -19.59
N LYS C 306 5.22 -30.25 -19.52
CA LYS C 306 5.63 -30.82 -18.25
C LYS C 306 6.49 -29.83 -17.48
N VAL C 307 6.21 -29.69 -16.19
CA VAL C 307 6.93 -28.75 -15.33
C VAL C 307 7.02 -29.31 -13.92
N ILE C 308 8.18 -29.10 -13.28
CA ILE C 308 8.39 -29.55 -11.91
C ILE C 308 8.47 -28.34 -10.98
N GLY C 309 7.70 -28.38 -9.89
CA GLY C 309 7.85 -27.43 -8.82
C GLY C 309 8.63 -27.98 -7.63
N ALA C 310 9.16 -27.07 -6.82
CA ALA C 310 9.80 -27.43 -5.57
C ALA C 310 9.76 -26.22 -4.64
N THR C 311 9.67 -26.49 -3.35
CA THR C 311 9.58 -25.42 -2.36
C THR C 311 9.74 -25.99 -0.97
N THR C 312 9.63 -25.10 0.01
CA THR C 312 9.18 -25.40 1.35
C THR C 312 7.77 -24.83 1.47
N ASN C 313 7.22 -24.91 2.66
CA ASN C 313 5.85 -24.47 2.92
C ASN C 313 5.58 -23.05 2.44
N ASN C 314 6.10 -22.06 3.16
CA ASN C 314 5.61 -20.70 2.99
C ASN C 314 5.90 -20.19 1.59
N GLU C 315 6.99 -20.62 1.01
CA GLU C 315 7.31 -20.27 -0.36
C GLU C 315 6.21 -20.75 -1.28
N TYR C 316 5.86 -22.03 -1.16
CA TYR C 316 4.62 -22.51 -1.74
C TYR C 316 3.47 -21.59 -1.36
N ARG C 317 3.38 -21.25 -0.08
CA ARG C 317 2.29 -20.43 0.40
C ARG C 317 2.30 -19.06 -0.25
N SER C 318 3.27 -18.78 -1.09
CA SER C 318 3.34 -17.39 -1.49
C SER C 318 2.31 -17.09 -2.54
N ILE C 319 2.56 -17.49 -3.78
CA ILE C 319 1.70 -17.08 -4.88
C ILE C 319 0.49 -17.99 -5.01
N VAL C 320 0.67 -19.30 -4.86
CA VAL C 320 -0.42 -20.20 -5.19
C VAL C 320 -1.61 -19.94 -4.29
N GLU C 321 -1.37 -19.48 -3.07
CA GLU C 321 -2.49 -19.19 -2.17
C GLU C 321 -3.37 -18.11 -2.78
N LYS C 322 -2.75 -17.10 -3.36
CA LYS C 322 -3.46 -16.24 -4.29
C LYS C 322 -4.03 -17.15 -5.36
N ASP C 323 -3.13 -17.71 -6.15
CA ASP C 323 -3.49 -18.40 -7.39
C ASP C 323 -4.43 -19.58 -7.21
N GLY C 324 -3.88 -20.69 -6.73
CA GLY C 324 -4.56 -21.96 -6.80
C GLY C 324 -4.49 -22.64 -8.15
N ALA C 325 -4.20 -21.89 -9.22
CA ALA C 325 -4.07 -22.53 -10.52
C ALA C 325 -2.82 -23.36 -10.58
N PHE C 326 -1.73 -22.89 -9.98
CA PHE C 326 -0.58 -23.77 -9.81
C PHE C 326 -1.04 -25.07 -9.20
N GLU C 327 -1.65 -24.96 -8.03
CA GLU C 327 -2.34 -26.10 -7.46
C GLU C 327 -3.24 -26.73 -8.51
N ARG C 328 -4.06 -25.93 -9.15
CA ARG C 328 -4.88 -26.48 -10.22
C ARG C 328 -4.01 -27.09 -11.30
N ARG C 329 -2.83 -26.53 -11.54
CA ARG C 329 -1.92 -27.03 -12.56
C ARG C 329 -0.80 -27.90 -12.02
N PHE C 330 -0.73 -28.12 -10.71
CA PHE C 330 0.39 -28.88 -10.18
C PHE C 330 -0.07 -29.87 -9.13
N GLN C 331 0.86 -30.76 -8.80
CA GLN C 331 0.82 -31.46 -7.54
C GLN C 331 1.94 -30.99 -6.65
N LYS C 332 1.61 -30.72 -5.42
CA LYS C 332 2.62 -30.41 -4.42
C LYS C 332 3.04 -31.71 -3.75
N ILE C 333 4.34 -31.85 -3.54
CA ILE C 333 4.83 -33.07 -2.94
C ILE C 333 5.87 -32.71 -1.91
N GLU C 334 5.58 -33.02 -0.65
CA GLU C 334 6.56 -32.77 0.39
C GLU C 334 7.81 -33.59 0.15
N VAL C 335 8.95 -33.00 0.48
CA VAL C 335 10.20 -33.74 0.55
C VAL C 335 10.56 -33.81 2.02
N ALA C 336 10.52 -35.01 2.58
CA ALA C 336 10.83 -35.17 3.98
C ALA C 336 12.32 -34.96 4.18
N GLU C 337 12.69 -34.21 5.21
CA GLU C 337 14.10 -34.17 5.52
C GLU C 337 14.58 -35.60 5.75
N PRO C 338 15.55 -36.06 4.98
CA PRO C 338 15.91 -37.48 5.00
C PRO C 338 16.40 -37.91 6.36
N SER C 339 16.40 -39.22 6.58
CA SER C 339 16.84 -39.69 7.88
C SER C 339 18.31 -39.40 8.03
N VAL C 340 18.74 -39.38 9.28
CA VAL C 340 20.15 -39.30 9.58
C VAL C 340 20.92 -40.37 8.80
N ARG C 341 20.38 -41.57 8.72
CA ARG C 341 21.14 -42.56 7.98
C ARG C 341 21.00 -42.37 6.48
N GLN C 342 19.84 -41.92 6.02
CA GLN C 342 19.76 -41.45 4.65
C GLN C 342 20.92 -40.53 4.39
N THR C 343 21.12 -39.60 5.31
CA THR C 343 22.30 -38.79 5.28
C THR C 343 23.47 -39.75 5.24
N VAL C 344 23.64 -40.48 6.34
CA VAL C 344 24.82 -41.31 6.58
C VAL C 344 25.15 -42.06 5.32
N ALA C 345 24.14 -42.68 4.76
CA ALA C 345 24.31 -43.38 3.51
C ALA C 345 24.89 -42.42 2.49
N ILE C 346 24.06 -41.50 2.01
CA ILE C 346 24.50 -40.75 0.87
C ILE C 346 25.59 -39.78 1.24
N LEU C 347 25.80 -39.56 2.53
CA LEU C 347 27.05 -38.98 2.97
C LEU C 347 28.21 -39.68 2.30
N ARG C 348 28.21 -40.99 2.39
CA ARG C 348 29.27 -41.76 1.79
C ARG C 348 29.34 -41.54 0.30
N GLY C 349 28.28 -41.02 -0.29
CA GLY C 349 28.22 -40.90 -1.74
C GLY C 349 29.38 -40.09 -2.26
N LEU C 350 29.51 -38.86 -1.82
CA LEU C 350 30.64 -38.03 -2.20
C LEU C 350 31.72 -38.07 -1.16
N GLN C 351 31.56 -38.88 -0.14
CA GLN C 351 32.64 -39.15 0.78
C GLN C 351 33.93 -39.35 -0.02
N PRO C 352 33.99 -40.29 -0.96
CA PRO C 352 35.22 -40.43 -1.73
C PRO C 352 35.56 -39.15 -2.44
N LYS C 353 34.52 -38.51 -2.96
CA LYS C 353 34.70 -37.29 -3.71
C LYS C 353 35.41 -36.24 -2.86
N TYR C 354 34.76 -35.76 -1.82
CA TYR C 354 35.27 -34.56 -1.19
C TYR C 354 36.64 -34.78 -0.60
N GLU C 355 36.85 -35.93 0.04
CA GLU C 355 38.19 -36.24 0.49
C GLU C 355 39.17 -36.24 -0.68
N ILE C 356 38.72 -36.68 -1.85
CA ILE C 356 39.61 -36.52 -2.98
C ILE C 356 39.52 -35.10 -3.51
N HIS C 357 38.33 -34.47 -3.47
CA HIS C 357 38.27 -33.03 -3.73
C HIS C 357 39.26 -32.32 -2.86
N HIS C 358 39.30 -32.70 -1.60
CA HIS C 358 40.16 -32.09 -0.63
C HIS C 358 41.43 -32.90 -0.45
N GLY C 359 41.63 -33.90 -1.29
CA GLY C 359 42.92 -34.54 -1.38
C GLY C 359 43.26 -35.28 -0.10
N VAL C 360 42.25 -35.88 0.53
CA VAL C 360 42.41 -36.43 1.86
C VAL C 360 41.60 -37.70 1.97
N ARG C 361 41.45 -38.18 3.19
CA ARG C 361 40.67 -39.36 3.45
C ARG C 361 39.64 -39.06 4.53
N ILE C 362 38.72 -39.97 4.70
CA ILE C 362 37.64 -39.82 5.65
C ILE C 362 37.54 -41.09 6.47
N LEU C 363 37.10 -40.94 7.70
CA LEU C 363 36.60 -42.04 8.51
C LEU C 363 35.12 -41.83 8.71
N ASP C 364 34.31 -42.82 8.30
CA ASP C 364 32.87 -42.73 8.52
C ASP C 364 32.56 -42.47 9.97
N SER C 365 33.47 -42.83 10.85
CA SER C 365 33.33 -42.54 12.27
C SER C 365 32.86 -41.11 12.45
N ALA C 366 33.67 -40.14 12.05
CA ALA C 366 33.18 -38.77 12.01
C ALA C 366 31.94 -38.65 11.16
N LEU C 367 31.94 -39.29 10.00
CA LEU C 367 30.87 -39.09 9.02
C LEU C 367 29.52 -39.36 9.66
N VAL C 368 29.36 -40.54 10.24
CA VAL C 368 28.17 -40.74 11.04
C VAL C 368 28.16 -39.77 12.20
N THR C 369 29.32 -39.51 12.80
CA THR C 369 29.35 -38.75 14.04
C THR C 369 28.72 -37.38 13.85
N ALA C 370 29.17 -36.65 12.84
CA ALA C 370 28.49 -35.40 12.53
C ALA C 370 27.02 -35.68 12.34
N ALA C 371 26.70 -36.59 11.43
CA ALA C 371 25.33 -36.99 11.21
C ALA C 371 24.67 -37.29 12.53
N GLN C 372 25.38 -37.99 13.41
CA GLN C 372 24.90 -38.08 14.77
C GLN C 372 24.78 -36.68 15.32
N LEU C 373 25.92 -36.08 15.63
CA LEU C 373 25.94 -34.81 16.34
C LEU C 373 25.27 -33.70 15.56
N ALA C 374 25.90 -33.30 14.47
CA ALA C 374 25.54 -32.05 13.82
C ALA C 374 24.05 -31.99 13.55
N LYS C 375 23.42 -33.16 13.37
CA LYS C 375 21.99 -33.26 13.12
C LYS C 375 21.21 -32.34 14.04
N ARG C 376 21.65 -32.26 15.28
CA ARG C 376 20.98 -31.38 16.23
C ARG C 376 21.41 -29.94 16.05
N TYR C 377 22.66 -29.71 15.71
CA TYR C 377 23.31 -28.46 16.07
C TYR C 377 23.39 -27.43 14.96
N LEU C 378 22.93 -27.74 13.77
CA LEU C 378 22.79 -26.63 12.84
C LEU C 378 21.31 -26.47 12.59
N PRO C 379 20.68 -25.45 13.17
CA PRO C 379 19.25 -25.27 12.97
C PRO C 379 18.88 -25.03 11.53
N TYR C 380 19.67 -24.22 10.88
CA TYR C 380 19.23 -23.60 9.63
C TYR C 380 19.49 -24.58 8.50
N ARG C 381 20.76 -24.80 8.20
CA ARG C 381 21.11 -25.73 7.17
C ARG C 381 20.77 -27.14 7.63
N ARG C 382 20.96 -28.09 6.74
CA ARG C 382 20.38 -29.41 6.90
C ARG C 382 21.44 -30.47 6.73
N LEU C 383 21.47 -31.38 7.68
CA LEU C 383 22.27 -32.59 7.67
C LEU C 383 22.12 -33.21 6.28
N PRO C 384 20.90 -33.13 5.64
CA PRO C 384 20.80 -33.45 4.22
C PRO C 384 21.93 -32.82 3.43
N ASP C 385 22.47 -31.76 3.97
CA ASP C 385 23.69 -31.23 3.41
C ASP C 385 24.70 -30.98 4.52
N SER C 386 24.29 -30.17 5.49
CA SER C 386 25.20 -29.57 6.46
C SER C 386 26.21 -30.56 6.96
N ALA C 387 25.80 -31.80 7.16
CA ALA C 387 26.74 -32.86 7.44
C ALA C 387 27.91 -32.74 6.48
N LEU C 388 27.63 -33.03 5.22
CA LEU C 388 28.62 -32.80 4.19
C LEU C 388 29.21 -31.42 4.34
N ASP C 389 28.38 -30.45 4.66
CA ASP C 389 28.93 -29.12 4.76
C ASP C 389 29.95 -29.07 5.86
N LEU C 390 29.60 -29.62 7.02
CA LEU C 390 30.63 -29.88 8.00
C LEU C 390 31.77 -30.64 7.37
N VAL C 391 31.46 -31.57 6.49
CA VAL C 391 32.51 -32.43 5.96
C VAL C 391 33.52 -31.60 5.18
N ASP C 392 33.06 -30.90 4.15
CA ASP C 392 33.98 -30.04 3.42
C ASP C 392 34.71 -29.17 4.41
N ILE C 393 33.96 -28.58 5.34
CA ILE C 393 34.56 -27.93 6.49
C ILE C 393 35.51 -28.88 7.18
N SER C 394 35.00 -30.04 7.55
CA SER C 394 35.87 -31.03 8.16
C SER C 394 37.06 -31.28 7.27
N CYS C 395 36.80 -31.37 5.97
CA CYS C 395 37.86 -31.61 5.01
C CYS C 395 38.96 -30.58 5.16
N ALA C 396 38.61 -29.32 5.04
CA ALA C 396 39.59 -28.37 4.54
C ALA C 396 40.66 -28.12 5.59
N GLY C 397 40.30 -27.45 6.67
CA GLY C 397 41.32 -26.96 7.59
C GLY C 397 42.34 -28.02 7.93
N VAL C 398 41.88 -29.23 8.16
CA VAL C 398 42.83 -30.31 8.39
C VAL C 398 43.58 -30.60 7.11
N ALA C 399 42.87 -30.69 5.99
CA ALA C 399 43.57 -30.76 4.72
C ALA C 399 44.37 -29.50 4.48
N VAL C 400 43.95 -28.40 5.08
CA VAL C 400 44.81 -27.22 5.12
C VAL C 400 45.96 -27.47 6.07
N ALA C 401 45.67 -28.02 7.25
CA ALA C 401 46.72 -28.45 8.14
C ALA C 401 47.59 -29.43 7.37
N ARG C 402 47.08 -29.95 6.26
CA ARG C 402 47.96 -30.59 5.29
C ARG C 402 48.57 -29.60 4.29
N ASP C 403 47.83 -28.57 3.84
CA ASP C 403 48.03 -28.06 2.48
C ASP C 403 49.34 -27.29 2.23
N SER C 404 49.50 -26.12 2.85
CA SER C 404 50.63 -25.22 2.59
C SER C 404 51.84 -25.57 3.43
N LYS C 405 51.88 -26.78 3.98
CA LYS C 405 52.30 -27.16 5.32
C LYS C 405 51.03 -27.03 6.15
N PRO C 406 50.99 -27.61 7.34
CA PRO C 406 50.02 -27.14 8.32
C PRO C 406 50.09 -25.63 8.38
N SER C 530 49.05 -33.31 7.66
CA SER C 530 49.21 -34.00 6.38
C SER C 530 49.09 -35.51 6.51
N MET C 531 49.91 -36.10 7.40
CA MET C 531 49.82 -37.54 7.65
C MET C 531 48.40 -37.93 8.00
N ILE C 532 47.78 -37.18 8.91
CA ILE C 532 46.34 -37.27 9.06
C ILE C 532 45.72 -36.93 7.71
N GLN C 533 44.98 -37.87 7.17
CA GLN C 533 44.45 -37.72 5.83
C GLN C 533 42.99 -38.05 5.96
N ASN C 534 42.77 -39.25 6.44
CA ASN C 534 41.51 -39.65 7.01
C ASN C 534 41.02 -38.58 7.96
N VAL C 535 39.74 -38.29 7.88
CA VAL C 535 39.17 -37.39 8.85
C VAL C 535 39.25 -38.06 10.20
N VAL C 536 39.73 -37.33 11.21
CA VAL C 536 39.56 -37.84 12.56
C VAL C 536 38.07 -37.95 12.77
N ASP C 537 37.66 -38.89 13.59
CA ASP C 537 36.29 -38.79 14.01
C ASP C 537 36.10 -37.47 14.73
N SER C 538 36.74 -37.36 15.89
CA SER C 538 36.40 -36.34 16.86
C SER C 538 36.48 -34.94 16.28
N ASP C 539 37.69 -34.42 16.10
CA ASP C 539 37.87 -33.01 15.86
C ASP C 539 37.09 -32.56 14.65
N THR C 540 37.17 -33.37 13.60
CA THR C 540 36.34 -33.17 12.42
C THR C 540 34.91 -32.96 12.81
N ILE C 541 34.51 -33.52 13.94
CA ILE C 541 33.24 -33.12 14.48
C ILE C 541 33.62 -32.12 15.55
N SER C 542 34.32 -32.61 16.57
CA SER C 542 34.62 -31.87 17.78
C SER C 542 35.17 -30.49 17.50
N GLU C 543 36.43 -30.46 17.08
CA GLU C 543 37.07 -29.19 16.79
C GLU C 543 36.21 -28.36 15.89
N THR C 544 35.59 -29.01 14.91
CA THR C 544 34.68 -28.29 14.05
C THR C 544 33.46 -27.84 14.82
N ALA C 545 32.85 -28.76 15.56
CA ALA C 545 31.84 -28.33 16.50
C ALA C 545 32.38 -27.21 17.35
N ALA C 546 33.59 -27.40 17.88
CA ALA C 546 34.25 -26.32 18.58
C ALA C 546 34.31 -25.09 17.71
N ARG C 547 34.80 -25.25 16.48
CA ARG C 547 34.64 -24.19 15.51
C ARG C 547 33.19 -23.76 15.42
N LEU C 548 32.29 -24.73 15.31
CA LEU C 548 30.89 -24.37 15.18
C LEU C 548 30.36 -23.72 16.45
N THR C 549 30.41 -24.44 17.56
CA THR C 549 29.84 -23.85 18.77
C THR C 549 30.83 -23.80 19.92
N GLY C 550 31.04 -24.93 20.59
CA GLY C 550 32.00 -24.94 21.66
C GLY C 550 31.59 -25.88 22.76
N ILE C 551 32.41 -25.88 23.80
CA ILE C 551 32.27 -26.76 24.95
C ILE C 551 32.23 -28.20 24.45
N PRO C 552 33.27 -28.65 23.76
CA PRO C 552 33.20 -29.98 23.14
C PRO C 552 32.91 -31.05 24.14
N VAL C 553 33.51 -30.93 25.33
CA VAL C 553 33.54 -32.03 26.29
C VAL C 553 32.17 -32.67 26.43
N LYS C 554 31.13 -31.85 26.51
CA LYS C 554 29.79 -32.41 26.48
C LYS C 554 29.54 -33.04 25.13
N LYS C 555 29.68 -32.25 24.06
CA LYS C 555 29.47 -32.79 22.74
C LYS C 555 30.47 -33.87 22.41
N LEU C 556 31.53 -33.99 23.20
CA LEU C 556 32.58 -34.94 22.86
C LEU C 556 32.06 -36.36 23.01
N SER C 557 31.82 -36.78 24.23
CA SER C 557 31.53 -38.19 24.41
C SER C 557 30.07 -38.48 24.73
N GLU C 558 29.69 -38.26 25.98
CA GLU C 558 28.44 -38.78 26.47
C GLU C 558 27.25 -38.23 25.70
N SER C 559 26.46 -39.15 25.18
CA SER C 559 25.39 -38.86 24.25
C SER C 559 24.11 -39.41 24.84
N GLU C 560 23.15 -38.53 25.04
CA GLU C 560 21.77 -38.91 25.32
C GLU C 560 21.58 -39.57 26.66
N ASN C 561 22.65 -40.02 27.30
CA ASN C 561 22.38 -41.10 28.24
C ASN C 561 22.86 -40.79 29.65
N GLU C 562 24.16 -40.95 29.88
CA GLU C 562 24.67 -40.86 31.24
C GLU C 562 24.35 -39.50 31.82
N LYS C 563 24.26 -38.50 30.95
CA LYS C 563 23.73 -37.23 31.37
C LYS C 563 22.49 -37.49 32.19
N LEU C 564 21.58 -38.30 31.65
CA LEU C 564 20.35 -38.61 32.35
C LEU C 564 20.62 -39.15 33.74
N ILE C 565 21.30 -40.30 33.83
CA ILE C 565 21.48 -40.90 35.15
C ILE C 565 22.00 -39.88 36.14
N HIS C 566 23.00 -39.12 35.74
CA HIS C 566 23.60 -38.22 36.71
C HIS C 566 23.00 -36.83 36.63
N MET C 567 22.03 -36.62 35.73
CA MET C 567 21.39 -35.33 35.53
C MET C 567 20.96 -34.71 36.84
N GLU C 568 20.18 -35.44 37.61
CA GLU C 568 19.68 -34.91 38.87
C GLU C 568 20.85 -34.53 39.75
N ARG C 569 21.68 -35.51 40.07
CA ARG C 569 22.85 -35.28 40.89
C ARG C 569 23.70 -34.18 40.31
N ASP C 570 23.79 -34.11 38.99
CA ASP C 570 24.26 -32.90 38.33
C ASP C 570 23.40 -31.73 38.74
N LEU C 571 22.12 -31.79 38.38
CA LEU C 571 21.26 -30.64 38.64
C LEU C 571 21.17 -30.36 40.13
N SER C 572 21.43 -31.37 40.95
CA SER C 572 21.38 -31.21 42.40
C SER C 572 22.23 -30.03 42.83
N SER C 573 23.18 -29.64 42.00
CA SER C 573 23.90 -28.40 42.21
C SER C 573 22.95 -27.26 42.57
N GLU C 574 22.01 -26.96 41.69
CA GLU C 574 21.36 -25.66 41.61
C GLU C 574 20.64 -25.20 42.88
N VAL C 575 19.55 -25.83 43.25
CA VAL C 575 18.96 -25.69 44.58
C VAL C 575 18.42 -27.05 44.97
N VAL C 576 18.72 -27.49 46.18
CA VAL C 576 18.22 -28.76 46.63
C VAL C 576 16.75 -28.55 46.95
N GLY C 577 16.04 -29.61 47.27
CA GLY C 577 14.61 -29.46 47.29
C GLY C 577 14.15 -29.40 45.86
N GLN C 578 12.87 -29.63 45.64
CA GLN C 578 12.31 -29.76 44.31
C GLN C 578 12.99 -30.90 43.56
N MET C 579 13.65 -31.77 44.31
CA MET C 579 14.47 -32.80 43.71
C MET C 579 13.62 -33.75 42.91
N ASP C 580 12.55 -34.22 43.54
CA ASP C 580 11.52 -34.98 42.86
C ASP C 580 11.10 -34.33 41.55
N ALA C 581 10.71 -33.07 41.62
CA ALA C 581 10.41 -32.34 40.40
C ALA C 581 11.56 -32.49 39.44
N ILE C 582 12.74 -32.16 39.92
CA ILE C 582 13.95 -32.38 39.14
C ILE C 582 13.95 -33.81 38.65
N LYS C 583 13.75 -34.75 39.56
CA LYS C 583 13.62 -36.14 39.14
C LYS C 583 12.54 -36.25 38.09
N ALA C 584 11.35 -35.73 38.41
CA ALA C 584 10.28 -35.73 37.43
C ALA C 584 10.76 -35.09 36.14
N VAL C 585 11.44 -33.95 36.27
CA VAL C 585 12.06 -33.38 35.09
C VAL C 585 12.98 -34.39 34.46
N SER C 586 13.96 -34.85 35.25
CA SER C 586 14.87 -35.87 34.78
C SER C 586 14.11 -37.08 34.30
N ASN C 587 13.04 -37.43 34.99
CA ASN C 587 12.12 -38.36 34.40
C ASN C 587 11.69 -37.79 33.07
N ALA C 588 10.89 -36.74 33.11
CA ALA C 588 10.14 -36.33 31.93
C ALA C 588 11.05 -36.14 30.74
N VAL C 589 12.29 -35.73 30.98
CA VAL C 589 13.20 -35.61 29.86
C VAL C 589 13.44 -36.97 29.27
N ARG C 590 13.41 -37.99 30.10
CA ARG C 590 13.51 -39.30 29.50
C ARG C 590 12.18 -39.68 28.88
N LEU C 591 11.08 -39.31 29.53
CA LEU C 591 9.82 -39.29 28.80
C LEU C 591 10.00 -38.53 27.52
N SER C 592 10.70 -37.41 27.59
CA SER C 592 11.03 -36.72 26.35
C SER C 592 11.92 -37.55 25.46
N ARG C 593 12.40 -38.69 25.92
CA ARG C 593 13.28 -39.46 25.06
C ARG C 593 12.78 -40.88 24.97
N SER C 594 13.56 -41.69 24.25
CA SER C 594 13.23 -43.08 24.02
C SER C 594 11.97 -43.17 23.18
N GLY C 595 11.36 -42.03 22.91
CA GLY C 595 10.19 -41.95 22.06
C GLY C 595 8.99 -42.67 22.58
N LEU C 596 9.06 -43.23 23.78
CA LEU C 596 7.89 -43.83 24.39
C LEU C 596 6.78 -42.81 24.35
N ALA C 597 6.93 -41.76 25.13
CA ALA C 597 6.09 -40.60 24.92
C ALA C 597 6.22 -40.16 23.47
N ASN C 598 5.15 -39.63 22.94
CA ASN C 598 5.11 -39.37 21.52
C ASN C 598 6.24 -38.45 21.11
N PRO C 599 7.15 -38.91 20.24
CA PRO C 599 8.25 -38.07 19.79
C PRO C 599 7.79 -36.78 19.18
N ARG C 600 6.53 -36.70 18.80
CA ARG C 600 5.90 -35.43 18.55
C ARG C 600 5.07 -35.13 19.79
N GLN C 601 5.61 -34.24 20.62
CA GLN C 601 5.00 -33.80 21.86
C GLN C 601 6.02 -32.97 22.62
N PRO C 602 5.60 -31.93 23.29
CA PRO C 602 6.57 -31.15 24.07
C PRO C 602 7.04 -31.90 25.29
N ALA C 603 7.79 -31.21 26.15
CA ALA C 603 8.00 -31.61 27.52
C ALA C 603 7.36 -30.54 28.40
N SER C 604 6.23 -30.87 29.01
CA SER C 604 5.29 -29.86 29.47
C SER C 604 5.44 -29.60 30.97
N PHE C 605 5.86 -28.39 31.31
CA PHE C 605 6.38 -28.07 32.62
C PHE C 605 5.83 -26.75 33.14
N LEU C 606 5.04 -26.84 34.19
CA LEU C 606 4.45 -25.70 34.87
C LEU C 606 4.87 -25.72 36.32
N PHE C 607 5.40 -24.61 36.80
CA PHE C 607 6.16 -24.62 38.03
C PHE C 607 5.56 -23.67 39.04
N LEU C 608 5.63 -24.04 40.31
CA LEU C 608 5.09 -23.26 41.41
C LEU C 608 6.21 -22.85 42.35
N GLY C 609 6.07 -21.69 42.97
CA GLY C 609 7.06 -21.17 43.86
C GLY C 609 7.05 -19.66 43.81
N LEU C 610 8.18 -19.07 44.20
CA LEU C 610 8.30 -17.63 44.25
C LEU C 610 9.49 -17.17 43.43
N SER C 611 9.77 -15.88 43.52
CA SER C 611 11.01 -15.35 43.00
C SER C 611 12.13 -15.95 43.85
N GLY C 612 13.21 -16.34 43.19
CA GLY C 612 14.25 -17.14 43.82
C GLY C 612 14.10 -18.63 43.63
N SER C 613 12.91 -19.10 43.27
CA SER C 613 12.53 -20.48 43.52
C SER C 613 12.83 -21.46 42.40
N GLY C 614 13.29 -20.99 41.24
CA GLY C 614 13.65 -21.87 40.15
C GLY C 614 12.78 -21.80 38.92
N LYS C 615 11.52 -21.38 39.04
CA LYS C 615 10.95 -20.61 37.94
C LYS C 615 11.80 -19.41 37.73
N THR C 616 12.17 -18.82 38.83
CA THR C 616 13.28 -17.94 38.95
C THR C 616 14.50 -18.44 38.19
N GLU C 617 14.83 -19.70 38.40
CA GLU C 617 16.18 -20.19 38.22
C GLU C 617 16.25 -21.28 37.16
N LEU C 618 15.60 -22.39 37.48
CA LEU C 618 16.03 -23.72 37.09
C LEU C 618 16.49 -23.84 35.66
N ALA C 619 15.72 -23.24 34.76
CA ALA C 619 16.03 -23.33 33.35
C ALA C 619 17.49 -23.07 33.11
N LYS C 620 18.08 -22.18 33.90
CA LYS C 620 19.50 -21.90 33.77
C LYS C 620 20.28 -23.19 33.68
N LYS C 621 20.11 -24.06 34.66
CA LYS C 621 20.76 -25.35 34.59
C LYS C 621 20.23 -26.14 33.41
N VAL C 622 18.93 -26.09 33.20
CA VAL C 622 18.23 -27.07 32.38
C VAL C 622 18.94 -27.30 31.06
N ALA C 623 18.86 -26.33 30.17
CA ALA C 623 19.52 -26.50 28.89
C ALA C 623 21.02 -26.55 29.08
N GLY C 624 21.54 -25.70 29.95
CA GLY C 624 22.94 -25.81 30.31
C GLY C 624 23.30 -27.23 30.62
N PHE C 625 22.48 -27.90 31.41
CA PHE C 625 22.54 -29.34 31.34
C PHE C 625 22.14 -29.84 29.97
N LEU C 626 20.86 -29.68 29.64
CA LEU C 626 20.32 -30.31 28.44
C LEU C 626 21.02 -29.85 27.18
N PHE C 627 20.79 -28.62 26.78
CA PHE C 627 21.38 -28.19 25.53
C PHE C 627 22.74 -27.59 25.72
N ASN C 628 23.21 -27.53 26.95
CA ASN C 628 24.46 -26.86 27.27
C ASN C 628 24.42 -25.43 26.76
N ASP C 629 23.63 -24.63 27.46
CA ASP C 629 23.45 -23.23 27.15
C ASP C 629 22.60 -22.62 28.23
N GLU C 630 22.77 -21.33 28.40
CA GLU C 630 21.82 -20.57 29.18
C GLU C 630 20.64 -20.13 28.35
N ASP C 631 20.83 -19.94 27.06
CA ASP C 631 19.89 -19.21 26.25
C ASP C 631 18.93 -20.09 25.47
N MET C 632 19.09 -21.41 25.50
CA MET C 632 18.01 -22.20 24.95
C MET C 632 16.75 -21.93 25.73
N MET C 633 16.92 -21.66 27.01
CA MET C 633 15.97 -20.93 27.82
C MET C 633 15.54 -19.66 27.12
N ILE C 634 14.23 -19.47 27.03
CA ILE C 634 13.70 -18.36 26.26
C ILE C 634 12.59 -17.71 27.08
N ARG C 635 12.60 -16.39 27.12
CA ARG C 635 11.82 -15.65 28.09
C ARG C 635 10.51 -15.20 27.47
N VAL C 636 9.43 -15.36 28.22
CA VAL C 636 8.11 -14.93 27.78
C VAL C 636 7.36 -14.44 28.99
N ASP C 637 6.70 -13.29 28.88
CA ASP C 637 5.88 -12.76 29.96
C ASP C 637 4.42 -12.69 29.52
N CYS C 638 3.54 -13.33 30.30
CA CYS C 638 2.11 -13.21 30.05
C CYS C 638 1.62 -11.80 30.30
N SER C 639 2.14 -11.15 31.35
CA SER C 639 1.74 -9.78 31.66
C SER C 639 1.74 -8.94 30.40
N GLU C 640 2.73 -9.16 29.56
CA GLU C 640 2.74 -8.52 28.26
C GLU C 640 1.48 -8.85 27.50
N LEU C 641 0.98 -10.06 27.65
CA LEU C 641 0.05 -10.58 26.68
C LEU C 641 -1.26 -10.73 27.42
N SER C 642 -2.12 -9.72 27.35
CA SER C 642 -3.43 -9.90 27.94
C SER C 642 -4.50 -10.25 26.94
N GLU C 643 -4.29 -9.96 25.67
CA GLU C 643 -5.40 -9.98 24.75
C GLU C 643 -5.01 -10.58 23.41
N LYS C 644 -4.18 -9.86 22.65
CA LYS C 644 -4.05 -10.09 21.23
C LYS C 644 -2.77 -10.77 20.78
N TYR C 645 -1.83 -11.07 21.68
CA TYR C 645 -0.45 -11.30 21.26
C TYR C 645 -0.31 -12.31 20.14
N ALA C 646 -1.33 -13.11 19.89
CA ALA C 646 -1.40 -13.75 18.60
C ALA C 646 -1.15 -12.73 17.51
N VAL C 647 -1.44 -11.47 17.79
CA VAL C 647 -0.92 -10.39 16.96
C VAL C 647 0.59 -10.55 16.89
N SER C 648 1.28 -10.30 17.99
CA SER C 648 2.73 -10.24 17.96
C SER C 648 3.34 -11.61 18.13
N LYS C 649 2.53 -12.64 18.13
CA LYS C 649 3.05 -13.99 18.07
C LYS C 649 3.79 -14.26 16.78
N LEU C 650 3.83 -13.28 15.87
CA LEU C 650 3.77 -13.46 14.43
C LEU C 650 2.38 -13.89 13.98
N LEU C 651 1.48 -12.93 13.85
CA LEU C 651 0.25 -13.15 13.11
C LEU C 651 0.54 -13.33 11.61
N GLY C 652 -0.52 -13.60 10.86
CA GLY C 652 -0.42 -13.60 9.41
C GLY C 652 -0.20 -12.20 8.91
N THR C 653 0.90 -11.98 8.19
CA THR C 653 1.35 -10.63 7.87
C THR C 653 0.23 -9.80 7.28
N THR C 654 0.07 -8.59 7.81
CA THR C 654 -1.05 -7.74 7.48
C THR C 654 -0.63 -6.28 7.37
N ASP C 661 5.05 -4.82 11.32
CA ASP C 661 3.92 -5.69 10.97
C ASP C 661 4.41 -7.12 10.92
N GLU C 662 5.68 -7.31 11.24
CA GLU C 662 6.32 -8.62 11.27
C GLU C 662 6.50 -9.01 12.73
N GLY C 663 5.76 -10.04 13.15
CA GLY C 663 5.70 -10.44 14.55
C GLY C 663 6.55 -11.63 14.90
N GLY C 664 7.62 -11.82 14.15
CA GLY C 664 8.35 -13.08 14.09
C GLY C 664 8.83 -13.66 15.40
N PHE C 665 8.74 -12.86 16.46
CA PHE C 665 9.41 -13.15 17.72
C PHE C 665 9.30 -14.63 18.07
N LEU C 666 8.12 -15.07 18.47
CA LEU C 666 7.97 -16.45 18.88
C LEU C 666 8.59 -17.37 17.85
N THR C 667 8.11 -17.24 16.63
CA THR C 667 8.66 -18.01 15.52
C THR C 667 10.16 -17.85 15.50
N ASN C 668 10.61 -16.60 15.40
CA ASN C 668 12.03 -16.32 15.45
C ASN C 668 12.66 -17.04 16.62
N GLN C 669 12.03 -16.95 17.78
CA GLN C 669 12.65 -17.52 18.96
C GLN C 669 13.08 -18.95 18.67
N LEU C 670 12.18 -19.76 18.12
CA LEU C 670 12.65 -21.03 17.59
C LEU C 670 13.36 -20.82 16.28
N GLN C 671 12.75 -20.07 15.37
CA GLN C 671 13.36 -19.92 14.05
C GLN C 671 14.81 -19.51 14.19
N TYR C 672 15.14 -18.85 15.29
CA TYR C 672 16.53 -18.77 15.67
C TYR C 672 17.01 -20.06 16.31
N LYS C 673 16.20 -20.66 17.18
CA LYS C 673 16.72 -21.58 18.19
C LYS C 673 15.81 -22.80 18.33
N PRO C 674 16.03 -23.81 17.53
CA PRO C 674 15.14 -24.99 17.54
C PRO C 674 15.21 -25.89 18.75
N TYR C 675 16.40 -26.23 19.21
CA TYR C 675 16.53 -27.09 20.38
C TYR C 675 16.67 -26.17 21.56
N SER C 676 15.63 -26.06 22.36
CA SER C 676 15.47 -24.82 23.11
C SER C 676 14.59 -25.06 24.32
N VAL C 677 14.61 -24.10 25.23
CA VAL C 677 13.84 -24.18 26.44
C VAL C 677 12.97 -22.94 26.54
N LEU C 678 11.70 -23.14 26.84
CA LEU C 678 10.71 -22.09 26.67
C LEU C 678 10.22 -21.70 28.05
N LEU C 679 10.65 -20.54 28.52
CA LEU C 679 10.15 -20.00 29.78
C LEU C 679 9.04 -19.00 29.49
N PHE C 680 7.88 -19.24 30.08
CA PHE C 680 6.82 -18.27 30.09
C PHE C 680 6.68 -17.69 31.49
N ASP C 681 6.42 -16.39 31.56
CA ASP C 681 6.30 -15.69 32.82
C ASP C 681 4.87 -15.24 32.98
N GLU C 682 4.43 -15.13 34.24
CA GLU C 682 3.06 -14.71 34.54
C GLU C 682 2.07 -15.72 34.00
N VAL C 683 2.56 -16.95 33.82
CA VAL C 683 1.79 -17.98 33.14
C VAL C 683 0.42 -18.08 33.77
N GLU C 684 0.36 -18.00 35.09
CA GLU C 684 -0.91 -17.98 35.78
C GLU C 684 -1.86 -16.95 35.21
N LYS C 685 -1.33 -15.87 34.65
CA LYS C 685 -2.17 -14.87 34.02
C LYS C 685 -2.35 -15.12 32.53
N ALA C 686 -1.83 -16.24 32.02
CA ALA C 686 -1.93 -16.51 30.59
C ALA C 686 -3.36 -16.34 30.11
N HIS C 687 -3.49 -15.57 29.12
CA HIS C 687 -4.77 -15.10 28.62
C HIS C 687 -5.28 -16.01 27.52
N PRO C 688 -6.59 -15.98 27.27
CA PRO C 688 -7.18 -16.94 26.32
C PRO C 688 -6.39 -17.08 25.05
N ASP C 689 -5.87 -15.98 24.53
CA ASP C 689 -4.98 -16.04 23.38
C ASP C 689 -3.81 -16.96 23.70
N VAL C 690 -2.90 -16.48 24.55
CA VAL C 690 -1.61 -17.13 24.66
C VAL C 690 -1.79 -18.59 25.02
N LEU C 691 -2.74 -18.87 25.91
CA LEU C 691 -2.96 -20.25 26.30
C LEU C 691 -3.40 -21.10 25.13
N THR C 692 -4.17 -20.52 24.21
CA THR C 692 -4.74 -21.39 23.19
C THR C 692 -3.66 -21.89 22.24
N VAL C 693 -2.61 -21.10 22.05
CA VAL C 693 -1.51 -21.63 21.27
C VAL C 693 -0.64 -22.48 22.15
N MET C 694 -0.60 -22.18 23.45
CA MET C 694 0.03 -23.12 24.36
C MET C 694 -0.50 -24.50 24.08
N LEU C 695 -1.80 -24.60 23.80
CA LEU C 695 -2.35 -25.88 23.42
C LEU C 695 -1.52 -26.51 22.31
N GLN C 696 -1.32 -25.79 21.22
CA GLN C 696 -0.46 -26.36 20.20
C GLN C 696 0.92 -26.62 20.76
N MET C 697 1.43 -25.66 21.52
CA MET C 697 2.70 -25.91 22.19
C MET C 697 2.59 -27.19 23.01
N LEU C 698 1.54 -27.27 23.83
CA LEU C 698 1.17 -28.53 24.45
C LEU C 698 1.02 -29.63 23.42
N ASP C 699 0.51 -29.30 22.25
CA ASP C 699 0.26 -30.33 21.27
C ASP C 699 1.57 -30.75 20.61
N ASP C 700 1.54 -31.95 20.03
CA ASP C 700 2.17 -32.29 18.76
C ASP C 700 3.67 -32.07 18.70
N GLY C 701 4.23 -31.41 19.71
CA GLY C 701 5.59 -30.93 19.59
C GLY C 701 5.84 -30.13 18.33
N ARG C 702 4.88 -29.30 17.94
CA ARG C 702 5.00 -28.45 16.76
C ARG C 702 4.34 -27.11 17.04
N ILE C 703 4.82 -26.09 16.35
CA ILE C 703 4.34 -24.73 16.56
C ILE C 703 4.03 -24.09 15.21
N THR C 704 2.77 -23.80 14.98
CA THR C 704 2.38 -23.05 13.80
C THR C 704 2.82 -21.59 13.93
N SER C 705 2.85 -20.92 12.79
CA SER C 705 3.06 -19.48 12.73
C SER C 705 1.79 -18.81 12.24
N GLY C 706 1.82 -17.48 12.21
CA GLY C 706 0.75 -16.71 11.61
C GLY C 706 0.96 -16.66 10.13
N GLN C 707 2.22 -16.57 9.70
CA GLN C 707 2.53 -16.70 8.30
C GLN C 707 2.24 -18.08 7.78
N GLY C 708 1.93 -19.02 8.66
CA GLY C 708 1.52 -20.36 8.26
C GLY C 708 2.53 -21.44 8.54
N LYS C 709 3.78 -21.09 8.85
CA LYS C 709 4.75 -22.14 9.13
C LYS C 709 4.44 -22.82 10.44
N THR C 710 4.56 -24.14 10.46
CA THR C 710 4.52 -24.90 11.68
C THR C 710 5.93 -25.32 12.03
N ILE C 711 6.21 -25.38 13.33
CA ILE C 711 7.59 -25.42 13.80
C ILE C 711 7.69 -26.36 15.00
N ASP C 712 8.67 -27.26 14.96
CA ASP C 712 8.81 -28.30 15.99
C ASP C 712 8.90 -27.72 17.38
N CYS C 713 7.98 -28.14 18.24
CA CYS C 713 8.13 -27.98 19.67
C CYS C 713 8.69 -29.22 20.36
N SER C 714 8.76 -30.36 19.68
CA SER C 714 9.06 -31.61 20.37
C SER C 714 10.40 -31.53 21.06
N ASN C 715 11.41 -31.07 20.34
CA ASN C 715 12.75 -30.94 20.88
C ASN C 715 12.88 -29.73 21.76
N CYS C 716 11.77 -29.04 21.97
CA CYS C 716 11.72 -27.81 22.73
C CYS C 716 11.18 -28.11 24.13
N ILE C 717 11.66 -27.33 25.10
CA ILE C 717 11.28 -27.52 26.49
C ILE C 717 10.57 -26.26 26.96
N VAL C 718 9.48 -26.45 27.68
CA VAL C 718 8.61 -25.33 28.04
C VAL C 718 8.62 -25.17 29.55
N ILE C 719 8.59 -23.92 30.00
CA ILE C 719 8.83 -23.56 31.39
C ILE C 719 7.86 -22.47 31.79
N MET C 720 7.22 -22.63 32.95
CA MET C 720 6.07 -21.81 33.30
C MET C 720 6.19 -21.28 34.71
N THR C 721 6.24 -19.97 34.85
CA THR C 721 6.11 -19.34 36.15
C THR C 721 4.68 -19.44 36.61
N SER C 722 4.47 -20.00 37.79
CA SER C 722 3.15 -19.95 38.43
C SER C 722 3.32 -19.66 39.91
N ASN C 723 2.80 -18.53 40.33
CA ASN C 723 2.79 -18.11 41.72
C ASN C 723 1.44 -18.32 42.40
N LEU C 724 0.48 -18.94 41.73
CA LEU C 724 -0.91 -18.93 42.17
C LEU C 724 -1.12 -19.17 43.67
N GLY C 725 -0.68 -20.31 44.16
CA GLY C 725 -0.97 -20.70 45.52
C GLY C 725 -0.12 -19.94 46.51
N ALA C 726 0.33 -18.75 46.09
CA ALA C 726 1.22 -17.91 46.88
C ALA C 726 0.76 -17.87 48.32
N GLU C 727 -0.55 -17.77 48.50
CA GLU C 727 -1.18 -18.06 49.77
C GLU C 727 -0.58 -19.31 50.33
N PHE C 728 -0.93 -20.40 49.66
CA PHE C 728 -0.53 -21.72 50.09
C PHE C 728 0.98 -21.82 50.06
N ILE C 729 1.60 -21.17 49.07
CA ILE C 729 3.05 -21.06 49.06
C ILE C 729 3.52 -20.37 50.32
N ASN C 730 2.89 -19.25 50.66
CA ASN C 730 3.26 -18.59 51.89
C ASN C 730 3.03 -19.51 53.07
N SER C 731 1.94 -20.26 53.04
CA SER C 731 1.63 -21.16 54.14
C SER C 731 2.76 -22.14 54.41
N GLN C 732 3.64 -22.36 53.43
CA GLN C 732 4.83 -23.19 53.65
C GLN C 732 5.62 -22.72 54.86
N GLN C 733 5.32 -21.53 55.40
CA GLN C 733 5.71 -21.23 56.77
C GLN C 733 5.41 -22.41 57.69
N GLY C 734 4.21 -22.97 57.56
CA GLY C 734 3.94 -24.20 58.24
C GLY C 734 4.69 -25.38 57.66
N SER C 735 5.54 -25.15 56.66
CA SER C 735 6.14 -26.21 55.90
C SER C 735 5.08 -27.19 55.43
N LYS C 736 4.05 -26.65 54.79
CA LYS C 736 2.78 -27.33 54.64
C LYS C 736 2.94 -28.66 53.93
N ILE C 737 2.05 -29.61 54.27
CA ILE C 737 2.05 -30.87 53.55
C ILE C 737 1.91 -30.47 52.10
N GLN C 738 2.90 -30.86 51.32
CA GLN C 738 3.00 -30.32 49.98
C GLN C 738 1.76 -30.68 49.19
N GLU C 739 1.58 -31.97 48.96
CA GLU C 739 0.41 -32.46 48.23
C GLU C 739 -0.86 -31.85 48.78
N SER C 740 -1.04 -31.91 50.09
CA SER C 740 -2.14 -31.21 50.72
C SER C 740 -2.25 -29.81 50.18
N THR C 741 -1.22 -29.01 50.45
CA THR C 741 -1.27 -27.65 49.94
C THR C 741 -1.22 -27.65 48.43
N LYS C 742 -0.58 -28.64 47.80
CA LYS C 742 -0.68 -28.78 46.35
C LYS C 742 -2.13 -28.91 45.91
N ASN C 743 -2.81 -29.91 46.46
CA ASN C 743 -4.24 -30.05 46.21
C ASN C 743 -4.92 -28.73 46.47
N LEU C 744 -4.68 -28.21 47.67
CA LEU C 744 -5.09 -26.87 48.03
C LEU C 744 -4.74 -25.88 46.93
N VAL C 745 -3.51 -25.95 46.43
CA VAL C 745 -3.17 -25.14 45.28
C VAL C 745 -3.95 -25.59 44.06
N MET C 746 -4.00 -26.90 43.83
CA MET C 746 -4.41 -27.40 42.53
C MET C 746 -5.65 -26.69 42.04
N GLY C 747 -6.69 -26.68 42.87
CA GLY C 747 -7.92 -26.04 42.47
C GLY C 747 -7.67 -24.69 41.86
N ALA C 748 -6.87 -23.87 42.53
CA ALA C 748 -6.50 -22.57 42.00
C ALA C 748 -6.01 -22.72 40.57
N VAL C 749 -4.86 -23.35 40.38
CA VAL C 749 -4.40 -23.59 39.03
C VAL C 749 -5.44 -24.38 38.25
N ARG C 750 -5.99 -25.41 38.88
CA ARG C 750 -7.08 -26.15 38.27
C ARG C 750 -8.15 -25.18 37.76
N GLN C 751 -8.43 -24.15 38.53
CA GLN C 751 -9.33 -23.10 38.06
C GLN C 751 -8.72 -22.35 36.90
N HIS C 752 -7.49 -21.88 37.07
CA HIS C 752 -6.90 -20.99 36.09
C HIS C 752 -6.72 -21.63 34.74
N PHE C 753 -6.95 -22.93 34.64
CA PHE C 753 -6.62 -23.60 33.40
C PHE C 753 -7.65 -24.67 33.10
N ARG C 754 -8.03 -24.71 31.84
CA ARG C 754 -8.79 -25.83 31.34
C ARG C 754 -7.98 -27.10 31.51
N PRO C 755 -8.65 -28.23 31.65
CA PRO C 755 -7.91 -29.49 31.84
C PRO C 755 -6.96 -29.80 30.72
N GLU C 756 -7.38 -29.52 29.49
CA GLU C 756 -6.61 -29.94 28.31
C GLU C 756 -5.19 -29.44 28.42
N PHE C 757 -5.05 -28.17 28.73
CA PHE C 757 -3.80 -27.62 29.23
C PHE C 757 -3.26 -28.56 30.28
N LEU C 758 -3.96 -28.64 31.40
CA LEU C 758 -3.51 -29.42 32.54
C LEU C 758 -3.12 -30.82 32.14
N ASN C 759 -3.74 -31.34 31.09
CA ASN C 759 -3.61 -32.72 30.73
C ASN C 759 -2.62 -32.97 29.62
N ARG C 760 -2.03 -31.93 29.08
CA ARG C 760 -0.74 -32.12 28.45
C ARG C 760 0.40 -31.88 29.41
N ILE C 761 0.13 -31.28 30.57
CA ILE C 761 1.22 -30.89 31.43
C ILE C 761 1.91 -32.13 31.93
N SER C 762 3.21 -32.22 31.69
CA SER C 762 3.93 -33.42 32.11
C SER C 762 4.24 -33.39 33.60
N SER C 763 4.34 -32.21 34.20
CA SER C 763 4.26 -32.11 35.64
C SER C 763 3.97 -30.68 36.06
N ILE C 764 3.52 -30.54 37.29
CA ILE C 764 3.45 -29.26 37.97
C ILE C 764 3.95 -29.45 39.38
N VAL C 765 4.87 -28.59 39.83
CA VAL C 765 5.44 -28.75 41.15
C VAL C 765 5.62 -27.38 41.79
N ILE C 766 5.48 -27.36 43.10
CA ILE C 766 5.92 -26.22 43.89
C ILE C 766 7.43 -26.11 43.77
N PHE C 767 7.94 -24.94 44.07
CA PHE C 767 9.32 -24.77 44.51
C PHE C 767 9.21 -24.25 45.93
N ASN C 768 9.52 -25.13 46.88
CA ASN C 768 9.05 -24.94 48.24
C ASN C 768 10.07 -24.21 49.12
N LYS C 769 9.88 -24.33 50.43
CA LYS C 769 10.73 -23.75 51.45
C LYS C 769 12.19 -24.12 51.27
N LEU C 770 13.04 -23.26 51.79
CA LEU C 770 14.48 -23.35 51.60
C LEU C 770 15.15 -23.59 52.94
N SER C 771 16.18 -24.44 52.96
CA SER C 771 16.93 -24.73 54.17
C SER C 771 18.28 -24.05 54.10
N ARG C 772 18.78 -23.61 55.25
CA ARG C 772 20.13 -23.05 55.27
C ARG C 772 21.05 -23.95 54.48
N LYS C 773 20.93 -25.25 54.72
CA LYS C 773 21.62 -26.29 53.98
C LYS C 773 21.58 -25.88 52.53
N ALA C 774 20.38 -25.89 51.97
CA ALA C 774 20.19 -25.26 50.68
C ALA C 774 20.79 -23.87 50.70
N ILE C 775 20.19 -22.97 51.46
CA ILE C 775 20.46 -21.56 51.29
C ILE C 775 21.96 -21.31 51.19
N HIS C 776 22.66 -21.49 52.31
CA HIS C 776 24.06 -21.07 52.31
C HIS C 776 24.85 -21.70 51.17
N LYS C 777 24.53 -22.93 50.82
CA LYS C 777 25.13 -23.50 49.62
C LYS C 777 24.75 -22.67 48.41
N ILE C 778 23.44 -22.46 48.22
CA ILE C 778 22.97 -21.67 47.09
C ILE C 778 23.65 -20.34 47.13
N VAL C 779 23.72 -19.76 48.32
CA VAL C 779 24.56 -18.62 48.59
C VAL C 779 25.92 -18.92 48.00
N ASP C 780 26.57 -19.95 48.54
CA ASP C 780 27.91 -20.26 48.08
C ASP C 780 27.93 -20.47 46.59
N ILE C 781 26.81 -20.93 46.03
CA ILE C 781 26.79 -21.23 44.62
C ILE C 781 27.24 -20.03 43.81
N ARG C 782 26.61 -18.89 44.05
CA ARG C 782 27.15 -17.73 43.39
C ARG C 782 28.56 -17.48 43.91
N LEU C 783 28.75 -17.59 45.21
CA LEU C 783 30.09 -17.43 45.77
C LEU C 783 31.07 -18.34 45.08
N LYS C 784 30.61 -19.53 44.72
CA LYS C 784 31.43 -20.43 43.95
C LYS C 784 31.91 -19.69 42.71
N GLU C 785 30.96 -19.24 41.93
CA GLU C 785 31.26 -18.77 40.59
C GLU C 785 31.75 -17.35 40.57
N ILE C 786 31.96 -16.73 41.72
CA ILE C 786 32.43 -15.35 41.75
C ILE C 786 33.57 -15.21 40.78
N GLU C 787 34.52 -16.10 40.92
CA GLU C 787 35.75 -16.17 40.18
C GLU C 787 35.56 -16.03 38.69
N GLU C 788 34.38 -16.41 38.22
CA GLU C 788 34.17 -16.84 36.84
C GLU C 788 34.84 -15.92 35.84
N ARG C 789 34.61 -14.64 35.98
CA ARG C 789 35.51 -13.71 35.35
C ARG C 789 36.68 -13.39 36.23
N PHE C 790 36.45 -13.35 37.53
CA PHE C 790 37.26 -12.50 38.37
C PHE C 790 38.53 -13.21 38.72
N GLU C 791 38.44 -14.12 39.68
CA GLU C 791 39.57 -14.97 39.91
C GLU C 791 39.84 -15.83 38.69
N GLN C 792 38.81 -16.04 37.84
CA GLN C 792 39.05 -16.85 36.66
C GLN C 792 39.58 -16.00 35.52
N ASN C 793 38.72 -15.27 34.81
CA ASN C 793 39.27 -14.72 33.59
C ASN C 793 39.93 -13.38 33.82
N ASP C 794 40.01 -12.93 35.07
CA ASP C 794 40.83 -11.74 35.32
C ASP C 794 41.78 -11.90 36.49
N LYS C 795 41.23 -11.83 37.70
CA LYS C 795 42.01 -11.33 38.83
C LYS C 795 42.93 -12.38 39.41
N HIS C 796 42.48 -13.63 39.50
CA HIS C 796 43.12 -14.63 40.35
C HIS C 796 42.99 -14.26 41.83
N TYR C 797 41.96 -13.51 42.17
CA TYR C 797 41.75 -13.12 43.56
C TYR C 797 41.54 -14.31 44.48
N LYS C 798 42.27 -14.35 45.56
CA LYS C 798 42.20 -15.47 46.49
C LYS C 798 41.19 -15.17 47.58
N LEU C 799 40.15 -15.98 47.62
CA LEU C 799 38.89 -15.61 48.25
C LEU C 799 38.85 -15.98 49.73
N ASN C 800 38.45 -15.02 50.55
CA ASN C 800 38.14 -15.28 51.94
C ASN C 800 36.68 -14.92 52.24
N LEU C 801 36.03 -15.76 53.04
CA LEU C 801 34.74 -15.42 53.60
C LEU C 801 34.67 -15.90 55.04
N THR C 802 34.14 -15.05 55.90
CA THR C 802 33.78 -15.50 57.23
C THR C 802 32.44 -16.23 57.16
N GLN C 803 32.35 -17.32 57.90
CA GLN C 803 31.16 -18.15 57.84
C GLN C 803 29.96 -17.36 58.31
N GLU C 804 30.14 -16.57 59.37
CA GLU C 804 29.12 -15.62 59.77
C GLU C 804 28.66 -14.81 58.58
N ALA C 805 29.59 -14.17 57.88
CA ALA C 805 29.24 -13.48 56.65
C ALA C 805 28.50 -14.43 55.74
N LYS C 806 29.11 -15.58 55.47
CA LYS C 806 28.45 -16.63 54.73
C LYS C 806 27.06 -16.88 55.30
N ASP C 807 26.91 -16.75 56.60
CA ASP C 807 25.58 -16.80 57.19
C ASP C 807 24.88 -15.46 57.05
N PHE C 808 25.60 -14.37 57.33
CA PHE C 808 25.13 -13.00 57.22
C PHE C 808 24.42 -12.87 55.91
N LEU C 809 25.02 -13.48 54.89
CA LEU C 809 24.43 -13.63 53.59
C LEU C 809 22.99 -14.07 53.72
N ALA C 810 22.78 -15.29 54.19
CA ALA C 810 21.42 -15.66 54.54
C ALA C 810 20.83 -14.62 55.47
N LYS C 811 21.58 -14.28 56.51
CA LYS C 811 21.00 -13.64 57.69
C LYS C 811 20.22 -12.38 57.38
N TYR C 812 20.88 -11.26 57.10
CA TYR C 812 20.12 -10.16 56.51
C TYR C 812 19.58 -10.57 55.15
N GLY C 813 20.43 -11.20 54.34
CA GLY C 813 20.22 -11.15 52.91
C GLY C 813 19.07 -12.00 52.44
N TYR C 814 19.02 -13.25 52.89
CA TYR C 814 17.98 -14.12 52.39
C TYR C 814 16.61 -13.50 52.63
N SER C 815 15.84 -13.35 51.54
CA SER C 815 14.46 -12.92 51.62
C SER C 815 13.56 -14.14 51.64
N ASP C 816 12.69 -14.20 52.64
CA ASP C 816 11.73 -15.28 52.70
C ASP C 816 11.13 -15.52 51.33
N ASP C 817 10.41 -14.53 50.85
CA ASP C 817 9.75 -14.66 49.56
C ASP C 817 10.76 -14.77 48.44
N MET C 818 11.63 -13.78 48.30
CA MET C 818 12.47 -13.72 47.11
C MET C 818 13.88 -14.25 47.32
N GLY C 819 14.25 -14.64 48.51
CA GLY C 819 15.58 -15.19 48.70
C GLY C 819 16.63 -14.11 48.85
N ALA C 820 17.87 -14.56 48.90
CA ALA C 820 18.97 -13.62 48.78
C ALA C 820 19.26 -13.32 47.33
N ARG C 821 18.49 -13.89 46.43
CA ARG C 821 18.42 -13.36 45.08
C ARG C 821 18.33 -11.84 45.06
N PRO C 822 17.50 -11.20 45.87
CA PRO C 822 17.68 -9.77 46.07
C PRO C 822 19.05 -9.45 46.62
N LEU C 823 19.46 -10.13 47.68
CA LEU C 823 20.79 -9.91 48.22
C LEU C 823 21.84 -10.21 47.16
N ASN C 824 21.54 -11.16 46.31
CA ASN C 824 22.42 -11.44 45.19
C ASN C 824 22.75 -10.17 44.43
N ARG C 825 21.71 -9.44 44.04
CA ARG C 825 21.92 -8.13 43.46
C ARG C 825 22.71 -7.26 44.42
N LEU C 826 22.46 -7.43 45.72
CA LEU C 826 23.21 -6.65 46.69
C LEU C 826 24.65 -7.11 46.77
N ILE C 827 24.87 -8.41 46.58
CA ILE C 827 26.13 -9.06 46.94
C ILE C 827 27.27 -8.15 46.61
N GLN C 828 27.38 -7.83 45.32
CA GLN C 828 28.43 -6.96 44.82
C GLN C 828 28.69 -5.80 45.75
N ASN C 829 27.62 -5.18 46.21
CA ASN C 829 27.76 -3.99 47.02
C ASN C 829 28.58 -4.36 48.24
N GLU C 830 27.96 -5.17 49.10
CA GLU C 830 28.67 -5.66 50.27
C GLU C 830 29.85 -6.54 49.89
N ILE C 831 29.98 -6.92 48.64
CA ILE C 831 31.07 -7.80 48.30
C ILE C 831 32.01 -7.13 47.33
N LEU C 832 31.60 -7.05 46.07
CA LEU C 832 32.51 -6.59 45.04
C LEU C 832 33.06 -5.21 45.38
N ASN C 833 32.19 -4.22 45.46
CA ASN C 833 32.68 -2.88 45.76
C ASN C 833 33.55 -2.89 46.99
N LYS C 834 33.08 -3.57 48.04
CA LYS C 834 33.90 -3.73 49.23
C LYS C 834 35.29 -4.20 48.83
N LEU C 835 35.35 -5.17 47.92
CA LEU C 835 36.64 -5.49 47.32
C LEU C 835 37.06 -4.40 46.35
N ALA C 836 36.18 -4.05 45.42
CA ALA C 836 36.56 -3.03 44.44
C ALA C 836 37.17 -1.84 45.14
N LEU C 837 36.60 -1.46 46.27
CA LEU C 837 37.23 -0.52 47.17
C LEU C 837 38.68 -0.87 47.36
N ARG C 838 38.94 -2.02 47.98
CA ARG C 838 40.32 -2.47 48.12
C ARG C 838 41.02 -2.49 46.78
N ILE C 839 40.32 -2.94 45.72
CA ILE C 839 40.89 -2.88 44.38
C ILE C 839 41.35 -1.47 44.09
N LEU C 840 40.42 -0.53 44.24
CA LEU C 840 40.77 0.87 44.17
C LEU C 840 41.94 1.17 45.09
N LYS C 841 41.87 0.68 46.33
CA LYS C 841 42.94 0.93 47.28
C LYS C 841 44.26 0.37 46.79
N ASN C 842 44.28 -0.92 46.44
CA ASN C 842 45.40 -1.84 46.21
C ASN C 842 45.84 -2.57 47.47
N GLU C 843 45.25 -2.31 48.65
CA GLU C 843 45.48 -3.24 49.75
C GLU C 843 45.27 -4.66 49.26
N ILE C 844 44.32 -4.85 48.36
CA ILE C 844 44.42 -6.05 47.55
C ILE C 844 45.47 -5.80 46.48
N LYS C 845 46.56 -6.53 46.60
CA LYS C 845 47.26 -6.98 45.42
C LYS C 845 46.71 -8.37 45.18
N ASP C 846 47.11 -9.01 44.11
CA ASP C 846 46.49 -10.29 43.83
C ASP C 846 46.76 -11.23 45.01
N LYS C 847 45.68 -11.79 45.54
CA LYS C 847 45.62 -12.64 46.73
C LYS C 847 45.55 -11.85 48.04
N GLU C 848 45.85 -10.55 48.03
CA GLU C 848 45.61 -9.77 49.24
C GLU C 848 44.11 -9.66 49.47
N THR C 849 43.62 -10.19 50.59
CA THR C 849 42.18 -10.33 50.81
C THR C 849 41.83 -10.09 52.27
N VAL C 850 40.92 -9.16 52.52
CA VAL C 850 40.45 -8.89 53.88
C VAL C 850 38.95 -8.63 53.82
N ASN C 851 38.18 -9.34 54.64
CA ASN C 851 36.73 -9.35 54.52
C ASN C 851 36.08 -8.93 55.83
N VAL C 852 34.76 -9.04 55.89
CA VAL C 852 34.02 -8.76 57.11
C VAL C 852 33.27 -10.00 57.58
N GLN D 1 -2.47 -27.24 -49.88
CA GLN D 1 -3.78 -26.73 -50.28
C GLN D 1 -4.12 -25.45 -49.53
N PHE D 2 -4.85 -24.54 -50.20
CA PHE D 2 -5.41 -23.40 -49.50
C PHE D 2 -6.57 -23.86 -48.62
N THR D 3 -7.24 -22.88 -48.01
CA THR D 3 -8.38 -23.14 -47.15
C THR D 3 -9.53 -22.16 -47.42
N GLU D 4 -10.05 -21.55 -46.36
CA GLU D 4 -11.14 -20.60 -46.47
C GLU D 4 -10.70 -19.33 -47.20
N ARG D 5 -9.97 -18.48 -46.49
CA ARG D 5 -9.47 -17.23 -47.07
C ARG D 5 -8.68 -17.54 -48.34
N ALA D 6 -9.08 -16.94 -49.45
CA ALA D 6 -8.40 -17.17 -50.72
C ALA D 6 -9.15 -18.26 -51.49
N LEU D 7 -9.21 -19.45 -50.90
CA LEU D 7 -9.92 -20.56 -51.51
C LEU D 7 -11.37 -20.13 -51.75
N THR D 8 -11.99 -19.62 -50.69
CA THR D 8 -13.36 -19.14 -50.77
C THR D 8 -13.42 -18.08 -51.87
N ILE D 9 -12.54 -17.10 -51.78
CA ILE D 9 -12.46 -16.04 -52.77
C ILE D 9 -12.20 -16.74 -54.10
N LEU D 10 -11.88 -18.04 -54.00
CA LEU D 10 -11.62 -18.87 -55.16
C LEU D 10 -12.88 -19.60 -55.61
N THR D 11 -13.75 -19.97 -54.67
CA THR D 11 -15.00 -20.62 -55.05
C THR D 11 -15.98 -19.61 -55.60
N LEU D 12 -16.07 -18.43 -54.98
CA LEU D 12 -16.88 -17.39 -55.58
C LEU D 12 -16.27 -16.97 -56.90
N ALA D 13 -14.94 -17.09 -57.02
CA ALA D 13 -14.31 -17.04 -58.34
C ALA D 13 -14.84 -18.15 -59.22
N GLN D 14 -14.83 -19.38 -58.71
CA GLN D 14 -15.47 -20.49 -59.43
C GLN D 14 -16.95 -20.22 -59.60
N LYS D 15 -17.60 -19.67 -58.58
CA LYS D 15 -18.96 -19.19 -58.74
C LYS D 15 -19.05 -18.13 -59.83
N LEU D 16 -18.09 -17.21 -59.84
CA LEU D 16 -17.99 -16.27 -60.95
C LEU D 16 -17.54 -16.98 -62.23
N ALA D 17 -16.69 -17.98 -62.11
CA ALA D 17 -16.38 -18.82 -63.25
C ALA D 17 -17.59 -19.60 -63.74
N SER D 18 -18.59 -19.76 -62.88
CA SER D 18 -19.88 -20.25 -63.33
C SER D 18 -20.84 -19.13 -63.70
N ASP D 19 -20.51 -17.89 -63.40
CA ASP D 19 -21.39 -16.78 -63.75
C ASP D 19 -21.37 -16.52 -65.26
N HIS D 20 -20.19 -16.22 -65.80
CA HIS D 20 -20.04 -16.01 -67.24
C HIS D 20 -19.47 -17.23 -67.95
N GLN D 21 -19.22 -18.32 -67.23
CA GLN D 21 -18.66 -19.56 -67.77
C GLN D 21 -17.50 -19.28 -68.74
N HIS D 22 -16.39 -18.79 -68.21
CA HIS D 22 -15.26 -18.45 -69.06
C HIS D 22 -14.56 -19.73 -69.53
N PRO D 23 -13.90 -19.68 -70.68
CA PRO D 23 -13.10 -20.83 -71.11
C PRO D 23 -11.87 -21.02 -70.26
N GLN D 24 -11.52 -20.01 -69.48
CA GLN D 24 -10.21 -19.92 -68.84
C GLN D 24 -10.41 -19.11 -67.57
N LEU D 25 -9.56 -19.32 -66.58
CA LEU D 25 -9.73 -18.61 -65.31
C LEU D 25 -8.98 -17.29 -65.41
N GLN D 26 -9.74 -16.21 -65.51
CA GLN D 26 -9.20 -14.88 -65.58
C GLN D 26 -8.61 -14.50 -64.22
N PRO D 27 -7.64 -13.60 -64.22
CA PRO D 27 -7.22 -12.99 -62.95
C PRO D 27 -8.38 -12.45 -62.15
N ILE D 28 -9.49 -12.13 -62.82
CA ILE D 28 -10.57 -11.38 -62.22
C ILE D 28 -11.62 -12.26 -61.54
N HIS D 29 -11.63 -13.58 -61.83
CA HIS D 29 -12.61 -14.44 -61.18
C HIS D 29 -12.63 -14.22 -59.69
N ILE D 30 -11.45 -14.23 -59.07
CA ILE D 30 -11.40 -13.95 -57.65
C ILE D 30 -11.40 -12.46 -57.36
N LEU D 31 -11.03 -11.62 -58.34
CA LEU D 31 -11.08 -10.18 -58.12
C LEU D 31 -12.52 -9.71 -57.96
N ALA D 32 -13.37 -10.01 -58.92
CA ALA D 32 -14.79 -9.76 -58.73
C ALA D 32 -15.40 -10.66 -57.67
N ALA D 33 -14.70 -11.74 -57.30
CA ALA D 33 -15.08 -12.51 -56.11
C ALA D 33 -14.57 -11.86 -54.83
N PHE D 34 -13.35 -11.32 -54.86
CA PHE D 34 -12.82 -10.55 -53.73
C PHE D 34 -13.86 -9.56 -53.22
N ILE D 35 -14.19 -8.58 -54.07
CA ILE D 35 -15.38 -7.79 -53.84
C ILE D 35 -16.59 -8.71 -53.81
N GLU D 36 -17.47 -8.51 -52.81
CA GLU D 36 -18.75 -9.20 -52.88
C GLU D 36 -19.70 -8.48 -53.81
N THR D 37 -19.70 -7.16 -53.74
CA THR D 37 -20.62 -6.29 -54.43
C THR D 37 -19.98 -4.92 -54.27
N PRO D 38 -20.47 -3.84 -54.91
CA PRO D 38 -19.75 -2.55 -54.82
C PRO D 38 -19.44 -2.08 -53.40
N GLU D 39 -19.91 -2.84 -52.40
CA GLU D 39 -19.66 -2.49 -51.00
C GLU D 39 -18.21 -2.12 -50.78
N ASP D 40 -18.00 -1.08 -49.99
CA ASP D 40 -16.69 -0.86 -49.40
C ASP D 40 -16.36 -1.89 -48.34
N GLY D 41 -17.33 -2.71 -47.94
CA GLY D 41 -17.13 -3.63 -46.84
C GLY D 41 -16.00 -4.60 -47.09
N SER D 42 -16.12 -5.42 -48.13
CA SER D 42 -15.09 -6.41 -48.40
C SER D 42 -13.74 -5.74 -48.44
N VAL D 43 -12.81 -6.28 -47.66
CA VAL D 43 -11.44 -5.75 -47.63
C VAL D 43 -11.01 -5.47 -49.06
N PRO D 44 -11.07 -6.45 -49.98
CA PRO D 44 -10.49 -6.23 -51.31
C PRO D 44 -11.11 -5.08 -52.08
N TYR D 45 -12.25 -4.55 -51.66
CA TYR D 45 -12.80 -3.42 -52.41
C TYR D 45 -12.09 -2.12 -52.03
N LEU D 46 -12.39 -1.61 -50.84
CA LEU D 46 -11.86 -0.35 -50.35
C LEU D 46 -10.79 -0.57 -49.31
N GLN D 47 -11.13 -1.32 -48.28
CA GLN D 47 -10.23 -1.75 -47.22
C GLN D 47 -9.01 -2.47 -47.79
N ASN D 48 -9.05 -2.78 -49.08
CA ASN D 48 -7.91 -3.43 -49.72
C ASN D 48 -6.65 -2.58 -49.62
N LEU D 49 -5.54 -3.30 -49.49
CA LEU D 49 -4.18 -2.83 -49.25
C LEU D 49 -3.56 -2.18 -50.47
N ILE D 50 -4.26 -2.18 -51.62
CA ILE D 50 -3.80 -1.58 -52.85
C ILE D 50 -4.44 -0.21 -53.03
N GLU D 51 -5.78 -0.18 -53.10
CA GLU D 51 -6.49 1.08 -53.24
C GLU D 51 -5.99 2.11 -52.25
N LYS D 52 -5.90 1.73 -50.97
CA LYS D 52 -5.26 2.60 -50.00
C LYS D 52 -3.85 2.98 -50.48
N GLY D 53 -3.08 2.00 -50.93
CA GLY D 53 -1.74 2.30 -51.42
C GLY D 53 -1.67 3.03 -52.74
N ARG D 54 -2.23 2.45 -53.80
CA ARG D 54 -2.03 3.05 -55.12
C ARG D 54 -3.30 3.13 -55.97
N TYR D 55 -3.79 1.99 -56.43
CA TYR D 55 -4.80 1.93 -57.48
C TYR D 55 -6.19 1.78 -56.91
N ASP D 56 -7.06 2.75 -57.19
CA ASP D 56 -8.46 2.66 -56.81
C ASP D 56 -9.06 1.35 -57.30
N TYR D 57 -9.80 0.66 -56.42
CA TYR D 57 -10.48 -0.55 -56.84
C TYR D 57 -11.81 -0.24 -57.52
N ASP D 58 -12.51 0.82 -57.10
CA ASP D 58 -13.64 1.29 -57.89
C ASP D 58 -13.20 1.53 -59.33
N LEU D 59 -12.02 2.15 -59.48
CA LEU D 59 -11.31 2.13 -60.76
C LEU D 59 -11.01 0.71 -61.22
N PHE D 60 -10.52 -0.13 -60.30
CA PHE D 60 -10.04 -1.45 -60.68
C PHE D 60 -11.19 -2.45 -60.81
N LYS D 61 -12.17 -2.41 -59.91
CA LYS D 61 -13.33 -3.30 -59.97
C LYS D 61 -14.04 -3.23 -61.31
N LYS D 62 -14.50 -2.03 -61.68
CA LYS D 62 -15.32 -1.93 -62.87
C LYS D 62 -14.57 -2.40 -64.10
N VAL D 63 -13.27 -2.12 -64.18
CA VAL D 63 -12.52 -2.47 -65.37
C VAL D 63 -12.18 -3.96 -65.38
N VAL D 64 -12.01 -4.56 -64.20
CA VAL D 64 -11.80 -6.01 -64.19
C VAL D 64 -13.10 -6.73 -64.47
N ASN D 65 -14.24 -6.13 -64.10
CA ASN D 65 -15.54 -6.73 -64.38
C ASN D 65 -15.72 -6.97 -65.87
N ARG D 66 -15.41 -5.95 -66.67
CA ARG D 66 -15.54 -6.08 -68.11
C ARG D 66 -14.49 -6.99 -68.72
N ASN D 67 -13.52 -7.45 -67.95
CA ASN D 67 -12.66 -8.51 -68.45
C ASN D 67 -13.32 -9.87 -68.31
N LEU D 68 -14.14 -10.03 -67.27
CA LEU D 68 -14.93 -11.25 -67.14
C LEU D 68 -15.76 -11.50 -68.39
N VAL D 69 -16.22 -10.43 -69.05
CA VAL D 69 -17.08 -10.57 -70.21
C VAL D 69 -16.33 -10.64 -71.53
N ARG D 70 -15.04 -10.30 -71.55
CA ARG D 70 -14.31 -10.31 -72.82
C ARG D 70 -13.60 -11.62 -73.08
N ILE D 71 -13.79 -12.61 -72.22
CA ILE D 71 -13.42 -13.99 -72.52
C ILE D 71 -14.20 -14.44 -73.74
N PRO D 72 -13.66 -15.33 -74.57
CA PRO D 72 -14.49 -15.97 -75.60
C PRO D 72 -15.52 -16.87 -74.91
N GLN D 73 -16.77 -16.72 -75.31
CA GLN D 73 -17.84 -17.39 -74.59
C GLN D 73 -17.70 -18.90 -74.66
N GLN D 74 -17.84 -19.55 -73.52
CA GLN D 74 -17.58 -20.97 -73.35
C GLN D 74 -18.85 -21.65 -72.85
N GLN D 75 -18.76 -22.97 -72.62
CA GLN D 75 -19.90 -23.79 -72.25
C GLN D 75 -19.64 -24.43 -70.88
N PRO D 76 -20.60 -25.15 -70.28
CA PRO D 76 -20.46 -25.51 -68.86
C PRO D 76 -19.25 -26.36 -68.51
N ALA D 77 -18.98 -27.42 -69.29
CA ALA D 77 -17.86 -28.28 -68.91
C ALA D 77 -16.52 -27.56 -69.04
N PRO D 78 -16.18 -26.93 -70.19
CA PRO D 78 -14.99 -26.08 -70.22
C PRO D 78 -15.12 -24.81 -69.39
N ALA D 79 -16.31 -24.45 -68.93
CA ALA D 79 -16.40 -23.40 -67.93
C ALA D 79 -15.54 -23.77 -66.72
N GLU D 80 -14.88 -22.76 -66.16
CA GLU D 80 -13.94 -22.89 -65.04
C GLU D 80 -12.97 -24.05 -65.23
N ILE D 81 -12.53 -24.29 -66.47
CA ILE D 81 -11.67 -25.44 -66.72
C ILE D 81 -10.21 -25.11 -66.42
N THR D 82 -9.73 -23.93 -66.82
CA THR D 82 -8.29 -23.75 -66.81
C THR D 82 -7.88 -22.43 -66.17
N PRO D 83 -6.79 -22.45 -65.39
CA PRO D 83 -6.39 -21.28 -64.60
C PRO D 83 -5.91 -20.09 -65.41
N SER D 84 -5.68 -20.23 -66.71
CA SER D 84 -4.96 -19.22 -67.48
C SER D 84 -3.54 -19.08 -66.98
N TYR D 85 -2.67 -20.02 -67.36
CA TYR D 85 -1.37 -20.20 -66.71
C TYR D 85 -0.64 -18.89 -66.44
N ALA D 86 -0.83 -17.88 -67.29
CA ALA D 86 -0.45 -16.53 -66.91
C ALA D 86 -0.97 -16.20 -65.52
N LEU D 87 -2.25 -16.47 -65.27
CA LEU D 87 -2.78 -16.47 -63.91
C LEU D 87 -2.46 -17.76 -63.18
N GLY D 88 -2.32 -18.88 -63.91
CA GLY D 88 -2.21 -20.19 -63.28
C GLY D 88 -1.14 -20.25 -62.21
N LYS D 89 0.01 -19.63 -62.45
CA LYS D 89 1.05 -19.61 -61.42
C LYS D 89 0.54 -18.92 -60.16
N VAL D 90 -0.36 -17.96 -60.31
CA VAL D 90 -0.60 -16.99 -59.24
C VAL D 90 -1.15 -17.69 -58.00
N LEU D 91 -1.96 -18.71 -58.19
CA LEU D 91 -2.41 -19.50 -57.04
C LEU D 91 -1.22 -20.17 -56.37
N GLN D 92 -0.32 -20.74 -57.15
CA GLN D 92 0.92 -21.24 -56.55
C GLN D 92 1.84 -20.08 -56.21
N ASP D 93 1.86 -19.05 -57.05
CA ASP D 93 2.50 -17.80 -56.68
C ASP D 93 1.85 -17.23 -55.42
N ALA D 94 0.57 -17.54 -55.18
CA ALA D 94 -0.03 -17.15 -53.91
C ALA D 94 0.66 -17.84 -52.76
N ALA D 95 1.08 -19.09 -52.98
CA ALA D 95 1.79 -19.84 -51.95
C ALA D 95 3.14 -19.22 -51.59
N LYS D 96 3.59 -18.22 -52.34
CA LYS D 96 4.96 -17.75 -52.21
C LYS D 96 5.21 -17.00 -50.90
N ILE D 97 4.25 -16.19 -50.44
CA ILE D 97 4.56 -15.12 -49.49
C ILE D 97 4.31 -15.50 -48.04
N GLN D 98 3.86 -16.74 -47.75
CA GLN D 98 3.50 -17.07 -46.38
C GLN D 98 4.66 -16.84 -45.41
N LYS D 99 5.89 -16.91 -45.90
CA LYS D 99 7.05 -16.74 -45.03
C LYS D 99 7.36 -15.27 -44.74
N GLN D 100 7.27 -14.40 -45.74
CA GLN D 100 7.47 -12.97 -45.48
C GLN D 100 6.22 -12.32 -44.94
N GLN D 101 5.04 -12.77 -45.39
CA GLN D 101 3.86 -12.55 -44.57
C GLN D 101 3.95 -13.30 -43.25
N LYS D 102 4.96 -14.15 -43.10
CA LYS D 102 5.31 -14.77 -41.83
C LYS D 102 4.15 -15.62 -41.30
N ASP D 103 3.83 -16.63 -42.09
CA ASP D 103 2.59 -17.39 -41.98
C ASP D 103 2.87 -18.84 -42.34
N SER D 104 2.16 -19.75 -41.66
CA SER D 104 2.18 -21.15 -42.10
C SER D 104 1.21 -21.40 -43.25
N PHE D 105 0.13 -20.64 -43.32
CA PHE D 105 -0.89 -20.80 -44.34
C PHE D 105 -1.06 -19.51 -45.13
N ILE D 106 -1.77 -19.64 -46.25
CA ILE D 106 -1.75 -18.67 -47.33
C ILE D 106 -3.15 -18.06 -47.41
N ALA D 107 -3.27 -16.80 -47.01
CA ALA D 107 -4.57 -16.21 -46.76
C ALA D 107 -5.06 -15.42 -47.96
N GLN D 108 -6.22 -14.76 -47.78
CA GLN D 108 -6.83 -13.99 -48.86
C GLN D 108 -6.02 -12.76 -49.20
N ASP D 109 -5.20 -12.27 -48.28
CA ASP D 109 -4.25 -11.22 -48.62
C ASP D 109 -3.09 -11.79 -49.44
N HIS D 110 -2.80 -13.08 -49.27
CA HIS D 110 -1.66 -13.72 -49.90
C HIS D 110 -1.95 -14.11 -51.33
N ILE D 111 -3.16 -14.62 -51.59
CA ILE D 111 -3.56 -14.90 -52.96
C ILE D 111 -3.52 -13.64 -53.80
N LEU D 112 -4.17 -12.58 -53.32
CA LEU D 112 -4.07 -11.29 -53.97
C LEU D 112 -2.63 -10.85 -54.08
N PHE D 113 -1.83 -11.15 -53.06
CA PHE D 113 -0.41 -10.79 -53.10
C PHE D 113 0.24 -11.30 -54.37
N ALA D 114 -0.08 -12.53 -54.77
CA ALA D 114 0.44 -13.00 -56.04
C ALA D 114 -0.33 -12.43 -57.20
N LEU D 115 -1.62 -12.11 -56.98
CA LEU D 115 -2.40 -11.51 -58.04
C LEU D 115 -1.82 -10.19 -58.48
N PHE D 116 -0.86 -9.66 -57.74
CA PHE D 116 -0.28 -8.37 -58.05
C PHE D 116 0.32 -8.30 -59.45
N ASN D 117 0.44 -9.42 -60.15
CA ASN D 117 0.97 -9.44 -61.50
C ASN D 117 -0.17 -9.61 -62.52
N ASP D 118 -0.71 -10.82 -62.69
CA ASP D 118 -1.68 -11.02 -63.76
C ASP D 118 -3.01 -10.39 -63.42
N SER D 119 -3.33 -10.25 -62.15
CA SER D 119 -4.48 -9.44 -61.78
C SER D 119 -3.93 -8.03 -61.70
N SER D 120 -4.23 -7.26 -62.73
CA SER D 120 -3.68 -5.95 -62.94
C SER D 120 -4.08 -5.52 -64.33
N ILE D 121 -3.95 -4.25 -64.62
CA ILE D 121 -3.77 -3.80 -65.98
C ILE D 121 -2.36 -3.23 -66.02
N GLN D 122 -1.43 -3.99 -66.56
CA GLN D 122 -0.04 -3.54 -66.62
C GLN D 122 0.25 -3.31 -68.09
N GLN D 123 0.28 -2.04 -68.47
CA GLN D 123 0.08 -1.62 -69.87
C GLN D 123 0.63 -0.20 -69.99
N ILE D 124 0.32 0.44 -71.12
CA ILE D 124 0.62 1.87 -71.30
C ILE D 124 0.08 2.67 -70.13
N PHE D 125 -1.21 2.47 -69.81
CA PHE D 125 -1.79 2.94 -68.56
C PHE D 125 -1.83 1.75 -67.61
N LYS D 126 -0.96 1.78 -66.60
CA LYS D 126 -0.78 0.62 -65.74
C LYS D 126 -1.67 0.76 -64.52
N GLU D 127 -2.67 -0.09 -64.42
CA GLU D 127 -3.23 -0.42 -63.10
C GLU D 127 -2.59 -1.76 -62.81
N ALA D 128 -1.47 -1.72 -62.11
CA ALA D 128 -0.83 -2.93 -61.66
C ALA D 128 -1.53 -3.32 -60.39
N GLN D 129 -0.94 -4.22 -59.63
CA GLN D 129 -1.21 -4.27 -58.22
C GLN D 129 0.11 -4.18 -57.49
N VAL D 130 0.18 -3.26 -56.53
CA VAL D 130 1.42 -2.97 -55.81
C VAL D 130 1.97 -4.27 -55.25
N ASP D 131 3.21 -4.60 -55.60
CA ASP D 131 3.73 -5.94 -55.35
C ASP D 131 4.09 -6.14 -53.88
N ILE D 132 5.03 -5.37 -53.36
CA ILE D 132 5.55 -5.54 -52.00
C ILE D 132 5.08 -4.42 -51.08
N GLU D 133 5.40 -3.17 -51.43
CA GLU D 133 5.37 -2.06 -50.48
C GLU D 133 4.04 -1.95 -49.74
N ALA D 134 2.93 -1.81 -50.49
CA ALA D 134 1.69 -1.38 -49.87
C ALA D 134 1.02 -2.50 -49.08
N ILE D 135 1.00 -3.72 -49.64
CA ILE D 135 0.33 -4.82 -48.93
C ILE D 135 0.96 -5.06 -47.57
N LYS D 136 2.28 -5.22 -47.53
CA LYS D 136 2.97 -5.60 -46.30
C LYS D 136 2.62 -4.69 -45.13
N GLN D 137 2.99 -3.41 -45.21
CA GLN D 137 2.73 -2.51 -44.10
C GLN D 137 1.23 -2.33 -43.88
N GLN D 138 0.43 -2.51 -44.92
CA GLN D 138 -1.01 -2.51 -44.71
C GLN D 138 -1.54 -3.91 -44.36
N ALA D 139 -0.72 -4.95 -44.55
CA ALA D 139 -0.93 -6.17 -43.80
C ALA D 139 -0.34 -6.06 -42.40
N LEU D 140 0.71 -5.27 -42.23
CA LEU D 140 1.06 -4.83 -40.88
C LEU D 140 -0.10 -4.09 -40.26
N GLU D 141 -0.90 -3.42 -41.09
CA GLU D 141 -2.20 -2.93 -40.64
C GLU D 141 -3.18 -4.10 -40.49
N LEU D 142 -3.31 -4.93 -41.52
CA LEU D 142 -4.34 -5.96 -41.56
C LEU D 142 -3.70 -7.30 -41.21
N ARG D 143 -4.00 -7.78 -40.01
CA ARG D 143 -3.33 -8.95 -39.42
C ARG D 143 -1.84 -8.65 -39.30
N GLY D 144 -0.98 -9.55 -39.73
CA GLY D 144 0.44 -9.62 -39.46
C GLY D 144 0.85 -11.08 -39.51
N ASN D 145 1.92 -11.41 -38.78
CA ASN D 145 2.07 -12.80 -38.37
C ASN D 145 0.83 -13.26 -37.63
N THR D 146 0.07 -12.32 -37.08
CA THR D 146 -1.13 -12.56 -36.28
C THR D 146 -2.06 -13.54 -36.97
N ARG D 147 -2.08 -13.51 -38.31
CA ARG D 147 -2.93 -14.41 -39.08
C ARG D 147 -2.14 -15.61 -39.56
N ILE D 148 -1.78 -16.49 -38.64
CA ILE D 148 -1.03 -17.70 -38.98
C ILE D 148 -1.73 -18.51 -40.07
N ASP D 149 -3.03 -18.72 -39.89
CA ASP D 149 -3.85 -19.49 -40.87
C ASP D 149 -4.26 -20.83 -40.25
N SER D 150 -4.98 -21.66 -41.02
CA SER D 150 -5.44 -22.99 -40.53
C SER D 150 -6.76 -22.83 -39.77
N ARG D 151 -7.86 -22.62 -40.49
CA ARG D 151 -9.20 -22.45 -39.87
C ARG D 151 -10.28 -22.47 -40.96
N GLY D 152 -11.12 -21.45 -41.00
CA GLY D 152 -12.20 -21.35 -42.01
C GLY D 152 -11.99 -20.17 -42.93
N ALA D 153 -11.72 -18.98 -42.36
CA ALA D 153 -11.50 -17.76 -43.17
C ALA D 153 -12.54 -16.71 -42.78
N ASP D 154 -12.08 -15.54 -42.30
CA ASP D 154 -12.98 -14.44 -41.89
C ASP D 154 -12.17 -13.15 -41.71
N THR D 155 -12.39 -12.15 -42.57
CA THR D 155 -11.65 -10.86 -42.49
C THR D 155 -12.13 -9.94 -43.63
N ASN D 156 -13.31 -10.22 -44.18
CA ASN D 156 -13.86 -9.40 -45.25
C ASN D 156 -14.19 -7.99 -44.78
N THR D 157 -13.95 -7.01 -45.64
CA THR D 157 -14.22 -5.62 -45.31
C THR D 157 -13.52 -5.22 -44.01
N PRO D 158 -14.25 -4.52 -43.14
CA PRO D 158 -13.70 -4.07 -41.86
C PRO D 158 -13.72 -5.19 -40.82
N LEU D 159 -12.72 -6.05 -40.87
CA LEU D 159 -12.62 -7.17 -39.92
C LEU D 159 -11.20 -7.72 -39.86
N GLU D 160 -11.07 -9.01 -40.16
CA GLU D 160 -9.77 -9.66 -40.14
C GLU D 160 -9.12 -9.57 -38.77
N TYR D 161 -9.87 -9.96 -37.74
CA TYR D 161 -9.38 -9.93 -36.38
C TYR D 161 -9.97 -11.06 -35.54
N LEU D 162 -10.82 -10.71 -34.59
CA LEU D 162 -11.45 -11.70 -33.72
C LEU D 162 -10.55 -12.91 -33.56
N SER D 163 -9.46 -12.70 -32.85
CA SER D 163 -8.42 -13.70 -32.66
C SER D 163 -7.70 -13.37 -31.35
N LYS D 164 -6.51 -13.96 -31.18
CA LYS D 164 -5.75 -13.94 -29.94
C LYS D 164 -6.69 -14.32 -28.80
N TYR D 165 -6.91 -13.40 -27.87
CA TYR D 165 -7.88 -13.63 -26.82
C TYR D 165 -9.18 -14.16 -27.38
N ALA D 166 -9.61 -13.64 -28.53
CA ALA D 166 -10.78 -14.22 -29.16
C ALA D 166 -10.42 -15.60 -29.69
N ILE D 167 -11.10 -16.63 -29.17
CA ILE D 167 -10.96 -18.00 -29.63
C ILE D 167 -12.27 -18.73 -29.36
N ASP D 168 -12.45 -19.84 -30.06
CA ASP D 168 -13.65 -20.66 -29.93
C ASP D 168 -13.26 -22.14 -29.93
N MET D 169 -14.01 -22.90 -29.16
CA MET D 169 -13.87 -24.35 -29.13
C MET D 169 -14.93 -25.07 -29.94
N THR D 170 -15.92 -24.37 -30.49
CA THR D 170 -17.00 -25.05 -31.19
C THR D 170 -16.48 -25.86 -32.35
N GLU D 171 -15.83 -25.17 -33.28
CA GLU D 171 -15.14 -25.88 -34.36
C GLU D 171 -14.24 -26.94 -33.76
N GLN D 172 -13.50 -26.59 -32.72
CA GLN D 172 -12.68 -27.56 -32.02
C GLN D 172 -13.51 -28.77 -31.61
N ALA D 173 -14.76 -28.52 -31.19
CA ALA D 173 -15.65 -29.63 -30.91
C ALA D 173 -16.03 -30.35 -32.19
N ARG D 174 -16.45 -29.61 -33.21
CA ARG D 174 -16.57 -30.22 -34.53
C ARG D 174 -15.24 -30.80 -34.97
N GLN D 175 -14.15 -30.18 -34.57
CA GLN D 175 -12.87 -30.84 -34.74
C GLN D 175 -12.70 -32.00 -33.77
N GLY D 176 -13.64 -32.18 -32.86
CA GLY D 176 -13.48 -33.23 -31.88
C GLY D 176 -12.31 -33.00 -30.96
N LYS D 177 -11.87 -31.75 -30.81
CA LYS D 177 -10.69 -31.46 -30.00
C LYS D 177 -10.88 -31.77 -28.52
N LEU D 178 -12.10 -32.07 -28.08
CA LEU D 178 -12.39 -32.09 -26.65
C LEU D 178 -13.31 -33.27 -26.33
N ASP D 179 -13.81 -33.29 -25.09
CA ASP D 179 -14.36 -34.49 -24.48
C ASP D 179 -15.88 -34.45 -24.52
N PRO D 180 -16.55 -35.50 -24.99
CA PRO D 180 -18.01 -35.55 -24.83
C PRO D 180 -18.38 -35.57 -23.35
N VAL D 181 -19.26 -34.67 -22.97
CA VAL D 181 -19.62 -34.51 -21.57
C VAL D 181 -20.73 -35.51 -21.25
N ILE D 182 -21.16 -35.55 -20.00
CA ILE D 182 -22.39 -36.25 -19.65
C ILE D 182 -23.13 -35.47 -18.57
N GLY D 183 -24.44 -35.66 -18.54
CA GLY D 183 -25.25 -35.46 -17.37
C GLY D 183 -25.64 -34.03 -17.06
N ARG D 184 -24.91 -33.06 -17.56
CA ARG D 184 -25.24 -31.67 -17.33
C ARG D 184 -26.20 -31.15 -18.38
N GLU D 185 -26.72 -32.07 -19.18
CA GLU D 185 -27.64 -31.78 -20.26
C GLU D 185 -28.75 -30.85 -19.84
N GLU D 186 -29.68 -31.35 -19.03
CA GLU D 186 -30.75 -30.49 -18.57
C GLU D 186 -30.19 -29.32 -17.76
N GLU D 187 -29.08 -29.56 -17.09
CA GLU D 187 -28.35 -28.44 -16.49
C GLU D 187 -28.02 -27.43 -17.56
N ILE D 188 -27.41 -27.90 -18.64
CA ILE D 188 -27.13 -27.02 -19.76
C ILE D 188 -28.43 -26.49 -20.36
N ARG D 189 -29.46 -27.33 -20.39
CA ARG D 189 -30.76 -26.93 -20.90
C ARG D 189 -31.15 -25.57 -20.34
N SER D 190 -30.99 -25.41 -19.03
CA SER D 190 -31.07 -24.12 -18.39
C SER D 190 -30.08 -23.18 -19.03
N THR D 191 -28.79 -23.47 -18.83
CA THR D 191 -27.75 -22.57 -19.30
C THR D 191 -28.04 -22.15 -20.72
N ILE D 192 -28.37 -23.14 -21.55
CA ILE D 192 -28.92 -22.88 -22.87
C ILE D 192 -30.00 -21.84 -22.73
N ARG D 193 -31.10 -22.25 -22.13
CA ARG D 193 -32.31 -21.45 -22.22
C ARG D 193 -32.09 -20.06 -21.67
N VAL D 194 -30.97 -19.83 -20.99
CA VAL D 194 -30.68 -18.48 -20.51
C VAL D 194 -30.62 -17.53 -21.68
N LEU D 195 -29.98 -17.96 -22.77
CA LEU D 195 -29.85 -17.08 -23.93
C LEU D 195 -31.21 -16.64 -24.45
N ALA D 196 -32.23 -17.48 -24.28
CA ALA D 196 -33.54 -17.16 -24.82
C ALA D 196 -34.04 -15.81 -24.37
N ARG D 197 -33.53 -15.33 -23.24
CA ARG D 197 -34.15 -14.23 -22.53
C ARG D 197 -33.80 -12.90 -23.18
N ARG D 198 -34.81 -12.17 -23.62
CA ARG D 198 -34.62 -10.76 -23.89
C ARG D 198 -34.04 -10.04 -22.69
N ILE D 199 -34.42 -10.49 -21.50
CA ILE D 199 -33.92 -9.88 -20.29
C ILE D 199 -32.45 -10.22 -20.09
N LYS D 200 -32.17 -11.48 -19.78
CA LYS D 200 -30.79 -11.88 -19.57
C LYS D 200 -30.54 -13.10 -20.43
N SER D 201 -29.81 -12.91 -21.51
CA SER D 201 -29.27 -14.08 -22.18
C SER D 201 -28.12 -14.66 -21.39
N ASN D 202 -27.63 -13.94 -20.39
CA ASN D 202 -26.29 -14.15 -19.90
C ASN D 202 -26.31 -14.84 -18.56
N PRO D 203 -26.03 -16.13 -18.53
CA PRO D 203 -25.93 -16.85 -17.27
C PRO D 203 -24.57 -16.70 -16.64
N CYS D 204 -24.55 -16.95 -15.32
CA CYS D 204 -23.32 -17.21 -14.60
C CYS D 204 -23.50 -18.49 -13.80
N LEU D 205 -22.41 -19.16 -13.52
CA LEU D 205 -22.47 -20.40 -12.77
C LEU D 205 -21.82 -20.28 -11.42
N ILE D 206 -22.40 -21.02 -10.48
CA ILE D 206 -21.79 -21.26 -9.18
C ILE D 206 -21.51 -22.74 -9.10
N GLY D 207 -20.61 -23.11 -8.21
CA GLY D 207 -20.35 -24.51 -7.96
C GLY D 207 -18.92 -24.70 -7.51
N GLU D 208 -18.46 -25.93 -7.66
CA GLU D 208 -17.12 -26.25 -7.27
C GLU D 208 -16.17 -26.16 -8.46
N PRO D 209 -15.08 -25.42 -8.34
CA PRO D 209 -14.16 -25.24 -9.46
C PRO D 209 -13.60 -26.55 -9.98
N GLY D 210 -13.06 -26.50 -11.20
CA GLY D 210 -12.37 -27.61 -11.80
C GLY D 210 -13.20 -28.85 -12.04
N ILE D 211 -14.53 -28.75 -12.01
CA ILE D 211 -15.35 -29.94 -11.99
C ILE D 211 -15.83 -30.34 -13.37
N GLY D 212 -15.42 -29.64 -14.41
CA GLY D 212 -16.02 -29.80 -15.71
C GLY D 212 -16.86 -28.62 -16.16
N LYS D 213 -16.93 -27.56 -15.37
CA LYS D 213 -17.82 -26.46 -15.69
C LYS D 213 -17.46 -25.80 -17.01
N THR D 214 -16.19 -25.50 -17.24
CA THR D 214 -15.85 -24.93 -18.53
C THR D 214 -16.01 -25.98 -19.63
N ALA D 215 -15.99 -27.25 -19.26
CA ALA D 215 -16.41 -28.27 -20.20
C ALA D 215 -17.92 -28.33 -20.27
N ILE D 216 -18.57 -28.22 -19.11
CA ILE D 216 -19.99 -27.94 -19.10
C ILE D 216 -20.30 -26.81 -20.07
N ILE D 217 -19.47 -25.79 -20.04
CA ILE D 217 -19.51 -24.77 -21.08
C ILE D 217 -19.39 -25.49 -22.41
N GLU D 218 -18.25 -26.13 -22.61
CA GLU D 218 -18.07 -26.87 -23.85
C GLU D 218 -19.26 -27.76 -24.12
N GLY D 219 -19.84 -28.32 -23.05
CA GLY D 219 -21.05 -29.10 -23.22
C GLY D 219 -22.07 -28.35 -24.05
N VAL D 220 -22.28 -27.08 -23.71
CA VAL D 220 -23.09 -26.23 -24.58
C VAL D 220 -22.52 -26.27 -25.98
N ALA D 221 -21.25 -25.89 -26.09
CA ALA D 221 -20.60 -25.80 -27.38
C ALA D 221 -20.75 -27.10 -28.16
N GLN D 222 -20.55 -28.25 -27.50
CA GLN D 222 -20.91 -29.48 -28.18
C GLN D 222 -22.36 -29.40 -28.61
N ARG D 223 -23.27 -29.33 -27.65
CA ARG D 223 -24.69 -29.24 -27.98
C ARG D 223 -24.95 -28.11 -28.96
N ILE D 224 -24.04 -27.15 -29.04
CA ILE D 224 -24.12 -26.16 -30.11
C ILE D 224 -23.75 -26.82 -31.42
N ILE D 225 -22.50 -27.26 -31.54
CA ILE D 225 -22.10 -27.90 -32.78
C ILE D 225 -22.91 -29.16 -32.98
N ASP D 226 -23.39 -29.75 -31.90
CA ASP D 226 -24.38 -30.81 -32.02
C ASP D 226 -25.67 -30.28 -32.63
N ASP D 227 -25.84 -28.96 -32.61
CA ASP D 227 -27.12 -28.32 -32.89
C ASP D 227 -28.19 -28.83 -31.93
N ASP D 228 -27.77 -29.37 -30.80
CA ASP D 228 -28.69 -29.53 -29.69
C ASP D 228 -29.10 -28.17 -29.19
N VAL D 229 -28.35 -27.14 -29.56
CA VAL D 229 -28.76 -25.76 -29.47
C VAL D 229 -29.98 -25.52 -30.37
N PRO D 230 -31.07 -25.01 -29.82
CA PRO D 230 -32.17 -24.63 -30.70
C PRO D 230 -31.95 -23.29 -31.35
N THR D 231 -32.97 -22.82 -32.06
CA THR D 231 -32.81 -21.98 -33.23
C THR D 231 -31.86 -20.81 -33.08
N ILE D 232 -32.30 -19.81 -32.32
CA ILE D 232 -31.69 -18.49 -32.41
C ILE D 232 -30.19 -18.59 -32.27
N LEU D 233 -29.76 -19.47 -31.41
CA LEU D 233 -28.37 -19.50 -31.01
C LEU D 233 -27.54 -20.31 -31.98
N GLN D 234 -28.21 -21.12 -32.80
CA GLN D 234 -27.51 -22.08 -33.65
C GLN D 234 -26.47 -21.40 -34.51
N GLY D 235 -26.79 -20.21 -35.04
CA GLY D 235 -25.78 -19.44 -35.72
C GLY D 235 -24.68 -19.01 -34.78
N ALA D 236 -25.04 -18.60 -33.57
CA ALA D 236 -24.03 -18.11 -32.65
C ALA D 236 -23.07 -19.22 -32.27
N LYS D 237 -21.91 -18.82 -31.80
CA LYS D 237 -20.80 -19.72 -31.55
C LYS D 237 -20.13 -19.39 -30.24
N LEU D 238 -19.60 -20.40 -29.59
CA LEU D 238 -18.83 -20.19 -28.38
C LEU D 238 -17.69 -19.22 -28.64
N PHE D 239 -17.36 -18.47 -27.61
CA PHE D 239 -16.02 -17.93 -27.45
C PHE D 239 -15.55 -18.31 -26.06
N SER D 240 -14.37 -18.88 -26.01
CA SER D 240 -13.70 -19.19 -24.77
C SER D 240 -12.73 -18.06 -24.49
N LEU D 241 -12.90 -17.42 -23.33
CA LEU D 241 -12.04 -16.31 -22.97
C LEU D 241 -10.58 -16.72 -22.99
N ASP D 242 -9.74 -15.74 -23.25
CA ASP D 242 -8.32 -15.87 -23.00
C ASP D 242 -7.96 -14.77 -22.02
N LEU D 243 -7.20 -15.12 -20.99
CA LEU D 243 -6.82 -14.14 -20.00
C LEU D 243 -5.30 -14.01 -19.96
N ALA D 244 -4.86 -12.78 -19.93
CA ALA D 244 -3.47 -12.40 -20.12
C ALA D 244 -3.45 -10.88 -20.09
N ALA D 245 -2.29 -10.28 -20.29
CA ALA D 245 -2.18 -8.83 -20.19
C ALA D 245 -0.83 -8.41 -20.72
N LEU D 246 -0.72 -7.12 -21.01
CA LEU D 246 0.36 -6.60 -21.84
C LEU D 246 0.66 -5.13 -21.57
N GLY D 254 1.39 -0.74 -22.19
CA GLY D 254 0.68 0.37 -21.59
C GLY D 254 -0.58 -0.11 -20.87
N ASP D 255 -1.74 0.23 -21.43
CA ASP D 255 -2.98 -0.31 -20.88
C ASP D 255 -3.09 -1.78 -21.25
N PHE D 256 -4.16 -2.39 -20.78
CA PHE D 256 -4.39 -3.81 -20.92
C PHE D 256 -5.83 -4.00 -21.38
N GLU D 257 -6.75 -3.55 -20.54
CA GLU D 257 -8.15 -3.90 -20.67
C GLU D 257 -8.77 -3.31 -21.92
N GLU D 258 -8.27 -2.17 -22.38
CA GLU D 258 -8.88 -1.55 -23.54
C GLU D 258 -8.97 -2.53 -24.69
N ARG D 259 -7.94 -3.35 -24.87
CA ARG D 259 -8.00 -4.49 -25.76
C ARG D 259 -9.26 -5.27 -25.45
N PHE D 260 -9.27 -5.82 -24.24
CA PHE D 260 -10.45 -6.53 -23.75
C PHE D 260 -11.69 -5.70 -23.91
N LYS D 261 -11.59 -4.39 -23.67
CA LYS D 261 -12.67 -3.50 -24.03
C LYS D 261 -12.90 -3.50 -25.53
N GLY D 262 -11.81 -3.48 -26.30
CA GLY D 262 -11.95 -3.32 -27.74
C GLY D 262 -12.72 -4.45 -28.38
N VAL D 263 -12.34 -5.69 -28.04
CA VAL D 263 -12.88 -6.86 -28.71
C VAL D 263 -14.39 -6.88 -28.69
N LEU D 264 -14.99 -6.14 -27.79
CA LEU D 264 -16.40 -6.31 -27.49
C LEU D 264 -17.25 -5.83 -28.65
N LYS D 265 -16.92 -4.67 -29.21
CA LYS D 265 -17.66 -4.23 -30.38
C LYS D 265 -17.44 -5.20 -31.53
N GLU D 266 -16.21 -5.67 -31.67
CA GLU D 266 -15.88 -6.61 -32.72
C GLU D 266 -16.85 -7.76 -32.71
N ILE D 267 -16.97 -8.40 -31.56
CA ILE D 267 -17.91 -9.49 -31.43
C ILE D 267 -19.33 -8.97 -31.47
N GLU D 268 -19.57 -7.75 -30.98
CA GLU D 268 -20.88 -7.14 -31.21
C GLU D 268 -21.06 -6.84 -32.68
N GLU D 269 -19.99 -6.47 -33.37
CA GLU D 269 -20.06 -6.30 -34.81
C GLU D 269 -20.32 -7.63 -35.50
N SER D 270 -19.94 -8.73 -34.85
CA SER D 270 -20.03 -10.04 -35.49
C SER D 270 -21.45 -10.44 -35.84
N LYS D 271 -22.44 -9.64 -35.41
CA LYS D 271 -23.85 -9.86 -35.76
C LYS D 271 -24.33 -11.21 -35.23
N THR D 272 -24.39 -11.28 -33.89
CA THR D 272 -24.92 -12.38 -33.08
C THR D 272 -24.48 -13.73 -33.63
N LEU D 273 -23.32 -13.75 -34.24
CA LEU D 273 -22.82 -14.94 -34.88
C LEU D 273 -22.04 -15.78 -33.89
N ILE D 274 -21.91 -15.30 -32.65
CA ILE D 274 -21.08 -15.93 -31.65
C ILE D 274 -21.69 -15.76 -30.28
N VAL D 275 -20.99 -16.28 -29.27
CA VAL D 275 -21.20 -15.94 -27.87
C VAL D 275 -19.87 -16.17 -27.16
N LEU D 276 -19.62 -15.39 -26.13
CA LEU D 276 -18.47 -15.63 -25.29
C LEU D 276 -18.91 -16.16 -23.95
N PHE D 277 -18.07 -17.01 -23.38
CA PHE D 277 -18.19 -17.40 -21.99
C PHE D 277 -17.12 -16.70 -21.19
N ILE D 278 -17.53 -15.78 -20.32
CA ILE D 278 -16.60 -15.26 -19.33
C ILE D 278 -16.42 -16.34 -18.28
N ASP D 279 -15.23 -16.42 -17.73
CA ASP D 279 -14.90 -17.69 -17.12
C ASP D 279 -15.10 -17.68 -15.63
N GLU D 280 -14.17 -17.09 -14.87
CA GLU D 280 -14.25 -17.24 -13.43
C GLU D 280 -14.12 -15.94 -12.68
N ILE D 281 -12.96 -15.30 -12.75
CA ILE D 281 -12.85 -14.04 -12.06
C ILE D 281 -13.58 -13.01 -12.90
N HIS D 282 -14.66 -12.51 -12.38
CA HIS D 282 -15.40 -11.49 -13.04
C HIS D 282 -15.19 -10.40 -12.07
N MET D 283 -14.34 -9.46 -12.44
CA MET D 283 -13.48 -8.96 -11.40
C MET D 283 -13.78 -7.59 -10.88
N LEU D 284 -13.69 -7.49 -9.56
CA LEU D 284 -13.49 -6.23 -8.88
C LEU D 284 -11.98 -6.03 -8.79
N MET D 285 -11.48 -5.07 -9.56
CA MET D 285 -10.06 -4.97 -9.83
C MET D 285 -9.57 -3.58 -9.45
N GLY D 286 -8.25 -3.45 -9.31
CA GLY D 286 -7.63 -2.15 -9.18
C GLY D 286 -7.63 -1.37 -10.48
N ALA D 292 -10.68 -2.28 -14.75
CA ALA D 292 -11.29 -2.67 -13.49
C ALA D 292 -12.75 -2.27 -13.45
N ALA D 293 -13.41 -2.63 -12.36
CA ALA D 293 -14.76 -2.11 -12.08
C ALA D 293 -15.64 -2.32 -13.29
N ASN D 294 -16.08 -1.23 -13.91
CA ASN D 294 -16.88 -1.35 -15.12
C ASN D 294 -15.92 -1.39 -16.29
N ILE D 295 -15.74 -2.58 -16.83
CA ILE D 295 -15.03 -2.81 -18.07
C ILE D 295 -15.89 -3.79 -18.85
N LEU D 296 -16.43 -3.32 -19.97
CA LEU D 296 -17.52 -3.99 -20.67
C LEU D 296 -18.77 -3.97 -19.84
N LYS D 297 -18.59 -3.82 -18.53
CA LYS D 297 -19.73 -3.93 -17.64
C LYS D 297 -20.81 -2.97 -18.06
N PRO D 298 -20.51 -1.74 -18.48
CA PRO D 298 -21.53 -0.96 -19.18
C PRO D 298 -21.94 -1.59 -20.49
N ALA D 299 -20.98 -1.95 -21.32
CA ALA D 299 -21.36 -2.56 -22.59
C ALA D 299 -22.03 -3.89 -22.34
N LEU D 300 -21.64 -4.56 -21.27
CA LEU D 300 -22.51 -5.56 -20.69
C LEU D 300 -23.85 -4.91 -20.43
N SER D 301 -23.86 -3.96 -19.51
CA SER D 301 -25.10 -3.31 -19.11
C SER D 301 -25.80 -2.64 -20.29
N ARG D 302 -25.14 -2.56 -21.44
CA ARG D 302 -25.76 -2.10 -22.67
C ARG D 302 -26.96 -2.95 -23.06
N GLY D 303 -27.18 -4.07 -22.39
CA GLY D 303 -28.32 -4.88 -22.74
C GLY D 303 -28.13 -5.56 -24.06
N GLN D 304 -26.90 -5.90 -24.39
CA GLN D 304 -26.58 -6.57 -25.64
C GLN D 304 -25.53 -7.63 -25.33
N LEU D 305 -25.04 -8.28 -26.38
CA LEU D 305 -23.88 -9.14 -26.27
C LEU D 305 -24.10 -10.31 -25.32
N LYS D 306 -24.86 -11.30 -25.77
CA LYS D 306 -24.99 -12.57 -25.08
C LYS D 306 -23.63 -13.14 -24.70
N VAL D 307 -23.48 -13.48 -23.41
CA VAL D 307 -22.22 -13.95 -22.83
C VAL D 307 -22.57 -14.84 -21.64
N ILE D 308 -21.61 -15.59 -21.12
CA ILE D 308 -21.83 -16.40 -19.93
C ILE D 308 -20.68 -16.20 -18.94
N GLY D 309 -21.02 -16.10 -17.65
CA GLY D 309 -20.04 -16.14 -16.59
C GLY D 309 -20.09 -17.44 -15.79
N ALA D 310 -19.14 -17.58 -14.86
CA ALA D 310 -19.22 -18.59 -13.81
C ALA D 310 -18.29 -18.25 -12.67
N THR D 311 -18.63 -18.77 -11.49
CA THR D 311 -17.78 -18.68 -10.30
C THR D 311 -18.29 -19.63 -9.24
N THR D 312 -17.82 -19.46 -8.02
CA THR D 312 -18.56 -19.91 -6.86
C THR D 312 -19.05 -18.67 -6.13
N ASN D 313 -20.16 -18.83 -5.39
CA ASN D 313 -20.84 -17.67 -4.85
C ASN D 313 -19.89 -16.75 -4.12
N ASN D 314 -18.88 -17.33 -3.50
CA ASN D 314 -17.95 -16.56 -2.68
C ASN D 314 -17.52 -15.31 -3.42
N GLU D 315 -17.26 -15.44 -4.71
CA GLU D 315 -17.09 -14.26 -5.54
C GLU D 315 -18.44 -13.68 -5.91
N TYR D 316 -19.39 -14.56 -6.28
CA TYR D 316 -20.68 -14.11 -6.78
C TYR D 316 -21.31 -13.09 -5.85
N ARG D 317 -21.03 -13.19 -4.56
CA ARG D 317 -21.54 -12.21 -3.62
C ARG D 317 -21.22 -10.78 -4.04
N SER D 318 -20.20 -10.57 -4.84
CA SER D 318 -19.76 -9.20 -5.03
C SER D 318 -20.21 -8.59 -6.35
N ILE D 319 -19.51 -8.89 -7.44
CA ILE D 319 -19.53 -8.02 -8.62
C ILE D 319 -20.94 -7.97 -9.22
N VAL D 320 -21.47 -9.14 -9.60
CA VAL D 320 -22.83 -9.22 -10.12
C VAL D 320 -23.82 -8.66 -9.10
N GLU D 321 -23.58 -8.96 -7.81
CA GLU D 321 -24.49 -8.57 -6.76
C GLU D 321 -24.31 -7.12 -6.33
N LYS D 322 -23.08 -6.70 -6.06
CA LYS D 322 -22.88 -5.35 -5.55
C LYS D 322 -23.41 -4.30 -6.50
N ASP D 323 -23.39 -4.58 -7.80
CA ASP D 323 -24.23 -3.82 -8.71
C ASP D 323 -25.70 -4.20 -8.52
N GLY D 324 -26.00 -5.48 -8.70
CA GLY D 324 -27.35 -5.94 -8.75
C GLY D 324 -28.03 -5.69 -10.07
N ALA D 325 -27.56 -4.72 -10.84
CA ALA D 325 -27.98 -4.58 -12.22
C ALA D 325 -27.21 -5.53 -13.11
N PHE D 326 -25.99 -5.85 -12.70
CA PHE D 326 -25.33 -6.99 -13.33
C PHE D 326 -25.94 -8.28 -12.84
N GLU D 327 -26.39 -8.30 -11.59
CA GLU D 327 -27.38 -9.27 -11.22
C GLU D 327 -28.59 -9.18 -12.13
N ARG D 328 -29.05 -7.96 -12.39
CA ARG D 328 -30.08 -7.81 -13.41
C ARG D 328 -29.55 -8.15 -14.79
N ARG D 329 -28.23 -8.11 -14.98
CA ARG D 329 -27.64 -8.66 -16.19
C ARG D 329 -27.36 -10.15 -16.14
N PHE D 330 -27.01 -10.71 -14.98
CA PHE D 330 -26.56 -12.08 -14.91
C PHE D 330 -27.63 -12.98 -14.30
N GLN D 331 -27.67 -14.21 -14.79
CA GLN D 331 -28.52 -15.24 -14.20
C GLN D 331 -27.65 -16.28 -13.54
N LYS D 332 -27.75 -16.40 -12.23
CA LYS D 332 -26.93 -17.36 -11.51
C LYS D 332 -27.53 -18.75 -11.60
N ILE D 333 -26.64 -19.74 -11.70
CA ILE D 333 -27.01 -21.14 -11.67
C ILE D 333 -25.87 -21.89 -11.02
N GLU D 334 -26.19 -22.99 -10.34
CA GLU D 334 -25.18 -23.82 -9.73
C GLU D 334 -25.62 -25.27 -9.82
N VAL D 335 -24.63 -26.16 -9.84
CA VAL D 335 -24.89 -27.59 -9.86
C VAL D 335 -23.91 -28.27 -8.92
N ALA D 336 -24.42 -29.25 -8.18
CA ALA D 336 -23.63 -29.98 -7.22
C ALA D 336 -22.64 -30.90 -7.92
N GLU D 337 -21.67 -31.38 -7.16
CA GLU D 337 -20.81 -32.41 -7.69
C GLU D 337 -21.67 -33.54 -8.22
N PRO D 338 -21.41 -34.01 -9.44
CA PRO D 338 -22.24 -35.05 -10.02
C PRO D 338 -22.29 -36.28 -9.14
N SER D 339 -23.32 -37.09 -9.37
CA SER D 339 -23.48 -38.31 -8.59
C SER D 339 -22.29 -39.20 -8.81
N VAL D 340 -21.97 -39.96 -7.76
CA VAL D 340 -20.91 -40.95 -7.83
C VAL D 340 -21.05 -41.80 -9.08
N ARG D 341 -22.28 -42.23 -9.38
CA ARG D 341 -22.46 -43.18 -10.47
C ARG D 341 -22.21 -42.51 -11.81
N GLN D 342 -22.87 -41.39 -12.06
CA GLN D 342 -22.64 -40.67 -13.30
C GLN D 342 -21.16 -40.45 -13.50
N THR D 343 -20.48 -40.15 -12.41
CA THR D 343 -19.04 -40.02 -12.47
C THR D 343 -18.44 -41.24 -13.13
N VAL D 344 -18.77 -42.42 -12.61
CA VAL D 344 -18.26 -43.65 -13.22
C VAL D 344 -18.48 -43.61 -14.71
N ALA D 345 -19.70 -43.29 -15.14
CA ALA D 345 -19.96 -43.15 -16.56
C ALA D 345 -19.04 -42.12 -17.18
N ILE D 346 -18.94 -40.94 -16.57
CA ILE D 346 -18.09 -39.92 -17.15
C ILE D 346 -16.65 -40.37 -17.05
N LEU D 347 -16.33 -41.14 -16.01
CA LEU D 347 -15.05 -41.80 -15.96
C LEU D 347 -14.95 -42.83 -17.07
N ARG D 348 -15.96 -43.68 -17.17
CA ARG D 348 -16.07 -44.52 -18.35
C ARG D 348 -15.91 -43.71 -19.61
N GLY D 349 -16.40 -42.47 -19.59
CA GLY D 349 -16.10 -41.56 -20.66
C GLY D 349 -14.61 -41.45 -20.85
N LEU D 350 -13.88 -41.06 -19.82
CA LEU D 350 -12.44 -40.96 -19.98
C LEU D 350 -11.73 -42.28 -19.75
N GLN D 351 -12.49 -43.34 -19.48
CA GLN D 351 -11.85 -44.62 -19.28
C GLN D 351 -10.86 -44.85 -20.41
N PRO D 352 -11.29 -44.87 -21.67
CA PRO D 352 -10.31 -45.10 -22.74
C PRO D 352 -9.25 -44.05 -22.76
N LYS D 353 -9.58 -42.87 -22.29
CA LYS D 353 -8.74 -41.72 -22.52
C LYS D 353 -7.37 -41.94 -21.92
N TYR D 354 -7.26 -41.90 -20.62
CA TYR D 354 -5.91 -41.89 -20.09
C TYR D 354 -5.27 -43.26 -20.09
N GLU D 355 -6.06 -44.32 -20.17
CA GLU D 355 -5.42 -45.61 -20.39
C GLU D 355 -4.81 -45.65 -21.78
N ILE D 356 -5.48 -45.05 -22.77
CA ILE D 356 -4.81 -44.98 -24.04
C ILE D 356 -3.65 -44.00 -23.94
N HIS D 357 -3.65 -43.15 -22.91
CA HIS D 357 -2.44 -42.40 -22.59
C HIS D 357 -1.47 -43.26 -21.80
N HIS D 358 -1.99 -44.02 -20.85
CA HIS D 358 -1.17 -44.78 -19.92
C HIS D 358 -1.05 -46.24 -20.31
N GLY D 359 -1.61 -46.62 -21.46
CA GLY D 359 -1.44 -47.95 -21.98
C GLY D 359 -1.84 -49.03 -21.00
N VAL D 360 -3.02 -48.91 -20.40
CA VAL D 360 -3.46 -49.84 -19.39
C VAL D 360 -4.90 -50.22 -19.67
N ARG D 361 -5.44 -51.12 -18.84
CA ARG D 361 -6.80 -51.60 -19.01
C ARG D 361 -7.55 -51.29 -17.72
N ILE D 362 -8.52 -50.38 -17.81
CA ILE D 362 -9.24 -49.97 -16.62
C ILE D 362 -10.25 -51.03 -16.25
N LEU D 363 -10.29 -51.36 -14.97
CA LEU D 363 -11.27 -52.31 -14.46
C LEU D 363 -12.31 -51.56 -13.66
N ASP D 364 -13.54 -51.54 -14.21
CA ASP D 364 -14.60 -50.74 -13.63
C ASP D 364 -14.79 -51.01 -12.16
N SER D 365 -14.46 -52.23 -11.72
CA SER D 365 -14.43 -52.54 -10.30
C SER D 365 -13.69 -51.43 -9.55
N ALA D 366 -12.40 -51.26 -9.87
CA ALA D 366 -11.69 -50.08 -9.40
C ALA D 366 -12.51 -48.83 -9.64
N LEU D 367 -13.00 -48.69 -10.86
CA LEU D 367 -13.61 -47.43 -11.26
C LEU D 367 -14.71 -47.03 -10.30
N VAL D 368 -15.65 -47.93 -10.07
CA VAL D 368 -16.66 -47.64 -9.08
C VAL D 368 -16.04 -47.52 -7.70
N THR D 369 -14.97 -48.27 -7.46
CA THR D 369 -14.41 -48.36 -6.13
C THR D 369 -14.04 -47.01 -5.59
N ALA D 370 -13.00 -46.41 -6.17
CA ALA D 370 -12.58 -45.08 -5.73
C ALA D 370 -13.75 -44.13 -5.74
N ALA D 371 -14.63 -44.30 -6.71
CA ALA D 371 -15.77 -43.41 -6.85
C ALA D 371 -16.47 -43.28 -5.50
N GLN D 372 -16.87 -44.42 -4.94
CA GLN D 372 -17.22 -44.42 -3.53
C GLN D 372 -16.07 -43.89 -2.71
N LEU D 373 -14.93 -44.55 -2.85
CA LEU D 373 -13.88 -44.39 -1.87
C LEU D 373 -13.38 -42.97 -1.82
N ALA D 374 -13.07 -42.38 -2.98
CA ALA D 374 -12.62 -41.01 -2.99
C ALA D 374 -13.66 -40.11 -2.37
N LYS D 375 -14.88 -40.19 -2.90
CA LYS D 375 -16.01 -39.47 -2.31
C LYS D 375 -16.02 -39.64 -0.81
N ARG D 376 -15.77 -40.86 -0.35
CA ARG D 376 -15.58 -41.07 1.06
C ARG D 376 -14.37 -40.29 1.56
N TYR D 377 -13.22 -40.55 0.97
CA TYR D 377 -11.99 -40.12 1.61
C TYR D 377 -11.44 -38.80 1.13
N LEU D 378 -11.93 -38.26 0.02
CA LEU D 378 -11.27 -37.07 -0.47
C LEU D 378 -12.23 -35.90 -0.43
N PRO D 379 -11.95 -34.87 0.38
CA PRO D 379 -12.80 -33.69 0.40
C PRO D 379 -12.67 -32.80 -0.81
N TYR D 380 -11.45 -32.56 -1.27
CA TYR D 380 -11.12 -31.31 -1.94
C TYR D 380 -11.46 -31.34 -3.42
N ARG D 381 -10.69 -32.09 -4.19
CA ARG D 381 -11.06 -32.21 -5.57
C ARG D 381 -12.33 -33.05 -5.68
N ARG D 382 -12.82 -33.21 -6.88
CA ARG D 382 -14.15 -33.73 -7.07
C ARG D 382 -14.11 -35.02 -7.84
N LEU D 383 -14.91 -35.96 -7.37
CA LEU D 383 -14.95 -37.27 -7.97
C LEU D 383 -15.05 -37.21 -9.48
N PRO D 384 -15.80 -36.28 -10.07
CA PRO D 384 -15.69 -36.05 -11.51
C PRO D 384 -14.26 -36.01 -11.95
N ASP D 385 -13.38 -35.52 -11.09
CA ASP D 385 -11.95 -35.58 -11.38
C ASP D 385 -11.30 -36.56 -10.43
N SER D 386 -11.36 -36.22 -9.15
CA SER D 386 -10.47 -36.84 -8.17
C SER D 386 -10.43 -38.35 -8.32
N ALA D 387 -11.55 -38.94 -8.69
CA ALA D 387 -11.52 -40.32 -9.13
C ALA D 387 -10.45 -40.45 -10.18
N LEU D 388 -10.71 -39.84 -11.33
CA LEU D 388 -9.74 -39.91 -12.42
C LEU D 388 -8.37 -39.52 -11.91
N ASP D 389 -8.31 -38.52 -11.03
CA ASP D 389 -7.06 -38.23 -10.35
C ASP D 389 -6.49 -39.52 -9.83
N LEU D 390 -7.18 -40.10 -8.86
CA LEU D 390 -6.73 -41.39 -8.37
C LEU D 390 -6.46 -42.31 -9.53
N VAL D 391 -7.44 -42.42 -10.41
CA VAL D 391 -7.37 -43.30 -11.56
C VAL D 391 -6.05 -43.07 -12.27
N ASP D 392 -5.93 -41.92 -12.92
CA ASP D 392 -4.69 -41.64 -13.65
C ASP D 392 -3.49 -41.86 -12.75
N ILE D 393 -3.58 -41.41 -11.50
CA ILE D 393 -2.49 -41.66 -10.57
C ILE D 393 -2.32 -43.14 -10.35
N SER D 394 -3.41 -43.83 -10.06
CA SER D 394 -3.35 -45.28 -10.07
C SER D 394 -2.83 -45.74 -11.42
N CYS D 395 -3.48 -45.27 -12.49
CA CYS D 395 -3.00 -45.55 -13.83
C CYS D 395 -1.53 -45.25 -13.95
N ALA D 396 -1.06 -44.25 -13.23
CA ALA D 396 0.37 -44.05 -13.16
C ALA D 396 0.98 -45.17 -12.33
N GLY D 397 0.60 -45.24 -11.05
CA GLY D 397 1.23 -46.19 -10.16
C GLY D 397 1.39 -47.55 -10.78
N VAL D 398 0.34 -48.05 -11.43
CA VAL D 398 0.48 -49.27 -12.19
C VAL D 398 1.56 -49.04 -13.24
N ALA D 399 1.30 -48.11 -14.16
CA ALA D 399 2.27 -47.82 -15.20
C ALA D 399 3.64 -47.63 -14.60
N VAL D 400 3.71 -46.85 -13.52
CA VAL D 400 4.94 -46.67 -12.76
C VAL D 400 5.58 -48.03 -12.59
N ALA D 401 4.90 -48.91 -11.85
CA ALA D 401 5.36 -50.27 -11.79
C ALA D 401 5.45 -50.87 -13.18
N ARG D 402 4.37 -50.68 -13.93
CA ARG D 402 4.30 -51.15 -15.31
C ARG D 402 5.22 -50.30 -16.17
N ASP D 403 5.30 -49.01 -15.83
CA ASP D 403 6.14 -48.07 -16.55
C ASP D 403 7.56 -48.61 -16.59
N SER D 404 8.07 -48.97 -15.40
CA SER D 404 9.41 -49.53 -15.30
C SER D 404 9.32 -50.87 -14.57
N LYS D 405 10.43 -51.29 -13.98
CA LYS D 405 10.45 -52.54 -13.24
C LYS D 405 9.45 -52.40 -12.10
N PRO D 406 8.60 -53.41 -11.92
CA PRO D 406 7.58 -53.40 -10.86
C PRO D 406 8.17 -53.05 -9.50
N GLU D 407 7.78 -51.91 -8.94
CA GLU D 407 8.32 -51.49 -7.65
C GLU D 407 8.97 -52.64 -6.90
N GLU D 408 8.22 -53.71 -6.68
CA GLU D 408 8.75 -54.86 -5.96
C GLU D 408 10.10 -55.27 -6.51
N LEU D 409 10.20 -55.33 -7.84
CA LEU D 409 11.50 -55.55 -8.48
C LEU D 409 12.49 -54.48 -8.07
N ASP D 410 12.21 -53.21 -8.38
CA ASP D 410 13.12 -52.14 -8.00
C ASP D 410 13.26 -52.00 -6.49
N SER D 411 12.21 -52.31 -5.74
CA SER D 411 12.38 -52.40 -4.29
C SER D 411 13.49 -53.38 -3.95
N LYS D 412 13.51 -54.52 -4.64
CA LYS D 412 14.62 -55.44 -4.48
C LYS D 412 15.90 -54.84 -5.04
N GLU D 413 15.83 -54.25 -6.24
CA GLU D 413 16.94 -53.48 -6.76
C GLU D 413 17.42 -52.49 -5.71
N ARG D 414 16.47 -51.79 -5.08
CA ARG D 414 16.78 -50.78 -4.08
C ARG D 414 17.58 -51.37 -2.93
N GLN D 415 16.93 -52.21 -2.12
CA GLN D 415 17.58 -52.81 -0.96
C GLN D 415 18.91 -53.44 -1.34
N LEU D 416 18.99 -54.01 -2.54
CA LEU D 416 20.29 -54.40 -3.08
C LEU D 416 21.26 -53.24 -3.01
N GLN D 417 20.87 -52.10 -3.60
CA GLN D 417 21.78 -50.97 -3.68
C GLN D 417 22.13 -50.44 -2.30
N LEU D 418 21.23 -50.63 -1.33
CA LEU D 418 21.44 -50.13 0.02
C LEU D 418 22.78 -50.52 0.60
N ILE D 419 22.91 -51.78 0.97
CA ILE D 419 24.05 -52.19 1.74
C ILE D 419 25.26 -52.41 0.86
N GLN D 420 25.04 -52.78 -0.40
CA GLN D 420 26.14 -53.16 -1.27
C GLN D 420 27.20 -52.07 -1.32
N VAL D 421 26.76 -50.81 -1.27
CA VAL D 421 27.72 -49.73 -1.19
C VAL D 421 28.20 -49.55 0.23
N GLU D 422 27.33 -49.82 1.21
CA GLU D 422 27.71 -49.67 2.61
C GLU D 422 28.86 -50.61 2.94
N ILE D 423 28.66 -51.90 2.66
CA ILE D 423 29.67 -52.91 2.96
C ILE D 423 31.01 -52.51 2.36
N LYS D 424 30.99 -51.81 1.23
CA LYS D 424 32.21 -51.37 0.57
C LYS D 424 33.11 -50.56 1.49
N ALA D 425 32.62 -49.39 1.91
CA ALA D 425 33.47 -48.46 2.64
C ALA D 425 33.95 -49.02 3.96
N LEU D 426 33.35 -50.11 4.44
CA LEU D 426 33.57 -50.50 5.83
C LEU D 426 35.01 -50.95 6.06
N GLU D 427 35.46 -51.96 5.33
CA GLU D 427 36.78 -52.52 5.57
C GLU D 427 37.90 -51.61 5.08
N ARG D 428 37.54 -50.51 4.40
CA ARG D 428 38.54 -49.69 3.72
C ARG D 428 39.65 -49.22 4.66
N ASP D 429 39.40 -49.17 5.96
CA ASP D 429 40.37 -48.71 6.92
C ASP D 429 40.60 -49.77 7.99
N GLU D 430 41.67 -49.57 8.76
CA GLU D 430 42.09 -50.57 9.74
C GLU D 430 41.25 -50.38 10.99
N ASP D 431 40.43 -51.37 11.30
CA ASP D 431 39.40 -51.27 12.32
C ASP D 431 39.27 -52.61 13.03
N ALA D 432 39.00 -52.56 14.33
CA ALA D 432 38.62 -53.74 15.10
C ALA D 432 37.11 -53.83 15.30
N ASP D 433 36.35 -52.85 14.82
CA ASP D 433 34.96 -52.69 15.23
C ASP D 433 34.03 -52.66 14.02
N SER D 434 34.16 -51.64 13.16
CA SER D 434 33.34 -51.49 11.97
C SER D 434 33.92 -52.22 10.77
N THR D 435 34.96 -53.02 11.00
CA THR D 435 35.72 -53.67 9.94
C THR D 435 34.92 -54.80 9.31
N THR D 436 35.62 -55.61 8.50
CA THR D 436 35.02 -56.77 7.84
C THR D 436 34.35 -57.71 8.82
N LYS D 437 34.64 -57.58 10.12
CA LYS D 437 34.14 -58.52 11.11
C LYS D 437 32.60 -58.52 11.15
N ASP D 438 32.00 -57.36 11.43
CA ASP D 438 30.58 -57.33 11.81
C ASP D 438 29.66 -57.26 10.60
N ARG D 439 29.58 -56.10 9.97
CA ARG D 439 28.54 -55.89 8.98
C ARG D 439 28.84 -56.61 7.67
N LEU D 440 30.11 -56.69 7.29
CA LEU D 440 30.49 -57.40 6.08
C LEU D 440 29.93 -58.81 6.09
N LYS D 441 30.08 -59.50 7.21
CA LYS D 441 29.45 -60.81 7.34
C LYS D 441 27.94 -60.66 7.43
N LEU D 442 27.46 -59.62 8.11
CA LEU D 442 26.02 -59.38 8.20
C LEU D 442 25.43 -59.16 6.81
N ALA D 443 26.03 -58.28 6.03
CA ALA D 443 25.48 -57.92 4.73
C ALA D 443 25.50 -59.10 3.77
N ARG D 444 26.63 -59.79 3.67
CA ARG D 444 26.76 -60.83 2.66
C ARG D 444 25.72 -61.93 2.83
N GLN D 445 25.33 -62.22 4.07
CA GLN D 445 24.14 -63.03 4.26
C GLN D 445 22.88 -62.22 3.99
N LYS D 446 22.79 -61.02 4.57
CA LYS D 446 21.63 -60.19 4.38
C LYS D 446 21.38 -59.91 2.91
N GLU D 447 22.45 -59.80 2.11
CA GLU D 447 22.27 -59.66 0.67
C GLU D 447 21.78 -60.97 0.06
N ALA D 448 22.26 -62.09 0.58
CA ALA D 448 21.82 -63.38 0.09
C ALA D 448 20.37 -63.68 0.45
N SER D 449 19.76 -62.86 1.31
CA SER D 449 18.40 -63.14 1.76
C SER D 449 17.40 -62.98 0.62
N LEU D 450 17.30 -61.79 0.05
CA LEU D 450 16.31 -61.50 -0.98
C LEU D 450 16.84 -61.51 -2.40
N GLN D 451 18.12 -61.85 -2.60
CA GLN D 451 18.73 -61.80 -3.93
C GLN D 451 18.04 -62.74 -4.92
N GLU D 452 17.28 -63.71 -4.44
CA GLU D 452 16.91 -64.83 -5.29
C GLU D 452 15.83 -64.46 -6.30
N GLU D 453 14.75 -63.80 -5.86
CA GLU D 453 13.55 -63.73 -6.68
C GLU D 453 13.75 -62.94 -7.97
N LEU D 454 14.79 -62.11 -8.04
CA LEU D 454 14.88 -61.04 -9.02
C LEU D 454 14.65 -61.50 -10.46
N GLU D 455 15.62 -62.19 -11.04
CA GLU D 455 15.51 -62.57 -12.45
C GLU D 455 14.35 -63.50 -12.74
N PRO D 456 14.02 -64.51 -11.92
CA PRO D 456 12.79 -65.27 -12.16
C PRO D 456 11.56 -64.37 -12.14
N LEU D 457 11.46 -63.51 -11.13
CA LEU D 457 10.37 -62.55 -11.14
C LEU D 457 10.56 -61.52 -12.23
N ARG D 458 11.80 -61.32 -12.69
CA ARG D 458 12.02 -60.60 -13.93
C ARG D 458 11.70 -61.46 -15.15
N GLN D 459 11.81 -62.78 -15.02
CA GLN D 459 11.51 -63.65 -16.14
C GLN D 459 10.03 -63.64 -16.50
N ARG D 460 9.17 -63.15 -15.61
CA ARG D 460 7.80 -62.87 -16.00
C ARG D 460 7.74 -61.82 -17.10
N TYR D 461 8.63 -60.82 -17.02
CA TYR D 461 8.79 -59.89 -18.12
C TYR D 461 9.39 -60.57 -19.35
N ASN D 462 10.21 -61.59 -19.14
CA ASN D 462 10.82 -62.33 -20.23
C ASN D 462 9.79 -63.21 -20.95
N SER D 530 4.45 -56.27 -12.26
CA SER D 530 3.52 -57.23 -12.84
C SER D 530 3.33 -56.98 -14.32
N MET D 531 3.30 -58.07 -15.08
CA MET D 531 2.97 -57.94 -16.49
C MET D 531 1.57 -57.41 -16.71
N ILE D 532 0.75 -57.34 -15.67
CA ILE D 532 -0.64 -56.97 -15.86
C ILE D 532 -0.70 -55.55 -16.40
N GLN D 533 -1.30 -55.39 -17.56
CA GLN D 533 -1.53 -54.08 -18.11
C GLN D 533 -2.80 -53.45 -17.55
N ASN D 534 -3.76 -54.29 -17.21
CA ASN D 534 -4.99 -53.83 -16.60
C ASN D 534 -4.72 -53.19 -15.27
N VAL D 535 -5.64 -52.34 -14.84
CA VAL D 535 -5.55 -51.75 -13.52
C VAL D 535 -6.41 -52.56 -12.58
N VAL D 536 -5.83 -52.97 -11.44
CA VAL D 536 -6.60 -53.77 -10.52
C VAL D 536 -7.75 -52.92 -10.01
N ASP D 537 -8.77 -53.60 -9.51
CA ASP D 537 -9.65 -52.85 -8.64
C ASP D 537 -8.84 -52.30 -7.49
N SER D 538 -8.51 -53.19 -6.56
CA SER D 538 -8.18 -52.77 -5.21
C SER D 538 -6.99 -51.83 -5.16
N ASP D 539 -5.79 -52.38 -5.33
CA ASP D 539 -4.57 -51.62 -5.07
C ASP D 539 -4.60 -50.29 -5.79
N THR D 540 -4.94 -50.34 -7.08
CA THR D 540 -5.13 -49.15 -7.87
C THR D 540 -5.94 -48.15 -7.08
N ILE D 541 -7.05 -48.59 -6.54
CA ILE D 541 -7.72 -47.73 -5.60
C ILE D 541 -6.84 -47.78 -4.36
N SER D 542 -6.85 -48.95 -3.74
CA SER D 542 -6.43 -49.14 -2.36
C SER D 542 -5.07 -48.54 -2.11
N GLU D 543 -4.04 -49.20 -2.63
CA GLU D 543 -2.68 -48.78 -2.39
C GLU D 543 -2.54 -47.29 -2.55
N THR D 544 -2.78 -46.81 -3.75
CA THR D 544 -2.81 -45.39 -4.03
C THR D 544 -3.63 -44.65 -3.00
N ALA D 545 -4.86 -45.10 -2.79
CA ALA D 545 -5.69 -44.48 -1.77
C ALA D 545 -5.05 -44.62 -0.41
N ALA D 546 -4.48 -45.79 -0.13
CA ALA D 546 -3.69 -45.90 1.08
C ALA D 546 -2.47 -45.00 0.99
N ARG D 547 -1.80 -45.01 -0.16
CA ARG D 547 -0.78 -44.01 -0.39
C ARG D 547 -1.36 -42.63 -0.18
N LEU D 548 -2.62 -42.45 -0.55
CA LEU D 548 -3.28 -41.21 -0.18
C LEU D 548 -3.39 -41.09 1.33
N THR D 549 -3.85 -42.15 2.01
CA THR D 549 -4.06 -41.99 3.44
C THR D 549 -3.44 -43.06 4.33
N GLY D 550 -3.99 -44.27 4.31
CA GLY D 550 -3.45 -45.33 5.15
C GLY D 550 -4.52 -46.32 5.52
N ILE D 551 -4.12 -47.28 6.35
CA ILE D 551 -5.01 -48.31 6.89
C ILE D 551 -5.77 -49.00 5.76
N PRO D 552 -5.06 -49.58 4.78
CA PRO D 552 -5.74 -50.10 3.59
C PRO D 552 -6.87 -51.03 3.91
N VAL D 553 -6.68 -51.92 4.89
CA VAL D 553 -7.64 -52.98 5.14
C VAL D 553 -9.03 -52.42 5.34
N LYS D 554 -9.17 -51.45 6.24
CA LYS D 554 -10.47 -50.83 6.39
C LYS D 554 -10.87 -50.13 5.10
N LYS D 555 -9.93 -49.36 4.54
CA LYS D 555 -10.11 -48.85 3.19
C LYS D 555 -10.52 -49.98 2.27
N LEU D 556 -9.92 -51.14 2.45
CA LEU D 556 -10.25 -52.26 1.60
C LEU D 556 -11.65 -52.69 1.97
N SER D 557 -11.79 -53.22 3.18
CA SER D 557 -12.96 -54.03 3.50
C SER D 557 -14.21 -53.19 3.62
N GLU D 558 -14.19 -52.23 4.55
CA GLU D 558 -15.34 -51.36 4.76
C GLU D 558 -16.45 -51.65 3.77
N SER D 559 -17.23 -52.69 4.05
CA SER D 559 -18.33 -53.08 3.18
C SER D 559 -19.55 -52.20 3.41
N GLU D 560 -19.65 -51.62 4.60
CA GLU D 560 -20.76 -50.75 4.94
C GLU D 560 -21.75 -51.45 5.88
N ASN D 561 -21.24 -52.38 6.67
CA ASN D 561 -22.07 -53.15 7.60
C ASN D 561 -21.21 -53.91 8.59
N GLU D 562 -19.92 -54.02 8.30
CA GLU D 562 -18.98 -54.72 9.16
C GLU D 562 -18.80 -53.98 10.47
N LYS D 563 -18.59 -52.68 10.38
CA LYS D 563 -18.68 -51.86 11.56
C LYS D 563 -19.97 -52.18 12.26
N LEU D 564 -21.07 -51.75 11.63
CA LEU D 564 -22.39 -51.80 12.21
C LEU D 564 -22.60 -53.14 12.89
N ILE D 565 -22.62 -54.19 12.07
CA ILE D 565 -22.88 -55.52 12.58
C ILE D 565 -22.00 -55.80 13.79
N HIS D 566 -20.75 -55.37 13.75
CA HIS D 566 -19.88 -55.66 14.87
C HIS D 566 -19.73 -54.47 15.80
N MET D 567 -20.38 -53.35 15.47
CA MET D 567 -20.00 -52.06 16.03
C MET D 567 -19.98 -52.09 17.54
N GLU D 568 -20.93 -52.77 18.14
CA GLU D 568 -20.89 -52.94 19.58
C GLU D 568 -19.59 -53.60 19.96
N ARG D 569 -19.45 -54.86 19.58
CA ARG D 569 -18.25 -55.59 19.93
C ARG D 569 -17.03 -54.91 19.32
N ASP D 570 -17.22 -54.24 18.19
CA ASP D 570 -16.25 -53.26 17.76
C ASP D 570 -16.01 -52.27 18.89
N LEU D 571 -17.00 -51.45 19.15
CA LEU D 571 -16.83 -50.42 20.17
C LEU D 571 -16.42 -51.05 21.47
N SER D 572 -16.97 -52.23 21.78
CA SER D 572 -16.66 -52.90 23.04
C SER D 572 -15.17 -53.09 23.20
N SER D 573 -14.42 -52.99 22.12
CA SER D 573 -12.97 -53.04 22.20
C SER D 573 -12.45 -51.87 23.01
N GLU D 574 -13.31 -50.96 23.42
CA GLU D 574 -12.81 -49.74 24.01
C GLU D 574 -13.12 -49.54 25.47
N VAL D 575 -14.35 -49.14 25.79
CA VAL D 575 -14.63 -48.66 27.14
C VAL D 575 -15.80 -49.41 27.71
N VAL D 576 -15.58 -50.01 28.85
CA VAL D 576 -16.66 -50.70 29.51
C VAL D 576 -17.71 -49.69 29.95
N GLY D 577 -18.93 -50.18 30.12
CA GLY D 577 -19.99 -49.36 30.61
C GLY D 577 -20.55 -48.50 29.51
N GLN D 578 -21.79 -48.09 29.72
CA GLN D 578 -22.58 -47.41 28.69
C GLN D 578 -22.73 -48.29 27.48
N MET D 579 -22.58 -49.59 27.67
CA MET D 579 -22.71 -50.54 26.59
C MET D 579 -23.97 -50.25 25.80
N ASP D 580 -25.09 -50.13 26.51
CA ASP D 580 -26.31 -49.61 25.93
C ASP D 580 -26.06 -48.34 25.14
N ALA D 581 -25.63 -47.28 25.82
CA ALA D 581 -25.31 -46.05 25.12
C ALA D 581 -24.40 -46.35 23.97
N ILE D 582 -23.34 -47.10 24.24
CA ILE D 582 -22.51 -47.64 23.18
C ILE D 582 -23.39 -48.26 22.12
N LYS D 583 -24.24 -49.19 22.53
CA LYS D 583 -25.19 -49.79 21.60
C LYS D 583 -26.03 -48.71 20.97
N ALA D 584 -26.66 -47.89 21.81
CA ALA D 584 -27.45 -46.78 21.29
C ALA D 584 -26.66 -46.02 20.27
N VAL D 585 -25.44 -45.64 20.62
CA VAL D 585 -24.59 -44.95 19.67
C VAL D 585 -24.45 -45.76 18.41
N SER D 586 -24.07 -47.02 18.56
CA SER D 586 -24.06 -47.92 17.43
C SER D 586 -25.43 -47.88 16.75
N ASN D 587 -26.46 -48.15 17.53
CA ASN D 587 -27.82 -47.99 17.04
C ASN D 587 -27.97 -46.64 16.36
N ALA D 588 -27.54 -45.58 17.03
CA ALA D 588 -27.70 -44.23 16.52
C ALA D 588 -27.13 -44.10 15.12
N VAL D 589 -25.80 -44.15 15.04
CA VAL D 589 -25.10 -43.86 13.81
C VAL D 589 -25.57 -44.72 12.67
N ARG D 590 -26.24 -45.83 12.96
CA ARG D 590 -26.81 -46.60 11.85
C ARG D 590 -27.90 -45.79 11.19
N LEU D 591 -28.65 -45.04 11.98
CA LEU D 591 -29.53 -44.06 11.41
C LEU D 591 -28.77 -42.97 10.68
N SER D 592 -27.49 -42.81 10.99
CA SER D 592 -26.69 -41.97 10.12
C SER D 592 -26.63 -42.55 8.73
N ARG D 593 -27.17 -43.74 8.54
CA ARG D 593 -27.43 -44.26 7.21
C ARG D 593 -28.92 -44.51 7.07
N SER D 594 -29.26 -45.08 5.92
CA SER D 594 -30.61 -45.48 5.55
C SER D 594 -31.44 -44.26 5.19
N GLY D 595 -31.00 -43.08 5.63
CA GLY D 595 -31.68 -41.84 5.33
C GLY D 595 -33.15 -41.87 5.71
N LEU D 596 -33.54 -42.78 6.59
CA LEU D 596 -34.93 -42.79 7.04
C LEU D 596 -35.23 -41.56 7.88
N ALA D 597 -34.24 -41.05 8.58
CA ALA D 597 -34.31 -39.70 9.13
C ALA D 597 -33.81 -38.75 8.05
N ASN D 598 -33.63 -37.49 8.40
CA ASN D 598 -33.24 -36.52 7.38
C ASN D 598 -31.83 -36.84 6.90
N PRO D 599 -31.65 -37.17 5.62
CA PRO D 599 -30.31 -37.45 5.12
C PRO D 599 -29.33 -36.35 5.46
N ARG D 600 -29.80 -35.13 5.57
CA ARG D 600 -29.04 -34.06 6.20
C ARG D 600 -29.61 -33.91 7.60
N GLN D 601 -28.84 -34.31 8.59
CA GLN D 601 -29.31 -34.31 9.96
C GLN D 601 -28.14 -34.71 10.84
N PRO D 602 -27.93 -34.02 11.92
CA PRO D 602 -26.65 -34.15 12.62
C PRO D 602 -26.46 -35.48 13.33
N ALA D 603 -25.27 -35.64 13.92
CA ALA D 603 -24.96 -36.74 14.83
C ALA D 603 -24.72 -36.14 16.19
N SER D 604 -25.68 -36.32 17.09
CA SER D 604 -25.93 -35.40 18.18
C SER D 604 -26.03 -36.13 19.51
N PHE D 605 -25.06 -35.91 20.38
CA PHE D 605 -24.93 -36.77 21.55
C PHE D 605 -24.60 -35.95 22.78
N LEU D 606 -25.49 -35.98 23.76
CA LEU D 606 -25.26 -35.29 25.01
C LEU D 606 -24.70 -36.26 26.02
N PHE D 607 -23.45 -36.05 26.38
CA PHE D 607 -22.84 -36.91 27.37
C PHE D 607 -23.20 -36.48 28.78
N LEU D 608 -23.70 -37.42 29.55
CA LEU D 608 -23.98 -37.24 30.97
C LEU D 608 -22.90 -38.02 31.65
N GLY D 609 -21.92 -37.34 32.23
CA GLY D 609 -20.78 -38.06 32.75
C GLY D 609 -19.68 -37.13 33.22
N LEU D 610 -18.64 -37.76 33.72
CA LEU D 610 -17.56 -37.08 34.39
C LEU D 610 -16.29 -37.10 33.54
N SER D 611 -15.22 -36.59 34.12
CA SER D 611 -13.92 -36.93 33.61
C SER D 611 -13.69 -38.43 33.80
N GLY D 612 -12.80 -38.98 32.98
CA GLY D 612 -12.64 -40.42 32.98
C GLY D 612 -13.82 -41.18 32.45
N SER D 613 -14.88 -40.49 32.02
CA SER D 613 -16.12 -41.14 31.66
C SER D 613 -16.11 -41.69 30.25
N GLY D 614 -15.00 -41.61 29.55
CA GLY D 614 -14.95 -42.05 28.18
C GLY D 614 -15.58 -41.10 27.22
N LYS D 615 -16.17 -40.01 27.73
CA LYS D 615 -16.75 -39.00 26.88
C LYS D 615 -15.78 -38.70 25.76
N THR D 616 -14.54 -38.53 26.12
CA THR D 616 -13.53 -38.31 25.11
C THR D 616 -13.31 -39.60 24.34
N GLU D 617 -13.01 -40.69 25.05
CA GLU D 617 -12.65 -41.98 24.48
C GLU D 617 -13.59 -42.31 23.35
N LEU D 618 -14.84 -42.48 23.74
CA LEU D 618 -15.90 -42.81 22.82
C LEU D 618 -15.77 -41.92 21.62
N ALA D 619 -16.05 -40.64 21.83
CA ALA D 619 -16.01 -39.69 20.75
C ALA D 619 -14.76 -39.86 19.95
N LYS D 620 -13.61 -39.93 20.62
CA LYS D 620 -12.38 -40.30 19.96
C LYS D 620 -12.61 -41.54 19.14
N LYS D 621 -12.78 -42.66 19.84
CA LYS D 621 -12.82 -43.91 19.13
C LYS D 621 -13.87 -43.91 18.05
N VAL D 622 -14.96 -43.17 18.25
CA VAL D 622 -16.09 -43.21 17.34
C VAL D 622 -15.62 -43.13 15.90
N ALA D 623 -15.14 -41.96 15.48
CA ALA D 623 -14.66 -41.88 14.11
C ALA D 623 -13.39 -42.68 13.93
N GLY D 624 -12.51 -42.65 14.93
CA GLY D 624 -11.40 -43.57 14.93
C GLY D 624 -11.88 -44.97 14.60
N PHE D 625 -13.04 -45.33 15.11
CA PHE D 625 -13.76 -46.45 14.57
C PHE D 625 -14.43 -46.07 13.25
N LEU D 626 -15.36 -45.13 13.30
CA LEU D 626 -16.12 -44.79 12.10
C LEU D 626 -15.24 -44.34 10.96
N PHE D 627 -14.64 -43.18 11.10
CA PHE D 627 -13.87 -42.62 10.01
C PHE D 627 -12.45 -43.09 10.01
N ASN D 628 -12.12 -44.07 10.86
CA ASN D 628 -10.81 -44.66 10.84
C ASN D 628 -9.75 -43.66 11.23
N ASP D 629 -10.12 -42.75 12.13
CA ASP D 629 -9.20 -41.81 12.72
C ASP D 629 -9.97 -40.97 13.71
N GLU D 630 -9.27 -40.45 14.71
CA GLU D 630 -9.88 -39.58 15.68
C GLU D 630 -9.66 -38.11 15.35
N ASP D 631 -8.81 -37.81 14.37
CA ASP D 631 -8.57 -36.42 14.06
C ASP D 631 -9.77 -35.79 13.40
N MET D 632 -10.73 -36.60 12.98
CA MET D 632 -12.02 -36.09 12.58
C MET D 632 -12.64 -35.26 13.70
N MET D 633 -12.31 -35.60 14.93
CA MET D 633 -12.91 -34.92 16.07
C MET D 633 -12.51 -33.45 16.07
N ILE D 634 -13.35 -32.63 16.69
CA ILE D 634 -13.02 -31.24 16.94
C ILE D 634 -13.38 -30.89 18.36
N ARG D 635 -12.36 -30.56 19.15
CA ARG D 635 -12.57 -29.97 20.45
C ARG D 635 -13.13 -28.57 20.28
N VAL D 636 -14.15 -28.24 21.07
CA VAL D 636 -14.66 -26.88 21.13
C VAL D 636 -14.99 -26.55 22.56
N ASP D 637 -14.45 -25.45 23.07
CA ASP D 637 -14.60 -25.09 24.47
C ASP D 637 -15.81 -24.19 24.63
N CYS D 638 -16.84 -24.70 25.29
CA CYS D 638 -18.01 -23.88 25.58
C CYS D 638 -17.65 -22.73 26.50
N SER D 639 -16.63 -22.92 27.33
CA SER D 639 -16.08 -21.79 28.07
C SER D 639 -15.78 -20.65 27.13
N GLU D 640 -15.36 -20.98 25.91
CA GLU D 640 -14.99 -19.97 24.93
C GLU D 640 -16.18 -19.51 24.12
N LEU D 641 -17.37 -19.95 24.48
CA LEU D 641 -18.57 -19.53 23.80
C LEU D 641 -19.29 -18.55 24.70
N SER D 642 -19.26 -17.28 24.33
CA SER D 642 -19.85 -16.24 25.17
C SER D 642 -20.90 -15.40 24.45
N GLU D 643 -20.49 -14.45 23.63
CA GLU D 643 -21.49 -13.63 22.97
C GLU D 643 -21.20 -13.51 21.48
N LYS D 644 -20.05 -12.96 21.14
CA LYS D 644 -19.78 -12.60 19.76
C LYS D 644 -18.98 -13.64 19.00
N TYR D 645 -18.58 -14.73 19.66
CA TYR D 645 -17.78 -15.73 18.96
C TYR D 645 -18.52 -16.29 17.77
N ALA D 646 -19.82 -16.02 17.65
CA ALA D 646 -20.56 -16.41 16.47
C ALA D 646 -19.78 -16.07 15.23
N VAL D 647 -19.20 -14.87 15.22
CA VAL D 647 -18.22 -14.54 14.17
C VAL D 647 -17.12 -15.59 14.15
N SER D 648 -16.45 -15.77 15.27
CA SER D 648 -15.39 -16.76 15.29
C SER D 648 -15.95 -18.16 15.22
N LYS D 649 -17.26 -18.32 15.29
CA LYS D 649 -17.87 -19.53 14.75
C LYS D 649 -18.12 -19.44 13.25
N LEU D 650 -18.60 -18.29 12.80
CA LEU D 650 -19.19 -18.18 11.47
C LEU D 650 -18.71 -16.89 10.83
N LEU D 651 -18.18 -17.00 9.60
CA LEU D 651 -17.67 -15.83 8.85
C LEU D 651 -18.29 -14.55 9.40
N GLY D 652 -17.62 -13.41 9.23
CA GLY D 652 -18.12 -12.12 9.72
C GLY D 652 -18.15 -11.07 8.62
N THR D 653 -17.02 -10.89 7.93
CA THR D 653 -16.91 -9.90 6.83
C THR D 653 -16.99 -8.48 7.41
N THR D 654 -15.90 -8.00 8.00
CA THR D 654 -15.85 -6.64 8.59
C THR D 654 -16.22 -6.72 10.08
N ALA D 655 -17.39 -7.27 10.40
CA ALA D 655 -17.86 -7.41 11.80
C ALA D 655 -18.79 -6.25 12.15
N TYR D 660 -10.03 -9.54 11.25
CA TYR D 660 -10.37 -9.73 9.85
C TYR D 660 -11.73 -10.35 9.67
N ASP D 661 -11.83 -11.15 8.61
CA ASP D 661 -13.02 -11.94 8.33
C ASP D 661 -12.70 -13.37 8.77
N GLU D 662 -13.30 -13.80 9.87
CA GLU D 662 -12.95 -15.07 10.49
C GLU D 662 -14.23 -15.82 10.85
N GLY D 663 -14.19 -17.14 10.69
CA GLY D 663 -15.36 -17.96 11.00
C GLY D 663 -15.05 -19.43 11.17
N GLY D 664 -15.62 -20.02 12.22
CA GLY D 664 -15.42 -21.43 12.51
C GLY D 664 -14.11 -21.73 13.21
N PHE D 665 -14.20 -22.03 14.50
CA PHE D 665 -13.08 -22.66 15.21
C PHE D 665 -12.95 -24.11 14.75
N LEU D 666 -14.08 -24.73 14.43
CA LEU D 666 -14.10 -26.12 13.97
C LEU D 666 -14.66 -26.23 12.55
N THR D 667 -15.26 -25.15 12.05
CA THR D 667 -15.83 -25.14 10.71
C THR D 667 -14.74 -25.24 9.65
N ASN D 668 -14.02 -24.14 9.43
CA ASN D 668 -12.96 -24.12 8.45
C ASN D 668 -12.19 -25.42 8.53
N GLN D 669 -12.07 -25.98 9.74
CA GLN D 669 -11.60 -27.34 9.88
C GLN D 669 -12.52 -28.33 9.18
N LEU D 670 -13.82 -28.05 9.18
CA LEU D 670 -14.69 -28.92 8.41
C LEU D 670 -14.65 -28.53 6.95
N GLN D 671 -14.65 -27.23 6.69
CA GLN D 671 -14.22 -26.72 5.40
C GLN D 671 -12.93 -27.41 5.03
N TYR D 672 -12.09 -27.62 6.03
CA TYR D 672 -10.97 -28.53 5.83
C TYR D 672 -11.47 -29.97 5.75
N LYS D 673 -12.24 -30.42 6.73
CA LYS D 673 -12.53 -31.85 6.91
C LYS D 673 -14.04 -32.10 6.96
N PRO D 674 -14.64 -32.41 5.82
CA PRO D 674 -16.11 -32.58 5.78
C PRO D 674 -16.61 -33.77 6.54
N TYR D 675 -15.75 -34.68 6.96
CA TYR D 675 -16.14 -35.83 7.74
C TYR D 675 -15.42 -35.75 9.07
N SER D 676 -16.15 -35.51 10.13
CA SER D 676 -15.50 -35.02 11.33
C SER D 676 -16.33 -35.36 12.55
N VAL D 677 -15.86 -34.89 13.70
CA VAL D 677 -16.57 -35.05 14.96
C VAL D 677 -16.42 -33.76 15.74
N LEU D 678 -17.47 -33.37 16.45
CA LEU D 678 -17.51 -32.04 17.05
C LEU D 678 -17.81 -32.18 18.54
N LEU D 679 -16.87 -31.76 19.37
CA LEU D 679 -17.04 -31.85 20.81
C LEU D 679 -17.41 -30.50 21.41
N PHE D 680 -18.45 -30.50 22.25
CA PHE D 680 -18.83 -29.35 23.04
C PHE D 680 -18.83 -29.72 24.52
N ASP D 681 -18.78 -28.69 25.36
CA ASP D 681 -18.27 -28.83 26.72
C ASP D 681 -19.29 -28.33 27.73
N GLU D 682 -19.85 -29.24 28.52
CA GLU D 682 -20.89 -28.91 29.49
C GLU D 682 -21.87 -27.96 28.83
N VAL D 683 -22.26 -28.36 27.63
CA VAL D 683 -22.48 -27.43 26.53
C VAL D 683 -23.35 -26.27 26.96
N GLU D 684 -24.38 -26.56 27.75
CA GLU D 684 -25.20 -25.52 28.35
C GLU D 684 -24.37 -24.46 29.04
N LYS D 685 -23.13 -24.80 29.42
CA LYS D 685 -22.19 -23.77 29.84
C LYS D 685 -22.09 -22.67 28.80
N ALA D 686 -22.20 -23.02 27.54
CA ALA D 686 -22.18 -22.01 26.48
C ALA D 686 -23.51 -21.24 26.46
N HIS D 687 -23.48 -20.13 25.79
CA HIS D 687 -24.49 -19.11 26.00
C HIS D 687 -25.69 -19.30 25.10
N PRO D 688 -26.84 -18.77 25.52
CA PRO D 688 -28.02 -18.76 24.66
C PRO D 688 -27.70 -18.04 23.36
N ASP D 689 -26.60 -17.32 23.39
CA ASP D 689 -25.88 -16.98 22.19
C ASP D 689 -25.87 -18.20 21.29
N VAL D 690 -25.17 -19.24 21.70
CA VAL D 690 -24.78 -20.25 20.74
C VAL D 690 -25.95 -21.17 20.41
N LEU D 691 -26.90 -21.34 21.32
CA LEU D 691 -27.90 -22.36 21.15
C LEU D 691 -28.51 -22.31 19.75
N THR D 692 -28.74 -21.10 19.25
CA THR D 692 -29.26 -20.98 17.90
C THR D 692 -28.22 -21.40 16.87
N VAL D 693 -26.97 -21.00 17.08
CA VAL D 693 -25.97 -21.46 16.12
C VAL D 693 -25.62 -22.89 16.44
N MET D 694 -25.77 -23.29 17.70
CA MET D 694 -25.90 -24.70 17.97
C MET D 694 -27.07 -25.25 17.19
N LEU D 695 -28.21 -24.58 17.32
CA LEU D 695 -29.37 -25.00 16.56
C LEU D 695 -29.06 -25.01 15.08
N GLN D 696 -28.22 -24.09 14.60
CA GLN D 696 -27.77 -24.15 13.22
C GLN D 696 -27.34 -25.56 12.84
N MET D 697 -26.51 -26.16 13.69
CA MET D 697 -26.19 -27.57 13.51
C MET D 697 -27.47 -28.38 13.52
N LEU D 698 -28.24 -28.23 14.60
CA LEU D 698 -29.52 -28.91 14.70
C LEU D 698 -30.39 -28.54 13.52
N ASP D 699 -30.34 -27.28 13.11
CA ASP D 699 -30.97 -26.86 11.88
C ASP D 699 -30.48 -27.74 10.75
N ASP D 700 -31.43 -28.25 9.97
CA ASP D 700 -31.24 -28.62 8.57
C ASP D 700 -30.18 -29.70 8.40
N GLY D 701 -29.51 -30.06 9.48
CA GLY D 701 -28.46 -31.05 9.42
C GLY D 701 -27.27 -30.65 8.57
N ARG D 702 -27.21 -29.38 8.18
CA ARG D 702 -26.00 -28.85 7.55
C ARG D 702 -25.56 -27.60 8.27
N ILE D 703 -24.46 -27.01 7.80
CA ILE D 703 -23.84 -25.89 8.48
C ILE D 703 -23.63 -24.75 7.51
N THR D 704 -24.41 -23.69 7.67
CA THR D 704 -24.18 -22.44 6.97
C THR D 704 -22.94 -21.75 7.53
N SER D 705 -22.42 -20.81 6.77
CA SER D 705 -21.22 -20.09 7.12
C SER D 705 -21.47 -18.60 7.11
N GLY D 706 -20.50 -17.84 7.62
CA GLY D 706 -20.59 -16.40 7.51
C GLY D 706 -20.44 -15.93 6.08
N GLN D 707 -19.59 -16.60 5.31
CA GLN D 707 -19.68 -16.45 3.87
C GLN D 707 -20.91 -17.12 3.31
N GLY D 708 -21.66 -17.85 4.13
CA GLY D 708 -22.92 -18.45 3.73
C GLY D 708 -22.84 -19.93 3.46
N LYS D 709 -21.64 -20.46 3.22
CA LYS D 709 -21.53 -21.83 2.77
C LYS D 709 -22.17 -22.78 3.76
N THR D 710 -23.09 -23.61 3.25
CA THR D 710 -23.84 -24.56 4.05
C THR D 710 -23.28 -25.95 3.82
N ILE D 711 -22.88 -26.63 4.89
CA ILE D 711 -22.14 -27.88 4.74
C ILE D 711 -22.73 -28.93 5.66
N ASP D 712 -22.71 -30.18 5.21
CA ASP D 712 -23.41 -31.25 5.90
C ASP D 712 -22.80 -31.54 7.26
N CYS D 713 -23.66 -31.59 8.26
CA CYS D 713 -23.26 -32.20 9.52
C CYS D 713 -23.37 -33.71 9.47
N SER D 714 -24.39 -34.24 8.81
CA SER D 714 -24.62 -35.67 8.77
C SER D 714 -23.37 -36.41 8.35
N ASN D 715 -22.52 -35.77 7.57
CA ASN D 715 -21.24 -36.37 7.25
C ASN D 715 -20.22 -36.16 8.34
N CYS D 716 -20.62 -35.58 9.46
CA CYS D 716 -19.77 -35.54 10.63
C CYS D 716 -20.51 -35.97 11.88
N ILE D 717 -19.87 -35.82 13.02
CA ILE D 717 -20.49 -36.11 14.30
C ILE D 717 -20.38 -34.86 15.16
N VAL D 718 -21.31 -34.72 16.09
CA VAL D 718 -21.16 -33.69 17.11
C VAL D 718 -21.37 -34.31 18.47
N ILE D 719 -20.79 -33.69 19.47
CA ILE D 719 -20.73 -34.24 20.82
C ILE D 719 -21.19 -33.20 21.80
N MET D 720 -22.02 -33.59 22.74
CA MET D 720 -22.44 -32.72 23.81
C MET D 720 -22.11 -33.41 25.12
N THR D 721 -21.64 -32.63 26.08
CA THR D 721 -21.18 -33.16 27.36
C THR D 721 -21.91 -32.43 28.47
N SER D 722 -22.25 -33.16 29.53
CA SER D 722 -22.81 -32.53 30.70
C SER D 722 -22.35 -33.23 31.96
N ASN D 723 -21.85 -32.46 32.91
CA ASN D 723 -21.69 -32.87 34.29
C ASN D 723 -22.91 -32.51 35.11
N LEU D 724 -23.95 -31.99 34.46
CA LEU D 724 -25.09 -31.41 35.16
C LEU D 724 -25.55 -32.28 36.31
N GLY D 725 -25.59 -33.58 36.10
CA GLY D 725 -26.01 -34.48 37.13
C GLY D 725 -24.91 -34.80 38.12
N ALA D 726 -23.86 -33.98 38.18
CA ALA D 726 -22.76 -34.27 39.10
C ALA D 726 -23.30 -34.66 40.46
N GLU D 727 -24.20 -33.85 40.98
CA GLU D 727 -25.10 -34.27 42.04
C GLU D 727 -25.79 -35.55 41.61
N PHE D 728 -26.67 -35.41 40.63
CA PHE D 728 -27.57 -36.48 40.24
C PHE D 728 -26.82 -37.75 39.90
N ILE D 729 -25.52 -37.62 39.61
CA ILE D 729 -24.64 -38.78 39.55
C ILE D 729 -24.64 -39.54 40.86
N ASN D 730 -24.92 -38.85 41.96
CA ASN D 730 -24.92 -39.53 43.26
C ASN D 730 -25.79 -40.77 43.21
N SER D 731 -26.84 -40.74 42.40
CA SER D 731 -27.64 -41.92 42.14
C SER D 731 -26.74 -43.06 41.73
N GLN D 732 -26.17 -43.00 40.52
CA GLN D 732 -25.26 -44.06 40.13
C GLN D 732 -23.95 -43.99 40.91
N GLN D 733 -23.69 -42.90 41.65
CA GLN D 733 -22.67 -42.98 42.68
C GLN D 733 -23.07 -44.00 43.73
N GLY D 734 -24.31 -43.91 44.21
CA GLY D 734 -24.90 -45.02 44.94
C GLY D 734 -25.32 -46.16 44.04
N SER D 735 -24.91 -46.11 42.78
CA SER D 735 -25.29 -47.06 41.74
C SER D 735 -26.79 -47.11 41.52
N LYS D 736 -27.50 -46.03 41.86
CA LYS D 736 -28.95 -46.05 41.83
C LYS D 736 -29.48 -46.08 40.39
N ILE D 737 -30.74 -46.47 40.26
CA ILE D 737 -31.40 -46.49 38.96
C ILE D 737 -31.30 -45.12 38.32
N GLN D 738 -30.80 -45.10 37.10
CA GLN D 738 -30.55 -43.82 36.45
C GLN D 738 -31.85 -43.13 36.13
N GLU D 739 -32.91 -43.92 35.89
CA GLU D 739 -34.19 -43.35 35.50
C GLU D 739 -34.56 -42.18 36.39
N SER D 740 -34.28 -42.32 37.68
CA SER D 740 -34.28 -41.17 38.55
C SER D 740 -33.48 -40.04 37.92
N THR D 741 -32.16 -40.21 37.92
CA THR D 741 -31.31 -39.11 37.50
C THR D 741 -31.53 -38.78 36.03
N LYS D 742 -31.77 -39.80 35.20
CA LYS D 742 -32.15 -39.55 33.82
C LYS D 742 -33.21 -38.48 33.76
N ASN D 743 -34.38 -38.79 34.29
CA ASN D 743 -35.40 -37.77 34.49
C ASN D 743 -34.80 -36.59 35.22
N LEU D 744 -34.17 -36.87 36.36
CA LEU D 744 -33.71 -35.81 37.24
C LEU D 744 -32.76 -34.87 36.53
N VAL D 745 -31.89 -35.40 35.69
CA VAL D 745 -31.06 -34.48 34.92
C VAL D 745 -31.83 -33.94 33.73
N MET D 746 -32.73 -34.74 33.16
CA MET D 746 -33.40 -34.35 31.92
C MET D 746 -33.97 -32.96 32.00
N GLY D 747 -34.98 -32.77 32.85
CA GLY D 747 -35.50 -31.44 33.08
C GLY D 747 -34.38 -30.46 33.35
N ALA D 748 -33.43 -30.85 34.20
CA ALA D 748 -32.34 -29.97 34.59
C ALA D 748 -31.62 -29.44 33.36
N VAL D 749 -31.30 -30.31 32.43
CA VAL D 749 -30.77 -29.80 31.18
C VAL D 749 -31.89 -29.28 30.30
N ARG D 750 -33.04 -29.97 30.29
CA ARG D 750 -34.21 -29.45 29.62
C ARG D 750 -34.48 -28.01 30.02
N GLN D 751 -34.17 -27.67 31.26
CA GLN D 751 -34.14 -26.27 31.66
C GLN D 751 -33.41 -25.45 30.60
N HIS D 752 -32.12 -25.75 30.41
CA HIS D 752 -31.26 -24.91 29.60
C HIS D 752 -31.70 -24.80 28.15
N PHE D 753 -32.60 -25.67 27.69
CA PHE D 753 -32.82 -25.74 26.26
C PHE D 753 -34.29 -25.89 25.94
N ARG D 754 -34.77 -25.05 25.04
CA ARG D 754 -36.01 -25.38 24.37
C ARG D 754 -35.88 -26.77 23.78
N PRO D 755 -36.88 -27.61 23.93
CA PRO D 755 -36.71 -29.00 23.52
C PRO D 755 -36.24 -29.12 22.09
N GLU D 756 -36.77 -28.28 21.21
CA GLU D 756 -36.47 -28.36 19.79
C GLU D 756 -34.97 -28.53 19.58
N PHE D 757 -34.19 -27.74 20.30
CA PHE D 757 -32.78 -27.99 20.50
C PHE D 757 -32.56 -29.46 20.78
N LEU D 758 -33.06 -29.90 21.93
CA LEU D 758 -32.92 -31.28 22.36
C LEU D 758 -33.60 -32.25 21.41
N ASN D 759 -34.48 -31.78 20.55
CA ASN D 759 -35.26 -32.74 19.79
C ASN D 759 -34.57 -33.17 18.53
N ARG D 760 -33.52 -32.50 18.12
CA ARG D 760 -32.70 -33.02 17.04
C ARG D 760 -31.59 -33.90 17.58
N ILE D 761 -31.51 -34.06 18.90
CA ILE D 761 -30.51 -34.95 19.45
C ILE D 761 -30.73 -36.36 18.93
N SER D 762 -29.63 -37.05 18.66
CA SER D 762 -29.71 -38.49 18.49
C SER D 762 -30.38 -39.03 19.75
N SER D 763 -29.63 -39.03 20.85
CA SER D 763 -30.21 -39.23 22.16
C SER D 763 -29.23 -38.73 23.19
N ILE D 764 -29.74 -38.50 24.38
CA ILE D 764 -28.90 -38.09 25.47
C ILE D 764 -28.03 -39.27 25.89
N VAL D 765 -26.81 -38.99 26.29
CA VAL D 765 -25.85 -40.04 26.62
C VAL D 765 -25.48 -39.94 28.08
N ILE D 766 -25.94 -40.86 28.85
CA ILE D 766 -25.43 -41.03 30.20
C ILE D 766 -24.06 -41.68 30.16
N PHE D 767 -23.26 -41.40 31.17
CA PHE D 767 -22.11 -42.21 31.55
C PHE D 767 -22.31 -42.61 33.00
N ASN D 768 -22.36 -43.90 33.25
CA ASN D 768 -22.73 -44.34 34.59
C ASN D 768 -21.52 -44.94 35.27
N LYS D 769 -21.79 -45.57 36.41
CA LYS D 769 -20.76 -46.20 37.21
C LYS D 769 -19.87 -47.07 36.34
N LEU D 770 -18.58 -47.00 36.60
CA LEU D 770 -17.59 -47.74 35.83
C LEU D 770 -16.96 -48.75 36.77
N SER D 771 -17.31 -50.02 36.59
CA SER D 771 -17.04 -51.02 37.62
C SER D 771 -15.54 -51.32 37.69
N ARG D 772 -15.16 -51.91 38.82
CA ARG D 772 -13.80 -52.36 39.06
C ARG D 772 -13.30 -53.07 37.82
N LYS D 773 -14.20 -53.82 37.20
CA LYS D 773 -13.97 -54.38 35.88
C LYS D 773 -13.34 -53.32 35.03
N ALA D 774 -14.17 -52.34 34.67
CA ALA D 774 -13.76 -51.30 33.75
C ALA D 774 -12.42 -50.75 34.14
N ILE D 775 -12.25 -50.44 35.43
CA ILE D 775 -11.03 -49.87 35.93
C ILE D 775 -9.86 -50.67 35.39
N HIS D 776 -9.69 -51.88 35.90
CA HIS D 776 -8.56 -52.66 35.44
C HIS D 776 -8.69 -53.00 33.97
N LYS D 777 -9.92 -53.14 33.48
CA LYS D 777 -10.09 -53.36 32.05
C LYS D 777 -9.51 -52.20 31.27
N ILE D 778 -9.90 -50.98 31.60
CA ILE D 778 -9.29 -49.85 30.92
C ILE D 778 -7.80 -49.84 31.18
N VAL D 779 -7.41 -50.16 32.42
CA VAL D 779 -5.99 -50.30 32.75
C VAL D 779 -5.30 -51.17 31.73
N ASP D 780 -5.98 -52.20 31.25
CA ASP D 780 -5.43 -52.89 30.11
C ASP D 780 -5.19 -51.92 28.98
N ILE D 781 -6.26 -51.47 28.35
CA ILE D 781 -6.10 -50.74 27.12
C ILE D 781 -5.24 -49.52 27.35
N ARG D 782 -5.17 -49.06 28.60
CA ARG D 782 -4.10 -48.15 28.97
C ARG D 782 -2.76 -48.66 28.49
N LEU D 783 -2.51 -49.95 28.70
CA LEU D 783 -1.24 -50.49 28.29
C LEU D 783 -1.06 -50.42 26.78
N LYS D 784 -2.16 -50.37 26.05
CA LYS D 784 -2.08 -50.51 24.61
C LYS D 784 -1.14 -49.50 24.00
N GLU D 785 -1.40 -48.21 24.27
CA GLU D 785 -0.54 -47.16 23.74
C GLU D 785 0.92 -47.48 23.94
N ILE D 786 1.26 -47.99 25.13
CA ILE D 786 2.62 -48.41 25.40
C ILE D 786 3.03 -49.39 24.34
N GLU D 787 2.42 -50.56 24.41
CA GLU D 787 2.73 -51.62 23.46
C GLU D 787 2.53 -51.14 22.04
N GLU D 788 1.32 -50.68 21.71
CA GLU D 788 1.00 -50.37 20.32
C GLU D 788 1.92 -49.32 19.75
N ARG D 789 2.67 -48.66 20.59
CA ARG D 789 3.68 -47.73 20.15
C ARG D 789 5.05 -48.22 20.53
N PHE D 790 5.31 -48.35 21.81
CA PHE D 790 6.69 -48.44 22.27
C PHE D 790 7.19 -49.80 21.87
N GLU D 791 6.61 -50.84 22.45
CA GLU D 791 6.94 -52.16 21.98
C GLU D 791 6.55 -52.35 20.52
N GLN D 792 5.87 -51.37 19.91
CA GLN D 792 5.66 -51.40 18.47
C GLN D 792 6.46 -50.38 17.70
N ASN D 793 6.01 -49.12 17.69
CA ASN D 793 6.57 -48.18 16.72
C ASN D 793 8.07 -48.05 16.89
N ASP D 794 8.58 -48.19 18.10
CA ASP D 794 10.00 -48.47 18.20
C ASP D 794 10.37 -49.56 19.20
N LYS D 795 10.21 -49.27 20.49
CA LYS D 795 11.03 -49.87 21.53
C LYS D 795 11.13 -51.38 21.41
N HIS D 796 10.00 -52.06 21.19
CA HIS D 796 10.00 -53.51 21.08
C HIS D 796 10.54 -54.15 22.36
N TYR D 797 9.77 -54.01 23.43
CA TYR D 797 10.21 -54.44 24.75
C TYR D 797 9.10 -55.19 25.45
N LYS D 798 9.37 -56.45 25.80
CA LYS D 798 8.37 -57.29 26.44
C LYS D 798 7.88 -56.67 27.74
N LEU D 799 6.66 -57.01 28.11
CA LEU D 799 6.00 -56.33 29.21
C LEU D 799 5.40 -57.32 30.20
N ASN D 800 5.72 -57.12 31.48
CA ASN D 800 5.11 -57.89 32.54
C ASN D 800 4.14 -57.02 33.33
N LEU D 801 3.15 -57.68 33.92
CA LEU D 801 2.03 -57.00 34.54
C LEU D 801 1.77 -57.60 35.90
N THR D 802 1.92 -56.81 36.95
CA THR D 802 1.64 -57.27 38.30
C THR D 802 0.28 -56.76 38.71
N GLN D 803 -0.71 -57.65 38.71
CA GLN D 803 -2.08 -57.27 38.97
C GLN D 803 -2.17 -56.44 40.24
N GLU D 804 -1.57 -56.96 41.31
CA GLU D 804 -1.50 -56.27 42.58
C GLU D 804 -1.12 -54.82 42.38
N ALA D 805 0.12 -54.59 41.96
CA ALA D 805 0.53 -53.24 41.63
C ALA D 805 -0.45 -52.60 40.66
N LYS D 806 -0.70 -53.28 39.54
CA LYS D 806 -1.67 -52.80 38.58
C LYS D 806 -2.92 -52.35 39.30
N ASP D 807 -3.40 -53.20 40.20
CA ASP D 807 -4.55 -52.85 40.99
C ASP D 807 -4.19 -51.75 41.98
N PHE D 808 -3.10 -51.94 42.73
CA PHE D 808 -2.59 -50.87 43.58
C PHE D 808 -2.51 -49.58 42.81
N LEU D 809 -1.95 -49.64 41.62
CA LEU D 809 -2.11 -48.52 40.71
C LEU D 809 -3.58 -48.24 40.49
N ALA D 810 -4.30 -49.20 39.91
CA ALA D 810 -5.72 -49.00 39.62
C ALA D 810 -6.47 -48.50 40.84
N LYS D 811 -6.12 -49.02 42.02
CA LYS D 811 -6.58 -48.48 43.28
C LYS D 811 -6.42 -46.97 43.26
N TYR D 812 -5.19 -46.51 43.27
CA TYR D 812 -4.97 -45.09 43.09
C TYR D 812 -5.31 -44.64 41.68
N GLY D 813 -5.48 -45.58 40.76
CA GLY D 813 -5.78 -45.22 39.39
C GLY D 813 -7.12 -44.55 39.26
N TYR D 814 -8.18 -45.20 39.71
CA TYR D 814 -9.50 -44.62 39.56
C TYR D 814 -9.72 -43.57 40.62
N SER D 815 -10.18 -42.41 40.20
CA SER D 815 -10.76 -41.43 41.10
C SER D 815 -12.25 -41.37 40.84
N ASP D 816 -13.01 -41.08 41.89
CA ASP D 816 -14.42 -40.85 41.68
C ASP D 816 -14.63 -39.73 40.69
N ASP D 817 -14.33 -38.51 41.13
CA ASP D 817 -14.62 -37.31 40.36
C ASP D 817 -14.04 -37.36 38.95
N MET D 818 -12.72 -37.45 38.85
CA MET D 818 -12.07 -37.36 37.56
C MET D 818 -12.11 -38.70 36.82
N GLY D 819 -12.75 -39.71 37.40
CA GLY D 819 -12.64 -41.04 36.87
C GLY D 819 -11.26 -41.55 37.16
N ALA D 820 -10.91 -42.64 36.49
CA ALA D 820 -9.53 -43.06 36.52
C ALA D 820 -8.65 -42.19 35.64
N ARG D 821 -9.25 -41.24 34.92
CA ARG D 821 -8.60 -40.49 33.86
C ARG D 821 -7.17 -40.12 34.18
N PRO D 822 -6.84 -39.70 35.40
CA PRO D 822 -5.44 -39.47 35.73
C PRO D 822 -4.53 -40.62 35.36
N LEU D 823 -5.09 -41.80 35.21
CA LEU D 823 -4.29 -43.00 35.02
C LEU D 823 -3.21 -42.78 33.98
N ASN D 824 -3.57 -42.16 32.88
CA ASN D 824 -2.62 -41.82 31.84
C ASN D 824 -1.38 -41.26 32.47
N ARG D 825 -1.51 -40.08 33.06
CA ARG D 825 -0.41 -39.55 33.83
C ARG D 825 0.07 -40.58 34.83
N LEU D 826 -0.87 -41.07 35.65
CA LEU D 826 -0.53 -41.95 36.75
C LEU D 826 0.50 -42.97 36.32
N ILE D 827 0.13 -43.77 35.35
CA ILE D 827 1.04 -44.72 34.75
C ILE D 827 2.37 -44.07 34.41
N GLN D 828 2.35 -43.21 33.40
CA GLN D 828 3.56 -42.80 32.72
C GLN D 828 4.65 -42.48 33.72
N ASN D 829 4.26 -41.83 34.81
CA ASN D 829 5.17 -41.22 35.75
C ASN D 829 6.26 -42.19 36.10
N GLU D 830 5.90 -43.20 36.87
CA GLU D 830 6.82 -44.25 37.28
C GLU D 830 7.04 -45.26 36.17
N ILE D 831 6.02 -45.48 35.36
CA ILE D 831 6.01 -46.64 34.50
C ILE D 831 7.02 -46.42 33.40
N LEU D 832 6.74 -45.44 32.56
CA LEU D 832 7.72 -45.06 31.56
C LEU D 832 9.08 -44.85 32.20
N ASN D 833 9.09 -44.31 33.42
CA ASN D 833 10.32 -44.09 34.15
C ASN D 833 11.10 -45.38 34.27
N LYS D 834 10.58 -46.30 35.08
CA LYS D 834 11.34 -47.51 35.41
C LYS D 834 11.89 -48.12 34.14
N LEU D 835 11.10 -48.12 33.08
CA LEU D 835 11.63 -48.41 31.76
C LEU D 835 12.80 -47.51 31.47
N ALA D 836 12.51 -46.22 31.29
CA ALA D 836 13.56 -45.26 30.98
C ALA D 836 14.73 -45.46 31.90
N LEU D 837 14.44 -45.69 33.17
CA LEU D 837 15.48 -46.07 34.09
C LEU D 837 16.17 -47.31 33.56
N ARG D 838 15.46 -48.44 33.55
CA ARG D 838 16.09 -49.67 33.11
C ARG D 838 16.51 -49.58 31.65
N ILE D 839 16.01 -48.58 30.92
CA ILE D 839 16.64 -48.25 29.65
C ILE D 839 18.08 -47.86 29.88
N LEU D 840 18.34 -47.16 30.97
CA LEU D 840 19.72 -46.83 31.28
C LEU D 840 20.44 -48.01 31.87
N LYS D 841 19.76 -48.75 32.75
CA LYS D 841 20.43 -49.51 33.80
C LYS D 841 21.42 -50.54 33.28
N ASN D 842 21.39 -50.87 31.99
CA ASN D 842 22.36 -51.75 31.33
C ASN D 842 22.35 -53.15 31.94
N GLU D 843 21.64 -53.34 33.06
CA GLU D 843 21.59 -54.64 33.71
C GLU D 843 20.60 -55.59 33.05
N ILE D 844 19.37 -55.14 32.83
CA ILE D 844 18.35 -55.95 32.18
C ILE D 844 17.61 -55.04 31.22
N LYS D 845 17.61 -55.40 29.94
CA LYS D 845 17.52 -54.40 28.88
C LYS D 845 16.46 -54.72 27.85
N ASP D 846 16.49 -54.01 26.72
CA ASP D 846 15.39 -54.08 25.76
C ASP D 846 15.05 -55.52 25.41
N LYS D 847 13.76 -55.76 25.26
CA LYS D 847 13.10 -57.00 24.91
C LYS D 847 12.93 -57.88 26.16
N GLU D 848 13.39 -57.45 27.33
CA GLU D 848 13.09 -58.11 28.60
C GLU D 848 11.73 -57.64 29.10
N THR D 849 11.40 -57.95 30.36
CA THR D 849 10.37 -57.20 31.08
C THR D 849 10.64 -57.23 32.58
N VAL D 850 10.42 -56.09 33.24
CA VAL D 850 10.52 -55.96 34.69
C VAL D 850 9.44 -54.95 35.11
N ASN D 851 9.05 -54.99 36.38
CA ASN D 851 8.15 -53.96 36.92
C ASN D 851 8.33 -53.89 38.43
N VAL D 852 7.43 -53.15 39.08
CA VAL D 852 7.38 -53.09 40.54
C VAL D 852 6.26 -54.00 41.03
N GLN E 1 0.51 26.72 -27.68
CA GLN E 1 0.53 25.41 -28.32
C GLN E 1 -0.79 25.12 -29.02
N PHE E 2 -0.73 24.28 -30.05
CA PHE E 2 -1.93 23.88 -30.76
C PHE E 2 -2.80 23.03 -29.84
N THR E 3 -4.08 22.97 -30.16
CA THR E 3 -4.96 22.07 -29.45
C THR E 3 -4.54 20.63 -29.73
N GLU E 4 -4.48 19.83 -28.67
CA GLU E 4 -4.27 18.39 -28.84
C GLU E 4 -5.23 17.83 -29.86
N ARG E 5 -6.53 18.02 -29.62
CA ARG E 5 -7.55 17.61 -30.58
C ARG E 5 -7.19 18.08 -31.98
N ALA E 6 -6.86 19.36 -32.11
CA ALA E 6 -6.33 19.85 -33.37
C ALA E 6 -5.05 19.10 -33.73
N LEU E 7 -4.06 19.11 -32.82
CA LEU E 7 -2.81 18.44 -33.10
C LEU E 7 -3.00 16.96 -33.36
N THR E 8 -3.98 16.34 -32.69
CA THR E 8 -4.34 14.97 -33.00
C THR E 8 -4.57 14.81 -34.49
N ILE E 9 -5.32 15.72 -35.08
CA ILE E 9 -5.46 15.76 -36.53
C ILE E 9 -4.15 16.18 -37.17
N LEU E 10 -3.51 17.21 -36.61
CA LEU E 10 -2.37 17.84 -37.26
C LEU E 10 -1.25 16.82 -37.49
N THR E 11 -0.81 16.17 -36.43
CA THR E 11 0.19 15.12 -36.61
C THR E 11 -0.37 14.01 -37.48
N LEU E 12 -1.65 13.69 -37.29
CA LEU E 12 -2.31 12.76 -38.21
C LEU E 12 -2.36 13.35 -39.60
N ALA E 13 -2.41 14.67 -39.72
CA ALA E 13 -2.25 15.32 -41.01
C ALA E 13 -0.82 15.23 -41.48
N GLN E 14 0.14 15.41 -40.58
CA GLN E 14 1.51 15.03 -40.89
C GLN E 14 1.58 13.54 -41.18
N LYS E 15 0.85 12.74 -40.39
CA LYS E 15 0.71 11.32 -40.72
C LYS E 15 0.00 11.14 -42.04
N LEU E 16 -1.00 12.00 -42.32
CA LEU E 16 -1.71 11.91 -43.59
C LEU E 16 -0.75 12.00 -44.76
N ALA E 17 0.02 13.10 -44.82
CA ALA E 17 0.99 13.25 -45.89
C ALA E 17 2.07 12.17 -45.84
N SER E 18 2.19 11.47 -44.71
CA SER E 18 3.18 10.43 -44.58
C SER E 18 2.72 9.11 -45.21
N ASP E 19 1.44 8.78 -45.11
CA ASP E 19 0.97 7.47 -45.56
C ASP E 19 1.20 7.30 -47.06
N HIS E 20 0.77 8.28 -47.85
CA HIS E 20 1.13 8.33 -49.26
C HIS E 20 2.52 8.94 -49.44
N GLN E 21 3.21 9.24 -48.34
CA GLN E 21 4.52 9.87 -48.35
C GLN E 21 4.53 11.02 -49.35
N HIS E 22 3.86 12.09 -48.96
CA HIS E 22 3.78 13.26 -49.80
C HIS E 22 5.10 14.01 -49.77
N PRO E 23 5.45 14.72 -50.84
CA PRO E 23 6.70 15.48 -50.83
C PRO E 23 6.64 16.70 -49.94
N GLN E 24 5.46 17.25 -49.71
CA GLN E 24 5.33 18.55 -49.09
C GLN E 24 3.97 18.62 -48.41
N LEU E 25 3.88 19.45 -47.38
CA LEU E 25 2.61 19.73 -46.74
C LEU E 25 2.02 20.96 -47.39
N GLN E 26 0.88 20.80 -48.06
CA GLN E 26 0.33 21.77 -48.98
C GLN E 26 -1.17 21.87 -48.78
N PRO E 27 -1.79 22.98 -49.21
CA PRO E 27 -3.10 23.37 -48.66
C PRO E 27 -4.14 22.27 -48.62
N ILE E 28 -4.28 21.47 -49.68
CA ILE E 28 -5.43 20.59 -49.78
C ILE E 28 -5.22 19.27 -49.04
N HIS E 29 -4.08 19.10 -48.39
CA HIS E 29 -3.78 17.88 -47.63
C HIS E 29 -4.81 17.52 -46.58
N ILE E 30 -4.81 18.22 -45.46
CA ILE E 30 -5.56 17.81 -44.28
C ILE E 30 -7.04 17.74 -44.57
N LEU E 31 -7.48 18.25 -45.72
CA LEU E 31 -8.85 18.03 -46.15
C LEU E 31 -9.19 16.55 -46.11
N ALA E 32 -8.19 15.69 -46.30
CA ALA E 32 -8.36 14.28 -46.00
C ALA E 32 -8.15 13.98 -44.52
N ALA E 33 -7.18 14.63 -43.89
CA ALA E 33 -6.86 14.30 -42.50
C ALA E 33 -7.93 14.76 -41.53
N PHE E 34 -8.60 15.87 -41.84
CA PHE E 34 -9.75 16.29 -41.05
C PHE E 34 -10.83 15.23 -40.97
N ILE E 35 -10.80 14.25 -41.87
CA ILE E 35 -11.88 13.30 -41.98
C ILE E 35 -11.32 11.86 -41.94
N GLU E 36 -11.64 11.13 -40.86
CA GLU E 36 -11.53 9.68 -40.92
C GLU E 36 -12.48 9.13 -41.95
N THR E 37 -13.76 9.42 -41.78
CA THR E 37 -14.81 9.02 -42.70
C THR E 37 -15.91 10.07 -42.59
N PRO E 38 -16.93 10.04 -43.47
CA PRO E 38 -17.98 11.07 -43.39
C PRO E 38 -18.67 11.20 -42.04
N GLU E 39 -18.47 10.27 -41.11
CA GLU E 39 -19.09 10.36 -39.79
C GLU E 39 -18.83 11.74 -39.18
N ASP E 40 -19.82 12.26 -38.44
CA ASP E 40 -19.57 13.46 -37.67
C ASP E 40 -18.47 13.24 -36.64
N GLY E 41 -18.10 11.98 -36.38
CA GLY E 41 -16.83 11.71 -35.76
C GLY E 41 -15.71 12.40 -36.51
N SER E 42 -15.90 12.62 -37.80
CA SER E 42 -15.15 13.65 -38.52
C SER E 42 -16.13 14.79 -38.77
N VAL E 43 -16.01 15.82 -37.96
CA VAL E 43 -16.86 17.00 -38.03
C VAL E 43 -16.65 17.75 -39.34
N PRO E 44 -15.41 17.88 -39.83
CA PRO E 44 -15.20 18.60 -41.09
C PRO E 44 -16.05 18.12 -42.24
N TYR E 45 -16.69 16.97 -42.10
CA TYR E 45 -17.59 16.53 -43.15
C TYR E 45 -18.88 17.34 -43.10
N LEU E 46 -19.70 17.06 -42.10
CA LEU E 46 -21.05 17.61 -42.00
C LEU E 46 -21.14 18.59 -40.85
N GLN E 47 -20.84 18.13 -39.64
CA GLN E 47 -20.79 18.98 -38.47
C GLN E 47 -19.79 20.12 -38.64
N ASN E 48 -18.95 20.08 -39.68
CA ASN E 48 -18.07 21.19 -39.97
C ASN E 48 -18.85 22.49 -40.12
N LEU E 49 -18.18 23.57 -39.71
CA LEU E 49 -18.68 24.93 -39.77
C LEU E 49 -18.89 25.40 -41.21
N ILE E 50 -18.47 24.61 -42.19
CA ILE E 50 -18.54 24.98 -43.59
C ILE E 50 -19.79 24.37 -44.21
N GLU E 51 -19.92 23.04 -44.14
CA GLU E 51 -21.17 22.41 -44.58
C GLU E 51 -22.38 23.15 -44.04
N LYS E 52 -22.32 23.58 -42.78
CA LYS E 52 -23.33 24.48 -42.25
C LYS E 52 -23.06 25.94 -42.63
N GLY E 53 -21.79 26.35 -42.64
CA GLY E 53 -21.49 27.70 -43.10
C GLY E 53 -21.65 27.97 -44.57
N ARG E 54 -20.86 27.29 -45.41
CA ARG E 54 -20.98 27.45 -46.86
C ARG E 54 -20.94 26.13 -47.62
N TYR E 55 -19.79 25.45 -47.61
CA TYR E 55 -19.55 24.31 -48.49
C TYR E 55 -19.90 23.01 -47.77
N ASP E 56 -20.99 22.37 -48.21
CA ASP E 56 -21.27 21.02 -47.75
C ASP E 56 -20.27 20.06 -48.36
N TYR E 57 -19.85 19.09 -47.56
CA TYR E 57 -18.76 18.19 -47.91
C TYR E 57 -19.24 16.84 -48.42
N ASP E 58 -20.56 16.63 -48.59
CA ASP E 58 -21.06 15.31 -48.94
C ASP E 58 -20.44 14.74 -50.21
N LEU E 59 -20.82 15.27 -51.36
CA LEU E 59 -20.08 14.90 -52.55
C LEU E 59 -18.70 15.49 -52.50
N PHE E 60 -18.58 16.67 -51.91
CA PHE E 60 -17.31 17.35 -51.69
C PHE E 60 -16.38 16.54 -50.80
N LYS E 61 -16.89 15.44 -50.23
CA LYS E 61 -16.06 14.33 -49.77
C LYS E 61 -15.21 13.75 -50.88
N LYS E 62 -15.57 13.96 -52.15
CA LYS E 62 -14.94 13.24 -53.25
C LYS E 62 -13.48 13.62 -53.43
N VAL E 63 -13.18 14.91 -53.40
CA VAL E 63 -11.96 15.40 -54.05
C VAL E 63 -10.72 15.31 -53.19
N VAL E 64 -10.84 15.11 -51.88
CA VAL E 64 -9.73 15.36 -50.96
C VAL E 64 -8.56 14.41 -51.25
N ASN E 65 -8.79 13.10 -51.18
CA ASN E 65 -7.71 12.18 -51.52
C ASN E 65 -7.33 12.25 -52.99
N ARG E 66 -8.28 12.63 -53.86
CA ARG E 66 -7.98 12.79 -55.28
C ARG E 66 -6.74 13.63 -55.48
N ASN E 67 -6.58 14.69 -54.69
CA ASN E 67 -5.34 15.44 -54.75
C ASN E 67 -4.19 14.68 -54.09
N LEU E 68 -4.41 14.20 -52.87
CA LEU E 68 -3.31 13.61 -52.11
C LEU E 68 -2.84 12.30 -52.71
N VAL E 69 -3.62 11.69 -53.59
CA VAL E 69 -3.05 10.63 -54.41
C VAL E 69 -2.33 11.23 -55.61
N ARG E 70 -2.80 12.38 -56.12
CA ARG E 70 -2.13 12.97 -57.28
C ARG E 70 -1.01 13.91 -56.88
N ILE E 71 -0.71 14.04 -55.59
CA ILE E 71 0.54 14.67 -55.19
C ILE E 71 1.65 13.82 -55.81
N PRO E 72 2.77 14.41 -56.21
CA PRO E 72 3.91 13.58 -56.64
C PRO E 72 4.46 12.81 -55.45
N GLN E 73 4.62 11.50 -55.64
CA GLN E 73 4.99 10.64 -54.52
C GLN E 73 6.37 11.02 -54.01
N GLN E 74 6.60 10.75 -52.73
CA GLN E 74 7.88 11.07 -52.09
C GLN E 74 8.40 9.84 -51.36
N GLN E 75 9.44 10.01 -50.55
CA GLN E 75 9.97 8.93 -49.73
C GLN E 75 9.81 9.31 -48.26
N PRO E 76 10.09 8.41 -47.30
CA PRO E 76 9.59 8.64 -45.93
C PRO E 76 10.09 9.90 -45.26
N ALA E 77 11.40 10.16 -45.30
CA ALA E 77 11.93 11.29 -44.53
C ALA E 77 11.43 12.63 -45.05
N PRO E 78 11.41 12.90 -46.36
CA PRO E 78 10.82 14.16 -46.83
C PRO E 78 9.34 14.26 -46.58
N ALA E 79 8.65 13.15 -46.33
CA ALA E 79 7.26 13.23 -45.90
C ALA E 79 7.20 13.86 -44.51
N GLU E 80 6.26 14.79 -44.33
CA GLU E 80 6.06 15.58 -43.11
C GLU E 80 7.37 16.22 -42.65
N ILE E 81 8.31 16.41 -43.57
CA ILE E 81 9.56 17.06 -43.19
C ILE E 81 9.41 18.55 -43.23
N THR E 82 8.43 19.04 -43.99
CA THR E 82 8.35 20.46 -44.20
C THR E 82 7.00 21.01 -43.77
N PRO E 83 6.99 22.15 -43.09
CA PRO E 83 5.73 22.89 -42.95
C PRO E 83 5.32 23.52 -44.26
N SER E 84 6.30 23.83 -45.12
CA SER E 84 6.02 24.43 -46.41
C SER E 84 5.21 25.69 -46.20
N TYR E 85 5.85 26.77 -45.76
CA TYR E 85 5.17 27.82 -45.02
C TYR E 85 3.88 28.27 -45.70
N ALA E 86 3.74 28.05 -47.01
CA ALA E 86 2.44 28.14 -47.64
C ALA E 86 1.41 27.38 -46.80
N LEU E 87 1.70 26.13 -46.47
CA LEU E 87 0.93 25.46 -45.43
C LEU E 87 1.45 25.79 -44.03
N GLY E 88 2.76 25.91 -43.89
CA GLY E 88 3.34 26.16 -42.58
C GLY E 88 2.77 27.38 -41.88
N LYS E 89 2.21 28.33 -42.62
CA LYS E 89 1.56 29.46 -41.97
C LYS E 89 0.35 29.00 -41.18
N VAL E 90 -0.38 28.01 -41.69
CA VAL E 90 -1.59 27.53 -41.02
C VAL E 90 -1.28 27.20 -39.58
N LEU E 91 -0.04 26.82 -39.29
CA LEU E 91 0.41 26.76 -37.92
C LEU E 91 0.11 28.07 -37.22
N GLN E 92 0.65 29.17 -37.75
CA GLN E 92 0.35 30.49 -37.21
C GLN E 92 -0.99 31.03 -37.71
N ASP E 93 -1.27 30.83 -38.99
CA ASP E 93 -2.47 31.40 -39.60
C ASP E 93 -3.73 30.95 -38.87
N ALA E 94 -3.67 29.81 -38.18
CA ALA E 94 -4.83 29.35 -37.42
C ALA E 94 -5.14 30.27 -36.25
N ALA E 95 -4.20 31.11 -35.86
CA ALA E 95 -4.36 32.02 -34.75
C ALA E 95 -5.08 33.29 -35.15
N LYS E 96 -5.59 33.38 -36.38
CA LYS E 96 -6.28 34.58 -36.81
C LYS E 96 -7.73 34.61 -36.34
N ILE E 97 -8.44 33.49 -36.43
CA ILE E 97 -9.86 33.48 -36.03
C ILE E 97 -10.00 33.45 -34.52
N GLN E 98 -8.97 32.98 -33.80
CA GLN E 98 -8.99 33.10 -32.35
C GLN E 98 -9.13 34.54 -31.94
N LYS E 99 -8.87 35.47 -32.85
CA LYS E 99 -9.15 36.87 -32.60
C LYS E 99 -10.62 37.19 -32.84
N GLN E 100 -11.08 37.11 -34.09
CA GLN E 100 -12.40 37.66 -34.41
C GLN E 100 -13.53 36.82 -33.80
N GLN E 101 -13.31 35.53 -33.64
CA GLN E 101 -14.23 34.69 -32.89
C GLN E 101 -13.78 34.44 -31.45
N LYS E 102 -12.73 35.12 -30.98
CA LYS E 102 -12.35 35.12 -29.56
C LYS E 102 -11.92 33.72 -29.08
N ASP E 103 -10.75 33.31 -29.53
CA ASP E 103 -10.12 32.11 -28.97
C ASP E 103 -8.66 32.40 -28.66
N SER E 104 -8.04 31.45 -27.96
CA SER E 104 -6.67 31.61 -27.46
C SER E 104 -5.70 30.65 -28.13
N PHE E 105 -5.87 29.35 -27.90
CA PHE E 105 -5.01 28.35 -28.52
C PHE E 105 -5.44 28.16 -29.97
N ILE E 106 -4.90 27.14 -30.62
CA ILE E 106 -5.23 26.87 -32.01
C ILE E 106 -5.96 25.53 -32.07
N ALA E 107 -7.24 25.59 -32.42
CA ALA E 107 -8.18 24.50 -32.28
C ALA E 107 -8.52 23.87 -33.63
N GLN E 108 -9.41 22.88 -33.57
CA GLN E 108 -9.85 22.20 -34.78
C GLN E 108 -10.42 23.19 -35.78
N ASP E 109 -11.22 24.15 -35.32
CA ASP E 109 -11.66 25.22 -36.20
C ASP E 109 -10.47 26.01 -36.71
N HIS E 110 -9.52 26.30 -35.84
CA HIS E 110 -8.43 27.18 -36.20
C HIS E 110 -7.50 26.55 -37.23
N ILE E 111 -7.00 25.35 -36.91
CA ILE E 111 -6.23 24.62 -37.90
C ILE E 111 -7.00 24.56 -39.21
N LEU E 112 -8.29 24.23 -39.11
CA LEU E 112 -9.20 24.41 -40.23
C LEU E 112 -9.22 25.86 -40.70
N PHE E 113 -9.38 26.80 -39.77
CA PHE E 113 -9.61 28.19 -40.16
C PHE E 113 -8.52 28.71 -41.06
N ALA E 114 -7.27 28.57 -40.63
CA ALA E 114 -6.16 29.06 -41.44
C ALA E 114 -6.24 28.58 -42.86
N LEU E 115 -6.70 27.36 -43.05
CA LEU E 115 -6.69 26.72 -44.36
C LEU E 115 -7.57 27.42 -45.37
N PHE E 116 -8.38 28.38 -44.95
CA PHE E 116 -9.48 28.84 -45.77
C PHE E 116 -9.04 29.51 -47.05
N ASN E 117 -7.75 29.69 -47.28
CA ASN E 117 -7.36 30.23 -48.57
C ASN E 117 -7.29 29.16 -49.65
N ASP E 118 -6.21 28.38 -49.68
CA ASP E 118 -5.94 27.50 -50.81
C ASP E 118 -6.36 26.07 -50.56
N SER E 119 -6.83 25.75 -49.36
CA SER E 119 -7.16 24.38 -49.03
C SER E 119 -8.59 24.17 -49.48
N SER E 120 -8.75 23.42 -50.56
CA SER E 120 -9.86 23.78 -51.42
C SER E 120 -9.89 23.00 -52.71
N ILE E 121 -10.98 23.21 -53.45
CA ILE E 121 -10.91 23.35 -54.89
C ILE E 121 -11.00 24.85 -55.10
N GLN E 122 -9.90 25.47 -55.50
CA GLN E 122 -9.89 26.87 -55.92
C GLN E 122 -9.75 26.92 -57.42
N GLN E 123 -10.85 27.25 -58.10
CA GLN E 123 -10.92 27.31 -59.56
C GLN E 123 -12.00 28.30 -59.95
N ILE E 124 -12.33 28.35 -61.24
CA ILE E 124 -13.55 29.03 -61.66
C ILE E 124 -14.75 28.44 -60.94
N PHE E 125 -14.83 27.11 -60.91
CA PHE E 125 -15.72 26.40 -60.01
C PHE E 125 -14.93 26.09 -58.75
N LYS E 126 -15.23 26.78 -57.66
CA LYS E 126 -14.40 26.72 -56.47
C LYS E 126 -15.22 26.05 -55.38
N GLU E 127 -14.89 24.80 -55.07
CA GLU E 127 -15.38 24.14 -53.87
C GLU E 127 -14.26 24.26 -52.87
N ALA E 128 -14.43 25.15 -51.91
CA ALA E 128 -13.30 25.64 -51.17
C ALA E 128 -13.75 25.97 -49.76
N GLN E 129 -12.90 26.67 -49.05
CA GLN E 129 -13.19 27.10 -47.70
C GLN E 129 -13.35 28.61 -47.74
N VAL E 130 -14.58 29.07 -47.56
CA VAL E 130 -14.79 30.50 -47.39
C VAL E 130 -13.99 30.98 -46.18
N ASP E 131 -13.53 32.22 -46.25
CA ASP E 131 -12.52 32.70 -45.31
C ASP E 131 -13.13 32.99 -43.93
N ILE E 132 -13.94 34.04 -43.83
CA ILE E 132 -14.66 34.31 -42.58
C ILE E 132 -16.08 33.77 -42.64
N GLU E 133 -16.51 33.21 -43.78
CA GLU E 133 -17.93 33.05 -44.04
C GLU E 133 -18.52 31.84 -43.33
N ALA E 134 -17.80 30.71 -43.31
CA ALA E 134 -18.34 29.50 -42.69
C ALA E 134 -18.13 29.47 -41.17
N ILE E 135 -16.95 29.87 -40.72
CA ILE E 135 -16.53 29.63 -39.33
C ILE E 135 -17.15 30.65 -38.37
N LYS E 136 -16.74 31.91 -38.46
CA LYS E 136 -17.32 32.96 -37.62
C LYS E 136 -18.84 32.90 -37.65
N GLN E 137 -19.40 32.52 -38.80
CA GLN E 137 -20.77 32.03 -38.89
C GLN E 137 -21.00 30.93 -37.87
N GLN E 138 -20.42 29.77 -38.15
CA GLN E 138 -20.81 28.54 -37.48
C GLN E 138 -19.87 28.15 -36.35
N ALA E 139 -18.78 28.90 -36.13
CA ALA E 139 -18.01 28.75 -34.91
C ALA E 139 -18.76 29.23 -33.69
N LEU E 140 -19.86 29.96 -33.90
CA LEU E 140 -20.84 30.14 -32.85
C LEU E 140 -21.82 28.97 -32.81
N GLU E 141 -22.27 28.51 -33.98
CA GLU E 141 -23.10 27.31 -34.11
C GLU E 141 -22.42 26.16 -33.41
N LEU E 142 -21.30 25.71 -33.98
CA LEU E 142 -20.31 25.04 -33.15
C LEU E 142 -20.01 25.93 -31.96
N ARG E 143 -20.07 25.36 -30.76
CA ARG E 143 -19.64 26.12 -29.59
C ARG E 143 -20.40 27.43 -29.44
N GLY E 144 -19.71 28.54 -29.65
CA GLY E 144 -20.12 29.85 -29.20
C GLY E 144 -19.22 30.38 -28.11
N ASN E 145 -18.52 29.50 -27.40
CA ASN E 145 -17.13 29.75 -27.00
C ASN E 145 -16.40 28.44 -27.21
N THR E 146 -15.45 28.43 -28.12
CA THR E 146 -14.71 27.21 -28.39
C THR E 146 -13.59 27.01 -27.39
N ARG E 147 -12.89 28.07 -27.02
CA ARG E 147 -11.57 27.92 -26.42
C ARG E 147 -11.64 27.44 -24.98
N ILE E 148 -10.90 26.37 -24.70
CA ILE E 148 -10.61 25.97 -23.33
C ILE E 148 -9.12 25.71 -23.20
N ASP E 149 -8.66 24.61 -23.78
CA ASP E 149 -7.26 24.22 -23.75
C ASP E 149 -6.98 23.26 -24.88
N SER E 150 -5.70 23.07 -25.16
CA SER E 150 -5.30 22.01 -26.09
C SER E 150 -5.88 20.67 -25.67
N ARG E 151 -5.90 20.42 -24.36
CA ARG E 151 -6.52 19.23 -23.81
C ARG E 151 -8.03 19.28 -24.01
N GLY E 152 -8.65 18.13 -23.81
CA GLY E 152 -10.09 18.02 -23.85
C GLY E 152 -10.57 17.22 -25.05
N ALA E 153 -11.86 16.91 -24.99
CA ALA E 153 -12.51 16.04 -25.94
C ALA E 153 -12.82 16.83 -27.21
N ASP E 154 -13.69 16.27 -28.04
CA ASP E 154 -14.04 16.89 -29.31
C ASP E 154 -14.40 18.34 -29.09
N THR E 155 -14.01 19.18 -30.05
CA THR E 155 -14.31 20.60 -29.98
C THR E 155 -15.44 20.94 -30.94
N GLU E 160 -18.95 17.97 -28.46
CA GLU E 160 -20.23 17.80 -27.76
C GLU E 160 -20.15 16.63 -26.77
N TYR E 161 -19.61 16.93 -25.59
CA TYR E 161 -19.48 15.94 -24.53
C TYR E 161 -20.83 15.38 -24.10
N LEU E 162 -21.93 16.01 -24.52
CA LEU E 162 -23.28 15.53 -24.32
C LEU E 162 -23.38 14.07 -24.73
N SER E 163 -23.32 13.83 -26.03
CA SER E 163 -23.65 12.52 -26.57
C SER E 163 -22.74 11.44 -26.01
N LYS E 164 -21.73 11.82 -25.23
CA LYS E 164 -20.86 10.84 -24.63
C LYS E 164 -21.66 10.07 -23.60
N TYR E 165 -21.98 10.75 -22.52
CA TYR E 165 -22.68 10.13 -21.42
C TYR E 165 -24.15 10.48 -21.40
N ALA E 166 -24.61 11.32 -22.32
CA ALA E 166 -26.01 11.66 -22.41
C ALA E 166 -26.66 10.70 -23.39
N ILE E 167 -27.49 9.82 -22.88
CA ILE E 167 -28.26 8.92 -23.71
C ILE E 167 -29.72 9.34 -23.60
N ASP E 168 -30.31 9.65 -24.74
CA ASP E 168 -31.62 10.26 -24.76
C ASP E 168 -32.65 9.28 -25.24
N MET E 169 -33.78 9.26 -24.53
CA MET E 169 -34.92 8.50 -24.99
C MET E 169 -35.58 9.18 -26.17
N THR E 170 -35.73 10.51 -26.10
CA THR E 170 -36.53 11.22 -27.10
C THR E 170 -36.08 10.86 -28.49
N GLU E 171 -34.77 10.68 -28.65
CA GLU E 171 -34.21 9.98 -29.79
C GLU E 171 -35.00 8.70 -29.97
N GLN E 172 -34.74 7.76 -29.07
CA GLN E 172 -35.38 6.45 -29.11
C GLN E 172 -36.89 6.58 -29.15
N ALA E 173 -37.42 7.58 -28.46
CA ALA E 173 -38.86 7.79 -28.45
C ALA E 173 -39.37 8.17 -29.83
N ARG E 174 -38.83 9.25 -30.39
CA ARG E 174 -39.12 9.56 -31.78
C ARG E 174 -38.72 8.41 -32.68
N GLN E 175 -37.66 7.70 -32.31
CA GLN E 175 -37.37 6.44 -32.96
C GLN E 175 -38.46 5.42 -32.69
N GLY E 176 -39.08 5.49 -31.52
CA GLY E 176 -40.00 4.46 -31.09
C GLY E 176 -39.34 3.21 -30.59
N LYS E 177 -38.14 3.32 -30.01
CA LYS E 177 -37.44 2.14 -29.52
C LYS E 177 -38.14 1.54 -28.30
N LEU E 178 -38.38 2.37 -27.29
CA LEU E 178 -38.73 1.94 -25.95
C LEU E 178 -40.18 1.47 -25.86
N ASP E 179 -40.48 0.77 -24.76
CA ASP E 179 -41.78 0.14 -24.57
C ASP E 179 -42.71 1.05 -23.78
N PRO E 180 -43.89 1.36 -24.30
CA PRO E 180 -44.79 2.28 -23.57
C PRO E 180 -45.20 1.72 -22.23
N VAL E 181 -45.02 2.52 -21.20
CA VAL E 181 -45.37 2.19 -19.84
C VAL E 181 -46.88 2.12 -19.71
N ILE E 182 -47.34 1.54 -18.62
CA ILE E 182 -48.76 1.49 -18.32
C ILE E 182 -48.98 1.97 -16.89
N GLY E 183 -50.07 2.70 -16.71
CA GLY E 183 -50.58 3.00 -15.38
C GLY E 183 -49.73 3.92 -14.55
N ARG E 184 -48.53 4.25 -14.99
CA ARG E 184 -47.70 5.22 -14.29
C ARG E 184 -48.10 6.63 -14.68
N GLU E 185 -49.17 6.74 -15.44
CA GLU E 185 -49.66 7.98 -16.03
C GLU E 185 -49.71 9.12 -15.04
N GLU E 186 -50.63 9.05 -14.08
CA GLU E 186 -50.67 10.08 -13.07
C GLU E 186 -49.35 10.15 -12.33
N GLU E 187 -48.72 9.01 -12.12
CA GLU E 187 -47.38 9.00 -11.54
C GLU E 187 -46.45 9.85 -12.38
N ILE E 188 -46.44 9.59 -13.70
CA ILE E 188 -45.82 10.53 -14.61
C ILE E 188 -46.35 11.91 -14.34
N ARG E 189 -47.67 12.05 -14.40
CA ARG E 189 -48.30 13.34 -14.21
C ARG E 189 -47.81 13.99 -12.93
N SER E 190 -47.91 13.24 -11.82
CA SER E 190 -47.40 13.69 -10.54
C SER E 190 -46.00 14.25 -10.68
N THR E 191 -45.07 13.41 -11.11
CA THR E 191 -43.71 13.86 -11.32
C THR E 191 -43.66 15.09 -12.20
N ILE E 192 -44.25 14.99 -13.39
CA ILE E 192 -44.27 16.11 -14.32
C ILE E 192 -44.70 17.38 -13.60
N ARG E 193 -45.76 17.27 -12.83
CA ARG E 193 -46.15 18.32 -11.92
C ARG E 193 -44.90 18.78 -11.19
N VAL E 194 -44.36 17.91 -10.34
CA VAL E 194 -43.13 18.24 -9.63
C VAL E 194 -42.11 18.79 -10.61
N LEU E 195 -42.04 18.19 -11.78
CA LEU E 195 -41.16 18.70 -12.81
C LEU E 195 -41.51 20.12 -13.22
N ALA E 196 -42.71 20.59 -12.92
CA ALA E 196 -43.05 21.97 -13.18
C ALA E 196 -42.80 22.88 -11.97
N ARG E 197 -42.35 22.33 -10.85
CA ARG E 197 -42.07 23.16 -9.69
C ARG E 197 -40.76 23.92 -9.88
N ARG E 198 -40.82 25.24 -9.76
CA ARG E 198 -39.61 26.03 -9.68
C ARG E 198 -38.82 25.70 -8.43
N ILE E 199 -39.50 25.34 -7.35
CA ILE E 199 -38.83 25.00 -6.12
C ILE E 199 -38.13 23.66 -6.28
N LYS E 200 -38.89 22.58 -6.36
CA LYS E 200 -38.30 21.31 -6.70
C LYS E 200 -38.88 20.82 -8.01
N SER E 201 -38.12 20.97 -9.08
CA SER E 201 -38.41 20.20 -10.27
C SER E 201 -38.26 18.72 -9.96
N ASN E 202 -37.30 18.39 -9.11
CA ASN E 202 -36.89 17.03 -8.89
C ASN E 202 -38.04 16.21 -8.34
N PRO E 203 -38.56 15.29 -9.11
CA PRO E 203 -39.25 14.14 -8.53
C PRO E 203 -38.23 13.11 -8.11
N CYS E 204 -38.62 12.25 -7.18
CA CYS E 204 -37.73 11.18 -6.76
C CYS E 204 -38.54 9.93 -6.49
N LEU E 205 -38.03 8.82 -7.00
CA LEU E 205 -38.70 7.54 -6.84
C LEU E 205 -38.04 6.79 -5.69
N ILE E 206 -38.85 6.16 -4.86
CA ILE E 206 -38.37 5.17 -3.92
C ILE E 206 -39.15 3.89 -4.22
N GLY E 207 -38.60 2.77 -3.81
CA GLY E 207 -39.30 1.51 -3.99
C GLY E 207 -38.31 0.42 -4.31
N GLU E 208 -38.81 -0.66 -4.81
CA GLU E 208 -37.79 -1.56 -5.29
C GLU E 208 -37.60 -1.40 -6.79
N PRO E 209 -36.37 -1.23 -7.23
CA PRO E 209 -36.11 -1.01 -8.66
C PRO E 209 -36.58 -2.12 -9.58
N GLY E 210 -36.32 -1.98 -10.87
CA GLY E 210 -36.87 -2.89 -11.85
C GLY E 210 -38.34 -2.56 -12.02
N ILE E 211 -38.75 -1.45 -11.42
CA ILE E 211 -40.17 -1.16 -11.21
C ILE E 211 -40.74 -0.25 -12.28
N GLY E 212 -39.97 0.11 -13.29
CA GLY E 212 -40.46 1.02 -14.31
C GLY E 212 -39.90 2.42 -14.21
N LYS E 213 -38.91 2.63 -13.33
CA LYS E 213 -38.41 3.97 -13.07
C LYS E 213 -38.03 4.71 -14.34
N THR E 214 -36.97 4.28 -15.02
CA THR E 214 -36.61 5.00 -16.22
C THR E 214 -37.66 4.81 -17.30
N ALA E 215 -38.43 3.72 -17.24
CA ALA E 215 -39.60 3.61 -18.08
C ALA E 215 -40.62 4.67 -17.72
N ILE E 216 -40.86 4.86 -16.43
CA ILE E 216 -41.54 6.08 -16.01
C ILE E 216 -40.89 7.27 -16.66
N ILE E 217 -39.56 7.32 -16.62
CA ILE E 217 -38.86 8.40 -17.29
C ILE E 217 -39.09 8.32 -18.78
N GLU E 218 -39.37 7.14 -19.31
CA GLU E 218 -39.81 7.07 -20.70
C GLU E 218 -41.14 7.80 -20.85
N GLY E 219 -42.16 7.32 -20.14
CA GLY E 219 -43.45 7.97 -20.21
C GLY E 219 -43.32 9.46 -20.01
N VAL E 220 -42.44 9.85 -19.09
CA VAL E 220 -41.98 11.22 -19.00
C VAL E 220 -41.61 11.72 -20.39
N ALA E 221 -40.51 11.20 -20.92
CA ALA E 221 -40.03 11.71 -22.19
C ALA E 221 -41.00 11.40 -23.32
N GLN E 222 -41.73 10.29 -23.20
CA GLN E 222 -42.80 10.05 -24.15
C GLN E 222 -43.71 11.24 -24.22
N ARG E 223 -44.03 11.83 -23.08
CA ARG E 223 -44.88 13.00 -23.10
C ARG E 223 -44.17 14.20 -23.67
N ILE E 224 -42.84 14.17 -23.71
CA ILE E 224 -42.13 15.20 -24.46
C ILE E 224 -42.32 15.00 -25.95
N ILE E 225 -42.02 13.80 -26.43
CA ILE E 225 -41.91 13.58 -27.87
C ILE E 225 -43.27 13.60 -28.53
N ASP E 226 -44.31 13.22 -27.80
CA ASP E 226 -45.68 13.42 -28.26
C ASP E 226 -46.20 14.78 -27.85
N ASP E 227 -45.35 15.59 -27.22
CA ASP E 227 -45.73 16.90 -26.71
C ASP E 227 -46.93 16.81 -25.78
N ASP E 228 -47.12 15.63 -25.18
CA ASP E 228 -47.96 15.57 -24.01
C ASP E 228 -47.36 16.41 -22.90
N VAL E 229 -46.05 16.67 -22.98
CA VAL E 229 -45.39 17.63 -22.10
C VAL E 229 -46.13 18.95 -22.17
N PRO E 230 -46.46 19.57 -21.04
CA PRO E 230 -47.03 20.91 -21.06
C PRO E 230 -45.95 21.96 -21.33
N THR E 231 -46.42 23.20 -21.47
CA THR E 231 -45.69 24.24 -22.19
C THR E 231 -44.23 24.31 -21.79
N ILE E 232 -43.98 24.59 -20.51
CA ILE E 232 -42.68 25.09 -20.07
C ILE E 232 -41.56 24.24 -20.65
N LEU E 233 -41.63 22.95 -20.40
CA LEU E 233 -40.52 22.06 -20.70
C LEU E 233 -40.72 21.34 -22.02
N GLN E 234 -41.76 21.69 -22.77
CA GLN E 234 -41.90 21.16 -24.12
C GLN E 234 -40.62 21.33 -24.91
N GLY E 235 -40.08 22.55 -24.93
CA GLY E 235 -38.78 22.75 -25.53
C GLY E 235 -37.70 21.90 -24.88
N ALA E 236 -37.82 21.65 -23.57
CA ALA E 236 -36.87 20.77 -22.93
C ALA E 236 -37.00 19.36 -23.47
N LYS E 237 -35.95 18.58 -23.25
CA LYS E 237 -35.92 17.19 -23.70
C LYS E 237 -35.31 16.30 -22.64
N LEU E 238 -35.03 15.06 -22.97
CA LEU E 238 -34.51 14.10 -22.02
C LEU E 238 -33.04 13.81 -22.28
N PHE E 239 -32.30 13.67 -21.19
CA PHE E 239 -31.04 12.93 -21.16
C PHE E 239 -31.02 12.05 -19.92
N SER E 240 -30.09 11.12 -19.92
CA SER E 240 -29.79 10.30 -18.76
C SER E 240 -28.32 9.95 -18.82
N LEU E 241 -27.66 9.95 -17.68
CA LEU E 241 -26.20 9.83 -17.71
C LEU E 241 -25.74 8.44 -18.06
N ASP E 242 -24.50 8.40 -18.50
CA ASP E 242 -23.71 7.18 -18.54
C ASP E 242 -22.63 7.33 -17.50
N LEU E 243 -22.42 6.29 -16.71
CA LEU E 243 -21.32 6.33 -15.78
C LEU E 243 -20.02 6.04 -16.50
N ALA E 244 -20.12 5.84 -17.81
CA ALA E 244 -19.07 5.29 -18.64
C ALA E 244 -17.81 6.13 -18.68
N ALA E 245 -17.83 7.34 -18.11
CA ALA E 245 -16.60 8.10 -18.13
C ALA E 245 -15.58 7.41 -17.22
N LEU E 246 -14.48 6.97 -17.83
CA LEU E 246 -13.53 6.08 -17.20
C LEU E 246 -12.16 6.28 -17.83
N GLY E 254 -7.34 9.65 -17.47
CA GLY E 254 -7.20 10.68 -16.47
C GLY E 254 -8.31 10.63 -15.44
N ASP E 255 -8.58 11.76 -14.80
CA ASP E 255 -9.65 11.82 -13.81
C ASP E 255 -10.99 12.04 -14.49
N PHE E 256 -12.04 12.12 -13.69
CA PHE E 256 -13.37 11.76 -14.16
C PHE E 256 -14.41 12.80 -13.83
N GLU E 257 -14.71 13.03 -12.55
CA GLU E 257 -15.77 13.97 -12.18
C GLU E 257 -15.62 15.29 -12.91
N GLU E 258 -14.39 15.76 -13.03
CA GLU E 258 -14.12 16.96 -13.82
C GLU E 258 -14.78 16.85 -15.19
N ARG E 259 -14.56 15.73 -15.86
CA ARG E 259 -15.27 15.47 -17.10
C ARG E 259 -16.77 15.58 -16.87
N PHE E 260 -17.28 14.82 -15.90
CA PHE E 260 -18.70 14.88 -15.57
C PHE E 260 -19.14 16.31 -15.37
N LYS E 261 -18.31 17.11 -14.70
CA LYS E 261 -18.61 18.54 -14.59
C LYS E 261 -18.76 19.18 -15.96
N GLY E 262 -18.04 18.68 -16.95
CA GLY E 262 -18.03 19.36 -18.24
C GLY E 262 -19.43 19.52 -18.80
N VAL E 263 -20.15 18.41 -18.96
CA VAL E 263 -21.49 18.46 -19.52
C VAL E 263 -22.36 19.41 -18.70
N LEU E 264 -22.12 19.45 -17.39
CA LEU E 264 -22.97 20.23 -16.52
C LEU E 264 -23.00 21.68 -16.96
N LYS E 265 -21.83 22.28 -17.08
CA LYS E 265 -21.73 23.59 -17.70
C LYS E 265 -22.43 23.56 -19.05
N GLU E 266 -22.07 22.57 -19.86
CA GLU E 266 -22.63 22.45 -21.20
C GLU E 266 -24.15 22.45 -21.15
N ILE E 267 -24.72 21.60 -20.31
CA ILE E 267 -26.17 21.53 -20.24
C ILE E 267 -26.72 22.79 -19.60
N GLU E 268 -26.01 23.33 -18.61
CA GLU E 268 -26.41 24.64 -18.12
C GLU E 268 -26.35 25.65 -19.24
N GLU E 269 -25.31 25.58 -20.06
CA GLU E 269 -25.31 26.33 -21.30
C GLU E 269 -26.45 25.87 -22.21
N SER E 270 -26.73 24.57 -22.22
CA SER E 270 -27.70 24.04 -23.17
C SER E 270 -29.08 24.67 -22.99
N LYS E 271 -29.34 25.29 -21.85
CA LYS E 271 -30.52 26.12 -21.64
C LYS E 271 -31.83 25.32 -21.78
N THR E 272 -32.03 24.43 -20.79
CA THR E 272 -33.30 23.72 -20.51
C THR E 272 -33.96 23.21 -21.78
N LEU E 273 -33.16 22.83 -22.77
CA LEU E 273 -33.67 22.15 -23.94
C LEU E 273 -33.68 20.65 -23.74
N ILE E 274 -33.03 20.18 -22.67
CA ILE E 274 -32.97 18.78 -22.29
C ILE E 274 -33.08 18.70 -20.77
N VAL E 275 -33.26 17.48 -20.28
CA VAL E 275 -33.11 17.22 -18.85
C VAL E 275 -32.42 15.88 -18.66
N LEU E 276 -31.51 15.83 -17.70
CA LEU E 276 -30.85 14.61 -17.32
C LEU E 276 -31.77 13.74 -16.48
N PHE E 277 -31.44 12.45 -16.42
CA PHE E 277 -32.09 11.54 -15.50
C PHE E 277 -31.08 10.59 -14.88
N ILE E 278 -31.05 10.54 -13.54
CA ILE E 278 -30.17 9.66 -12.78
C ILE E 278 -31.06 8.76 -11.94
N ASP E 279 -30.54 7.59 -11.54
CA ASP E 279 -31.46 6.63 -10.97
C ASP E 279 -31.26 6.41 -9.48
N GLU E 280 -30.30 5.56 -9.11
CA GLU E 280 -29.97 5.36 -7.71
C GLU E 280 -28.71 6.07 -7.27
N ILE E 281 -27.88 6.52 -8.18
CA ILE E 281 -26.51 6.83 -7.82
C ILE E 281 -26.49 8.32 -7.58
N HIS E 282 -26.52 8.66 -6.31
CA HIS E 282 -26.44 10.03 -5.87
C HIS E 282 -25.59 9.90 -4.64
N MET E 283 -24.38 10.42 -4.69
CA MET E 283 -23.32 9.77 -3.95
C MET E 283 -22.47 10.78 -3.21
N LEU E 284 -22.34 10.58 -1.91
CA LEU E 284 -21.15 11.06 -1.24
C LEU E 284 -20.05 10.08 -1.57
N MET E 285 -19.03 10.56 -2.29
CA MET E 285 -18.01 9.65 -2.78
C MET E 285 -16.99 9.41 -1.68
N GLY E 286 -16.52 8.16 -1.60
CA GLY E 286 -15.77 7.74 -0.43
C GLY E 286 -14.45 8.46 -0.24
N ASN E 287 -13.59 8.43 -1.25
CA ASN E 287 -12.23 8.95 -1.09
C ASN E 287 -11.88 10.00 -2.15
N ALA E 292 -14.63 13.80 -6.01
CA ALA E 292 -15.55 13.26 -5.02
C ALA E 292 -16.52 14.32 -4.53
N ALA E 293 -16.87 14.22 -3.25
CA ALA E 293 -17.63 15.23 -2.54
C ALA E 293 -18.91 15.62 -3.25
N ASN E 294 -19.21 16.91 -3.27
CA ASN E 294 -20.45 17.40 -3.83
C ASN E 294 -20.12 18.16 -5.10
N ILE E 295 -20.42 17.55 -6.24
CA ILE E 295 -20.27 18.17 -7.54
C ILE E 295 -21.66 18.20 -8.15
N LEU E 296 -22.03 19.35 -8.70
CA LEU E 296 -23.37 19.58 -9.21
C LEU E 296 -24.38 19.58 -8.08
N LYS E 297 -24.03 18.95 -6.97
CA LYS E 297 -24.80 19.17 -5.77
C LYS E 297 -24.81 20.66 -5.46
N PRO E 298 -23.71 21.38 -5.58
CA PRO E 298 -23.81 22.84 -5.66
C PRO E 298 -24.49 23.31 -6.94
N ALA E 299 -24.14 22.71 -8.08
CA ALA E 299 -24.67 23.23 -9.32
C ALA E 299 -26.14 22.87 -9.50
N LEU E 300 -26.64 21.89 -8.77
CA LEU E 300 -28.09 21.82 -8.63
C LEU E 300 -28.54 22.76 -7.53
N SER E 301 -27.77 22.85 -6.45
CA SER E 301 -28.01 23.89 -5.46
C SER E 301 -27.87 25.27 -6.08
N ARG E 302 -27.39 25.33 -7.31
CA ARG E 302 -27.27 26.57 -8.07
C ARG E 302 -28.63 27.23 -8.32
N GLY E 303 -29.72 26.58 -7.96
CA GLY E 303 -31.02 27.20 -8.14
C GLY E 303 -31.45 27.26 -9.57
N GLN E 304 -30.94 26.36 -10.39
CA GLN E 304 -31.19 26.34 -11.82
C GLN E 304 -31.26 24.87 -12.23
N LEU E 305 -31.27 24.64 -13.54
CA LEU E 305 -30.97 23.30 -14.03
C LEU E 305 -31.94 22.25 -13.52
N LYS E 306 -33.11 22.21 -14.10
CA LYS E 306 -34.06 21.14 -13.82
C LYS E 306 -33.40 19.77 -13.90
N VAL E 307 -33.60 18.97 -12.85
CA VAL E 307 -33.02 17.63 -12.72
C VAL E 307 -34.08 16.73 -12.11
N ILE E 308 -33.83 15.42 -12.14
CA ILE E 308 -34.78 14.42 -11.68
C ILE E 308 -34.05 13.42 -10.80
N GLY E 309 -34.61 13.13 -9.62
CA GLY E 309 -34.06 12.14 -8.72
C GLY E 309 -34.85 10.85 -8.65
N ALA E 310 -34.21 9.85 -8.06
CA ALA E 310 -34.85 8.63 -7.57
C ALA E 310 -33.85 7.96 -6.63
N THR E 311 -34.35 7.06 -5.78
CA THR E 311 -33.48 6.08 -5.11
C THR E 311 -34.36 5.08 -4.36
N THR E 312 -33.74 4.31 -3.49
CA THR E 312 -34.49 3.48 -2.56
C THR E 312 -34.46 4.16 -1.20
N ASN E 313 -35.02 3.51 -0.19
CA ASN E 313 -35.25 4.15 1.08
C ASN E 313 -34.00 4.70 1.76
N ASN E 314 -33.17 3.83 2.32
CA ASN E 314 -32.12 4.33 3.19
C ASN E 314 -31.09 5.13 2.43
N GLU E 315 -30.88 4.78 1.17
CA GLU E 315 -30.10 5.63 0.29
C GLU E 315 -30.63 7.05 0.36
N TYR E 316 -31.92 7.20 0.12
CA TYR E 316 -32.59 8.47 0.32
C TYR E 316 -32.27 8.99 1.71
N ARG E 317 -32.58 8.19 2.73
CA ARG E 317 -32.29 8.57 4.11
C ARG E 317 -30.87 9.10 4.23
N SER E 318 -29.92 8.36 3.67
CA SER E 318 -28.52 8.73 3.74
C SER E 318 -28.31 10.12 3.18
N ILE E 319 -28.38 10.23 1.86
CA ILE E 319 -27.88 11.44 1.21
C ILE E 319 -28.81 12.62 1.44
N VAL E 320 -30.11 12.43 1.22
CA VAL E 320 -31.00 13.59 1.08
C VAL E 320 -31.11 14.32 2.41
N GLU E 321 -30.93 13.60 3.51
CA GLU E 321 -30.99 14.17 4.85
C GLU E 321 -29.68 14.82 5.26
N LYS E 322 -28.56 14.17 4.98
CA LYS E 322 -27.26 14.75 5.29
C LYS E 322 -27.04 16.07 4.59
N ASP E 323 -27.90 16.41 3.63
CA ASP E 323 -28.02 17.77 3.12
C ASP E 323 -29.30 18.40 3.68
N GLY E 324 -30.44 17.92 3.20
CA GLY E 324 -31.70 18.58 3.45
C GLY E 324 -31.99 19.65 2.42
N ALA E 325 -30.96 20.17 1.78
CA ALA E 325 -31.18 20.95 0.57
C ALA E 325 -31.39 20.02 -0.62
N PHE E 326 -30.76 18.84 -0.60
CA PHE E 326 -31.22 17.78 -1.46
C PHE E 326 -32.70 17.55 -1.24
N GLU E 327 -33.08 17.35 0.03
CA GLU E 327 -34.48 17.45 0.39
C GLU E 327 -35.11 18.70 -0.19
N ARG E 328 -34.43 19.83 -0.03
CA ARG E 328 -34.97 21.07 -0.58
C ARG E 328 -34.89 21.10 -2.09
N ARG E 329 -33.94 20.37 -2.69
CA ARG E 329 -33.91 20.20 -4.14
C ARG E 329 -34.77 19.04 -4.61
N PHE E 330 -34.86 17.98 -3.84
CA PHE E 330 -35.50 16.75 -4.30
C PHE E 330 -36.84 16.56 -3.60
N GLN E 331 -37.87 16.33 -4.39
CA GLN E 331 -39.18 15.96 -3.89
C GLN E 331 -39.45 14.53 -4.31
N LYS E 332 -39.53 13.62 -3.35
CA LYS E 332 -39.65 12.22 -3.70
C LYS E 332 -41.09 11.83 -3.94
N ILE E 333 -41.33 11.11 -5.02
CA ILE E 333 -42.62 10.51 -5.31
C ILE E 333 -42.37 9.02 -5.47
N GLU E 334 -42.84 8.24 -4.51
CA GLU E 334 -42.49 6.83 -4.45
C GLU E 334 -43.55 5.98 -5.14
N VAL E 335 -43.17 5.37 -6.25
CA VAL E 335 -44.04 4.36 -6.87
C VAL E 335 -43.97 3.07 -6.07
N ALA E 336 -44.95 2.21 -6.31
CA ALA E 336 -45.01 0.90 -5.67
C ALA E 336 -45.05 -0.18 -6.72
N GLU E 337 -44.78 -1.40 -6.28
CA GLU E 337 -44.97 -2.52 -7.18
C GLU E 337 -46.44 -2.60 -7.54
N PRO E 338 -46.79 -2.49 -8.81
CA PRO E 338 -48.16 -2.12 -9.18
C PRO E 338 -49.17 -3.20 -8.80
N SER E 339 -50.44 -2.80 -8.83
CA SER E 339 -51.50 -3.75 -8.61
C SER E 339 -51.37 -4.87 -9.61
N VAL E 340 -51.51 -6.09 -9.12
CA VAL E 340 -51.12 -7.28 -9.86
C VAL E 340 -51.59 -7.20 -11.30
N ARG E 341 -52.80 -6.71 -11.51
CA ARG E 341 -53.40 -6.70 -12.83
C ARG E 341 -52.64 -5.82 -13.81
N GLN E 342 -51.83 -4.90 -13.34
CA GLN E 342 -51.27 -3.93 -14.25
C GLN E 342 -50.40 -4.62 -15.28
N THR E 343 -49.36 -5.29 -14.81
CA THR E 343 -48.38 -5.88 -15.69
C THR E 343 -49.02 -6.72 -16.77
N VAL E 344 -50.19 -7.28 -16.47
CA VAL E 344 -50.98 -7.96 -17.49
C VAL E 344 -50.97 -7.13 -18.76
N ALA E 345 -51.28 -5.85 -18.61
CA ALA E 345 -51.23 -4.97 -19.76
C ALA E 345 -49.82 -4.91 -20.32
N ILE E 346 -48.82 -4.68 -19.46
CA ILE E 346 -47.48 -4.60 -20.01
C ILE E 346 -47.08 -5.98 -20.49
N LEU E 347 -47.64 -7.02 -19.89
CA LEU E 347 -47.52 -8.32 -20.50
C LEU E 347 -48.17 -8.31 -21.86
N ARG E 348 -49.46 -7.98 -21.91
CA ARG E 348 -50.11 -7.72 -23.18
C ARG E 348 -49.27 -6.77 -24.00
N GLY E 349 -48.60 -5.84 -23.32
CA GLY E 349 -47.57 -5.08 -24.00
C GLY E 349 -46.46 -5.98 -24.52
N LEU E 350 -45.88 -6.78 -23.65
CA LEU E 350 -44.73 -7.56 -24.09
C LEU E 350 -45.08 -8.96 -24.52
N GLN E 351 -46.35 -9.34 -24.42
CA GLN E 351 -46.76 -10.60 -24.98
C GLN E 351 -46.26 -10.68 -26.41
N PRO E 352 -46.67 -9.78 -27.30
CA PRO E 352 -46.13 -9.84 -28.66
C PRO E 352 -44.63 -9.85 -28.66
N LYS E 353 -44.03 -9.09 -27.76
CA LYS E 353 -42.60 -8.90 -27.77
C LYS E 353 -41.86 -10.21 -27.71
N TYR E 354 -41.81 -10.82 -26.54
CA TYR E 354 -40.82 -11.87 -26.40
C TYR E 354 -41.21 -13.12 -27.16
N GLU E 355 -42.51 -13.34 -27.33
CA GLU E 355 -42.93 -14.46 -28.16
C GLU E 355 -42.45 -14.25 -29.58
N ILE E 356 -42.39 -13.00 -30.04
CA ILE E 356 -41.78 -12.75 -31.33
C ILE E 356 -40.27 -12.68 -31.20
N HIS E 357 -39.74 -12.43 -30.01
CA HIS E 357 -38.33 -12.68 -29.79
C HIS E 357 -38.07 -14.16 -29.81
N HIS E 358 -38.93 -14.92 -29.16
CA HIS E 358 -38.76 -16.33 -28.98
C HIS E 358 -39.52 -17.13 -30.01
N GLY E 359 -40.11 -16.45 -30.98
CA GLY E 359 -40.76 -17.16 -32.08
C GLY E 359 -41.94 -17.98 -31.64
N VAL E 360 -42.76 -17.44 -30.74
CA VAL E 360 -43.79 -18.25 -30.10
C VAL E 360 -45.04 -17.44 -29.84
N ARG E 361 -45.94 -18.01 -29.05
CA ARG E 361 -47.22 -17.41 -28.73
C ARG E 361 -47.46 -17.50 -27.24
N ILE E 362 -48.51 -16.86 -26.78
CA ILE E 362 -48.83 -16.82 -25.36
C ILE E 362 -50.32 -16.98 -25.17
N LEU E 363 -50.71 -17.90 -24.31
CA LEU E 363 -52.06 -17.92 -23.81
C LEU E 363 -52.15 -16.99 -22.61
N ASP E 364 -53.26 -16.26 -22.52
CA ASP E 364 -53.48 -15.43 -21.35
C ASP E 364 -53.46 -16.27 -20.10
N SER E 365 -53.99 -17.49 -20.18
CA SER E 365 -54.15 -18.33 -19.00
C SER E 365 -52.87 -18.38 -18.19
N ALA E 366 -51.77 -18.78 -18.81
CA ALA E 366 -50.48 -18.60 -18.18
C ALA E 366 -50.18 -17.12 -18.01
N LEU E 367 -50.42 -16.35 -19.06
CA LEU E 367 -50.01 -14.95 -19.07
C LEU E 367 -50.53 -14.24 -17.84
N VAL E 368 -51.84 -14.28 -17.63
CA VAL E 368 -52.37 -13.75 -16.38
C VAL E 368 -51.72 -14.46 -15.21
N THR E 369 -51.67 -15.78 -15.27
CA THR E 369 -51.26 -16.56 -14.11
C THR E 369 -49.87 -16.14 -13.65
N ALA E 370 -49.01 -15.79 -14.59
CA ALA E 370 -47.60 -15.59 -14.32
C ALA E 370 -47.44 -14.77 -13.06
N ALA E 371 -47.81 -13.49 -13.17
CA ALA E 371 -47.89 -12.66 -11.99
C ALA E 371 -48.74 -13.34 -10.93
N GLN E 372 -49.94 -13.80 -11.33
CA GLN E 372 -50.94 -14.26 -10.39
C GLN E 372 -50.29 -15.16 -9.36
N LEU E 373 -49.37 -15.99 -9.82
CA LEU E 373 -48.59 -16.75 -8.86
C LEU E 373 -47.34 -15.97 -8.47
N ALA E 374 -46.49 -15.67 -9.46
CA ALA E 374 -45.19 -15.10 -9.15
C ALA E 374 -45.31 -13.91 -8.23
N LYS E 375 -46.47 -13.25 -8.25
CA LYS E 375 -46.78 -12.37 -7.15
C LYS E 375 -46.49 -13.12 -5.87
N ARG E 376 -47.34 -14.11 -5.61
CA ARG E 376 -47.28 -14.85 -4.37
C ARG E 376 -45.92 -15.49 -4.18
N TYR E 377 -45.63 -16.53 -4.94
CA TYR E 377 -44.54 -17.40 -4.57
C TYR E 377 -43.19 -16.90 -5.03
N LEU E 378 -43.15 -15.80 -5.76
CA LEU E 378 -41.84 -15.26 -6.02
C LEU E 378 -41.50 -14.31 -4.90
N PRO E 379 -40.36 -14.47 -4.26
CA PRO E 379 -40.06 -13.64 -3.09
C PRO E 379 -39.84 -12.18 -3.41
N TYR E 380 -39.12 -11.87 -4.48
CA TYR E 380 -38.42 -10.59 -4.56
C TYR E 380 -39.05 -9.61 -5.54
N ARG E 381 -38.99 -9.93 -6.82
CA ARG E 381 -38.95 -8.93 -7.88
C ARG E 381 -40.33 -8.34 -8.10
N ARG E 382 -40.47 -7.59 -9.18
CA ARG E 382 -41.52 -6.60 -9.28
C ARG E 382 -42.57 -7.03 -10.27
N LEU E 383 -43.78 -6.53 -10.02
CA LEU E 383 -44.95 -6.91 -10.79
C LEU E 383 -44.66 -6.96 -12.28
N PRO E 384 -44.11 -5.93 -12.91
CA PRO E 384 -43.61 -6.14 -14.27
C PRO E 384 -42.50 -7.15 -14.30
N ASP E 385 -41.60 -7.04 -13.32
CA ASP E 385 -40.32 -7.71 -13.38
C ASP E 385 -40.55 -9.19 -13.18
N SER E 386 -40.88 -9.53 -11.94
CA SER E 386 -40.98 -10.91 -11.51
C SER E 386 -41.77 -11.75 -12.49
N ALA E 387 -42.93 -11.26 -12.89
CA ALA E 387 -43.75 -11.99 -13.85
C ALA E 387 -42.94 -12.24 -15.11
N LEU E 388 -42.58 -11.16 -15.79
CA LEU E 388 -41.93 -11.31 -17.07
C LEU E 388 -40.69 -12.17 -16.94
N ASP E 389 -40.02 -12.08 -15.79
CA ASP E 389 -38.87 -12.93 -15.53
C ASP E 389 -39.24 -14.37 -15.80
N LEU E 390 -40.28 -14.84 -15.12
CA LEU E 390 -40.84 -16.14 -15.41
C LEU E 390 -41.04 -16.32 -16.90
N VAL E 391 -41.66 -15.33 -17.51
CA VAL E 391 -42.20 -15.44 -18.85
C VAL E 391 -41.12 -15.88 -19.81
N ASP E 392 -40.17 -14.99 -20.08
CA ASP E 392 -39.08 -15.32 -21.00
C ASP E 392 -38.51 -16.68 -20.63
N ILE E 393 -38.34 -16.92 -19.34
CA ILE E 393 -37.84 -18.20 -18.90
C ILE E 393 -38.82 -19.30 -19.23
N SER E 394 -40.09 -19.11 -18.87
CA SER E 394 -41.12 -19.99 -19.38
C SER E 394 -41.03 -20.06 -20.89
N CYS E 395 -41.03 -18.87 -21.52
CA CYS E 395 -40.85 -18.80 -22.96
C CYS E 395 -39.61 -19.55 -23.40
N ALA E 396 -38.59 -19.58 -22.57
CA ALA E 396 -37.35 -20.18 -23.00
C ALA E 396 -37.57 -21.68 -23.12
N GLY E 397 -37.80 -22.34 -22.00
CA GLY E 397 -37.89 -23.80 -22.01
C GLY E 397 -38.80 -24.30 -23.11
N VAL E 398 -40.00 -23.74 -23.19
CA VAL E 398 -40.93 -24.17 -24.22
C VAL E 398 -40.29 -23.99 -25.59
N ALA E 399 -39.56 -22.89 -25.77
CA ALA E 399 -38.80 -22.73 -27.00
C ALA E 399 -37.53 -23.55 -26.94
N VAL E 400 -36.85 -23.55 -25.80
CA VAL E 400 -35.74 -24.46 -25.62
C VAL E 400 -36.17 -25.86 -26.00
N ALA E 401 -37.39 -26.24 -25.61
CA ALA E 401 -37.99 -27.42 -26.20
C ALA E 401 -38.13 -27.25 -27.70
N ARG E 402 -38.82 -26.20 -28.12
CA ARG E 402 -39.11 -26.04 -29.54
C ARG E 402 -37.82 -25.90 -30.36
N ASP E 403 -36.96 -24.99 -29.92
CA ASP E 403 -35.69 -24.71 -30.58
C ASP E 403 -34.62 -25.65 -30.07
N SER E 404 -35.03 -26.87 -29.77
CA SER E 404 -34.14 -27.92 -29.28
C SER E 404 -34.72 -29.31 -29.58
N LYS E 405 -36.02 -29.37 -29.86
CA LYS E 405 -36.73 -30.64 -30.00
C LYS E 405 -37.37 -31.03 -28.68
N PRO E 406 -38.43 -31.81 -28.75
CA PRO E 406 -39.12 -32.24 -27.52
C PRO E 406 -38.17 -33.00 -26.61
N SER E 530 -42.80 -26.86 -29.60
CA SER E 530 -43.07 -26.52 -30.99
C SER E 530 -44.56 -26.45 -31.27
N MET E 531 -45.22 -27.61 -31.23
CA MET E 531 -46.68 -27.61 -31.21
C MET E 531 -47.17 -26.70 -30.11
N ILE E 532 -46.46 -26.67 -28.99
CA ILE E 532 -46.61 -25.58 -28.05
C ILE E 532 -45.95 -24.36 -28.65
N GLN E 533 -46.73 -23.31 -28.80
CA GLN E 533 -46.20 -22.03 -29.25
C GLN E 533 -46.72 -21.03 -28.25
N ASN E 534 -48.04 -20.97 -28.16
CA ASN E 534 -48.71 -20.39 -27.01
C ASN E 534 -48.16 -20.99 -25.73
N VAL E 535 -48.16 -20.20 -24.68
CA VAL E 535 -47.74 -20.66 -23.38
C VAL E 535 -48.98 -20.85 -22.52
N VAL E 536 -49.21 -22.08 -22.09
CA VAL E 536 -50.41 -22.45 -21.36
C VAL E 536 -50.03 -22.62 -19.89
N ASP E 537 -51.00 -22.31 -19.03
CA ASP E 537 -50.73 -22.13 -17.61
C ASP E 537 -49.78 -23.17 -17.07
N SER E 538 -50.21 -24.42 -17.01
CA SER E 538 -49.61 -25.39 -16.12
C SER E 538 -48.10 -25.37 -16.10
N ASP E 539 -47.49 -25.89 -17.15
CA ASP E 539 -46.05 -26.04 -17.10
C ASP E 539 -45.38 -24.69 -17.22
N THR E 540 -45.77 -23.94 -18.24
CA THR E 540 -45.28 -22.60 -18.42
C THR E 540 -45.37 -21.82 -17.14
N ILE E 541 -46.35 -22.15 -16.31
CA ILE E 541 -46.34 -21.54 -15.01
C ILE E 541 -45.77 -22.55 -14.05
N SER E 542 -46.60 -23.51 -13.64
CA SER E 542 -46.28 -24.26 -12.44
C SER E 542 -44.94 -24.96 -12.57
N GLU E 543 -44.70 -25.63 -13.69
CA GLU E 543 -43.39 -26.21 -13.89
C GLU E 543 -42.37 -25.13 -13.70
N THR E 544 -42.38 -24.18 -14.63
CA THR E 544 -41.50 -23.03 -14.53
C THR E 544 -41.54 -22.45 -13.13
N ALA E 545 -42.73 -22.37 -12.55
CA ALA E 545 -42.81 -22.00 -11.15
C ALA E 545 -41.98 -22.98 -10.35
N ALA E 546 -42.41 -24.24 -10.35
CA ALA E 546 -41.65 -25.26 -9.66
C ALA E 546 -40.22 -25.29 -10.15
N ARG E 547 -39.97 -24.87 -11.38
CA ARG E 547 -38.59 -24.67 -11.78
C ARG E 547 -37.90 -23.71 -10.84
N LEU E 548 -38.65 -22.91 -10.12
CA LEU E 548 -38.10 -22.45 -8.86
C LEU E 548 -38.28 -23.47 -7.74
N THR E 549 -39.50 -24.00 -7.57
CA THR E 549 -39.85 -24.50 -6.24
C THR E 549 -40.15 -25.99 -6.13
N GLY E 550 -41.36 -26.39 -6.50
CA GLY E 550 -41.78 -27.76 -6.34
C GLY E 550 -43.24 -27.80 -5.97
N ILE E 551 -43.71 -29.02 -5.68
CA ILE E 551 -45.11 -29.27 -5.40
C ILE E 551 -45.97 -28.53 -6.42
N PRO E 552 -45.77 -28.79 -7.71
CA PRO E 552 -46.47 -27.98 -8.72
C PRO E 552 -47.96 -28.18 -8.66
N VAL E 553 -48.41 -29.42 -8.48
CA VAL E 553 -49.83 -29.72 -8.51
C VAL E 553 -50.58 -28.82 -7.54
N LYS E 554 -49.98 -28.53 -6.39
CA LYS E 554 -50.54 -27.49 -5.55
C LYS E 554 -50.45 -26.15 -6.25
N LYS E 555 -49.25 -25.77 -6.66
CA LYS E 555 -49.10 -24.56 -7.44
C LYS E 555 -50.04 -24.57 -8.62
N LEU E 556 -50.36 -25.75 -9.12
CA LEU E 556 -51.38 -25.90 -10.14
C LEU E 556 -52.75 -25.65 -9.55
N SER E 557 -53.16 -26.56 -8.67
CA SER E 557 -54.58 -26.77 -8.46
C SER E 557 -55.27 -25.56 -7.86
N GLU E 558 -54.75 -25.07 -6.73
CA GLU E 558 -55.58 -24.37 -5.77
C GLU E 558 -56.26 -23.14 -6.32
N SER E 559 -57.59 -23.10 -6.15
CA SER E 559 -58.43 -21.95 -6.44
C SER E 559 -58.18 -20.82 -5.47
N GLU E 560 -57.35 -21.06 -4.47
CA GLU E 560 -56.98 -20.17 -3.38
C GLU E 560 -58.13 -20.07 -2.41
N ASN E 561 -59.33 -20.40 -2.87
CA ASN E 561 -60.44 -20.59 -1.95
C ASN E 561 -60.47 -22.01 -1.44
N GLU E 562 -60.28 -22.98 -2.34
CA GLU E 562 -60.45 -24.38 -1.96
C GLU E 562 -59.67 -24.68 -0.70
N LYS E 563 -58.46 -24.11 -0.59
CA LYS E 563 -57.72 -24.28 0.64
C LYS E 563 -58.58 -23.98 1.84
N LEU E 564 -59.52 -23.05 1.72
CA LEU E 564 -60.45 -22.89 2.82
C LEU E 564 -61.18 -24.19 3.03
N ILE E 565 -62.06 -24.53 2.09
CA ILE E 565 -63.11 -25.52 2.36
C ILE E 565 -62.54 -26.76 3.02
N HIS E 566 -61.52 -27.33 2.41
CA HIS E 566 -61.15 -28.69 2.73
C HIS E 566 -60.03 -28.79 3.75
N MET E 567 -59.44 -27.66 4.14
CA MET E 567 -58.26 -27.70 4.99
C MET E 567 -58.55 -28.36 6.32
N GLU E 568 -59.77 -28.20 6.81
CA GLU E 568 -60.15 -28.83 8.05
C GLU E 568 -59.82 -30.30 7.97
N ARG E 569 -60.55 -31.02 7.12
CA ARG E 569 -60.25 -32.42 6.89
C ARG E 569 -58.78 -32.61 6.57
N ASP E 570 -58.22 -31.70 5.78
CA ASP E 570 -56.81 -31.76 5.46
C ASP E 570 -56.00 -31.76 6.72
N LEU E 571 -56.04 -30.65 7.45
CA LEU E 571 -55.30 -30.64 8.70
C LEU E 571 -55.86 -31.70 9.64
N SER E 572 -57.16 -31.99 9.54
CA SER E 572 -57.69 -33.09 10.34
C SER E 572 -56.85 -34.34 10.10
N SER E 573 -56.49 -34.59 8.85
CA SER E 573 -55.52 -35.64 8.60
C SER E 573 -54.20 -35.34 9.29
N GLU E 574 -53.82 -34.07 9.38
CA GLU E 574 -52.55 -33.73 10.02
C GLU E 574 -52.66 -33.80 11.53
N VAL E 575 -53.76 -33.29 12.08
CA VAL E 575 -53.92 -33.15 13.52
C VAL E 575 -55.36 -33.47 13.87
N VAL E 576 -55.53 -34.12 15.02
CA VAL E 576 -56.83 -34.60 15.44
C VAL E 576 -57.31 -33.72 16.59
N GLY E 577 -58.63 -33.56 16.64
CA GLY E 577 -59.24 -32.76 17.64
C GLY E 577 -58.81 -31.32 17.49
N GLN E 578 -59.05 -30.56 18.55
CA GLN E 578 -58.88 -29.13 18.52
C GLN E 578 -59.63 -28.55 17.33
N MET E 579 -60.86 -29.03 17.16
CA MET E 579 -61.72 -28.54 16.10
C MET E 579 -61.81 -27.03 16.12
N ASP E 580 -61.82 -26.44 17.31
CA ASP E 580 -61.72 -24.99 17.43
C ASP E 580 -60.60 -24.46 16.53
N ALA E 581 -59.37 -24.83 16.85
CA ALA E 581 -58.24 -24.51 15.98
C ALA E 581 -58.58 -24.88 14.56
N ILE E 582 -59.08 -26.10 14.38
CA ILE E 582 -59.54 -26.51 13.06
C ILE E 582 -60.50 -25.48 12.52
N LYS E 583 -61.56 -25.22 13.26
CA LYS E 583 -62.49 -24.17 12.87
C LYS E 583 -61.78 -22.83 12.75
N ALA E 584 -61.43 -22.29 13.91
CA ALA E 584 -61.17 -20.88 14.03
C ALA E 584 -59.99 -20.46 13.17
N VAL E 585 -58.85 -21.11 13.37
CA VAL E 585 -57.67 -20.74 12.62
C VAL E 585 -58.00 -20.71 11.15
N SER E 586 -58.54 -21.82 10.65
CA SER E 586 -59.09 -21.89 9.31
C SER E 586 -60.00 -20.70 9.10
N ASN E 587 -61.09 -20.67 9.87
CA ASN E 587 -61.99 -19.54 9.82
C ASN E 587 -61.21 -18.24 9.76
N ALA E 588 -60.44 -17.97 10.81
CA ALA E 588 -59.62 -16.78 10.85
C ALA E 588 -58.83 -16.61 9.56
N VAL E 589 -58.20 -17.69 9.10
CA VAL E 589 -57.47 -17.48 7.87
C VAL E 589 -58.43 -17.52 6.69
N ARG E 590 -59.48 -18.35 6.76
CA ARG E 590 -60.57 -18.19 5.82
C ARG E 590 -61.05 -16.77 5.82
N LEU E 591 -60.94 -16.10 6.97
CA LEU E 591 -61.10 -14.66 6.97
C LEU E 591 -59.84 -13.94 6.54
N SER E 592 -58.66 -14.47 6.88
CA SER E 592 -57.44 -13.75 6.55
C SER E 592 -57.37 -13.44 5.08
N ARG E 593 -57.93 -14.30 4.25
CA ARG E 593 -58.18 -13.95 2.88
C ARG E 593 -59.68 -13.86 2.68
N SER E 594 -60.07 -13.52 1.45
CA SER E 594 -61.37 -12.96 1.10
C SER E 594 -61.51 -11.55 1.63
N GLY E 595 -60.51 -11.04 2.34
CA GLY E 595 -60.41 -9.62 2.64
C GLY E 595 -61.61 -9.03 3.34
N LEU E 596 -62.19 -9.78 4.27
CA LEU E 596 -63.36 -9.27 4.96
C LEU E 596 -63.01 -8.08 5.83
N ALA E 597 -61.77 -7.98 6.27
CA ALA E 597 -61.33 -6.87 7.09
C ALA E 597 -60.12 -6.23 6.44
N ASN E 598 -59.48 -5.32 7.15
CA ASN E 598 -58.50 -4.43 6.58
C ASN E 598 -57.47 -5.20 5.78
N PRO E 599 -57.27 -4.88 4.50
CA PRO E 599 -56.26 -5.57 3.71
C PRO E 599 -54.93 -5.55 4.39
N ARG E 600 -54.62 -4.45 5.04
CA ARG E 600 -53.53 -4.45 6.00
C ARG E 600 -54.14 -4.80 7.35
N GLN E 601 -53.86 -5.99 7.80
CA GLN E 601 -54.35 -6.50 9.07
C GLN E 601 -53.85 -7.93 9.18
N PRO E 602 -53.34 -8.31 10.30
CA PRO E 602 -52.60 -9.58 10.37
C PRO E 602 -53.49 -10.76 10.67
N ALA E 603 -52.89 -11.94 10.74
CA ALA E 603 -53.53 -13.14 11.25
C ALA E 603 -52.97 -13.39 12.64
N SER E 604 -53.79 -13.13 13.64
CA SER E 604 -53.34 -12.98 15.02
C SER E 604 -53.75 -14.20 15.83
N PHE E 605 -52.76 -14.94 16.30
CA PHE E 605 -52.98 -16.23 16.93
C PHE E 605 -52.20 -16.35 18.21
N LEU E 606 -52.91 -16.45 19.33
CA LEU E 606 -52.37 -17.01 20.55
C LEU E 606 -52.92 -18.40 20.71
N PHE E 607 -52.03 -19.37 20.78
CA PHE E 607 -52.42 -20.76 20.90
C PHE E 607 -51.92 -21.31 22.22
N LEU E 608 -52.71 -22.23 22.77
CA LEU E 608 -52.39 -22.78 24.08
C LEU E 608 -52.63 -24.28 24.06
N GLY E 609 -52.12 -24.91 25.10
CA GLY E 609 -52.15 -26.35 25.27
C GLY E 609 -50.95 -26.76 26.09
N LEU E 610 -50.59 -28.02 25.97
CA LEU E 610 -49.33 -28.47 26.53
C LEU E 610 -48.25 -28.39 25.48
N SER E 611 -47.03 -28.69 25.91
CA SER E 611 -45.96 -28.93 24.97
C SER E 611 -46.19 -30.30 24.35
N GLY E 612 -45.65 -30.49 23.14
CA GLY E 612 -45.93 -31.71 22.42
C GLY E 612 -47.35 -31.82 21.92
N SER E 613 -48.08 -30.71 21.87
CA SER E 613 -49.50 -30.72 21.57
C SER E 613 -49.79 -30.45 20.09
N GLY E 614 -48.74 -30.38 19.27
CA GLY E 614 -48.89 -30.14 17.85
C GLY E 614 -49.09 -28.69 17.47
N LYS E 615 -49.00 -27.77 18.43
CA LYS E 615 -49.09 -26.35 18.17
C LYS E 615 -48.12 -25.95 17.06
N THR E 616 -46.83 -26.14 17.31
CA THR E 616 -45.84 -25.96 16.26
C THR E 616 -46.27 -26.64 14.96
N GLU E 617 -46.63 -27.91 15.06
CA GLU E 617 -47.14 -28.65 13.92
C GLU E 617 -48.28 -27.91 13.24
N LEU E 618 -49.24 -27.48 14.03
CA LEU E 618 -50.42 -26.80 13.54
C LEU E 618 -50.02 -25.81 12.47
N ALA E 619 -49.31 -24.78 12.89
CA ALA E 619 -48.71 -23.83 11.98
C ALA E 619 -47.95 -24.56 10.88
N LYS E 620 -46.91 -25.30 11.27
CA LYS E 620 -46.12 -26.01 10.28
C LYS E 620 -47.02 -26.71 9.29
N LYS E 621 -48.08 -27.32 9.78
CA LYS E 621 -49.10 -27.77 8.86
C LYS E 621 -49.75 -26.60 8.17
N VAL E 622 -50.21 -25.62 8.94
CA VAL E 622 -50.98 -24.52 8.38
C VAL E 622 -50.26 -23.95 7.18
N ALA E 623 -49.13 -23.29 7.43
CA ALA E 623 -48.32 -22.81 6.32
C ALA E 623 -48.01 -23.95 5.39
N GLY E 624 -47.55 -25.07 5.93
CA GLY E 624 -47.34 -26.25 5.11
C GLY E 624 -48.55 -26.52 4.23
N PHE E 625 -49.72 -26.54 4.85
CA PHE E 625 -50.92 -26.49 4.04
C PHE E 625 -50.93 -25.22 3.22
N LEU E 626 -51.04 -24.08 3.90
CA LEU E 626 -51.20 -22.83 3.22
C LEU E 626 -50.05 -22.55 2.27
N PHE E 627 -48.89 -22.26 2.82
CA PHE E 627 -47.82 -21.75 2.00
C PHE E 627 -47.08 -22.84 1.29
N ASN E 628 -47.57 -24.07 1.39
CA ASN E 628 -46.92 -25.20 0.74
C ASN E 628 -45.54 -25.40 1.35
N ASP E 629 -45.44 -25.11 2.64
CA ASP E 629 -44.15 -25.17 3.32
C ASP E 629 -44.36 -24.83 4.78
N GLU E 630 -43.48 -25.36 5.60
CA GLU E 630 -43.45 -24.99 7.01
C GLU E 630 -42.63 -23.73 7.23
N ASP E 631 -41.57 -23.56 6.45
CA ASP E 631 -40.52 -22.62 6.81
C ASP E 631 -41.01 -21.19 6.90
N MET E 632 -42.21 -20.92 6.41
CA MET E 632 -42.85 -19.62 6.63
C MET E 632 -42.88 -19.33 8.11
N MET E 633 -43.02 -20.37 8.91
CA MET E 633 -42.90 -20.26 10.35
C MET E 633 -41.60 -19.57 10.72
N ILE E 634 -41.69 -18.64 11.65
CA ILE E 634 -40.51 -17.93 12.12
C ILE E 634 -40.56 -17.95 13.64
N ARG E 635 -39.39 -18.05 14.25
CA ARG E 635 -39.26 -18.60 15.59
C ARG E 635 -38.68 -17.56 16.52
N VAL E 636 -39.51 -17.05 17.42
CA VAL E 636 -39.00 -16.27 18.55
C VAL E 636 -39.70 -16.75 19.80
N ASP E 637 -38.94 -17.35 20.70
CA ASP E 637 -39.42 -17.55 22.04
C ASP E 637 -39.57 -16.19 22.69
N CYS E 638 -40.75 -15.88 23.19
CA CYS E 638 -40.88 -14.63 23.92
C CYS E 638 -39.98 -14.65 25.14
N SER E 639 -39.62 -15.84 25.60
CA SER E 639 -38.74 -15.96 26.75
C SER E 639 -37.31 -15.58 26.42
N GLU E 640 -37.02 -15.31 25.14
CA GLU E 640 -35.64 -15.10 24.74
C GLU E 640 -35.01 -13.92 25.44
N LEU E 641 -35.58 -12.73 25.26
CA LEU E 641 -34.92 -11.49 25.67
C LEU E 641 -35.92 -10.62 26.42
N SER E 642 -35.49 -10.12 27.58
CA SER E 642 -36.40 -9.47 28.51
C SER E 642 -36.59 -7.97 28.32
N GLU E 643 -35.67 -7.29 27.66
CA GLU E 643 -35.66 -5.85 27.84
C GLU E 643 -35.46 -5.11 26.53
N LYS E 644 -34.36 -5.40 25.84
CA LYS E 644 -33.92 -4.65 24.68
C LYS E 644 -34.24 -5.31 23.36
N TYR E 645 -34.90 -6.48 23.36
CA TYR E 645 -35.02 -7.23 22.11
C TYR E 645 -35.53 -6.37 20.98
N ALA E 646 -36.29 -5.33 21.29
CA ALA E 646 -36.66 -4.36 20.29
C ALA E 646 -35.41 -4.02 19.49
N VAL E 647 -34.29 -3.85 20.18
CA VAL E 647 -33.01 -3.78 19.47
C VAL E 647 -32.80 -5.04 18.65
N SER E 648 -32.89 -6.19 19.30
CA SER E 648 -32.44 -7.40 18.66
C SER E 648 -33.40 -7.88 17.57
N LYS E 649 -34.59 -7.30 17.47
CA LYS E 649 -35.34 -7.55 16.25
C LYS E 649 -34.83 -6.70 15.10
N LEU E 650 -34.47 -5.45 15.39
CA LEU E 650 -34.18 -4.41 14.41
C LEU E 650 -33.80 -3.16 15.18
N LEU E 651 -33.19 -2.21 14.47
CA LEU E 651 -32.81 -0.92 15.03
C LEU E 651 -32.19 -0.08 13.93
N GLY E 652 -32.23 1.23 14.10
CA GLY E 652 -31.37 2.02 13.24
C GLY E 652 -29.98 1.73 13.77
N THR E 653 -29.17 1.05 12.99
CA THR E 653 -28.05 0.32 13.55
C THR E 653 -26.83 1.21 13.64
N THR E 654 -26.25 1.23 14.83
CA THR E 654 -24.99 1.90 15.06
C THR E 654 -23.83 1.02 14.57
N TYR E 660 -23.52 -1.98 17.75
CA TYR E 660 -23.25 -2.77 16.55
C TYR E 660 -24.29 -2.58 15.47
N ASP E 661 -23.94 -2.96 14.26
CA ASP E 661 -24.90 -3.01 13.16
C ASP E 661 -25.43 -4.43 13.03
N GLU E 662 -26.71 -4.61 13.33
CA GLU E 662 -27.39 -5.87 13.11
C GLU E 662 -27.98 -5.84 11.71
N GLY E 663 -27.64 -6.85 10.91
CA GLY E 663 -28.31 -6.99 9.63
C GLY E 663 -29.81 -7.01 9.78
N GLY E 664 -30.28 -7.62 10.85
CA GLY E 664 -31.68 -7.58 11.22
C GLY E 664 -32.05 -8.89 11.88
N PHE E 665 -33.31 -8.99 12.24
CA PHE E 665 -33.74 -10.33 12.62
C PHE E 665 -35.07 -10.70 12.00
N LEU E 666 -36.14 -10.11 12.51
CA LEU E 666 -37.49 -10.49 12.13
C LEU E 666 -37.72 -10.31 10.64
N THR E 667 -37.85 -9.05 10.25
CA THR E 667 -38.00 -8.72 8.85
C THR E 667 -36.86 -9.32 8.06
N ASN E 668 -35.67 -9.27 8.63
CA ASN E 668 -34.47 -9.84 8.01
C ASN E 668 -34.84 -11.22 7.51
N GLN E 669 -35.65 -11.92 8.27
CA GLN E 669 -36.31 -13.11 7.74
C GLN E 669 -37.54 -12.75 6.92
N LEU E 670 -38.42 -11.92 7.47
CA LEU E 670 -39.71 -11.77 6.82
C LEU E 670 -39.62 -10.85 5.62
N GLN E 671 -38.99 -9.68 5.78
CA GLN E 671 -38.69 -8.91 4.59
C GLN E 671 -37.96 -9.77 3.59
N TYR E 672 -37.12 -10.67 4.09
CA TYR E 672 -36.65 -11.72 3.23
C TYR E 672 -37.80 -12.62 2.80
N LYS E 673 -38.67 -13.02 3.72
CA LYS E 673 -39.69 -14.03 3.42
C LYS E 673 -41.06 -13.39 3.55
N PRO E 674 -41.58 -12.85 2.46
CA PRO E 674 -42.78 -12.02 2.54
C PRO E 674 -44.01 -12.79 2.91
N TYR E 675 -43.98 -14.10 2.80
CA TYR E 675 -45.09 -14.94 3.20
C TYR E 675 -44.55 -15.88 4.25
N SER E 676 -45.07 -15.74 5.46
CA SER E 676 -44.32 -16.18 6.62
C SER E 676 -45.30 -16.46 7.74
N VAL E 677 -44.79 -17.10 8.77
CA VAL E 677 -45.58 -17.37 9.96
C VAL E 677 -44.71 -17.08 11.15
N LEU E 678 -45.31 -16.53 12.19
CA LEU E 678 -44.56 -15.93 13.29
C LEU E 678 -44.88 -16.63 14.59
N LEU E 679 -43.90 -17.31 15.15
CA LEU E 679 -44.10 -18.11 16.35
C LEU E 679 -43.50 -17.39 17.55
N PHE E 680 -44.35 -17.08 18.53
CA PHE E 680 -43.98 -16.29 19.68
C PHE E 680 -44.45 -17.01 20.92
N ASP E 681 -43.57 -17.13 21.91
CA ASP E 681 -43.56 -18.30 22.77
C ASP E 681 -43.41 -17.89 24.22
N GLU E 682 -44.34 -18.34 25.04
CA GLU E 682 -44.39 -17.91 26.43
C GLU E 682 -44.49 -16.38 26.44
N VAL E 683 -45.62 -15.93 25.90
CA VAL E 683 -45.78 -14.52 25.59
C VAL E 683 -45.93 -13.71 26.88
N GLU E 684 -46.37 -14.33 27.96
CA GLU E 684 -46.29 -13.64 29.24
C GLU E 684 -44.85 -13.40 29.63
N LYS E 685 -43.92 -14.13 29.02
CA LYS E 685 -42.54 -13.75 29.11
C LYS E 685 -42.11 -12.96 27.89
N ALA E 686 -43.04 -12.64 26.99
CA ALA E 686 -42.81 -11.49 26.12
C ALA E 686 -42.99 -10.22 26.93
N HIS E 687 -41.98 -9.41 26.88
CA HIS E 687 -41.89 -8.30 27.80
C HIS E 687 -42.51 -7.04 27.21
N PRO E 688 -42.89 -6.12 28.06
CA PRO E 688 -43.35 -4.82 27.60
C PRO E 688 -42.42 -4.21 26.58
N ASP E 689 -41.14 -4.58 26.61
CA ASP E 689 -40.30 -4.39 25.44
C ASP E 689 -41.04 -4.82 24.19
N VAL E 690 -41.23 -6.13 24.06
CA VAL E 690 -41.68 -6.65 22.78
C VAL E 690 -43.19 -6.57 22.65
N LEU E 691 -43.93 -6.83 23.71
CA LEU E 691 -45.36 -6.92 23.54
C LEU E 691 -45.96 -5.60 23.10
N THR E 692 -45.27 -4.49 23.33
CA THR E 692 -45.81 -3.24 22.83
C THR E 692 -45.68 -3.14 21.32
N VAL E 693 -44.48 -3.38 20.80
CA VAL E 693 -44.31 -3.38 19.35
C VAL E 693 -45.14 -4.47 18.73
N MET E 694 -45.63 -5.39 19.55
CA MET E 694 -46.64 -6.30 19.03
C MET E 694 -47.86 -5.53 18.58
N LEU E 695 -48.11 -4.36 19.15
CA LEU E 695 -49.32 -3.64 18.78
C LEU E 695 -49.38 -3.43 17.28
N GLN E 696 -48.36 -2.79 16.71
CA GLN E 696 -48.28 -2.76 15.26
C GLN E 696 -48.25 -4.16 14.71
N MET E 697 -47.50 -5.05 15.35
CA MET E 697 -47.47 -6.42 14.90
C MET E 697 -48.86 -7.02 14.97
N LEU E 698 -49.64 -6.59 15.95
CA LEU E 698 -51.05 -6.92 15.93
C LEU E 698 -51.84 -5.99 15.05
N ASP E 699 -51.33 -4.81 14.76
CA ASP E 699 -52.02 -3.96 13.82
C ASP E 699 -51.70 -4.40 12.41
N ASP E 700 -52.59 -4.07 11.48
CA ASP E 700 -52.25 -3.70 10.11
C ASP E 700 -51.48 -4.76 9.35
N GLY E 701 -50.98 -5.76 10.06
CA GLY E 701 -50.06 -6.70 9.44
C GLY E 701 -48.98 -6.02 8.64
N ARG E 702 -48.50 -4.85 9.09
CA ARG E 702 -47.39 -4.20 8.40
C ARG E 702 -46.46 -3.57 9.43
N ILE E 703 -45.18 -3.92 9.36
CA ILE E 703 -44.28 -3.74 10.49
C ILE E 703 -43.10 -2.89 10.12
N THR E 704 -42.90 -1.83 10.88
CA THR E 704 -41.75 -0.97 10.70
C THR E 704 -40.46 -1.73 10.95
N SER E 705 -39.39 -1.29 10.32
CA SER E 705 -38.09 -1.89 10.52
C SER E 705 -37.24 -1.05 11.46
N GLY E 706 -36.04 -1.52 11.75
CA GLY E 706 -35.10 -0.75 12.52
C GLY E 706 -34.45 0.29 11.65
N GLN E 707 -34.13 -0.12 10.43
CA GLN E 707 -33.87 0.85 9.38
C GLN E 707 -35.12 1.65 9.04
N GLY E 708 -36.27 1.28 9.59
CA GLY E 708 -37.46 2.09 9.57
C GLY E 708 -38.53 1.64 8.61
N LYS E 709 -38.20 0.83 7.61
CA LYS E 709 -39.19 0.43 6.63
C LYS E 709 -40.31 -0.36 7.29
N THR E 710 -41.53 -0.12 6.84
CA THR E 710 -42.65 -0.95 7.24
C THR E 710 -42.70 -2.19 6.37
N ILE E 711 -43.02 -3.33 6.98
CA ILE E 711 -43.01 -4.61 6.29
C ILE E 711 -44.33 -5.32 6.52
N ASP E 712 -44.98 -5.72 5.44
CA ASP E 712 -46.30 -6.33 5.52
C ASP E 712 -46.20 -7.72 6.14
N CYS E 713 -46.90 -7.89 7.25
CA CYS E 713 -47.22 -9.21 7.77
C CYS E 713 -48.65 -9.63 7.46
N SER E 714 -49.47 -8.76 6.88
CA SER E 714 -50.85 -9.16 6.60
C SER E 714 -50.88 -10.34 5.64
N ASN E 715 -49.79 -10.58 4.93
CA ASN E 715 -49.65 -11.77 4.13
C ASN E 715 -49.19 -12.95 4.95
N CYS E 716 -49.07 -12.78 6.27
CA CYS E 716 -48.34 -13.71 7.11
C CYS E 716 -49.13 -13.96 8.39
N ILE E 717 -48.66 -14.94 9.16
CA ILE E 717 -49.36 -15.38 10.35
C ILE E 717 -48.44 -15.16 11.54
N VAL E 718 -49.06 -15.03 12.70
CA VAL E 718 -48.34 -14.77 13.94
C VAL E 718 -48.93 -15.65 15.02
N ILE E 719 -48.06 -16.25 15.82
CA ILE E 719 -48.47 -17.32 16.70
C ILE E 719 -47.94 -17.05 18.10
N MET E 720 -48.83 -17.11 19.08
CA MET E 720 -48.48 -16.81 20.46
C MET E 720 -48.79 -18.03 21.32
N THR E 721 -47.99 -18.23 22.36
CA THR E 721 -48.20 -19.36 23.24
C THR E 721 -47.85 -18.99 24.67
N SER E 722 -48.35 -19.79 25.61
CA SER E 722 -48.08 -19.53 27.01
C SER E 722 -48.29 -20.83 27.80
N ASN E 723 -47.72 -20.86 28.99
CA ASN E 723 -47.89 -21.97 29.91
C ASN E 723 -48.95 -21.73 30.97
N LEU E 724 -49.65 -20.60 30.91
CA LEU E 724 -50.46 -20.13 32.02
C LEU E 724 -51.47 -21.16 32.52
N GLY E 725 -52.52 -21.38 31.74
CA GLY E 725 -53.54 -22.33 32.11
C GLY E 725 -53.20 -23.77 31.83
N ALA E 726 -51.96 -24.08 31.46
CA ALA E 726 -51.56 -25.48 31.33
C ALA E 726 -51.91 -26.23 32.59
N GLU E 727 -51.77 -25.57 33.72
CA GLU E 727 -52.51 -25.94 34.92
C GLU E 727 -53.97 -26.18 34.57
N PHE E 728 -54.65 -25.09 34.22
CA PHE E 728 -56.09 -25.11 33.99
C PHE E 728 -56.49 -26.13 32.95
N ILE E 729 -55.55 -26.61 32.14
CA ILE E 729 -55.79 -27.83 31.36
C ILE E 729 -56.21 -28.96 32.27
N ASN E 730 -55.85 -28.87 33.55
CA ASN E 730 -56.35 -29.84 34.51
C ASN E 730 -57.88 -29.91 34.48
N SER E 731 -58.52 -28.89 33.92
CA SER E 731 -59.94 -29.00 33.61
C SER E 731 -60.19 -30.19 32.69
N GLN E 732 -59.58 -30.19 31.51
CA GLN E 732 -59.81 -31.29 30.58
C GLN E 732 -59.30 -32.63 31.12
N GLN E 733 -58.51 -32.61 32.20
CA GLN E 733 -58.29 -33.84 32.96
C GLN E 733 -59.63 -34.40 33.42
N GLY E 734 -60.40 -33.60 34.14
CA GLY E 734 -61.80 -33.92 34.35
C GLY E 734 -62.66 -33.67 33.15
N SER E 735 -62.05 -33.32 32.02
CA SER E 735 -62.77 -32.95 30.80
C SER E 735 -63.75 -31.82 31.05
N LYS E 736 -63.35 -30.88 31.90
CA LYS E 736 -64.24 -29.81 32.34
C LYS E 736 -64.58 -28.88 31.19
N ILE E 737 -65.67 -28.11 31.37
CA ILE E 737 -66.06 -27.15 30.34
C ILE E 737 -64.86 -26.29 30.05
N GLN E 738 -64.46 -26.31 28.78
CA GLN E 738 -63.28 -25.58 28.40
C GLN E 738 -63.57 -24.09 28.48
N GLU E 739 -64.69 -23.67 27.89
CA GLU E 739 -65.09 -22.27 27.94
C GLU E 739 -65.02 -21.74 29.36
N SER E 740 -65.56 -22.52 30.29
CA SER E 740 -65.30 -22.25 31.70
C SER E 740 -63.82 -22.05 31.94
N THR E 741 -63.04 -23.11 31.81
CA THR E 741 -61.62 -22.93 32.12
C THR E 741 -60.96 -21.98 31.13
N LYS E 742 -61.51 -21.81 29.93
CA LYS E 742 -61.09 -20.68 29.11
C LYS E 742 -61.14 -19.42 29.94
N ASN E 743 -62.33 -19.07 30.41
CA ASN E 743 -62.48 -17.97 31.34
C ASN E 743 -61.46 -18.08 32.45
N LEU E 744 -61.32 -19.27 33.02
CA LEU E 744 -60.29 -19.51 34.02
C LEU E 744 -58.91 -19.18 33.47
N VAL E 745 -58.63 -19.57 32.23
CA VAL E 745 -57.36 -19.17 31.65
C VAL E 745 -57.43 -17.74 31.15
N MET E 746 -58.55 -17.39 30.52
CA MET E 746 -58.66 -16.09 29.85
C MET E 746 -58.18 -14.97 30.72
N GLY E 747 -58.67 -14.93 31.96
CA GLY E 747 -58.18 -13.96 32.91
C GLY E 747 -56.67 -13.96 32.97
N ALA E 748 -56.08 -15.15 33.10
CA ALA E 748 -54.63 -15.24 33.29
C ALA E 748 -53.89 -14.46 32.23
N VAL E 749 -54.13 -14.78 30.97
CA VAL E 749 -53.55 -13.97 29.92
C VAL E 749 -54.14 -12.57 29.96
N ARG E 750 -55.47 -12.47 30.13
CA ARG E 750 -56.06 -11.16 30.34
C ARG E 750 -55.34 -10.42 31.44
N GLN E 751 -54.93 -11.14 32.48
CA GLN E 751 -54.08 -10.52 33.49
C GLN E 751 -52.79 -10.01 32.88
N HIS E 752 -52.09 -10.87 32.15
CA HIS E 752 -50.75 -10.49 31.74
C HIS E 752 -50.75 -9.42 30.65
N PHE E 753 -51.90 -9.05 30.12
CA PHE E 753 -51.88 -8.23 28.92
C PHE E 753 -53.06 -7.26 28.92
N ARG E 754 -53.12 -6.49 27.85
CA ARG E 754 -54.06 -5.41 27.66
C ARG E 754 -55.18 -5.92 26.78
N PRO E 755 -56.44 -5.77 27.17
CA PRO E 755 -57.52 -6.33 26.35
C PRO E 755 -57.46 -5.85 24.93
N GLU E 756 -57.00 -4.63 24.76
CA GLU E 756 -56.89 -4.05 23.42
C GLU E 756 -55.87 -4.84 22.62
N PHE E 757 -54.68 -4.96 23.18
CA PHE E 757 -53.70 -5.94 22.72
C PHE E 757 -54.36 -7.28 22.49
N LEU E 758 -55.31 -7.64 23.35
CA LEU E 758 -56.04 -8.87 23.12
C LEU E 758 -57.07 -8.70 22.02
N ASN E 759 -57.86 -7.62 22.06
CA ASN E 759 -58.81 -7.38 20.99
C ASN E 759 -58.14 -7.28 19.65
N ARG E 760 -56.85 -6.99 19.62
CA ARG E 760 -56.11 -7.17 18.39
C ARG E 760 -56.20 -8.61 17.88
N ILE E 761 -56.29 -9.59 18.75
CA ILE E 761 -56.20 -10.97 18.33
C ILE E 761 -57.47 -11.37 17.59
N SER E 762 -57.31 -11.93 16.39
CA SER E 762 -58.42 -12.58 15.72
C SER E 762 -59.09 -13.58 16.65
N SER E 763 -58.31 -14.51 17.18
CA SER E 763 -58.83 -15.45 18.17
C SER E 763 -57.68 -16.07 18.92
N ILE E 764 -58.02 -16.66 20.06
CA ILE E 764 -57.07 -17.35 20.91
C ILE E 764 -57.65 -18.70 21.28
N VAL E 765 -56.80 -19.70 21.35
CA VAL E 765 -57.25 -21.08 21.54
C VAL E 765 -56.29 -21.83 22.44
N ILE E 766 -56.85 -22.76 23.15
CA ILE E 766 -56.15 -23.74 23.94
C ILE E 766 -56.19 -25.07 23.22
N PHE E 767 -55.16 -25.88 23.43
CA PHE E 767 -55.28 -27.31 23.16
C PHE E 767 -55.67 -27.99 24.46
N ASN E 768 -56.91 -28.44 24.54
CA ASN E 768 -57.23 -29.41 25.58
C ASN E 768 -56.76 -30.76 25.09
N LYS E 769 -56.24 -31.57 26.00
CA LYS E 769 -55.71 -32.86 25.56
C LYS E 769 -56.85 -33.72 25.05
N LEU E 770 -56.49 -34.66 24.19
CA LEU E 770 -57.46 -35.32 23.33
C LEU E 770 -57.27 -36.83 23.43
N SER E 771 -58.22 -37.55 22.84
CA SER E 771 -58.34 -38.98 23.08
C SER E 771 -57.05 -39.73 22.80
N ARG E 772 -56.74 -40.71 23.65
CA ARG E 772 -55.69 -41.66 23.31
C ARG E 772 -55.93 -42.22 21.93
N LYS E 773 -57.20 -42.37 21.57
CA LYS E 773 -57.56 -42.57 20.19
C LYS E 773 -56.81 -41.55 19.36
N ALA E 774 -57.18 -40.28 19.53
CA ALA E 774 -56.49 -39.20 18.82
C ALA E 774 -55.00 -39.39 18.93
N ILE E 775 -54.50 -39.60 20.14
CA ILE E 775 -53.09 -39.94 20.32
C ILE E 775 -52.70 -41.02 19.33
N HIS E 776 -53.30 -42.20 19.45
CA HIS E 776 -52.83 -43.24 18.55
C HIS E 776 -53.24 -42.93 17.13
N LYS E 777 -54.35 -42.22 16.94
CA LYS E 777 -54.69 -41.76 15.60
C LYS E 777 -53.53 -41.03 14.99
N ILE E 778 -52.64 -40.51 15.83
CA ILE E 778 -51.47 -39.84 15.29
C ILE E 778 -50.51 -40.83 14.70
N VAL E 779 -50.49 -42.02 15.27
CA VAL E 779 -49.34 -42.89 15.13
C VAL E 779 -49.05 -43.22 13.67
N ASP E 780 -49.92 -43.99 13.03
CA ASP E 780 -49.64 -44.34 11.64
C ASP E 780 -49.38 -43.08 10.84
N ILE E 781 -50.16 -42.04 11.11
CA ILE E 781 -49.84 -40.74 10.54
C ILE E 781 -48.45 -40.33 10.96
N ARG E 782 -48.20 -40.33 12.27
CA ARG E 782 -46.84 -40.16 12.76
C ARG E 782 -45.89 -41.11 12.05
N LEU E 783 -46.37 -42.26 11.62
CA LEU E 783 -45.52 -43.15 10.85
C LEU E 783 -45.58 -42.89 9.37
N LYS E 784 -46.60 -42.21 8.90
CA LYS E 784 -46.62 -41.84 7.51
C LYS E 784 -45.43 -40.95 7.19
N GLU E 785 -45.25 -39.92 8.01
CA GLU E 785 -44.06 -39.10 7.91
C GLU E 785 -42.81 -39.91 8.21
N ILE E 786 -42.95 -41.10 8.75
CA ILE E 786 -41.78 -41.95 8.80
C ILE E 786 -41.56 -42.42 7.39
N GLU E 787 -42.42 -43.32 6.95
CA GLU E 787 -42.21 -44.04 5.70
C GLU E 787 -41.99 -43.10 4.52
N GLU E 788 -42.19 -41.80 4.73
CA GLU E 788 -42.34 -40.85 3.64
C GLU E 788 -41.27 -41.01 2.57
N ARG E 789 -40.00 -40.89 2.95
CA ARG E 789 -38.94 -41.14 1.98
C ARG E 789 -38.65 -42.61 1.88
N PHE E 790 -38.97 -43.34 2.92
CA PHE E 790 -38.10 -44.43 3.36
C PHE E 790 -38.36 -45.65 2.49
N GLU E 791 -39.53 -46.26 2.68
CA GLU E 791 -40.07 -47.17 1.69
C GLU E 791 -40.21 -46.49 0.34
N GLN E 792 -40.05 -45.18 0.26
CA GLN E 792 -40.22 -44.56 -1.04
C GLN E 792 -38.89 -44.34 -1.72
N ASN E 793 -38.17 -43.31 -1.33
CA ASN E 793 -37.00 -43.01 -2.13
C ASN E 793 -35.79 -43.82 -1.73
N ASP E 794 -35.90 -44.72 -0.76
CA ASP E 794 -34.87 -45.73 -0.66
C ASP E 794 -35.41 -47.13 -0.40
N LYS E 795 -35.92 -47.36 0.81
CA LYS E 795 -36.11 -48.73 1.30
C LYS E 795 -37.00 -49.55 0.41
N HIS E 796 -38.10 -48.95 -0.07
CA HIS E 796 -39.20 -49.72 -0.61
C HIS E 796 -39.60 -50.81 0.39
N TYR E 797 -39.62 -50.42 1.66
CA TYR E 797 -39.88 -51.34 2.76
C TYR E 797 -41.37 -51.41 3.06
N LYS E 798 -42.00 -52.53 2.73
CA LYS E 798 -43.36 -52.77 3.17
C LYS E 798 -43.43 -52.69 4.68
N LEU E 799 -44.55 -52.26 5.22
CA LEU E 799 -44.59 -51.92 6.63
C LEU E 799 -45.75 -52.60 7.33
N ASN E 800 -45.45 -53.40 8.34
CA ASN E 800 -46.43 -54.04 9.20
C ASN E 800 -46.34 -53.48 10.60
N LEU E 801 -47.44 -53.54 11.32
CA LEU E 801 -47.49 -52.97 12.65
C LEU E 801 -48.34 -53.82 13.55
N THR E 802 -47.81 -54.18 14.72
CA THR E 802 -48.62 -54.84 15.73
C THR E 802 -49.38 -53.79 16.49
N GLN E 803 -50.71 -53.89 16.50
CA GLN E 803 -51.48 -53.00 17.35
C GLN E 803 -50.90 -53.03 18.75
N GLU E 804 -50.50 -54.21 19.19
CA GLU E 804 -49.83 -54.39 20.46
C GLU E 804 -48.77 -53.33 20.67
N ALA E 805 -47.70 -53.39 19.88
CA ALA E 805 -46.69 -52.35 19.94
C ALA E 805 -47.33 -51.00 19.69
N LYS E 806 -48.11 -50.89 18.61
CA LYS E 806 -48.87 -49.68 18.36
C LYS E 806 -49.57 -49.24 19.64
N ASP E 807 -50.25 -50.18 20.29
CA ASP E 807 -50.82 -49.89 21.59
C ASP E 807 -49.72 -49.62 22.60
N PHE E 808 -48.72 -50.50 22.66
CA PHE E 808 -47.54 -50.23 23.50
C PHE E 808 -47.05 -48.83 23.26
N LEU E 809 -46.89 -48.48 21.99
CA LEU E 809 -46.64 -47.09 21.67
C LEU E 809 -47.78 -46.23 22.16
N ALA E 810 -49.01 -46.53 21.71
CA ALA E 810 -50.16 -45.77 22.18
C ALA E 810 -50.14 -45.66 23.69
N LYS E 811 -49.79 -46.75 24.36
CA LYS E 811 -49.44 -46.65 25.77
C LYS E 811 -48.29 -45.68 25.96
N TYR E 812 -47.10 -46.07 25.55
CA TYR E 812 -45.93 -45.31 25.97
C TYR E 812 -45.68 -44.08 25.13
N GLY E 813 -46.27 -44.00 23.93
CA GLY E 813 -46.00 -42.86 23.07
C GLY E 813 -46.47 -41.55 23.68
N TYR E 814 -47.67 -41.53 24.22
CA TYR E 814 -48.20 -40.31 24.77
C TYR E 814 -47.63 -40.08 26.15
N SER E 815 -47.15 -38.86 26.39
CA SER E 815 -46.87 -38.37 27.73
C SER E 815 -47.96 -37.40 28.12
N ASP E 816 -48.42 -37.52 29.35
CA ASP E 816 -49.38 -36.56 29.89
C ASP E 816 -48.89 -35.15 29.59
N ASP E 817 -47.85 -34.75 30.31
CA ASP E 817 -47.34 -33.39 30.17
C ASP E 817 -46.85 -33.12 28.75
N MET E 818 -46.03 -34.02 28.22
CA MET E 818 -45.29 -33.74 27.00
C MET E 818 -46.07 -34.15 25.77
N GLY E 819 -47.32 -34.57 25.92
CA GLY E 819 -48.02 -35.06 24.76
C GLY E 819 -47.34 -36.30 24.25
N ALA E 820 -47.36 -36.48 22.95
CA ALA E 820 -46.62 -37.55 22.30
C ALA E 820 -45.26 -37.08 21.78
N ARG E 821 -44.87 -35.85 22.10
CA ARG E 821 -43.55 -35.39 21.68
C ARG E 821 -42.49 -36.45 21.93
N PRO E 822 -42.51 -37.20 23.02
CA PRO E 822 -41.68 -38.41 23.06
C PRO E 822 -41.89 -39.31 21.87
N LEU E 823 -43.15 -39.57 21.51
CA LEU E 823 -43.47 -40.66 20.59
C LEU E 823 -42.58 -40.63 19.37
N ASN E 824 -42.45 -39.47 18.77
CA ASN E 824 -41.46 -39.28 17.73
C ASN E 824 -40.13 -39.88 18.16
N ARG E 825 -39.50 -39.27 19.16
CA ARG E 825 -38.23 -39.79 19.59
C ARG E 825 -38.36 -41.22 20.09
N LEU E 826 -39.53 -41.58 20.60
CA LEU E 826 -39.74 -42.98 20.90
C LEU E 826 -39.55 -43.76 19.62
N ILE E 827 -40.46 -43.57 18.66
CA ILE E 827 -40.38 -44.28 17.39
C ILE E 827 -38.98 -44.21 16.81
N GLN E 828 -38.32 -43.09 17.08
CA GLN E 828 -36.95 -42.90 16.64
C GLN E 828 -36.05 -44.03 17.09
N ASN E 829 -36.48 -44.82 18.06
CA ASN E 829 -35.48 -45.70 18.61
C ASN E 829 -35.77 -47.14 18.24
N GLU E 830 -36.69 -47.72 18.99
CA GLU E 830 -37.02 -49.13 18.85
C GLU E 830 -37.49 -49.43 17.43
N ILE E 831 -38.31 -48.56 16.88
CA ILE E 831 -38.92 -48.80 15.60
C ILE E 831 -37.80 -48.65 14.59
N LEU E 832 -37.29 -47.44 14.54
CA LEU E 832 -36.13 -47.14 13.74
C LEU E 832 -35.06 -48.22 13.88
N ASN E 833 -34.49 -48.35 15.08
CA ASN E 833 -33.22 -49.03 15.16
C ASN E 833 -33.36 -50.51 14.84
N LYS E 834 -34.32 -51.19 15.47
CA LYS E 834 -34.60 -52.57 15.09
C LYS E 834 -34.69 -52.68 13.59
N LEU E 835 -35.50 -51.81 12.99
CA LEU E 835 -35.44 -51.63 11.55
C LEU E 835 -34.03 -51.31 11.12
N ALA E 836 -33.50 -50.21 11.64
CA ALA E 836 -32.18 -49.78 11.22
C ALA E 836 -31.19 -50.91 11.37
N LEU E 837 -31.26 -51.63 12.48
CA LEU E 837 -30.34 -52.72 12.71
C LEU E 837 -30.50 -53.80 11.65
N ARG E 838 -31.71 -54.36 11.54
CA ARG E 838 -31.91 -55.51 10.65
C ARG E 838 -31.45 -55.21 9.24
N ILE E 839 -31.32 -53.94 8.87
CA ILE E 839 -31.08 -53.54 7.50
C ILE E 839 -29.87 -54.27 6.93
N LEU E 840 -28.69 -53.89 7.40
CA LEU E 840 -27.51 -54.60 6.95
C LEU E 840 -27.54 -56.04 7.41
N LYS E 841 -28.33 -56.32 8.43
CA LYS E 841 -28.53 -57.70 8.86
C LYS E 841 -29.42 -58.48 7.91
N ASN E 842 -29.97 -57.82 6.90
CA ASN E 842 -30.46 -58.39 5.64
C ASN E 842 -31.63 -59.34 5.79
N GLU E 843 -32.05 -59.72 7.00
CA GLU E 843 -33.36 -60.36 7.09
C GLU E 843 -34.42 -59.44 6.53
N ILE E 844 -34.26 -58.15 6.75
CA ILE E 844 -34.89 -57.18 5.89
C ILE E 844 -34.04 -56.96 4.66
N LYS E 845 -34.67 -57.07 3.52
CA LYS E 845 -34.20 -56.61 2.24
C LYS E 845 -35.30 -55.68 1.73
N ASP E 846 -35.19 -55.29 0.47
CA ASP E 846 -36.28 -54.50 -0.09
C ASP E 846 -37.60 -55.23 0.08
N LYS E 847 -38.66 -54.45 0.30
CA LYS E 847 -40.04 -54.89 0.25
C LYS E 847 -40.43 -55.73 1.46
N GLU E 848 -39.51 -56.03 2.36
CA GLU E 848 -39.84 -56.78 3.56
C GLU E 848 -40.81 -55.98 4.42
N THR E 849 -41.47 -56.65 5.36
CA THR E 849 -42.09 -55.97 6.49
C THR E 849 -41.94 -56.77 7.78
N VAL E 850 -41.29 -56.20 8.79
CA VAL E 850 -41.24 -56.80 10.14
C VAL E 850 -41.36 -55.71 11.18
N ASN E 851 -42.45 -55.74 11.96
CA ASN E 851 -42.56 -55.02 13.21
C ASN E 851 -41.94 -55.80 14.37
N VAL E 852 -41.62 -55.09 15.45
CA VAL E 852 -41.37 -55.78 16.71
C VAL E 852 -42.70 -56.30 17.26
N GLN F 1 -17.58 46.57 -26.48
CA GLN F 1 -17.26 47.85 -25.88
C GLN F 1 -16.05 47.73 -24.96
N PHE F 2 -15.33 48.84 -24.81
CA PHE F 2 -14.19 48.86 -23.90
C PHE F 2 -14.67 48.71 -22.47
N THR F 3 -13.77 48.27 -21.61
CA THR F 3 -14.09 48.25 -20.19
C THR F 3 -14.27 49.67 -19.69
N GLU F 4 -15.34 49.88 -18.90
CA GLU F 4 -15.51 51.16 -18.23
C GLU F 4 -14.25 51.55 -17.48
N ARG F 5 -13.77 50.68 -16.61
CA ARG F 5 -12.52 50.90 -15.91
C ARG F 5 -11.43 51.30 -16.88
N ALA F 6 -11.28 50.52 -17.96
CA ALA F 6 -10.40 50.94 -19.03
C ALA F 6 -10.84 52.28 -19.60
N LEU F 7 -12.11 52.37 -20.04
CA LEU F 7 -12.59 53.61 -20.62
C LEU F 7 -12.50 54.76 -19.64
N THR F 8 -12.67 54.48 -18.35
CA THR F 8 -12.44 55.49 -17.33
C THR F 8 -11.09 56.14 -17.52
N ILE F 9 -10.05 55.31 -17.73
CA ILE F 9 -8.76 55.83 -18.09
C ILE F 9 -8.79 56.40 -19.51
N LEU F 10 -9.42 55.69 -20.43
CA LEU F 10 -9.34 56.03 -21.85
C LEU F 10 -9.85 57.44 -22.10
N THR F 11 -11.09 57.71 -21.68
CA THR F 11 -11.57 59.07 -21.80
C THR F 11 -10.72 60.02 -20.98
N LEU F 12 -10.30 59.58 -19.79
CA LEU F 12 -9.34 60.36 -19.03
C LEU F 12 -8.02 60.46 -19.79
N ALA F 13 -7.71 59.46 -20.61
CA ALA F 13 -6.58 59.58 -21.51
C ALA F 13 -6.90 60.54 -22.65
N GLN F 14 -8.12 60.47 -23.17
CA GLN F 14 -8.58 61.57 -24.01
C GLN F 14 -8.60 62.87 -23.22
N LYS F 15 -9.04 62.81 -21.97
CA LYS F 15 -8.91 63.97 -21.09
C LYS F 15 -7.45 64.31 -20.87
N LEU F 16 -6.59 63.30 -20.77
CA LEU F 16 -5.16 63.54 -20.60
C LEU F 16 -4.63 64.42 -21.71
N ALA F 17 -4.79 63.98 -22.96
CA ALA F 17 -4.33 64.78 -24.08
C ALA F 17 -5.08 66.10 -24.18
N SER F 18 -6.21 66.23 -23.48
CA SER F 18 -6.98 67.46 -23.50
C SER F 18 -6.41 68.51 -22.55
N ASP F 19 -5.91 68.11 -21.39
CA ASP F 19 -5.48 69.08 -20.38
C ASP F 19 -4.34 69.95 -20.91
N HIS F 20 -3.30 69.33 -21.44
CA HIS F 20 -2.28 70.05 -22.17
C HIS F 20 -2.71 70.32 -23.60
N GLN F 21 -3.95 69.96 -23.94
CA GLN F 21 -4.50 70.12 -25.29
C GLN F 21 -3.48 69.65 -26.31
N HIS F 22 -3.30 68.34 -26.37
CA HIS F 22 -2.36 67.75 -27.30
C HIS F 22 -2.94 67.80 -28.71
N PRO F 23 -2.08 67.86 -29.73
CA PRO F 23 -2.59 67.87 -31.10
C PRO F 23 -3.14 66.54 -31.53
N GLN F 24 -2.66 65.45 -30.95
CA GLN F 24 -2.93 64.14 -31.48
C GLN F 24 -2.83 63.14 -30.33
N LEU F 25 -3.54 62.03 -30.46
CA LEU F 25 -3.42 60.93 -29.52
C LEU F 25 -2.36 59.97 -30.07
N GLN F 26 -1.27 59.83 -29.34
CA GLN F 26 -0.06 59.20 -29.83
C GLN F 26 0.53 58.30 -28.74
N PRO F 27 1.39 57.34 -29.13
CA PRO F 27 1.61 56.17 -28.25
C PRO F 27 1.92 56.50 -26.80
N ILE F 28 2.78 57.48 -26.54
CA ILE F 28 3.30 57.66 -25.19
C ILE F 28 2.37 58.46 -24.30
N HIS F 29 1.21 58.88 -24.81
CA HIS F 29 0.23 59.64 -24.04
C HIS F 29 -0.20 58.98 -22.73
N ILE F 30 -1.07 57.97 -22.85
CA ILE F 30 -1.76 57.44 -21.68
C ILE F 30 -0.79 56.89 -20.64
N LEU F 31 0.48 56.77 -21.01
CA LEU F 31 1.50 56.47 -20.02
C LEU F 31 1.41 57.41 -18.84
N ALA F 32 0.95 58.63 -19.09
CA ALA F 32 0.55 59.52 -17.99
C ALA F 32 -0.87 59.23 -17.51
N ALA F 33 -1.79 58.92 -18.42
CA ALA F 33 -3.18 58.77 -18.02
C ALA F 33 -3.40 57.49 -17.23
N PHE F 34 -2.65 56.44 -17.53
CA PHE F 34 -2.68 55.22 -16.72
C PHE F 34 -2.37 55.49 -15.26
N ILE F 35 -1.76 56.64 -14.95
CA ILE F 35 -1.29 56.91 -13.61
C ILE F 35 -1.82 58.24 -13.11
N GLU F 36 -2.69 58.21 -12.10
CA GLU F 36 -2.92 59.40 -11.29
C GLU F 36 -1.65 59.80 -10.58
N THR F 37 -1.12 58.89 -9.79
CA THR F 37 0.12 59.07 -9.06
C THR F 37 0.74 57.68 -8.89
N PRO F 38 1.98 57.59 -8.39
CA PRO F 38 2.60 56.26 -8.25
C PRO F 38 1.81 55.25 -7.43
N GLU F 39 0.77 55.68 -6.71
CA GLU F 39 -0.04 54.75 -5.92
C GLU F 39 -0.47 53.57 -6.77
N ASP F 40 -0.53 52.39 -6.15
CA ASP F 40 -1.14 51.26 -6.84
C ASP F 40 -2.60 51.52 -7.18
N GLY F 41 -3.19 52.56 -6.58
CA GLY F 41 -4.40 53.12 -7.14
C GLY F 41 -4.21 53.46 -8.61
N SER F 42 -2.97 53.74 -9.01
CA SER F 42 -2.57 53.60 -10.40
C SER F 42 -1.70 52.35 -10.47
N VAL F 43 -2.30 51.28 -10.96
CA VAL F 43 -1.64 49.99 -11.10
C VAL F 43 -0.49 50.07 -12.11
N PRO F 44 -0.67 50.76 -13.24
CA PRO F 44 0.41 50.84 -14.22
C PRO F 44 1.75 51.27 -13.67
N TYR F 45 1.77 51.80 -12.46
CA TYR F 45 3.04 52.14 -11.84
C TYR F 45 3.76 50.88 -11.41
N LEU F 46 3.27 50.27 -10.34
CA LEU F 46 3.93 49.16 -9.67
C LEU F 46 3.15 47.87 -9.86
N GLN F 47 1.89 47.87 -9.42
CA GLN F 47 1.00 46.75 -9.63
C GLN F 47 0.82 46.43 -11.10
N ASN F 48 1.30 47.30 -12.00
CA ASN F 48 1.28 46.99 -13.41
C ASN F 48 1.99 45.68 -13.71
N LEU F 49 1.47 45.00 -14.73
CA LEU F 49 1.98 43.74 -15.24
C LEU F 49 3.38 43.87 -15.82
N ILE F 50 3.89 45.09 -15.94
CA ILE F 50 5.18 45.35 -16.54
C ILE F 50 6.24 45.48 -15.46
N GLU F 51 6.04 46.42 -14.51
CA GLU F 51 6.93 46.48 -13.35
C GLU F 51 7.19 45.10 -12.77
N LYS F 52 6.15 44.27 -12.70
CA LYS F 52 6.34 42.87 -12.36
C LYS F 52 6.74 42.04 -13.57
N GLY F 53 6.19 42.34 -14.76
CA GLY F 53 6.64 41.64 -15.95
C GLY F 53 8.02 41.97 -16.45
N ARG F 54 8.24 43.22 -16.86
CA ARG F 54 9.57 43.65 -17.32
C ARG F 54 9.99 45.00 -16.76
N TYR F 55 9.31 46.07 -17.17
CA TYR F 55 9.76 47.43 -16.91
C TYR F 55 9.13 47.97 -15.63
N ASP F 56 9.93 48.12 -14.58
CA ASP F 56 9.49 48.82 -13.40
C ASP F 56 9.36 50.31 -13.70
N TYR F 57 8.32 50.92 -13.17
CA TYR F 57 7.95 52.28 -13.50
C TYR F 57 8.41 53.31 -12.47
N ASP F 58 9.17 52.91 -11.45
CA ASP F 58 9.53 53.83 -10.37
C ASP F 58 10.21 55.08 -10.86
N LEU F 59 11.46 54.98 -11.26
CA LEU F 59 12.06 56.12 -11.93
C LEU F 59 11.42 56.31 -13.28
N PHE F 60 11.04 55.21 -13.91
CA PHE F 60 10.33 55.21 -15.19
C PHE F 60 8.99 55.92 -15.07
N LYS F 61 8.58 56.27 -13.86
CA LYS F 61 7.61 57.33 -13.63
C LYS F 61 8.04 58.67 -14.23
N LYS F 62 9.34 58.85 -14.47
CA LYS F 62 9.85 60.17 -14.82
C LYS F 62 9.34 60.66 -16.18
N VAL F 63 9.37 59.80 -17.19
CA VAL F 63 9.41 60.29 -18.57
C VAL F 63 8.03 60.59 -19.15
N VAL F 64 6.94 60.14 -18.53
CA VAL F 64 5.65 60.10 -19.21
C VAL F 64 5.17 61.51 -19.55
N ASN F 65 5.03 62.39 -18.56
CA ASN F 65 4.64 63.75 -18.86
C ASN F 65 5.72 64.49 -19.63
N ARG F 66 6.99 64.11 -19.45
CA ARG F 66 8.07 64.73 -20.20
C ARG F 66 7.76 64.76 -21.68
N ASN F 67 7.16 63.69 -22.21
CA ASN F 67 6.72 63.73 -23.59
C ASN F 67 5.47 64.60 -23.74
N LEU F 68 4.46 64.35 -22.91
CA LEU F 68 3.18 65.02 -23.11
C LEU F 68 3.24 66.51 -22.82
N VAL F 69 4.29 66.97 -22.15
CA VAL F 69 4.56 68.40 -22.15
C VAL F 69 5.31 68.79 -23.42
N ARG F 70 6.15 67.90 -23.95
CA ARG F 70 6.90 68.24 -25.15
C ARG F 70 6.16 67.91 -26.42
N ILE F 71 4.93 67.41 -26.32
CA ILE F 71 4.07 67.35 -27.49
C ILE F 71 3.90 68.81 -27.96
N PRO F 72 3.78 69.06 -29.25
CA PRO F 72 3.46 70.41 -29.69
C PRO F 72 2.06 70.80 -29.25
N GLN F 73 1.94 71.95 -28.60
CA GLN F 73 0.67 72.32 -28.00
C GLN F 73 -0.40 72.48 -29.08
N GLN F 74 -1.65 72.27 -28.69
CA GLN F 74 -2.77 72.37 -29.61
C GLN F 74 -3.85 73.27 -29.00
N GLN F 75 -5.04 73.29 -29.60
CA GLN F 75 -6.16 74.04 -29.06
C GLN F 75 -7.28 73.06 -28.72
N PRO F 76 -8.38 73.49 -28.08
CA PRO F 76 -9.26 72.50 -27.44
C PRO F 76 -9.90 71.49 -28.38
N ALA F 77 -10.46 71.93 -29.50
CA ALA F 77 -11.22 71.00 -30.34
C ALA F 77 -10.31 69.95 -30.96
N PRO F 78 -9.15 70.28 -31.54
CA PRO F 78 -8.27 69.21 -32.03
C PRO F 78 -7.72 68.32 -30.94
N ALA F 79 -7.78 68.74 -29.68
CA ALA F 79 -7.43 67.83 -28.59
C ALA F 79 -8.49 66.74 -28.51
N GLU F 80 -8.05 65.49 -28.36
CA GLU F 80 -8.87 64.27 -28.34
C GLU F 80 -9.81 64.21 -29.53
N ILE F 81 -9.46 64.91 -30.61
CA ILE F 81 -10.31 64.87 -31.80
C ILE F 81 -9.96 63.65 -32.62
N THR F 82 -8.76 63.12 -32.44
CA THR F 82 -8.31 62.09 -33.34
C THR F 82 -7.93 60.82 -32.58
N PRO F 83 -8.34 59.66 -33.07
CA PRO F 83 -7.72 58.42 -32.58
C PRO F 83 -6.30 58.29 -33.07
N SER F 84 -6.00 58.88 -34.23
CA SER F 84 -4.66 58.82 -34.80
C SER F 84 -4.25 57.36 -34.93
N TYR F 85 -4.78 56.67 -35.93
CA TYR F 85 -4.91 55.22 -35.85
C TYR F 85 -3.62 54.54 -35.41
N ALA F 86 -2.47 55.19 -35.59
CA ALA F 86 -1.28 54.74 -34.88
C ALA F 86 -1.59 54.49 -33.42
N LEU F 87 -2.21 55.46 -32.75
CA LEU F 87 -2.82 55.16 -31.46
C LEU F 87 -4.21 54.57 -31.61
N GLY F 88 -4.99 55.05 -32.59
CA GLY F 88 -6.34 54.59 -32.76
C GLY F 88 -6.47 53.09 -32.88
N LYS F 89 -5.41 52.40 -33.30
CA LYS F 89 -5.48 50.95 -33.33
C LYS F 89 -5.63 50.37 -31.93
N VAL F 90 -4.98 51.00 -30.95
CA VAL F 90 -5.03 50.51 -29.58
C VAL F 90 -6.47 50.31 -29.14
N LEU F 91 -7.38 51.08 -29.71
CA LEU F 91 -8.78 50.78 -29.59
C LEU F 91 -9.04 49.32 -29.96
N GLN F 92 -8.67 48.96 -31.19
CA GLN F 92 -8.79 47.57 -31.64
C GLN F 92 -7.62 46.72 -31.14
N ASP F 93 -6.41 47.27 -31.21
CA ASP F 93 -5.21 46.50 -30.89
C ASP F 93 -5.28 45.94 -29.48
N ALA F 94 -6.07 46.57 -28.61
CA ALA F 94 -6.22 46.04 -27.26
C ALA F 94 -6.92 44.70 -27.24
N ALA F 95 -7.60 44.34 -28.32
CA ALA F 95 -8.32 43.09 -28.42
C ALA F 95 -7.43 41.93 -28.81
N LYS F 96 -6.12 42.14 -28.88
CA LYS F 96 -5.22 41.06 -29.26
C LYS F 96 -4.90 40.14 -28.09
N ILE F 97 -4.63 40.69 -26.90
CA ILE F 97 -4.29 39.86 -25.76
C ILE F 97 -5.51 39.17 -25.17
N GLN F 98 -6.70 39.73 -25.40
CA GLN F 98 -7.91 39.03 -25.01
C GLN F 98 -7.99 37.67 -25.68
N LYS F 99 -7.18 37.47 -26.73
CA LYS F 99 -7.04 36.15 -27.31
C LYS F 99 -6.07 35.30 -26.53
N GLN F 100 -4.77 35.65 -26.52
CA GLN F 100 -3.77 34.73 -26.01
C GLN F 100 -3.86 34.57 -24.50
N GLN F 101 -4.30 35.60 -23.80
CA GLN F 101 -4.62 35.50 -22.39
C GLN F 101 -6.10 35.30 -22.11
N LYS F 102 -6.93 35.09 -23.14
CA LYS F 102 -8.32 34.69 -22.98
C LYS F 102 -9.15 35.76 -22.28
N ASP F 103 -9.43 36.84 -23.00
CA ASP F 103 -10.39 37.82 -22.55
C ASP F 103 -11.35 38.18 -23.68
N SER F 104 -12.40 38.92 -23.33
CA SER F 104 -13.47 39.25 -24.27
C SER F 104 -13.52 40.73 -24.57
N PHE F 105 -13.84 41.56 -23.58
CA PHE F 105 -13.89 43.00 -23.77
C PHE F 105 -12.47 43.54 -23.79
N ILE F 106 -12.33 44.86 -23.75
CA ILE F 106 -11.01 45.50 -23.76
C ILE F 106 -10.81 46.20 -22.43
N ALA F 107 -9.87 45.68 -21.64
CA ALA F 107 -9.69 46.01 -20.24
C ALA F 107 -8.47 46.89 -20.03
N GLN F 108 -8.24 47.20 -18.75
CA GLN F 108 -7.09 48.01 -18.38
C GLN F 108 -5.79 47.40 -18.90
N ASP F 109 -5.65 46.08 -18.75
CA ASP F 109 -4.51 45.41 -19.38
C ASP F 109 -4.54 45.59 -20.89
N HIS F 110 -5.72 45.46 -21.49
CA HIS F 110 -5.80 45.46 -22.94
C HIS F 110 -5.48 46.82 -23.52
N ILE F 111 -6.19 47.85 -23.06
CA ILE F 111 -5.84 49.21 -23.45
C ILE F 111 -4.35 49.42 -23.26
N LEU F 112 -3.84 49.02 -22.10
CA LEU F 112 -2.41 48.90 -21.90
C LEU F 112 -1.77 47.98 -22.93
N PHE F 113 -2.34 46.79 -23.11
CA PHE F 113 -1.69 45.76 -23.91
C PHE F 113 -1.37 46.28 -25.31
N ALA F 114 -2.38 46.80 -25.99
CA ALA F 114 -2.17 47.29 -27.35
C ALA F 114 -0.99 48.22 -27.43
N LEU F 115 -0.78 49.02 -26.39
CA LEU F 115 0.22 50.06 -26.41
C LEU F 115 1.64 49.52 -26.52
N PHE F 116 1.82 48.21 -26.39
CA PHE F 116 3.14 47.68 -26.14
C PHE F 116 4.13 47.91 -27.27
N ASN F 117 3.71 48.48 -28.40
CA ASN F 117 4.71 48.80 -29.41
C ASN F 117 5.42 50.11 -29.11
N ASP F 118 4.80 51.24 -29.42
CA ASP F 118 5.49 52.52 -29.42
C ASP F 118 5.27 53.32 -28.15
N SER F 119 4.44 52.83 -27.24
CA SER F 119 4.10 53.60 -26.05
C SER F 119 5.16 53.25 -25.03
N SER F 120 6.05 54.19 -24.78
CA SER F 120 7.39 53.74 -24.47
C SER F 120 8.40 54.87 -24.36
N ILE F 121 9.58 54.50 -23.94
CA ILE F 121 10.81 55.02 -24.51
C ILE F 121 11.27 53.92 -25.44
N GLN F 122 11.15 54.13 -26.75
CA GLN F 122 11.72 53.23 -27.74
C GLN F 122 12.95 53.89 -28.34
N GLN F 123 14.13 53.39 -27.97
CA GLN F 123 15.41 53.93 -28.40
C GLN F 123 16.43 52.79 -28.35
N ILE F 124 17.71 53.14 -28.53
CA ILE F 124 18.78 52.21 -28.21
C ILE F 124 18.67 51.78 -26.75
N PHE F 125 18.48 52.75 -25.86
CA PHE F 125 18.03 52.48 -24.50
C PHE F 125 16.51 52.59 -24.49
N LYS F 126 15.84 51.47 -24.37
CA LYS F 126 14.41 51.41 -24.57
C LYS F 126 13.77 51.07 -23.22
N GLU F 127 13.16 52.06 -22.60
CA GLU F 127 12.28 51.83 -21.47
C GLU F 127 10.88 51.86 -22.03
N ALA F 128 10.28 50.70 -22.17
CA ALA F 128 9.16 50.55 -23.07
C ALA F 128 8.24 49.49 -22.51
N GLN F 129 7.31 49.06 -23.34
CA GLN F 129 6.37 48.03 -22.98
C GLN F 129 6.71 46.81 -23.81
N VAL F 130 7.23 45.78 -23.15
CA VAL F 130 7.41 44.52 -23.83
C VAL F 130 6.06 44.03 -24.34
N ASP F 131 6.09 43.32 -25.46
CA ASP F 131 4.86 43.05 -26.20
C ASP F 131 4.03 41.95 -25.52
N ILE F 132 4.49 40.71 -25.54
CA ILE F 132 3.83 39.64 -24.82
C ILE F 132 4.49 39.40 -23.46
N GLU F 133 5.60 40.08 -23.17
CA GLU F 133 6.50 39.63 -22.13
C GLU F 133 6.00 39.99 -20.74
N ALA F 134 5.45 41.19 -20.54
CA ALA F 134 5.01 41.59 -19.21
C ALA F 134 3.60 41.09 -18.87
N ILE F 135 2.68 41.17 -19.83
CA ILE F 135 1.26 40.97 -19.57
C ILE F 135 0.90 39.50 -19.45
N LYS F 136 0.97 38.75 -20.57
CA LYS F 136 0.70 37.31 -20.53
C LYS F 136 1.47 36.65 -19.41
N GLN F 137 2.66 37.14 -19.12
CA GLN F 137 3.35 36.89 -17.85
C GLN F 137 2.43 37.22 -16.70
N GLN F 138 2.20 38.50 -16.47
CA GLN F 138 1.63 38.97 -15.23
C GLN F 138 0.14 39.25 -15.32
N ALA F 139 -0.48 39.11 -16.51
CA ALA F 139 -1.92 39.09 -16.59
C ALA F 139 -2.51 37.84 -15.98
N LEU F 140 -1.69 36.84 -15.69
CA LEU F 140 -2.08 35.79 -14.77
C LEU F 140 -1.80 36.19 -13.33
N GLU F 141 -0.64 36.83 -13.08
CA GLU F 141 -0.31 37.41 -11.78
C GLU F 141 -1.42 38.34 -11.35
N LEU F 142 -1.56 39.45 -12.05
CA LEU F 142 -2.86 40.09 -12.09
C LEU F 142 -3.89 39.06 -12.50
N ARG F 143 -4.97 38.96 -11.72
CA ARG F 143 -6.07 38.10 -12.15
C ARG F 143 -5.61 36.67 -12.37
N GLY F 144 -5.60 36.23 -13.62
CA GLY F 144 -5.60 34.84 -13.99
C GLY F 144 -6.89 34.40 -14.63
N ASN F 145 -7.98 35.13 -14.38
CA ASN F 145 -8.97 35.43 -15.41
C ASN F 145 -9.36 36.89 -15.19
N THR F 146 -9.04 37.74 -16.16
CA THR F 146 -9.37 39.13 -16.01
C THR F 146 -10.81 39.43 -16.39
N ARG F 147 -11.31 38.78 -17.44
CA ARG F 147 -12.50 39.29 -18.12
C ARG F 147 -13.77 39.02 -17.33
N ILE F 148 -14.54 40.08 -17.11
CA ILE F 148 -15.92 39.95 -16.65
C ILE F 148 -16.81 40.82 -17.53
N ASP F 149 -16.70 42.14 -17.35
CA ASP F 149 -17.49 43.10 -18.12
C ASP F 149 -16.80 44.45 -18.07
N SER F 150 -17.23 45.34 -18.97
CA SER F 150 -16.79 46.72 -18.88
C SER F 150 -17.07 47.30 -17.50
N ARG F 151 -18.22 46.94 -16.93
CA ARG F 151 -18.56 47.32 -15.58
C ARG F 151 -17.64 46.65 -14.58
N GLY F 152 -17.68 47.14 -13.35
CA GLY F 152 -16.94 46.54 -12.26
C GLY F 152 -15.80 47.43 -11.78
N ALA F 153 -15.27 47.02 -10.64
CA ALA F 153 -14.26 47.78 -9.92
C ALA F 153 -12.90 47.55 -10.58
N ASP F 154 -11.85 47.92 -9.86
CA ASP F 154 -10.50 47.79 -10.38
C ASP F 154 -10.28 46.41 -10.96
N THR F 155 -9.53 46.36 -12.06
CA THR F 155 -9.23 45.09 -12.70
C THR F 155 -7.79 44.68 -12.40
N ASN F 156 -7.44 44.71 -11.10
CA ASN F 156 -6.07 44.34 -10.65
C ASN F 156 -6.09 42.92 -10.08
N THR F 157 -7.29 42.34 -9.94
CA THR F 157 -7.44 40.96 -9.39
C THR F 157 -6.74 40.87 -8.04
N PRO F 158 -7.00 41.78 -7.08
CA PRO F 158 -6.34 41.71 -5.78
C PRO F 158 -6.69 40.41 -5.04
N LEU F 159 -7.98 40.11 -4.95
CA LEU F 159 -8.46 38.87 -4.26
C LEU F 159 -9.12 37.94 -5.30
N GLU F 160 -8.59 36.72 -5.43
CA GLU F 160 -9.14 35.73 -6.40
C GLU F 160 -10.29 34.95 -5.74
N TYR F 161 -10.23 34.81 -4.41
CA TYR F 161 -11.29 34.08 -3.65
C TYR F 161 -12.59 34.90 -3.67
N LEU F 162 -12.48 36.21 -3.47
CA LEU F 162 -13.66 37.11 -3.46
C LEU F 162 -14.29 37.14 -4.86
N SER F 163 -13.45 37.14 -5.90
CA SER F 163 -13.93 37.18 -7.30
C SER F 163 -14.45 35.80 -7.70
N LYS F 164 -13.85 34.73 -7.16
CA LYS F 164 -14.27 33.37 -7.47
C LYS F 164 -15.63 33.06 -6.89
N TYR F 165 -15.67 32.72 -5.61
CA TYR F 165 -16.84 32.12 -5.01
C TYR F 165 -17.62 33.04 -4.08
N ALA F 166 -17.15 34.27 -3.85
CA ALA F 166 -17.90 35.19 -3.01
C ALA F 166 -19.01 35.84 -3.84
N ILE F 167 -20.25 35.61 -3.43
CA ILE F 167 -21.40 36.06 -4.18
C ILE F 167 -21.89 37.38 -3.58
N ASP F 168 -21.98 38.39 -4.42
CA ASP F 168 -22.55 39.67 -4.03
C ASP F 168 -23.99 39.70 -4.52
N MET F 169 -24.93 39.64 -3.59
CA MET F 169 -26.34 39.69 -3.95
C MET F 169 -26.81 41.11 -4.20
N THR F 170 -26.10 42.10 -3.64
CA THR F 170 -26.44 43.49 -3.93
C THR F 170 -26.31 43.77 -5.40
N GLU F 171 -25.31 43.17 -6.05
CA GLU F 171 -25.27 43.07 -7.49
C GLU F 171 -26.61 42.54 -7.97
N GLN F 172 -26.90 41.30 -7.61
CA GLN F 172 -28.18 40.68 -7.97
C GLN F 172 -29.36 41.55 -7.60
N ALA F 173 -29.24 42.32 -6.51
CA ALA F 173 -30.32 43.23 -6.11
C ALA F 173 -30.52 44.31 -7.14
N ARG F 174 -29.47 45.07 -7.46
CA ARG F 174 -29.58 46.03 -8.56
C ARG F 174 -29.71 45.32 -9.89
N GLN F 175 -29.22 44.08 -9.97
CA GLN F 175 -29.58 43.22 -11.08
C GLN F 175 -31.02 42.72 -10.97
N GLY F 176 -31.70 43.01 -9.87
CA GLY F 176 -33.11 42.69 -9.72
C GLY F 176 -33.41 41.22 -9.58
N LYS F 177 -32.41 40.40 -9.26
CA LYS F 177 -32.61 38.96 -9.27
C LYS F 177 -33.45 38.51 -8.07
N LEU F 178 -33.04 38.88 -6.87
CA LEU F 178 -33.64 38.33 -5.66
C LEU F 178 -35.03 38.94 -5.42
N ASP F 179 -35.82 38.23 -4.62
CA ASP F 179 -37.17 38.66 -4.29
C ASP F 179 -37.16 39.49 -3.01
N PRO F 180 -37.68 40.71 -3.00
CA PRO F 180 -37.67 41.53 -1.79
C PRO F 180 -38.44 40.88 -0.66
N VAL F 181 -38.05 41.23 0.57
CA VAL F 181 -38.55 40.54 1.75
C VAL F 181 -39.29 41.48 2.68
N ILE F 182 -39.76 40.95 3.80
CA ILE F 182 -40.74 41.62 4.65
C ILE F 182 -40.59 41.12 6.08
N GLY F 183 -40.93 41.98 7.03
CA GLY F 183 -41.39 41.58 8.34
C GLY F 183 -40.31 41.10 9.29
N ARG F 184 -39.16 40.71 8.77
CA ARG F 184 -37.96 40.65 9.58
C ARG F 184 -37.36 42.02 9.72
N GLU F 185 -38.00 43.02 9.11
CA GLU F 185 -37.55 44.40 9.08
C GLU F 185 -37.16 44.85 10.47
N GLU F 186 -37.86 44.30 11.47
CA GLU F 186 -37.37 44.31 12.84
C GLU F 186 -36.00 43.62 12.95
N GLU F 187 -35.93 42.31 12.69
CA GLU F 187 -34.63 41.64 12.72
C GLU F 187 -33.68 42.26 11.70
N ILE F 188 -34.19 42.53 10.49
CA ILE F 188 -33.41 43.21 9.46
C ILE F 188 -32.70 44.37 10.12
N ARG F 189 -33.49 45.34 10.57
CA ARG F 189 -32.90 46.47 11.29
C ARG F 189 -32.06 46.00 12.46
N SER F 190 -32.64 45.18 13.36
CA SER F 190 -31.92 44.84 14.59
C SER F 190 -30.60 44.15 14.29
N THR F 191 -30.62 43.15 13.42
CA THR F 191 -29.37 42.51 13.00
C THR F 191 -28.47 43.52 12.30
N ILE F 192 -29.05 44.33 11.40
CA ILE F 192 -28.27 45.43 10.86
C ILE F 192 -27.91 46.41 11.97
N ARG F 193 -28.83 46.64 12.91
CA ARG F 193 -28.47 47.41 14.09
C ARG F 193 -27.34 46.73 14.83
N VAL F 194 -27.45 45.41 15.03
CA VAL F 194 -26.29 44.65 15.50
C VAL F 194 -25.09 44.95 14.63
N LEU F 195 -25.25 44.75 13.32
CA LEU F 195 -24.23 45.19 12.38
C LEU F 195 -23.88 46.65 12.60
N ALA F 196 -24.91 47.49 12.80
CA ALA F 196 -24.64 48.90 13.09
C ALA F 196 -24.06 49.06 14.49
N ARG F 197 -24.33 48.12 15.38
CA ARG F 197 -23.67 48.15 16.68
C ARG F 197 -22.17 48.03 16.46
N ARG F 198 -21.44 49.02 16.98
CA ARG F 198 -19.99 48.97 16.91
C ARG F 198 -19.42 47.87 17.80
N ILE F 199 -20.11 47.56 18.90
CA ILE F 199 -19.60 46.59 19.85
C ILE F 199 -19.70 45.19 19.28
N LYS F 200 -20.92 44.68 19.10
CA LYS F 200 -21.12 43.45 18.35
C LYS F 200 -21.77 43.85 17.05
N SER F 201 -20.97 43.85 15.98
CA SER F 201 -21.53 43.99 14.64
C SER F 201 -22.09 42.67 14.16
N ASN F 202 -21.34 41.61 14.38
CA ASN F 202 -21.73 40.28 13.96
C ASN F 202 -23.02 39.88 14.68
N PRO F 203 -24.09 39.62 13.96
CA PRO F 203 -25.23 38.92 14.56
C PRO F 203 -25.00 37.42 14.56
N CYS F 204 -25.71 36.72 15.44
CA CYS F 204 -25.97 35.30 15.26
C CYS F 204 -27.46 35.13 14.99
N LEU F 205 -27.81 34.80 13.76
CA LEU F 205 -29.17 34.36 13.49
C LEU F 205 -29.35 32.99 14.09
N ILE F 206 -30.36 32.84 14.95
CA ILE F 206 -30.66 31.55 15.56
C ILE F 206 -32.01 31.11 15.01
N GLY F 207 -32.15 29.82 14.81
CA GLY F 207 -33.46 29.26 14.54
C GLY F 207 -33.36 28.04 13.66
N GLU F 208 -34.49 27.41 13.47
CA GLU F 208 -34.49 26.22 12.62
C GLU F 208 -34.49 26.64 11.16
N PRO F 209 -33.69 26.01 10.32
CA PRO F 209 -33.51 26.49 8.94
C PRO F 209 -34.80 26.42 8.14
N GLY F 210 -34.77 27.10 6.99
CA GLY F 210 -35.90 27.22 6.11
C GLY F 210 -36.83 28.36 6.44
N ILE F 211 -36.45 29.21 7.40
CA ILE F 211 -37.34 30.23 7.94
C ILE F 211 -37.15 31.57 7.25
N GLY F 212 -36.17 31.71 6.37
CA GLY F 212 -35.89 32.99 5.77
C GLY F 212 -34.71 33.72 6.38
N LYS F 213 -33.86 33.00 7.11
CA LYS F 213 -32.72 33.66 7.75
C LYS F 213 -31.80 34.34 6.74
N THR F 214 -31.66 33.80 5.53
CA THR F 214 -30.97 34.59 4.51
C THR F 214 -31.95 35.43 3.70
N ALA F 215 -33.24 35.11 3.79
CA ALA F 215 -34.23 36.04 3.25
C ALA F 215 -34.19 37.32 4.05
N ILE F 216 -33.89 37.21 5.33
CA ILE F 216 -33.41 38.34 6.11
C ILE F 216 -32.34 39.02 5.27
N ILE F 217 -31.26 38.28 5.03
CA ILE F 217 -30.08 38.85 4.38
C ILE F 217 -30.43 39.37 3.00
N GLU F 218 -31.48 38.84 2.38
CA GLU F 218 -31.93 39.36 1.10
C GLU F 218 -32.25 40.84 1.19
N GLY F 219 -33.25 41.21 1.97
CA GLY F 219 -33.58 42.62 2.14
C GLY F 219 -32.42 43.40 2.73
N VAL F 220 -31.65 42.76 3.60
CA VAL F 220 -30.42 43.37 4.09
C VAL F 220 -29.52 43.72 2.92
N ALA F 221 -29.23 42.73 2.07
CA ALA F 221 -28.55 43.00 0.81
C ALA F 221 -29.25 44.09 0.03
N GLN F 222 -30.58 44.07 0.04
CA GLN F 222 -31.31 45.12 -0.66
C GLN F 222 -31.12 46.46 0.03
N ARG F 223 -31.24 46.49 1.36
CA ARG F 223 -30.98 47.75 2.07
C ARG F 223 -29.61 48.31 1.76
N ILE F 224 -28.67 47.46 1.35
CA ILE F 224 -27.38 47.96 0.89
C ILE F 224 -27.57 48.80 -0.37
N ILE F 225 -28.27 48.24 -1.35
CA ILE F 225 -28.58 49.02 -2.55
C ILE F 225 -29.80 49.90 -2.32
N ASP F 226 -30.65 49.57 -1.34
CA ASP F 226 -31.70 50.49 -0.94
C ASP F 226 -31.13 51.71 -0.20
N ASP F 227 -29.89 51.59 0.28
CA ASP F 227 -29.15 52.68 0.89
C ASP F 227 -29.78 53.15 2.20
N ASP F 228 -30.55 52.29 2.86
CA ASP F 228 -30.92 52.52 4.25
C ASP F 228 -29.75 52.12 5.16
N VAL F 229 -28.75 51.49 4.60
CA VAL F 229 -27.65 50.89 5.37
C VAL F 229 -26.94 52.00 6.14
N PRO F 230 -26.68 51.81 7.43
CA PRO F 230 -26.14 52.90 8.26
C PRO F 230 -24.79 53.37 7.79
N THR F 231 -24.45 54.60 8.20
CA THR F 231 -23.16 55.18 7.85
C THR F 231 -22.02 54.25 8.20
N ILE F 232 -22.04 53.71 9.42
CA ILE F 232 -21.09 52.67 9.81
C ILE F 232 -21.06 51.58 8.75
N LEU F 233 -22.24 51.20 8.26
CA LEU F 233 -22.38 50.06 7.38
C LEU F 233 -22.50 50.44 5.90
N GLN F 234 -22.52 51.74 5.57
CA GLN F 234 -22.74 52.17 4.19
C GLN F 234 -21.73 51.55 3.24
N GLY F 235 -20.45 51.93 3.37
CA GLY F 235 -19.46 51.54 2.39
C GLY F 235 -19.38 50.04 2.18
N ALA F 236 -19.80 49.26 3.18
CA ALA F 236 -19.79 47.82 3.02
C ALA F 236 -20.94 47.37 2.13
N LYS F 237 -20.75 46.20 1.52
CA LYS F 237 -21.76 45.56 0.69
C LYS F 237 -21.89 44.12 1.14
N LEU F 238 -22.68 43.33 0.41
CA LEU F 238 -22.91 41.94 0.76
C LEU F 238 -21.92 41.03 0.05
N PHE F 239 -21.15 40.31 0.83
CA PHE F 239 -20.65 39.00 0.43
C PHE F 239 -21.27 37.96 1.35
N SER F 240 -21.60 36.81 0.78
CA SER F 240 -22.06 35.68 1.56
C SER F 240 -21.38 34.44 1.00
N LEU F 241 -20.60 33.76 1.83
CA LEU F 241 -19.85 32.61 1.35
C LEU F 241 -20.70 31.37 1.54
N ASP F 242 -21.10 30.77 0.43
CA ASP F 242 -21.71 29.45 0.42
C ASP F 242 -20.55 28.48 0.21
N LEU F 243 -20.19 27.73 1.24
CA LEU F 243 -18.89 27.10 1.26
C LEU F 243 -18.92 25.86 0.37
N ALA F 244 -18.16 25.91 -0.71
CA ALA F 244 -17.82 24.73 -1.50
C ALA F 244 -16.32 24.56 -1.41
N ALA F 245 -15.88 23.56 -0.66
CA ALA F 245 -14.47 23.22 -0.59
C ALA F 245 -14.30 22.01 -1.50
N LEU F 246 -13.70 22.24 -2.67
CA LEU F 246 -13.72 21.24 -3.73
C LEU F 246 -13.01 21.78 -4.97
N GLY F 254 -2.95 18.73 -0.83
CA GLY F 254 -2.92 20.07 -0.28
C GLY F 254 -4.27 20.53 0.23
N ASP F 255 -4.26 21.39 1.25
CA ASP F 255 -5.49 21.92 1.79
C ASP F 255 -6.24 22.72 0.72
N PHE F 256 -7.49 22.35 0.48
CA PHE F 256 -8.35 23.11 -0.41
C PHE F 256 -9.09 24.22 0.31
N GLU F 257 -9.00 24.25 1.64
CA GLU F 257 -9.72 25.26 2.41
C GLU F 257 -8.99 26.59 2.46
N GLU F 258 -7.66 26.58 2.59
CA GLU F 258 -6.92 27.82 2.86
C GLU F 258 -7.29 28.92 1.86
N ARG F 259 -7.79 28.52 0.69
CA ARG F 259 -8.52 29.42 -0.19
C ARG F 259 -9.50 30.26 0.62
N PHE F 260 -10.44 29.60 1.31
CA PHE F 260 -11.34 30.30 2.22
C PHE F 260 -10.57 31.16 3.23
N LYS F 261 -9.36 30.76 3.60
CA LYS F 261 -8.57 31.63 4.47
C LYS F 261 -7.86 32.71 3.68
N GLY F 262 -7.39 32.39 2.47
CA GLY F 262 -6.72 33.40 1.67
C GLY F 262 -7.63 34.55 1.30
N VAL F 263 -8.93 34.27 1.14
CA VAL F 263 -9.86 35.32 0.78
C VAL F 263 -10.00 36.32 1.91
N LEU F 264 -9.71 35.90 3.14
CA LEU F 264 -9.77 36.81 4.28
C LEU F 264 -8.89 38.03 4.06
N LYS F 265 -7.84 37.89 3.25
CA LYS F 265 -7.07 39.05 2.85
C LYS F 265 -7.78 39.81 1.74
N GLU F 266 -8.44 39.08 0.84
CA GLU F 266 -9.07 39.71 -0.32
C GLU F 266 -10.17 40.66 0.12
N ILE F 267 -10.90 40.30 1.16
CA ILE F 267 -11.80 41.24 1.79
C ILE F 267 -11.03 42.29 2.57
N GLU F 268 -9.97 41.86 3.26
CA GLU F 268 -9.10 42.81 3.93
C GLU F 268 -8.47 43.77 2.93
N GLU F 269 -8.20 43.27 1.71
CA GLU F 269 -7.92 44.11 0.57
C GLU F 269 -8.95 45.22 0.46
N SER F 270 -10.20 44.82 0.25
CA SER F 270 -11.29 45.79 0.21
C SER F 270 -11.39 46.58 1.51
N LYS F 271 -10.82 46.07 2.59
CA LYS F 271 -10.81 46.75 3.90
C LYS F 271 -12.24 47.01 4.37
N THR F 272 -12.88 45.91 4.79
CA THR F 272 -14.27 45.89 5.27
C THR F 272 -15.20 46.72 4.37
N LEU F 273 -14.96 46.63 3.06
CA LEU F 273 -15.81 47.25 2.05
C LEU F 273 -17.03 46.40 1.75
N ILE F 274 -17.18 45.27 2.44
CA ILE F 274 -18.31 44.37 2.30
C ILE F 274 -18.71 43.86 3.68
N VAL F 275 -19.68 42.95 3.68
CA VAL F 275 -19.98 42.13 4.85
C VAL F 275 -20.00 40.69 4.39
N LEU F 276 -19.69 39.78 5.30
CA LEU F 276 -19.84 38.36 5.05
C LEU F 276 -21.07 37.84 5.76
N PHE F 277 -21.71 36.84 5.16
CA PHE F 277 -22.81 36.13 5.79
C PHE F 277 -22.65 34.64 5.54
N ILE F 278 -22.55 33.88 6.63
CA ILE F 278 -22.54 32.42 6.60
C ILE F 278 -23.80 31.97 7.32
N ASP F 279 -24.39 30.86 6.86
CA ASP F 279 -25.79 30.61 7.18
C ASP F 279 -25.88 29.54 8.25
N GLU F 280 -25.89 28.26 7.88
CA GLU F 280 -25.95 27.18 8.86
C GLU F 280 -24.61 26.50 9.07
N ILE F 281 -23.57 26.87 8.33
CA ILE F 281 -22.27 26.25 8.54
C ILE F 281 -21.56 27.17 9.54
N HIS F 282 -21.55 26.76 10.80
CA HIS F 282 -20.69 27.37 11.79
C HIS F 282 -20.20 26.24 12.67
N MET F 283 -18.92 25.92 12.51
CA MET F 283 -18.35 24.72 13.10
C MET F 283 -16.84 24.89 13.07
N LEU F 284 -16.16 24.02 13.80
CA LEU F 284 -14.73 23.87 13.60
C LEU F 284 -14.45 23.65 12.12
N MET F 285 -13.59 24.49 11.56
CA MET F 285 -13.35 24.51 10.12
C MET F 285 -12.76 23.20 9.60
N ALA F 292 -8.63 25.91 7.77
CA ALA F 292 -8.72 24.68 8.56
C ALA F 292 -8.91 24.99 10.03
N ALA F 293 -8.89 23.95 10.86
CA ALA F 293 -8.97 24.07 12.32
C ALA F 293 -10.25 24.81 12.66
N ASN F 294 -10.19 25.97 13.32
CA ASN F 294 -11.37 26.78 13.58
C ASN F 294 -11.66 27.69 12.40
N ILE F 295 -12.94 27.97 12.19
CA ILE F 295 -13.36 28.85 11.11
C ILE F 295 -12.90 30.28 11.37
N LEU F 296 -12.91 31.08 10.31
CA LEU F 296 -12.97 32.54 10.44
C LEU F 296 -11.77 33.17 11.15
N LYS F 297 -11.96 33.41 12.45
CA LYS F 297 -11.60 34.62 13.18
C LYS F 297 -10.31 35.40 12.93
N PRO F 298 -9.15 34.76 12.71
CA PRO F 298 -7.90 35.55 12.65
C PRO F 298 -7.99 36.87 11.88
N ALA F 299 -8.86 36.93 10.86
CA ALA F 299 -9.19 38.22 10.26
C ALA F 299 -10.16 39.01 11.14
N LEU F 300 -11.24 38.38 11.57
CA LEU F 300 -12.11 39.00 12.58
C LEU F 300 -11.34 39.20 13.88
N SER F 301 -10.66 38.15 14.34
CA SER F 301 -9.78 38.22 15.50
C SER F 301 -8.64 39.21 15.30
N ARG F 302 -8.41 39.67 14.08
CA ARG F 302 -7.58 40.85 13.89
C ARG F 302 -8.30 42.11 14.37
N GLY F 303 -9.55 41.99 14.79
CA GLY F 303 -10.37 43.11 15.20
C GLY F 303 -11.27 43.63 14.11
N GLN F 304 -11.07 43.16 12.90
CA GLN F 304 -11.66 43.66 11.67
C GLN F 304 -12.93 42.88 11.32
N LEU F 305 -13.37 43.01 10.08
CA LEU F 305 -14.24 42.02 9.46
C LEU F 305 -15.63 41.90 10.09
N LYS F 306 -16.48 42.88 9.81
CA LYS F 306 -17.92 42.70 9.97
C LYS F 306 -18.40 41.49 9.16
N VAL F 307 -19.13 40.61 9.82
CA VAL F 307 -19.72 39.43 9.19
C VAL F 307 -21.14 39.27 9.73
N ILE F 308 -22.02 38.73 8.90
CA ILE F 308 -23.36 38.37 9.34
C ILE F 308 -23.31 36.89 9.73
N GLY F 309 -23.41 36.62 11.02
CA GLY F 309 -23.41 35.25 11.48
C GLY F 309 -24.82 34.71 11.62
N ALA F 310 -24.93 33.39 11.52
CA ALA F 310 -26.22 32.73 11.55
C ALA F 310 -25.99 31.30 12.02
N THR F 311 -27.07 30.63 12.39
CA THR F 311 -27.03 29.24 12.79
C THR F 311 -28.41 28.80 13.24
N THR F 312 -28.59 27.48 13.29
CA THR F 312 -29.56 26.94 14.22
C THR F 312 -28.94 26.97 15.62
N ASN F 313 -29.80 26.94 16.64
CA ASN F 313 -29.28 26.72 17.97
C ASN F 313 -28.35 25.53 18.00
N ASN F 314 -28.60 24.55 17.11
CA ASN F 314 -27.75 23.37 17.01
C ASN F 314 -26.28 23.73 16.88
N GLU F 315 -25.90 24.32 15.74
CA GLU F 315 -24.51 24.71 15.58
C GLU F 315 -24.13 25.77 16.60
N TYR F 316 -25.12 26.51 17.10
CA TYR F 316 -24.88 27.37 18.25
C TYR F 316 -24.58 26.55 19.49
N ARG F 317 -25.17 25.36 19.60
CA ARG F 317 -24.92 24.51 20.75
C ARG F 317 -23.56 23.85 20.73
N SER F 318 -22.78 23.96 19.64
CA SER F 318 -21.61 23.11 19.57
C SER F 318 -20.30 23.84 19.84
N ILE F 319 -19.75 24.52 18.84
CA ILE F 319 -18.42 25.09 18.99
C ILE F 319 -18.47 26.45 19.68
N VAL F 320 -19.43 27.30 19.30
CA VAL F 320 -19.48 28.63 19.87
C VAL F 320 -19.87 28.58 21.35
N GLU F 321 -20.33 27.42 21.82
CA GLU F 321 -20.47 27.22 23.25
C GLU F 321 -19.10 27.17 23.93
N LYS F 322 -18.10 26.61 23.24
CA LYS F 322 -16.77 26.49 23.81
C LYS F 322 -16.21 27.84 24.22
N ASP F 323 -15.80 28.64 23.23
CA ASP F 323 -15.28 29.97 23.49
C ASP F 323 -16.33 30.87 24.12
N GLY F 324 -17.32 31.29 23.32
CA GLY F 324 -18.25 32.33 23.70
C GLY F 324 -17.72 33.73 23.54
N ALA F 325 -16.39 33.90 23.48
CA ALA F 325 -15.77 35.19 23.25
C ALA F 325 -15.40 35.41 21.78
N PHE F 326 -15.64 34.42 20.93
CA PHE F 326 -15.82 34.74 19.52
C PHE F 326 -17.22 35.24 19.27
N GLU F 327 -18.20 34.68 19.98
CA GLU F 327 -19.53 35.28 20.01
C GLU F 327 -19.51 36.63 20.69
N ARG F 328 -18.38 37.01 21.30
CA ARG F 328 -18.16 38.38 21.73
C ARG F 328 -18.40 39.37 20.62
N ARG F 329 -18.25 38.95 19.36
CA ARG F 329 -18.69 39.74 18.22
C ARG F 329 -20.16 39.58 17.91
N PHE F 330 -20.81 38.56 18.48
CA PHE F 330 -22.06 38.04 17.97
C PHE F 330 -23.19 38.23 18.96
N GLN F 331 -24.15 39.08 18.59
CA GLN F 331 -25.47 39.03 19.20
C GLN F 331 -26.26 37.89 18.56
N LYS F 332 -26.74 36.97 19.39
CA LYS F 332 -27.55 35.88 18.87
C LYS F 332 -29.00 36.34 18.76
N ILE F 333 -29.53 36.31 17.56
CA ILE F 333 -30.90 36.69 17.27
C ILE F 333 -31.59 35.45 16.74
N GLU F 334 -32.66 35.03 17.40
CA GLU F 334 -33.40 33.87 16.95
C GLU F 334 -34.65 34.30 16.19
N VAL F 335 -34.76 33.84 14.96
CA VAL F 335 -35.96 34.04 14.17
C VAL F 335 -37.06 33.14 14.69
N ALA F 336 -38.29 33.62 14.57
CA ALA F 336 -39.47 32.84 14.86
C ALA F 336 -40.23 32.60 13.57
N GLU F 337 -40.94 31.47 13.49
CA GLU F 337 -41.65 31.18 12.26
C GLU F 337 -42.63 32.31 11.98
N PRO F 338 -42.54 32.95 10.82
CA PRO F 338 -43.17 34.25 10.62
C PRO F 338 -44.68 34.19 10.80
N SER F 339 -45.26 35.36 11.05
CA SER F 339 -46.69 35.45 11.29
C SER F 339 -47.45 35.19 9.99
N VAL F 340 -48.78 35.25 10.09
CA VAL F 340 -49.60 34.95 8.94
C VAL F 340 -49.42 36.01 7.85
N ARG F 341 -49.49 37.28 8.22
CA ARG F 341 -49.32 38.35 7.25
C ARG F 341 -47.99 38.25 6.54
N GLN F 342 -46.95 37.85 7.28
CA GLN F 342 -45.63 37.58 6.72
C GLN F 342 -45.79 36.68 5.50
N THR F 343 -46.21 35.45 5.76
CA THR F 343 -46.58 34.54 4.68
C THR F 343 -47.46 35.28 3.67
N VAL F 344 -48.61 35.76 4.12
CA VAL F 344 -49.54 36.51 3.30
C VAL F 344 -48.81 37.55 2.45
N ALA F 345 -48.13 38.49 3.09
CA ALA F 345 -47.52 39.58 2.35
C ALA F 345 -46.51 39.08 1.33
N ILE F 346 -45.60 38.19 1.71
CA ILE F 346 -44.72 37.62 0.69
C ILE F 346 -45.53 36.92 -0.36
N LEU F 347 -46.48 36.08 0.06
CA LEU F 347 -47.44 35.54 -0.88
C LEU F 347 -48.06 36.67 -1.69
N ARG F 348 -48.59 37.68 -1.00
CA ARG F 348 -49.09 38.86 -1.70
C ARG F 348 -48.08 39.36 -2.70
N GLY F 349 -46.81 39.42 -2.31
CA GLY F 349 -45.79 39.80 -3.26
C GLY F 349 -45.49 38.69 -4.25
N LEU F 350 -45.41 37.46 -3.76
CA LEU F 350 -44.93 36.38 -4.59
C LEU F 350 -46.04 35.50 -5.17
N GLN F 351 -47.31 35.75 -4.81
CA GLN F 351 -48.40 35.12 -5.56
C GLN F 351 -48.24 35.50 -7.02
N PRO F 352 -48.24 36.80 -7.38
CA PRO F 352 -48.06 37.13 -8.80
C PRO F 352 -46.76 36.63 -9.34
N LYS F 353 -45.71 36.63 -8.52
CA LYS F 353 -44.44 36.04 -8.90
C LYS F 353 -44.63 34.61 -9.36
N TYR F 354 -44.97 33.71 -8.45
CA TYR F 354 -44.87 32.31 -8.81
C TYR F 354 -46.04 31.86 -9.66
N GLU F 355 -47.09 32.66 -9.75
CA GLU F 355 -48.07 32.40 -10.79
C GLU F 355 -47.55 32.88 -12.14
N ILE F 356 -46.76 33.96 -12.15
CA ILE F 356 -46.10 34.32 -13.40
C ILE F 356 -44.83 33.50 -13.60
N HIS F 357 -44.15 33.09 -12.51
CA HIS F 357 -43.11 32.10 -12.65
C HIS F 357 -43.63 30.88 -13.39
N HIS F 358 -44.83 30.46 -13.05
CA HIS F 358 -45.49 29.36 -13.72
C HIS F 358 -46.47 29.84 -14.78
N GLY F 359 -46.53 31.15 -15.02
CA GLY F 359 -47.36 31.68 -16.09
C GLY F 359 -48.83 31.45 -15.90
N VAL F 360 -49.30 31.48 -14.65
CA VAL F 360 -50.71 31.21 -14.37
C VAL F 360 -51.28 32.32 -13.50
N ARG F 361 -52.50 32.13 -13.03
CA ARG F 361 -53.13 33.06 -12.10
C ARG F 361 -53.73 32.29 -10.93
N ILE F 362 -54.01 33.02 -9.85
CA ILE F 362 -54.45 32.45 -8.59
C ILE F 362 -55.50 33.37 -7.99
N LEU F 363 -56.33 32.81 -7.13
CA LEU F 363 -57.14 33.62 -6.22
C LEU F 363 -56.32 33.98 -4.99
N ASP F 364 -56.21 35.28 -4.71
CA ASP F 364 -55.70 35.70 -3.42
C ASP F 364 -56.60 35.20 -2.31
N SER F 365 -57.89 35.02 -2.61
CA SER F 365 -58.77 34.32 -1.68
C SER F 365 -58.14 33.02 -1.22
N ALA F 366 -57.69 32.20 -2.17
CA ALA F 366 -56.90 31.02 -1.81
C ALA F 366 -55.65 31.43 -1.06
N LEU F 367 -54.95 32.45 -1.56
CA LEU F 367 -53.60 32.75 -1.11
C LEU F 367 -53.54 32.88 0.41
N VAL F 368 -54.39 33.75 0.97
CA VAL F 368 -54.46 33.86 2.42
C VAL F 368 -55.00 32.58 3.02
N THR F 369 -56.02 32.00 2.40
CA THR F 369 -56.59 30.77 2.90
C THR F 369 -55.56 29.66 2.95
N ALA F 370 -54.59 29.70 2.04
CA ALA F 370 -53.50 28.73 2.03
C ALA F 370 -52.85 28.70 3.40
N ALA F 371 -52.23 29.81 3.79
CA ALA F 371 -51.54 29.89 5.06
C ALA F 371 -52.40 29.35 6.20
N GLN F 372 -53.70 29.63 6.15
CA GLN F 372 -54.62 29.26 7.22
C GLN F 372 -54.47 27.81 7.64
N LEU F 373 -54.91 26.89 6.79
CA LEU F 373 -54.78 25.48 7.10
C LEU F 373 -53.32 25.06 7.08
N ALA F 374 -52.55 25.64 6.17
CA ALA F 374 -51.12 25.39 6.12
C ALA F 374 -50.50 25.62 7.50
N LYS F 375 -50.56 26.86 7.98
CA LYS F 375 -50.09 27.15 9.34
C LYS F 375 -50.73 26.19 10.34
N ARG F 376 -52.01 25.92 10.18
CA ARG F 376 -52.71 25.06 11.12
C ARG F 376 -52.11 23.66 11.14
N TYR F 377 -52.12 22.99 9.99
CA TYR F 377 -51.75 21.58 9.92
C TYR F 377 -50.33 21.35 9.48
N LEU F 378 -49.53 22.40 9.31
CA LEU F 378 -48.11 22.19 9.07
C LEU F 378 -47.54 21.36 10.21
N PRO F 379 -47.11 20.15 9.93
CA PRO F 379 -46.45 19.33 10.95
C PRO F 379 -45.00 19.76 11.21
N TYR F 380 -44.34 20.32 10.20
CA TYR F 380 -42.89 20.50 10.26
C TYR F 380 -42.42 21.92 10.03
N ARG F 381 -42.54 22.35 8.78
CA ARG F 381 -41.61 23.29 8.18
C ARG F 381 -41.87 24.71 8.63
N ARG F 382 -41.19 25.64 8.00
CA ARG F 382 -41.48 27.06 8.11
C ARG F 382 -42.54 27.38 7.08
N LEU F 383 -43.67 27.90 7.55
CA LEU F 383 -44.90 27.92 6.75
C LEU F 383 -44.70 28.51 5.36
N PRO F 384 -44.20 29.74 5.19
CA PRO F 384 -44.15 30.33 3.84
C PRO F 384 -43.52 29.40 2.82
N ASP F 385 -42.42 28.75 3.17
CA ASP F 385 -41.83 27.73 2.33
C ASP F 385 -42.90 26.72 1.97
N SER F 386 -43.33 25.94 2.97
CA SER F 386 -44.41 24.99 2.79
C SER F 386 -45.58 25.62 2.07
N ALA F 387 -45.94 26.84 2.46
CA ALA F 387 -46.96 27.58 1.73
C ALA F 387 -46.51 27.71 0.28
N LEU F 388 -45.45 28.49 0.05
CA LEU F 388 -44.92 28.64 -1.30
C LEU F 388 -44.76 27.29 -1.98
N ASP F 389 -44.30 26.29 -1.22
CA ASP F 389 -44.34 24.92 -1.70
C ASP F 389 -45.75 24.63 -2.16
N LEU F 390 -46.67 24.53 -1.20
CA LEU F 390 -48.07 24.23 -1.54
C LEU F 390 -48.57 25.16 -2.62
N VAL F 391 -48.22 26.43 -2.53
CA VAL F 391 -48.53 27.40 -3.57
C VAL F 391 -47.99 26.89 -4.89
N ASP F 392 -46.66 26.82 -5.01
CA ASP F 392 -46.05 26.28 -6.23
C ASP F 392 -46.66 24.92 -6.55
N ILE F 393 -46.80 24.08 -5.53
CA ILE F 393 -47.57 22.84 -5.66
C ILE F 393 -48.91 23.14 -6.29
N SER F 394 -49.72 23.95 -5.61
CA SER F 394 -50.97 24.40 -6.20
C SER F 394 -50.72 24.99 -7.58
N CYS F 395 -49.77 25.92 -7.67
CA CYS F 395 -49.44 26.55 -8.94
C CYS F 395 -49.09 25.51 -9.99
N ALA F 396 -47.88 24.96 -9.86
CA ALA F 396 -47.39 24.04 -10.88
C ALA F 396 -48.38 22.91 -11.10
N GLY F 397 -48.98 22.40 -10.02
CA GLY F 397 -49.81 21.22 -10.11
C GLY F 397 -50.92 21.34 -11.13
N VAL F 398 -51.77 22.36 -11.00
CA VAL F 398 -52.78 22.57 -12.01
C VAL F 398 -52.20 23.26 -13.23
N ALA F 399 -51.10 23.99 -13.06
CA ALA F 399 -50.40 24.52 -14.23
C ALA F 399 -49.88 23.38 -15.09
N VAL F 400 -49.23 22.40 -14.46
CA VAL F 400 -48.90 21.17 -15.18
C VAL F 400 -50.18 20.53 -15.71
N ALA F 401 -51.25 20.59 -14.93
CA ALA F 401 -52.54 20.16 -15.46
C ALA F 401 -52.99 21.09 -16.57
N ARG F 402 -52.61 22.36 -16.52
CA ARG F 402 -52.98 23.26 -17.60
C ARG F 402 -52.14 23.02 -18.85
N ASP F 403 -50.81 23.03 -18.68
CA ASP F 403 -49.88 22.82 -19.78
C ASP F 403 -49.63 21.33 -20.02
N SER F 404 -50.56 20.70 -20.73
CA SER F 404 -50.49 19.28 -21.05
C SER F 404 -51.84 18.81 -21.54
N LYS F 405 -52.54 19.67 -22.25
CA LYS F 405 -53.93 19.44 -22.60
C LYS F 405 -54.80 19.48 -21.34
N PRO F 406 -55.88 18.69 -21.35
CA PRO F 406 -56.78 18.63 -20.20
C PRO F 406 -56.69 17.28 -19.51
N SER F 530 -57.01 22.90 -17.06
CA SER F 530 -56.39 23.70 -18.11
C SER F 530 -57.22 24.93 -18.42
N MET F 531 -58.55 24.78 -18.34
CA MET F 531 -59.45 25.88 -18.67
C MET F 531 -59.22 27.08 -17.77
N ILE F 532 -58.84 26.85 -16.52
CA ILE F 532 -58.61 27.93 -15.57
C ILE F 532 -57.10 28.12 -15.42
N GLN F 533 -56.60 29.22 -15.98
CA GLN F 533 -55.23 29.63 -15.70
C GLN F 533 -55.18 30.35 -14.36
N ASN F 534 -56.25 31.05 -14.02
CA ASN F 534 -56.54 31.35 -12.63
C ASN F 534 -56.86 30.06 -11.90
N VAL F 535 -56.73 30.09 -10.58
CA VAL F 535 -57.00 28.90 -9.79
C VAL F 535 -57.82 29.29 -8.57
N VAL F 536 -58.66 28.35 -8.11
CA VAL F 536 -59.73 28.62 -7.17
C VAL F 536 -59.15 28.86 -5.78
N ASP F 537 -60.01 29.22 -4.83
CA ASP F 537 -59.70 29.07 -3.42
C ASP F 537 -59.54 27.60 -3.05
N SER F 538 -60.67 26.88 -3.06
CA SER F 538 -60.84 25.63 -2.33
C SER F 538 -59.79 24.57 -2.63
N ASP F 539 -59.85 23.97 -3.82
CA ASP F 539 -58.95 22.87 -4.15
C ASP F 539 -57.52 23.30 -4.04
N THR F 540 -57.23 24.51 -4.54
CA THR F 540 -55.90 25.08 -4.41
C THR F 540 -55.48 25.13 -2.95
N ILE F 541 -56.43 25.18 -2.04
CA ILE F 541 -56.09 24.99 -0.65
C ILE F 541 -56.21 23.51 -0.36
N SER F 542 -57.45 23.04 -0.25
CA SER F 542 -57.73 21.69 0.23
C SER F 542 -57.06 20.62 -0.61
N GLU F 543 -57.56 20.41 -1.83
CA GLU F 543 -57.10 19.30 -2.65
C GLU F 543 -55.58 19.29 -2.76
N THR F 544 -54.99 20.46 -2.97
CA THR F 544 -53.55 20.61 -2.91
C THR F 544 -53.04 20.18 -1.54
N ALA F 545 -53.44 20.92 -0.50
CA ALA F 545 -53.01 20.58 0.84
C ALA F 545 -53.47 19.20 1.27
N ALA F 546 -54.46 18.64 0.58
CA ALA F 546 -54.83 17.24 0.84
C ALA F 546 -53.68 16.29 0.59
N ARG F 547 -52.62 16.76 -0.07
CA ARG F 547 -51.43 15.95 -0.27
C ARG F 547 -50.47 16.03 0.90
N LEU F 548 -50.82 16.77 1.95
CA LEU F 548 -50.23 16.50 3.26
C LEU F 548 -50.84 15.22 3.84
N THR F 549 -52.14 15.27 4.16
CA THR F 549 -52.84 14.08 4.61
C THR F 549 -54.14 13.88 3.84
N GLY F 550 -55.14 14.71 4.06
CA GLY F 550 -56.38 14.52 3.34
C GLY F 550 -57.56 15.05 4.12
N ILE F 551 -58.71 14.44 3.83
CA ILE F 551 -60.01 14.77 4.40
C ILE F 551 -60.38 16.21 4.03
N PRO F 552 -60.43 16.55 2.75
CA PRO F 552 -60.59 17.97 2.37
C PRO F 552 -61.93 18.56 2.79
N VAL F 553 -63.03 17.82 2.57
CA VAL F 553 -64.34 18.37 2.84
C VAL F 553 -64.47 18.78 4.29
N LYS F 554 -63.82 18.04 5.20
CA LYS F 554 -63.76 18.48 6.58
C LYS F 554 -62.75 19.62 6.73
N LYS F 555 -61.62 19.54 6.03
CA LYS F 555 -60.74 20.70 5.94
C LYS F 555 -61.47 21.89 5.34
N LEU F 556 -62.49 21.63 4.53
CA LEU F 556 -63.30 22.68 3.93
C LEU F 556 -64.29 23.27 4.94
N SER F 557 -65.29 22.48 5.33
CA SER F 557 -66.49 23.00 5.97
C SER F 557 -66.24 23.69 7.30
N GLU F 558 -65.04 23.60 7.86
CA GLU F 558 -64.75 24.14 9.17
C GLU F 558 -64.25 25.58 9.07
N SER F 559 -64.90 26.48 9.81
CA SER F 559 -64.45 27.84 10.01
C SER F 559 -63.60 27.99 11.25
N GLU F 560 -63.27 26.87 11.90
CA GLU F 560 -62.58 26.74 13.18
C GLU F 560 -63.51 27.10 14.33
N ASN F 561 -64.57 27.85 14.01
CA ASN F 561 -65.74 27.97 14.87
C ASN F 561 -66.74 26.86 14.63
N GLU F 562 -66.86 26.42 13.37
CA GLU F 562 -67.93 25.52 12.96
C GLU F 562 -67.93 24.24 13.78
N LYS F 563 -66.77 23.85 14.32
CA LYS F 563 -66.69 22.68 15.19
C LYS F 563 -67.76 22.74 16.25
N LEU F 564 -67.58 23.66 17.21
CA LEU F 564 -68.33 23.63 18.45
C LEU F 564 -69.82 23.69 18.20
N ILE F 565 -70.26 24.74 17.50
CA ILE F 565 -71.68 24.91 17.19
C ILE F 565 -72.27 23.63 16.61
N HIS F 566 -71.52 22.96 15.74
CA HIS F 566 -71.99 21.76 15.09
C HIS F 566 -71.47 20.48 15.74
N MET F 567 -70.62 20.59 16.76
CA MET F 567 -69.92 19.43 17.30
C MET F 567 -70.88 18.47 18.00
N GLU F 568 -71.63 18.97 18.98
CA GLU F 568 -72.45 18.08 19.78
C GLU F 568 -73.58 17.48 18.98
N ARG F 569 -73.89 18.05 17.82
CA ARG F 569 -74.65 17.30 16.83
C ARG F 569 -73.77 16.25 16.17
N ASP F 570 -72.59 16.67 15.72
CA ASP F 570 -71.63 15.73 15.12
C ASP F 570 -71.27 14.65 16.12
N LEU F 571 -70.95 15.05 17.35
CA LEU F 571 -70.59 14.08 18.36
C LEU F 571 -71.77 13.16 18.67
N SER F 572 -72.99 13.65 18.48
CA SER F 572 -74.15 12.79 18.66
C SER F 572 -74.16 11.64 17.66
N SER F 573 -73.50 11.81 16.52
CA SER F 573 -73.43 10.73 15.54
C SER F 573 -72.57 9.58 16.03
N GLU F 574 -71.44 9.87 16.69
CA GLU F 574 -70.50 8.83 17.06
C GLU F 574 -70.91 8.13 18.35
N VAL F 575 -70.73 8.79 19.48
CA VAL F 575 -70.98 8.15 20.76
C VAL F 575 -72.47 8.20 21.07
N VAL F 576 -73.06 7.02 21.24
CA VAL F 576 -74.50 6.88 21.30
C VAL F 576 -75.01 7.30 22.67
N GLY F 577 -76.21 7.88 22.69
CA GLY F 577 -76.74 8.42 23.93
C GLY F 577 -75.77 9.41 24.50
N GLN F 578 -75.41 9.21 25.76
CA GLN F 578 -74.28 9.92 26.36
C GLN F 578 -74.38 11.42 26.16
N MET F 579 -75.60 11.94 26.17
CA MET F 579 -75.79 13.38 25.96
C MET F 579 -75.01 14.17 26.99
N ASP F 580 -74.78 13.60 28.17
CA ASP F 580 -73.87 14.16 29.15
C ASP F 580 -72.49 14.36 28.53
N ALA F 581 -71.85 13.25 28.14
CA ALA F 581 -70.57 13.35 27.47
C ALA F 581 -70.65 14.23 26.23
N ILE F 582 -71.78 14.19 25.55
CA ILE F 582 -72.00 15.07 24.41
C ILE F 582 -71.83 16.51 24.86
N LYS F 583 -72.74 17.00 25.69
CA LYS F 583 -72.62 18.36 26.22
C LYS F 583 -71.34 18.55 27.01
N ALA F 584 -71.26 17.91 28.17
CA ALA F 584 -70.23 18.20 29.16
C ALA F 584 -68.84 18.24 28.54
N VAL F 585 -68.42 17.11 27.98
CA VAL F 585 -67.06 17.02 27.44
C VAL F 585 -66.84 18.08 26.38
N SER F 586 -67.71 18.10 25.37
CA SER F 586 -67.56 19.06 24.27
C SER F 586 -67.64 20.49 24.77
N ASN F 587 -68.71 20.82 25.50
CA ASN F 587 -68.86 22.18 26.00
C ASN F 587 -67.64 22.58 26.82
N ALA F 588 -67.04 21.62 27.53
CA ALA F 588 -65.82 21.94 28.27
C ALA F 588 -64.64 22.13 27.33
N VAL F 589 -64.55 21.33 26.26
CA VAL F 589 -63.53 21.67 25.27
C VAL F 589 -64.02 22.81 24.40
N ARG F 590 -65.34 23.02 24.32
CA ARG F 590 -65.83 24.27 23.72
C ARG F 590 -65.30 25.46 24.50
N LEU F 591 -64.96 25.26 25.76
CA LEU F 591 -64.21 26.27 26.50
C LEU F 591 -62.73 26.19 26.18
N SER F 592 -62.21 24.99 25.92
CA SER F 592 -60.83 24.89 25.48
C SER F 592 -60.72 25.21 23.98
N ARG F 593 -61.83 25.10 23.26
CA ARG F 593 -61.98 25.78 21.99
C ARG F 593 -62.69 27.10 22.29
N SER F 594 -63.18 27.79 21.27
CA SER F 594 -63.79 29.12 21.31
C SER F 594 -62.73 30.19 21.43
N GLY F 595 -61.45 29.81 21.52
CA GLY F 595 -60.41 30.75 21.88
C GLY F 595 -60.30 30.99 23.36
N LEU F 596 -61.10 30.31 24.16
CA LEU F 596 -61.13 30.48 25.61
C LEU F 596 -60.15 29.57 26.34
N ALA F 597 -59.43 28.71 25.62
CA ALA F 597 -58.33 27.97 26.21
C ALA F 597 -57.25 28.94 26.64
N ASN F 598 -56.64 28.64 27.76
CA ASN F 598 -55.50 29.43 28.21
C ASN F 598 -54.41 29.38 27.15
N PRO F 599 -53.58 30.43 27.03
CA PRO F 599 -52.41 30.33 26.16
C PRO F 599 -51.61 29.06 26.41
N ARG F 600 -51.50 28.64 27.66
CA ARG F 600 -51.10 27.27 27.99
C ARG F 600 -52.09 26.68 28.99
N GLN F 601 -52.95 25.78 28.52
CA GLN F 601 -53.58 24.66 29.25
C GLN F 601 -54.68 24.08 28.37
N PRO F 602 -54.82 22.76 28.33
CA PRO F 602 -55.94 22.15 27.61
C PRO F 602 -57.14 21.92 28.53
N ALA F 603 -58.21 21.41 27.94
CA ALA F 603 -59.32 20.91 28.73
C ALA F 603 -58.96 19.58 29.36
N SER F 604 -59.70 19.23 30.40
CA SER F 604 -59.30 18.15 31.30
C SER F 604 -60.50 17.31 31.71
N PHE F 605 -60.33 15.98 31.66
CA PHE F 605 -61.46 15.09 31.81
C PHE F 605 -61.06 13.79 32.48
N LEU F 606 -61.94 13.28 33.33
CA LEU F 606 -61.78 11.98 33.98
C LEU F 606 -63.12 11.25 33.91
N PHE F 607 -63.14 10.08 33.30
CA PHE F 607 -64.39 9.45 32.90
C PHE F 607 -64.51 8.04 33.47
N LEU F 608 -65.74 7.69 33.81
CA LEU F 608 -66.11 6.37 34.30
C LEU F 608 -67.05 5.71 33.31
N GLY F 609 -67.03 4.40 33.27
CA GLY F 609 -67.99 3.66 32.47
C GLY F 609 -67.33 2.42 31.89
N LEU F 610 -67.99 1.85 30.89
CA LEU F 610 -67.39 0.80 30.08
C LEU F 610 -66.15 1.38 29.42
N SER F 611 -65.08 0.59 29.38
CA SER F 611 -64.00 0.86 28.44
C SER F 611 -64.32 0.03 27.22
N GLY F 612 -64.71 0.69 26.13
CA GLY F 612 -65.59 0.08 25.16
C GLY F 612 -66.96 0.70 25.10
N SER F 613 -67.27 1.63 25.99
CA SER F 613 -68.52 2.38 25.97
C SER F 613 -68.55 3.38 24.82
N GLY F 614 -67.47 3.44 24.06
CA GLY F 614 -67.20 4.58 23.21
C GLY F 614 -66.39 5.63 23.91
N LYS F 615 -65.96 5.35 25.13
CA LYS F 615 -65.04 6.17 25.91
C LYS F 615 -63.85 6.62 25.07
N THR F 616 -62.99 5.67 24.74
CA THR F 616 -61.89 5.95 23.82
C THR F 616 -62.43 6.51 22.50
N GLU F 617 -63.47 5.88 21.94
CA GLU F 617 -64.07 6.38 20.72
C GLU F 617 -64.49 7.84 20.87
N LEU F 618 -65.06 8.20 22.02
CA LEU F 618 -65.31 9.60 22.31
C LEU F 618 -64.05 10.41 22.06
N ALA F 619 -62.98 10.11 22.80
CA ALA F 619 -61.73 10.82 22.58
C ALA F 619 -61.13 10.50 21.22
N LYS F 620 -61.48 9.35 20.63
CA LYS F 620 -61.18 9.15 19.22
C LYS F 620 -62.02 10.08 18.36
N LYS F 621 -63.34 10.09 18.60
CA LYS F 621 -64.19 11.10 18.02
C LYS F 621 -63.59 12.49 18.22
N VAL F 622 -63.19 12.79 19.46
CA VAL F 622 -62.47 14.02 19.73
C VAL F 622 -61.29 14.13 18.79
N ALA F 623 -60.36 13.19 18.90
CA ALA F 623 -59.22 13.15 17.98
C ALA F 623 -59.69 13.27 16.54
N GLY F 624 -60.70 12.48 16.19
CA GLY F 624 -61.27 12.53 14.85
C GLY F 624 -61.95 13.85 14.57
N PHE F 625 -62.92 14.23 15.40
CA PHE F 625 -63.60 15.50 15.19
C PHE F 625 -62.59 16.65 15.26
N LEU F 626 -62.04 16.88 16.45
CA LEU F 626 -61.22 18.06 16.71
C LEU F 626 -60.06 18.15 15.72
N PHE F 627 -59.16 17.18 15.74
CA PHE F 627 -57.94 17.33 14.96
C PHE F 627 -58.02 16.70 13.59
N ASN F 628 -59.15 16.08 13.23
CA ASN F 628 -59.29 15.35 11.97
C ASN F 628 -58.24 14.25 11.84
N ASP F 629 -57.77 13.72 12.97
CA ASP F 629 -56.73 12.70 12.98
C ASP F 629 -57.02 11.67 14.06
N GLU F 630 -56.93 10.40 13.67
CA GLU F 630 -57.05 9.32 14.64
C GLU F 630 -55.77 9.12 15.43
N ASP F 631 -54.62 9.52 14.87
CA ASP F 631 -53.36 9.38 15.60
C ASP F 631 -53.35 10.25 16.84
N MET F 632 -54.15 11.31 16.86
CA MET F 632 -54.14 12.24 17.97
C MET F 632 -54.34 11.51 19.29
N MET F 633 -55.36 10.67 19.35
CA MET F 633 -55.57 9.92 20.58
C MET F 633 -54.49 8.86 20.70
N ILE F 634 -53.76 8.89 21.81
CA ILE F 634 -52.58 8.06 22.00
C ILE F 634 -52.76 7.27 23.27
N ARG F 635 -52.44 5.97 23.22
CA ARG F 635 -52.45 5.17 24.42
C ARG F 635 -51.32 5.61 25.32
N VAL F 636 -51.66 6.05 26.52
CA VAL F 636 -50.68 6.40 27.55
C VAL F 636 -51.15 5.71 28.81
N ASP F 637 -50.38 4.75 29.30
CA ASP F 637 -50.82 3.97 30.45
C ASP F 637 -50.28 4.62 31.71
N CYS F 638 -51.16 5.22 32.50
CA CYS F 638 -50.75 5.65 33.82
C CYS F 638 -50.51 4.45 34.71
N SER F 639 -51.40 3.47 34.65
CA SER F 639 -51.33 2.27 35.47
C SER F 639 -49.97 1.60 35.40
N GLU F 640 -49.64 1.02 34.24
CA GLU F 640 -48.40 0.26 34.13
C GLU F 640 -47.19 1.16 33.90
N LEU F 641 -47.35 2.22 33.12
CA LEU F 641 -46.25 3.18 32.97
C LEU F 641 -46.49 4.19 34.07
N SER F 642 -45.74 4.05 35.17
CA SER F 642 -46.26 4.56 36.42
C SER F 642 -45.23 5.31 37.28
N GLU F 643 -44.22 4.62 37.79
CA GLU F 643 -43.36 5.22 38.80
C GLU F 643 -42.07 5.78 38.20
N LYS F 644 -41.16 4.91 37.76
CA LYS F 644 -39.97 5.33 37.07
C LYS F 644 -40.21 5.44 35.56
N TYR F 645 -41.46 5.25 35.13
CA TYR F 645 -41.88 5.74 33.83
C TYR F 645 -41.77 7.26 33.76
N ALA F 646 -41.68 7.93 34.91
CA ALA F 646 -41.23 9.32 34.93
C ALA F 646 -39.88 9.46 34.22
N VAL F 647 -39.08 8.39 34.24
CA VAL F 647 -37.92 8.31 33.37
C VAL F 647 -38.33 7.85 31.97
N SER F 648 -39.37 7.02 31.86
CA SER F 648 -39.74 6.41 30.59
C SER F 648 -40.86 7.15 29.86
N LYS F 649 -41.44 8.20 30.44
CA LYS F 649 -42.20 9.16 29.63
C LYS F 649 -41.34 10.31 29.17
N LEU F 650 -40.17 10.47 29.77
CA LEU F 650 -39.04 11.28 29.31
C LEU F 650 -37.94 11.14 30.35
N LEU F 651 -36.71 11.37 29.93
CA LEU F 651 -35.57 11.25 30.83
C LEU F 651 -34.55 12.31 30.50
N GLY F 652 -34.18 13.11 31.51
CA GLY F 652 -33.00 13.93 31.34
C GLY F 652 -31.88 12.97 31.03
N THR F 653 -31.25 13.13 29.87
CA THR F 653 -30.50 12.02 29.28
C THR F 653 -29.30 11.71 30.14
N THR F 654 -29.22 10.45 30.58
CA THR F 654 -28.20 10.03 31.54
C THR F 654 -27.31 8.94 30.95
N ASP F 661 -33.90 9.62 19.81
CA ASP F 661 -34.32 8.86 20.97
C ASP F 661 -35.19 9.72 21.88
N GLU F 662 -36.43 9.29 22.08
CA GLU F 662 -37.23 9.88 23.15
C GLU F 662 -36.54 9.68 24.48
N GLY F 663 -36.48 10.73 25.29
CA GLY F 663 -36.22 10.51 26.69
C GLY F 663 -37.22 9.56 27.31
N GLY F 664 -38.41 9.48 26.72
CA GLY F 664 -39.43 8.55 27.16
C GLY F 664 -40.66 8.72 26.30
N PHE F 665 -41.66 7.88 26.56
CA PHE F 665 -42.79 7.72 25.66
C PHE F 665 -43.45 9.04 25.30
N LEU F 666 -43.86 9.80 26.31
CA LEU F 666 -44.76 10.93 26.09
C LEU F 666 -44.18 11.99 25.19
N THR F 667 -42.89 11.94 24.87
CA THR F 667 -42.31 13.10 24.21
C THR F 667 -42.62 13.12 22.72
N ASN F 668 -41.93 12.28 21.93
CA ASN F 668 -42.06 12.45 20.49
C ASN F 668 -43.44 12.04 19.99
N GLN F 669 -44.26 11.47 20.87
CA GLN F 669 -45.69 11.41 20.59
C GLN F 669 -46.14 12.80 20.23
N LEU F 670 -46.09 13.71 21.20
CA LEU F 670 -46.43 15.10 20.96
C LEU F 670 -45.26 15.89 20.38
N GLN F 671 -44.02 15.60 20.82
CA GLN F 671 -42.87 16.42 20.43
C GLN F 671 -42.83 16.62 18.93
N TYR F 672 -43.18 15.60 18.17
CA TYR F 672 -43.43 15.80 16.75
C TYR F 672 -44.70 16.61 16.53
N LYS F 673 -45.81 16.18 17.15
CA LYS F 673 -47.15 16.62 16.78
C LYS F 673 -47.80 17.28 17.98
N PRO F 674 -47.67 18.60 18.12
CA PRO F 674 -48.30 19.29 19.26
C PRO F 674 -49.79 19.03 19.36
N TYR F 675 -50.46 18.83 18.23
CA TYR F 675 -51.83 18.35 18.26
C TYR F 675 -51.83 16.89 18.68
N SER F 676 -52.59 16.57 19.72
CA SER F 676 -52.73 15.19 20.17
C SER F 676 -53.98 15.07 21.02
N VAL F 677 -54.40 13.84 21.26
CA VAL F 677 -55.42 13.52 22.25
C VAL F 677 -54.81 12.52 23.23
N LEU F 678 -54.97 12.77 24.52
CA LEU F 678 -54.29 12.01 25.55
C LEU F 678 -55.23 10.99 26.15
N LEU F 679 -54.87 9.71 26.07
CA LEU F 679 -55.56 8.67 26.81
C LEU F 679 -54.65 8.20 27.93
N PHE F 680 -54.99 8.57 29.16
CA PHE F 680 -54.19 8.26 30.34
C PHE F 680 -54.86 7.11 31.08
N ASP F 681 -54.23 5.93 31.03
CA ASP F 681 -54.94 4.69 31.32
C ASP F 681 -55.07 4.50 32.82
N GLU F 682 -56.32 4.44 33.30
CA GLU F 682 -56.66 4.18 34.70
C GLU F 682 -55.73 4.95 35.61
N VAL F 683 -55.87 6.28 35.60
CA VAL F 683 -54.85 7.15 36.14
C VAL F 683 -54.58 6.84 37.61
N GLU F 684 -55.63 6.54 38.37
CA GLU F 684 -55.45 6.25 39.79
C GLU F 684 -54.67 4.98 40.05
N LYS F 685 -54.41 4.18 39.02
CA LYS F 685 -53.55 3.02 39.15
C LYS F 685 -52.10 3.37 38.87
N ALA F 686 -51.80 4.62 38.53
CA ALA F 686 -50.43 5.07 38.39
C ALA F 686 -49.78 5.27 39.75
N HIS F 687 -48.46 5.28 39.77
CA HIS F 687 -47.78 5.70 40.99
C HIS F 687 -47.84 7.22 41.13
N PRO F 688 -47.94 7.71 42.36
CA PRO F 688 -47.93 9.17 42.56
C PRO F 688 -46.65 9.85 42.08
N ASP F 689 -45.59 9.08 41.83
CA ASP F 689 -44.33 9.66 41.40
C ASP F 689 -44.53 10.58 40.20
N VAL F 690 -45.33 10.16 39.24
CA VAL F 690 -45.60 10.99 38.07
C VAL F 690 -46.68 12.03 38.28
N LEU F 691 -47.64 11.82 39.19
CA LEU F 691 -48.81 12.69 39.22
C LEU F 691 -48.42 14.15 39.41
N THR F 692 -47.29 14.42 40.05
CA THR F 692 -46.74 15.77 40.12
C THR F 692 -46.50 16.32 38.72
N VAL F 693 -45.62 15.69 37.95
CA VAL F 693 -45.40 16.12 36.58
C VAL F 693 -46.63 15.82 35.72
N MET F 694 -47.50 14.93 36.18
CA MET F 694 -48.83 14.84 35.55
C MET F 694 -49.65 16.07 35.86
N LEU F 695 -49.62 16.53 37.11
CA LEU F 695 -50.20 17.84 37.40
C LEU F 695 -49.46 18.92 36.63
N GLN F 696 -48.15 18.77 36.46
CA GLN F 696 -47.42 19.68 35.59
C GLN F 696 -47.87 19.53 34.15
N MET F 697 -48.49 18.41 33.79
CA MET F 697 -49.23 18.36 32.54
C MET F 697 -50.55 19.09 32.69
N LEU F 698 -51.29 18.79 33.76
CA LEU F 698 -52.55 19.48 34.03
C LEU F 698 -52.31 20.98 34.14
N ASP F 699 -51.57 21.40 35.15
CA ASP F 699 -51.09 22.77 35.19
C ASP F 699 -50.25 23.06 33.96
N ASP F 700 -50.38 24.28 33.45
CA ASP F 700 -49.45 24.93 32.52
C ASP F 700 -49.34 24.19 31.19
N GLY F 701 -49.89 22.98 31.12
CA GLY F 701 -49.94 22.22 29.89
C GLY F 701 -48.61 21.95 29.24
N ARG F 702 -47.51 22.03 29.98
CA ARG F 702 -46.19 21.81 29.39
C ARG F 702 -45.28 21.09 30.40
N ILE F 703 -44.31 20.35 29.86
CA ILE F 703 -43.45 19.48 30.65
C ILE F 703 -42.01 19.64 30.20
N THR F 704 -41.11 19.81 31.16
CA THR F 704 -39.68 19.77 30.90
C THR F 704 -39.29 18.42 30.32
N SER F 705 -38.56 18.43 29.22
CA SER F 705 -38.23 17.23 28.47
C SER F 705 -36.92 16.62 28.96
N GLY F 706 -36.45 15.60 28.23
CA GLY F 706 -35.14 15.04 28.52
C GLY F 706 -34.03 16.03 28.27
N GLN F 707 -34.07 16.72 27.13
CA GLN F 707 -33.20 17.88 26.95
C GLN F 707 -33.63 19.05 27.80
N GLY F 708 -34.77 18.95 28.47
CA GLY F 708 -35.27 19.99 29.34
C GLY F 708 -36.35 20.86 28.73
N LYS F 709 -36.57 20.76 27.42
CA LYS F 709 -37.59 21.59 26.79
C LYS F 709 -38.94 21.36 27.42
N THR F 710 -39.73 22.43 27.54
CA THR F 710 -41.06 22.37 28.11
C THR F 710 -42.02 22.61 26.96
N ILE F 711 -42.72 21.56 26.54
CA ILE F 711 -43.35 21.51 25.23
C ILE F 711 -44.86 21.66 25.37
N ASP F 712 -45.47 22.34 24.40
CA ASP F 712 -46.87 22.73 24.50
C ASP F 712 -47.77 21.53 24.27
N CYS F 713 -48.53 21.17 25.30
CA CYS F 713 -49.63 20.21 25.19
C CYS F 713 -50.99 20.88 25.12
N SER F 714 -51.05 22.22 25.21
CA SER F 714 -52.34 22.90 25.30
C SER F 714 -53.14 22.79 24.02
N ASN F 715 -52.50 22.47 22.90
CA ASN F 715 -53.24 22.13 21.69
C ASN F 715 -54.13 20.92 21.93
N CYS F 716 -53.73 20.06 22.86
CA CYS F 716 -54.41 18.80 23.14
C CYS F 716 -55.58 19.05 24.08
N ILE F 717 -56.15 17.96 24.59
CA ILE F 717 -57.07 17.96 25.73
C ILE F 717 -56.61 16.86 26.66
N VAL F 718 -56.16 17.23 27.86
CA VAL F 718 -55.71 16.20 28.80
C VAL F 718 -56.92 15.40 29.28
N ILE F 719 -56.83 14.09 29.18
CA ILE F 719 -57.90 13.20 29.60
C ILE F 719 -57.36 12.23 30.62
N MET F 720 -58.11 12.02 31.69
CA MET F 720 -57.78 11.02 32.69
C MET F 720 -58.84 9.93 32.65
N THR F 721 -58.46 8.75 33.09
CA THR F 721 -59.38 7.61 33.05
C THR F 721 -59.41 6.93 34.40
N SER F 722 -60.62 6.58 34.82
CA SER F 722 -60.86 5.81 36.04
C SER F 722 -62.01 4.86 35.76
N ASN F 723 -61.83 3.60 36.09
CA ASN F 723 -62.93 2.65 35.97
C ASN F 723 -63.62 2.37 37.30
N LEU F 724 -63.14 2.94 38.40
CA LEU F 724 -63.59 2.54 39.74
C LEU F 724 -65.09 2.73 39.93
N GLY F 725 -65.71 3.61 39.16
CA GLY F 725 -67.14 3.79 39.22
C GLY F 725 -67.94 2.64 38.65
N ALA F 726 -67.29 1.67 38.01
CA ALA F 726 -67.98 0.45 37.62
C ALA F 726 -68.68 -0.17 38.81
N GLU F 727 -68.02 -0.16 39.97
CA GLU F 727 -68.67 -0.34 41.25
C GLU F 727 -69.89 0.55 41.28
N PHE F 728 -69.63 1.86 41.23
CA PHE F 728 -70.65 2.87 41.42
C PHE F 728 -71.69 2.86 40.32
N ILE F 729 -71.42 2.15 39.21
CA ILE F 729 -72.45 1.88 38.21
C ILE F 729 -73.58 1.09 38.85
N ASN F 730 -73.38 0.54 40.05
CA ASN F 730 -74.49 0.03 40.84
C ASN F 730 -75.61 1.06 40.91
N SER F 731 -75.25 2.33 41.12
CA SER F 731 -76.24 3.40 41.01
C SER F 731 -76.83 3.43 39.60
N GLN F 732 -75.97 3.30 38.58
CA GLN F 732 -76.47 3.25 37.22
C GLN F 732 -77.22 1.95 36.96
N GLN F 733 -76.85 0.88 37.67
CA GLN F 733 -77.67 -0.32 37.65
C GLN F 733 -79.07 -0.02 38.20
N GLY F 734 -79.15 0.85 39.20
CA GLY F 734 -80.42 1.34 39.68
C GLY F 734 -80.92 2.51 38.86
N SER F 735 -80.18 2.85 37.80
CA SER F 735 -80.53 3.93 36.89
C SER F 735 -80.68 5.25 37.63
N LYS F 736 -79.81 5.48 38.60
CA LYS F 736 -79.80 6.74 39.33
C LYS F 736 -79.34 7.87 38.43
N ILE F 737 -79.66 9.10 38.85
CA ILE F 737 -78.84 10.21 38.40
C ILE F 737 -77.53 10.12 39.16
N GLN F 738 -76.44 9.97 38.42
CA GLN F 738 -75.25 9.37 39.02
C GLN F 738 -74.61 10.28 40.06
N GLU F 739 -74.99 11.56 40.09
CA GLU F 739 -74.51 12.44 41.14
C GLU F 739 -74.84 11.87 42.52
N SER F 740 -75.80 10.94 42.58
CA SER F 740 -75.92 10.03 43.70
C SER F 740 -74.54 9.52 44.05
N THR F 741 -73.92 8.76 43.13
CA THR F 741 -72.58 8.30 43.40
C THR F 741 -71.49 9.20 42.84
N LYS F 742 -71.81 10.16 41.96
CA LYS F 742 -70.75 11.01 41.44
C LYS F 742 -70.11 11.83 42.55
N ASN F 743 -70.91 12.22 43.54
CA ASN F 743 -70.34 12.67 44.81
C ASN F 743 -69.35 11.64 45.33
N LEU F 744 -69.84 10.44 45.64
CA LEU F 744 -68.96 9.35 46.05
C LEU F 744 -67.83 9.15 45.03
N VAL F 745 -68.17 9.20 43.74
CA VAL F 745 -67.13 9.22 42.71
C VAL F 745 -66.15 10.35 42.98
N MET F 746 -66.64 11.59 42.97
CA MET F 746 -65.80 12.71 43.37
C MET F 746 -65.10 12.39 44.67
N GLY F 747 -65.85 11.95 45.67
CA GLY F 747 -65.23 11.44 46.88
C GLY F 747 -64.16 10.42 46.57
N ALA F 748 -64.50 9.42 45.74
CA ALA F 748 -63.55 8.37 45.42
C ALA F 748 -62.30 8.92 44.76
N VAL F 749 -62.46 9.88 43.85
CA VAL F 749 -61.28 10.41 43.17
C VAL F 749 -60.57 11.43 44.06
N ARG F 750 -61.33 12.23 44.80
CA ARG F 750 -60.70 13.17 45.72
C ARG F 750 -59.88 12.44 46.77
N GLN F 751 -60.12 11.14 46.93
CA GLN F 751 -59.37 10.34 47.90
C GLN F 751 -57.87 10.43 47.67
N HIS F 752 -57.43 10.13 46.44
CA HIS F 752 -56.05 9.71 46.22
C HIS F 752 -55.12 10.83 45.77
N PHE F 753 -55.61 12.05 45.58
CA PHE F 753 -54.84 12.98 44.77
C PHE F 753 -54.84 14.39 45.33
N ARG F 754 -53.89 15.16 44.81
CA ARG F 754 -53.87 16.60 45.03
C ARG F 754 -55.16 17.22 44.54
N PRO F 755 -55.82 18.05 45.36
CA PRO F 755 -56.95 18.83 44.82
C PRO F 755 -56.60 19.58 43.54
N GLU F 756 -55.39 20.15 43.48
CA GLU F 756 -54.87 20.70 42.24
C GLU F 756 -55.02 19.68 41.13
N PHE F 757 -54.31 18.56 41.29
CA PHE F 757 -54.41 17.44 40.36
C PHE F 757 -55.87 17.05 40.13
N LEU F 758 -56.71 17.19 41.15
CA LEU F 758 -58.13 16.89 41.05
C LEU F 758 -58.91 18.02 40.37
N ASN F 759 -58.68 19.26 40.80
CA ASN F 759 -59.49 20.38 40.33
C ASN F 759 -59.22 20.76 38.89
N ARG F 760 -58.21 20.16 38.25
CA ARG F 760 -57.96 20.51 36.86
C ARG F 760 -59.05 20.01 35.96
N ILE F 761 -59.70 18.89 36.30
CA ILE F 761 -60.65 18.27 35.38
C ILE F 761 -61.75 19.26 35.06
N SER F 762 -61.90 19.57 33.77
CA SER F 762 -63.05 20.34 33.31
C SER F 762 -64.33 19.59 33.64
N SER F 763 -64.52 18.43 33.05
CA SER F 763 -65.73 17.63 33.25
C SER F 763 -65.39 16.18 33.53
N ILE F 764 -66.01 15.64 34.56
CA ILE F 764 -66.06 14.20 34.80
C ILE F 764 -67.43 13.72 34.36
N VAL F 765 -67.44 12.73 33.47
CA VAL F 765 -68.68 12.25 32.88
C VAL F 765 -68.78 10.75 33.14
N ILE F 766 -69.74 10.36 33.98
CA ILE F 766 -70.16 8.98 34.02
C ILE F 766 -70.77 8.61 32.67
N PHE F 767 -70.52 7.40 32.22
CA PHE F 767 -71.06 6.95 30.94
C PHE F 767 -72.30 6.10 31.23
N ASN F 768 -73.44 6.61 30.78
CA ASN F 768 -74.74 6.18 31.28
C ASN F 768 -75.05 4.75 30.87
N LYS F 769 -76.04 4.18 31.57
CA LYS F 769 -76.56 2.87 31.24
C LYS F 769 -76.92 2.80 29.76
N LEU F 770 -76.60 1.66 29.15
CA LEU F 770 -76.92 1.48 27.75
C LEU F 770 -78.40 1.13 27.63
N SER F 771 -79.17 2.00 26.99
CA SER F 771 -80.48 1.62 26.52
C SER F 771 -80.33 0.74 25.29
N ARG F 772 -81.39 0.01 24.97
CA ARG F 772 -81.37 -0.82 23.77
C ARG F 772 -80.84 -0.03 22.59
N LYS F 773 -81.36 1.18 22.39
CA LYS F 773 -80.77 2.12 21.45
C LYS F 773 -79.26 2.17 21.65
N ALA F 774 -78.84 2.64 22.82
CA ALA F 774 -77.42 2.69 23.14
C ALA F 774 -76.74 1.37 22.84
N ILE F 775 -77.38 0.26 23.22
CA ILE F 775 -76.93 -1.04 22.74
C ILE F 775 -77.00 -1.10 21.22
N HIS F 776 -78.22 -1.10 20.66
CA HIS F 776 -78.31 -1.51 19.26
C HIS F 776 -78.02 -0.39 18.28
N LYS F 777 -77.63 0.81 18.73
CA LYS F 777 -77.10 1.75 17.76
C LYS F 777 -75.63 1.49 17.50
N ILE F 778 -75.03 0.56 18.24
CA ILE F 778 -73.64 0.17 18.02
C ILE F 778 -73.62 -0.72 16.80
N VAL F 779 -74.81 -1.14 16.36
CA VAL F 779 -74.96 -1.95 15.16
C VAL F 779 -74.27 -1.28 13.99
N ASP F 780 -74.73 -0.09 13.60
CA ASP F 780 -74.21 0.51 12.38
C ASP F 780 -72.71 0.76 12.47
N ILE F 781 -72.19 0.96 13.68
CA ILE F 781 -70.73 0.98 13.86
C ILE F 781 -70.12 -0.22 13.17
N ARG F 782 -70.52 -1.41 13.62
CA ARG F 782 -70.15 -2.64 12.93
C ARG F 782 -70.47 -2.55 11.45
N LEU F 783 -71.73 -2.23 11.14
CA LEU F 783 -72.16 -2.16 9.74
C LEU F 783 -71.23 -1.26 8.94
N LYS F 784 -70.88 -0.10 9.50
CA LYS F 784 -69.90 0.77 8.87
C LYS F 784 -68.60 0.03 8.62
N GLU F 785 -67.95 -0.44 9.68
CA GLU F 785 -66.70 -1.16 9.51
C GLU F 785 -66.88 -2.47 8.77
N ILE F 786 -68.11 -2.90 8.49
CA ILE F 786 -68.33 -3.94 7.50
C ILE F 786 -68.17 -3.34 6.13
N GLU F 787 -69.05 -2.39 5.81
CA GLU F 787 -69.10 -1.82 4.47
C GLU F 787 -67.79 -1.14 4.09
N GLU F 788 -67.04 -0.66 5.09
CA GLU F 788 -65.78 0.04 4.82
C GLU F 788 -64.86 -0.77 3.93
N ARG F 789 -65.03 -2.09 3.89
CA ARG F 789 -64.14 -2.98 3.16
C ARG F 789 -64.87 -3.65 2.02
N PHE F 790 -65.84 -4.53 2.32
CA PHE F 790 -66.62 -5.20 1.29
C PHE F 790 -67.25 -4.15 0.40
N GLU F 791 -68.25 -3.47 0.95
CA GLU F 791 -69.00 -2.49 0.20
C GLU F 791 -68.17 -1.25 -0.15
N GLN F 792 -66.99 -1.08 0.47
CA GLN F 792 -66.17 0.06 0.09
C GLN F 792 -64.80 -0.34 -0.43
N ASN F 793 -63.86 -0.67 0.45
CA ASN F 793 -62.48 -0.65 -0.03
C ASN F 793 -62.05 -1.95 -0.69
N ASP F 794 -62.93 -2.96 -0.77
CA ASP F 794 -62.61 -4.08 -1.64
C ASP F 794 -63.77 -4.53 -2.52
N LYS F 795 -64.76 -5.17 -1.92
CA LYS F 795 -65.68 -6.03 -2.67
C LYS F 795 -66.82 -5.29 -3.36
N HIS F 796 -67.28 -4.17 -2.79
CA HIS F 796 -68.54 -3.56 -3.22
C HIS F 796 -69.69 -4.56 -3.03
N TYR F 797 -69.82 -5.04 -1.80
CA TYR F 797 -70.87 -5.99 -1.42
C TYR F 797 -71.82 -5.36 -0.42
N LYS F 798 -73.11 -5.38 -0.74
CA LYS F 798 -74.13 -4.73 0.09
C LYS F 798 -74.37 -5.53 1.36
N LEU F 799 -74.89 -4.88 2.39
CA LEU F 799 -75.11 -5.50 3.68
C LEU F 799 -76.51 -5.21 4.21
N ASN F 800 -77.16 -6.22 4.76
CA ASN F 800 -78.42 -6.05 5.45
C ASN F 800 -78.46 -6.94 6.68
N LEU F 801 -79.12 -6.46 7.73
CA LEU F 801 -79.36 -7.25 8.93
C LEU F 801 -80.80 -7.06 9.39
N THR F 802 -81.16 -7.77 10.46
CA THR F 802 -82.42 -7.60 11.15
C THR F 802 -82.15 -7.71 12.64
N GLN F 803 -82.94 -6.99 13.44
CA GLN F 803 -82.81 -7.12 14.89
C GLN F 803 -83.01 -8.56 15.34
N GLU F 804 -83.73 -9.34 14.55
CA GLU F 804 -83.79 -10.79 14.73
C GLU F 804 -82.39 -11.33 14.95
N ALA F 805 -81.57 -11.26 13.90
CA ALA F 805 -80.17 -11.64 14.01
C ALA F 805 -79.42 -10.71 14.95
N LYS F 806 -79.80 -9.43 15.00
CA LYS F 806 -79.05 -8.50 15.83
C LYS F 806 -79.34 -8.74 17.31
N ASP F 807 -80.55 -9.15 17.64
CA ASP F 807 -80.80 -9.64 18.98
C ASP F 807 -80.17 -11.02 19.17
N PHE F 808 -80.19 -11.83 18.12
CA PHE F 808 -79.35 -13.02 18.07
C PHE F 808 -77.87 -12.63 18.18
N LEU F 809 -77.57 -11.33 18.03
CA LEU F 809 -76.25 -10.81 18.34
C LEU F 809 -76.26 -10.07 19.67
N ALA F 810 -76.78 -8.84 19.64
CA ALA F 810 -76.55 -7.88 20.71
C ALA F 810 -76.84 -8.45 22.08
N LYS F 811 -77.93 -9.22 22.21
CA LYS F 811 -78.25 -9.87 23.46
C LYS F 811 -77.04 -10.62 23.95
N TYR F 812 -76.62 -11.65 23.21
CA TYR F 812 -75.30 -12.22 23.43
C TYR F 812 -74.22 -11.17 23.21
N GLY F 813 -74.39 -10.34 22.19
CA GLY F 813 -73.34 -9.39 21.81
C GLY F 813 -72.96 -8.44 22.92
N TYR F 814 -73.92 -8.09 23.77
CA TYR F 814 -73.60 -7.26 24.91
C TYR F 814 -73.13 -8.12 26.07
N SER F 815 -72.05 -7.67 26.69
CA SER F 815 -71.61 -8.18 27.98
C SER F 815 -71.63 -7.03 28.97
N ASP F 816 -71.91 -7.33 30.22
CA ASP F 816 -72.05 -6.30 31.24
C ASP F 816 -70.80 -5.43 31.34
N ASP F 817 -69.71 -6.00 31.85
CA ASP F 817 -68.55 -5.18 32.21
C ASP F 817 -67.83 -4.65 30.99
N MET F 818 -67.72 -5.46 29.94
CA MET F 818 -66.97 -5.07 28.75
C MET F 818 -67.88 -4.53 27.65
N GLY F 819 -69.18 -4.43 27.90
CA GLY F 819 -70.05 -3.90 26.86
C GLY F 819 -70.18 -4.87 25.71
N ALA F 820 -70.27 -4.32 24.50
CA ALA F 820 -70.30 -5.09 23.28
C ALA F 820 -68.92 -5.24 22.66
N ARG F 821 -67.88 -4.73 23.33
CA ARG F 821 -66.50 -5.00 22.93
C ARG F 821 -66.33 -6.49 22.66
N PRO F 822 -66.96 -7.38 23.44
CA PRO F 822 -67.07 -8.77 22.98
C PRO F 822 -67.66 -8.90 21.59
N LEU F 823 -68.78 -8.23 21.32
CA LEU F 823 -69.52 -8.51 20.10
C LEU F 823 -68.68 -8.20 18.87
N ASN F 824 -67.85 -7.17 18.94
CA ASN F 824 -66.94 -6.86 17.84
C ASN F 824 -66.14 -8.10 17.46
N ARG F 825 -65.30 -8.58 18.37
CA ARG F 825 -64.53 -9.77 18.09
C ARG F 825 -65.41 -11.03 18.05
N LEU F 826 -66.69 -10.91 18.40
CA LEU F 826 -67.63 -11.99 18.13
C LEU F 826 -67.97 -12.05 16.65
N ILE F 827 -68.53 -10.97 16.11
CA ILE F 827 -68.98 -10.88 14.71
C ILE F 827 -67.90 -11.40 13.78
N GLN F 828 -66.65 -11.36 14.26
CA GLN F 828 -65.46 -11.64 13.47
C GLN F 828 -65.57 -12.94 12.67
N ASN F 829 -66.43 -13.87 13.08
CA ASN F 829 -66.60 -15.06 12.27
C ASN F 829 -68.05 -15.41 11.99
N GLU F 830 -68.79 -15.86 13.01
CA GLU F 830 -70.12 -16.43 12.80
C GLU F 830 -71.01 -15.53 11.97
N ILE F 831 -70.69 -14.24 11.93
CA ILE F 831 -71.37 -13.30 11.05
C ILE F 831 -70.46 -13.08 9.85
N LEU F 832 -69.27 -12.55 10.11
CA LEU F 832 -68.24 -12.39 9.10
C LEU F 832 -68.00 -13.67 8.33
N ASN F 833 -67.37 -14.65 8.99
CA ASN F 833 -66.91 -15.84 8.29
C ASN F 833 -68.06 -16.65 7.74
N LYS F 834 -69.26 -16.48 8.29
CA LYS F 834 -70.46 -16.97 7.62
C LYS F 834 -70.45 -16.55 6.16
N LEU F 835 -70.04 -15.32 5.89
CA LEU F 835 -69.84 -14.91 4.51
C LEU F 835 -68.54 -15.48 3.95
N ALA F 836 -67.44 -15.36 4.70
CA ALA F 836 -66.18 -15.92 4.23
C ALA F 836 -66.35 -17.38 3.86
N LEU F 837 -67.24 -18.08 4.56
CA LEU F 837 -67.83 -19.28 4.03
C LEU F 837 -68.48 -18.97 2.69
N ARG F 838 -69.61 -18.25 2.74
CA ARG F 838 -70.45 -18.04 1.56
C ARG F 838 -69.69 -17.40 0.40
N ILE F 839 -68.56 -16.74 0.68
CA ILE F 839 -67.77 -16.10 -0.36
C ILE F 839 -67.48 -17.09 -1.47
N LEU F 840 -66.66 -18.08 -1.16
CA LEU F 840 -66.37 -19.09 -2.16
C LEU F 840 -67.48 -20.13 -2.23
N LYS F 841 -68.35 -20.19 -1.22
CA LYS F 841 -69.52 -21.04 -1.33
C LYS F 841 -70.52 -20.47 -2.31
N ASN F 842 -70.52 -19.15 -2.49
CA ASN F 842 -70.83 -18.46 -3.74
C ASN F 842 -72.24 -18.72 -4.25
N GLU F 843 -73.02 -19.56 -3.56
CA GLU F 843 -74.40 -19.81 -3.96
C GLU F 843 -75.13 -18.50 -4.22
N ILE F 844 -74.92 -17.53 -3.34
CA ILE F 844 -75.22 -16.14 -3.65
C ILE F 844 -73.89 -15.38 -3.60
N LYS F 845 -73.80 -14.34 -4.42
CA LYS F 845 -72.52 -13.76 -4.82
C LYS F 845 -72.33 -12.34 -4.28
N ASP F 846 -71.24 -11.73 -4.71
CA ASP F 846 -70.88 -10.37 -4.35
C ASP F 846 -71.94 -9.39 -4.83
N LYS F 847 -71.95 -8.21 -4.20
CA LYS F 847 -72.81 -7.09 -4.57
C LYS F 847 -74.24 -7.36 -4.11
N GLU F 848 -74.47 -8.54 -3.54
CA GLU F 848 -75.77 -8.90 -2.97
C GLU F 848 -75.84 -8.47 -1.51
N THR F 849 -76.94 -8.79 -0.84
CA THR F 849 -76.96 -8.92 0.61
C THR F 849 -78.06 -9.87 1.02
N VAL F 850 -77.79 -10.68 2.04
CA VAL F 850 -78.79 -11.52 2.68
C VAL F 850 -78.55 -11.49 4.18
N ASN F 851 -79.52 -10.99 4.94
CA ASN F 851 -79.47 -11.10 6.38
C ASN F 851 -79.97 -12.47 6.85
N VAL F 852 -79.49 -12.87 8.03
CA VAL F 852 -79.94 -14.12 8.64
C VAL F 852 -80.90 -13.80 9.78
PG ATP G . -1.70 42.32 15.37
O1G ATP G . -2.19 40.96 15.73
O2G ATP G . -0.21 42.23 14.89
O3G ATP G . -2.61 42.96 14.25
PB ATP G . -0.25 42.74 17.30
O1B ATP G . -0.09 41.28 16.82
O2B ATP G . 0.80 43.60 16.68
O3B ATP G . -1.74 43.24 16.77
PA ATP G . 0.35 43.97 19.56
O1A ATP G . 0.03 43.85 20.99
O2A ATP G . 1.82 44.19 19.22
O3A ATP G . -0.17 42.69 18.84
O5' ATP G . -0.45 45.14 18.92
C5' ATP G . 0.32 46.12 18.21
C4' ATP G . -0.57 46.89 17.27
O4' ATP G . -1.68 47.42 18.00
C3' ATP G . 0.10 48.12 16.68
O3' ATP G . -0.63 48.61 15.56
C2' ATP G . 0.00 49.10 17.85
O2' ATP G . -0.03 50.44 17.38
C1' ATP G . -1.34 48.71 18.48
N9 ATP G . -1.38 48.66 19.93
C8 ATP G . -2.31 47.98 20.66
N7 ATP G . -2.16 48.08 21.96
C5 ATP G . -1.04 48.88 22.10
C6 ATP G . -0.35 49.37 23.22
N6 ATP G . -0.70 49.09 24.48
N1 ATP G . 0.73 50.15 23.01
C2 ATP G . 1.09 50.43 21.75
N3 ATP G . 0.52 50.03 20.61
C4 ATP G . -0.54 49.25 20.85
PG ATP H . 37.64 -1.10 3.93
O1G ATP H . 36.58 -2.09 4.28
O2G ATP H . 38.48 -1.63 2.71
O3G ATP H . 37.02 0.31 3.59
PB ATP H . 39.32 -2.46 5.52
O1B ATP H . 38.91 -3.01 6.92
O2B ATP H . 38.97 -3.43 4.45
O3B ATP H . 38.65 -0.96 5.28
PA ATP H . 41.74 -2.93 4.38
O1A ATP H . 41.72 -4.39 4.51
O2A ATP H . 41.27 -2.39 3.02
O3A ATP H . 40.84 -2.20 5.45
O5' ATP H . 43.16 -2.39 4.81
C5' ATP H . 43.22 -1.15 5.53
C4' ATP H . 44.47 -1.10 6.38
O4' ATP H . 44.43 -2.13 7.39
C3' ATP H . 45.79 -1.29 5.63
O3' ATP H . 46.54 -0.09 5.68
C2' ATP H . 46.50 -2.43 6.40
O2' ATP H . 47.87 -2.11 6.64
C1' ATP H . 45.75 -2.46 7.72
N9 ATP H . 45.77 -3.75 8.42
C8 ATP H . 44.68 -4.53 8.72
N7 ATP H . 44.98 -5.63 9.38
C5 ATP H . 46.36 -5.56 9.53
C6 ATP H . 47.30 -6.41 10.14
N6 ATP H . 46.97 -7.55 10.74
N1 ATP H . 48.60 -6.05 10.11
C2 ATP H . 48.94 -4.90 9.52
N3 ATP H . 48.14 -4.02 8.90
C4 ATP H . 46.86 -4.40 8.94
PG ATP I . 15.75 20.44 35.71
O1G ATP I . 14.40 21.08 35.70
O2G ATP I . 16.16 19.98 34.26
O3G ATP I . 16.83 21.44 36.30
PB ATP I . 17.15 18.33 36.64
O1B ATP I . 17.02 16.91 36.05
O2B ATP I . 18.07 19.16 35.83
O3B ATP I . 15.69 19.10 36.70
PA ATP I . 19.17 18.44 38.26
O1A ATP I . 19.84 17.30 38.88
O2A ATP I . 19.71 18.88 36.91
O3A ATP I . 17.66 18.18 38.09
O5' ATP I . 19.25 19.72 39.11
C5' ATP I . 19.07 20.83 38.25
C4' ATP I . 19.59 22.05 38.93
O4' ATP I . 19.64 21.82 40.36
C3' ATP I . 21.01 22.44 38.50
O3' ATP I . 21.06 23.84 38.23
C2' ATP I . 21.85 22.10 39.72
O2' ATP I . 22.94 23.00 39.89
C1' ATP I . 20.86 22.33 40.84
N9 ATP I . 21.16 21.68 42.11
C8 ATP I . 20.28 21.51 43.13
N7 ATP I . 20.78 20.90 44.17
C5 ATP I . 22.10 20.68 43.81
C6 ATP I . 23.16 20.07 44.49
N6 ATP I . 23.07 19.56 45.72
N1 ATP I . 24.35 19.99 43.85
C2 ATP I . 24.45 20.49 42.62
N3 ATP I . 23.51 21.10 41.88
C4 ATP I . 22.36 21.16 42.54
PG ATP J . 17.99 -26.36 -3.73
O1G ATP J . 16.84 -25.43 -3.53
O2G ATP J . 17.53 -27.54 -4.66
O3G ATP J . 19.21 -25.62 -4.39
PB ATP J . 18.20 -28.54 -2.20
O1B ATP J . 17.07 -28.89 -1.19
O2B ATP J . 17.88 -29.03 -3.56
O3B ATP J . 18.50 -26.91 -2.23
PA ATP J . 20.52 -29.32 -3.00
O1A ATP J . 20.15 -30.37 -3.96
O2A ATP J . 20.55 -27.90 -3.57
O3A ATP J . 19.51 -29.25 -1.80
O5' ATP J . 21.90 -29.69 -2.38
C5' ATP J . 23.05 -29.25 -3.10
C4' ATP J . 24.15 -30.25 -2.86
O4' ATP J . 23.62 -31.38 -2.14
C3' ATP J . 24.81 -30.80 -4.13
O3' ATP J . 26.22 -30.87 -4.01
C2' ATP J . 24.21 -32.21 -4.26
O2' ATP J . 25.12 -33.10 -4.87
C1' ATP J . 24.01 -32.57 -2.80
N9 ATP J . 22.96 -33.56 -2.60
C8 ATP J . 21.83 -33.43 -1.84
N7 ATP J . 21.04 -34.47 -1.87
C5 ATP J . 21.70 -35.36 -2.70
C6 ATP J . 21.39 -36.65 -3.16
N6 ATP J . 20.30 -37.32 -2.80
N1 ATP J . 22.27 -37.25 -4.00
C2 ATP J . 23.38 -36.59 -4.35
N3 ATP J . 23.77 -35.36 -4.00
C4 ATP J . 22.89 -34.81 -3.17
PG ATP K . 12.59 -14.59 39.71
O1G ATP K . 13.19 -14.74 41.06
O2G ATP K . 11.34 -15.55 39.66
O3G ATP K . 12.12 -13.10 39.56
PB ATP K . 15.25 -14.46 38.49
O1B ATP K . 15.16 -12.99 38.46
O2B ATP K . 15.87 -14.99 37.17
O3B ATP K . 13.68 -15.09 38.53
PA ATP K . 17.55 -15.70 39.19
O1A ATP K . 17.21 -17.06 38.74
O2A ATP K . 18.15 -14.82 38.09
O3A ATP K . 16.22 -14.90 39.63
O5' ATP K . 18.58 -15.87 40.41
C5' ATP K . 19.93 -16.38 40.14
C4' ATP K . 20.75 -16.68 41.38
O4' ATP K . 19.90 -17.12 42.46
C3' ATP K . 21.78 -17.79 41.21
O3' ATP K . 23.01 -17.27 40.69
C2' ATP K . 21.94 -18.33 42.63
O2' ATP K . 22.95 -17.64 43.37
C1' ATP K . 20.53 -18.15 43.20
N9 ATP K . 19.67 -19.33 43.11
C8 ATP K . 18.49 -19.51 43.78
N7 ATP K . 17.89 -20.64 43.49
C5 ATP K . 18.73 -21.24 42.57
C6 ATP K . 18.65 -22.45 41.86
N6 ATP K . 17.64 -23.32 41.99
N1 ATP K . 19.65 -22.75 41.01
C2 ATP K . 20.65 -21.88 40.87
N3 ATP K . 20.82 -20.70 41.47
C4 ATP K . 19.83 -20.44 42.32
PG ATP L . -13.54 -24.22 -14.30
O1G ATP L . -12.82 -23.27 -13.26
O2G ATP L . -13.25 -23.78 -15.77
O3G ATP L . -15.01 -24.21 -14.10
PB ATP L . -14.18 -26.76 -14.60
O1B ATP L . -15.23 -27.07 -13.49
O2B ATP L . -14.80 -26.14 -15.78
O3B ATP L . -12.97 -25.78 -14.06
PA ATP L . -13.18 -28.28 -16.51
O1A ATP L . -14.31 -28.05 -17.44
O2A ATP L . -11.92 -27.46 -16.74
O3A ATP L . -13.58 -28.11 -15.00
O5' ATP L . -12.87 -29.78 -16.47
C5' ATP L . -12.49 -30.33 -15.20
C4' ATP L . -11.90 -31.68 -15.42
O4' ATP L . -12.93 -32.69 -15.34
C3' ATP L . -11.25 -31.87 -16.78
O3' ATP L . -10.15 -32.78 -16.69
C2' ATP L . -12.39 -32.42 -17.62
O2' ATP L . -11.95 -33.19 -18.73
C1' ATP L . -13.13 -33.29 -16.60
N9 ATP L . -14.55 -33.39 -16.81
C8 ATP L . -15.52 -33.41 -15.84
N7 ATP L . -16.74 -33.52 -16.29
C5 ATP L . -16.57 -33.56 -17.66
C6 ATP L . -17.50 -33.67 -18.72
N6 ATP L . -18.81 -33.75 -18.56
N1 ATP L . -16.99 -33.70 -19.98
C2 ATP L . -15.67 -33.62 -20.15
N3 ATP L . -14.72 -33.51 -19.23
C4 ATP L . -15.23 -33.49 -18.00
PG ATP M . -11.90 -34.63 30.89
O1G ATP M . -12.51 -34.03 32.11
O2G ATP M . -12.53 -34.00 29.60
O3G ATP M . -10.34 -34.36 30.86
PB ATP M . -12.04 -36.77 29.29
O1B ATP M . -13.16 -37.76 28.93
O2B ATP M . -12.12 -35.61 28.36
O3B ATP M . -12.17 -36.30 30.88
PA ATP M . -10.96 -39.07 29.27
O1A ATP M . -11.24 -39.32 30.69
O2A ATP M . -12.17 -39.46 28.39
O3A ATP M . -10.73 -37.54 29.06
O5' ATP M . -9.63 -39.81 28.83
C5' ATP M . -8.30 -39.38 29.17
C4' ATP M . -7.37 -40.58 29.10
O4' ATP M . -7.66 -41.49 30.16
C3' ATP M . -7.40 -41.35 27.78
O3' ATP M . -6.19 -41.19 27.06
C2' ATP M . -7.57 -42.82 28.19
O2' ATP M . -6.35 -43.53 28.10
C1' ATP M . -8.06 -42.75 29.65
N9 ATP M . -9.49 -42.91 29.85
C8 ATP M . -10.30 -42.09 30.59
N7 ATP M . -11.55 -42.47 30.64
C5 ATP M . -11.56 -43.65 29.89
C6 ATP M . -12.59 -44.54 29.56
N6 ATP M . -13.85 -44.40 29.95
N1 ATP M . -12.25 -45.61 28.80
C2 ATP M . -11.00 -45.74 28.39
N3 ATP M . -9.95 -44.96 28.64
C4 ATP M . -10.30 -43.93 29.41
PG ATP N . -34.05 -0.72 -12.99
O1G ATP N . -34.06 -1.24 -11.61
O2G ATP N . -33.58 0.79 -12.99
O3G ATP N . -33.14 -1.63 -13.89
PB ATP N . -36.38 0.53 -12.91
O1B ATP N . -36.90 0.24 -11.48
O2B ATP N . -35.43 1.67 -12.98
O3B ATP N . -35.61 -0.78 -13.58
PA ATP N . -37.03 1.00 -15.29
O1A ATP N . -35.55 1.32 -15.10
O2A ATP N . -37.78 2.02 -16.02
O3A ATP N . -37.54 0.85 -13.84
O5' ATP N . -37.31 -0.42 -15.88
C5' ATP N . -38.05 -1.38 -15.10
C4' ATP N . -37.77 -2.75 -15.60
O4' ATP N . -39.03 -3.44 -15.74
C3' ATP N . -37.23 -2.76 -17.01
O3' ATP N . -36.69 -4.04 -17.32
C2' ATP N . -38.49 -2.46 -17.84
O2' ATP N . -38.45 -3.05 -19.14
C1' ATP N . -39.60 -3.09 -16.98
N9 ATP N . -40.73 -2.23 -16.73
C8 ATP N . -41.35 -2.04 -15.51
N7 ATP N . -42.37 -1.21 -15.56
C5 ATP N . -42.42 -0.81 -16.88
C6 ATP N . -43.26 0.08 -17.56
N6 ATP N . -44.27 0.73 -16.99
N1 ATP N . -43.05 0.25 -18.89
C2 ATP N . -42.05 -0.41 -19.47
N3 ATP N . -41.17 -1.27 -18.92
C4 ATP N . -41.42 -1.42 -17.62
PG ATP O . -42.72 -28.81 21.94
O1G ATP O . -43.75 -29.58 22.68
O2G ATP O . -41.42 -28.68 22.82
O3G ATP O . -42.39 -29.52 20.58
PB ATP O . -43.86 -27.64 20.05
O1B ATP O . -44.94 -26.63 19.62
O2B ATP O . -42.69 -27.53 19.14
O3B ATP O . -43.38 -27.31 21.61
PA ATP O . -45.94 -29.30 19.67
O1A ATP O . -46.80 -29.11 20.85
O2A ATP O . -46.25 -28.31 18.54
O3A ATP O . -44.42 -29.08 20.03
O5' ATP O . -46.07 -30.82 19.19
C5' ATP O . -44.95 -31.72 19.20
C4' ATP O . -45.31 -33.04 18.56
O4' ATP O . -46.65 -33.44 18.95
C3' ATP O . -45.28 -33.06 17.03
O3' ATP O . -44.67 -34.27 16.57
C2' ATP O . -46.76 -33.06 16.66
O2' ATP O . -47.00 -33.72 15.42
C1' ATP O . -47.33 -33.88 17.80
N9 ATP O . -48.74 -33.69 18.00
C8 ATP O . -49.35 -33.26 19.14
N7 ATP O . -50.66 -33.17 19.07
C5 ATP O . -50.93 -33.60 17.77
C6 ATP O . -52.13 -33.74 17.06
N6 ATP O . -53.34 -33.48 17.58
N1 ATP O . -52.05 -34.19 15.80
C2 ATP O . -50.86 -34.46 15.28
N3 ATP O . -49.66 -34.36 15.86
C4 ATP O . -49.76 -33.93 17.11
PG ATP P . -31.38 28.87 5.80
O1G ATP P . -31.57 29.06 7.27
O2G ATP P . -30.57 30.08 5.21
O3G ATP P . -30.59 27.52 5.53
PB ATP P . -33.65 30.25 5.43
O1B ATP P . -34.36 30.14 6.81
O2B ATP P . -32.64 31.35 5.48
O3B ATP P . -32.90 28.80 5.07
PA ATP P . -34.15 31.37 3.09
O1A ATP P . -33.92 32.79 3.44
O2A ATP P . -32.91 30.60 2.63
O3A ATP P . -34.70 30.56 4.33
O5' ATP P . -35.28 31.33 1.98
C5' ATP P . -34.88 31.22 0.60
C4' ATP P . -36.10 31.36 -0.28
O4' ATP P . -37.20 31.89 0.50
C3' ATP P . -35.93 32.30 -1.48
O3' ATP P . -36.61 31.79 -2.61
C2' ATP P . -36.58 33.59 -0.98
O2' ATP P . -37.09 34.36 -2.07
C1' ATP P . -37.71 33.05 -0.12
N9 ATP P . -38.19 33.97 0.91
C8 ATP P . -38.26 33.71 2.25
N7 ATP P . -38.75 34.70 2.96
C5 ATP P . -39.00 35.68 2.01
C6 ATP P . -39.53 36.99 2.10
N6 ATP P . -39.90 37.55 3.26
N1 ATP P . -39.67 37.69 0.96
C2 ATP P . -39.30 37.13 -0.19
N3 ATP P . -38.79 35.91 -0.41
C4 ATP P . -38.67 35.24 0.74
PG ATP Q . -60.67 -0.98 26.09
O1G ATP Q . -61.19 -1.74 27.28
O2G ATP Q . -59.80 0.24 26.60
O3G ATP Q . -59.78 -1.95 25.21
PB ATP Q . -61.84 1.26 24.99
O1B ATP Q . -61.28 1.91 26.29
O2B ATP Q . -60.88 1.53 23.88
O3B ATP Q . -61.98 -0.40 25.20
PA ATP Q . -63.61 2.38 23.24
O1A ATP Q . -64.11 3.78 23.32
O2A ATP Q . -62.36 2.18 22.38
O3A ATP Q . -63.25 1.84 24.67
O5' ATP Q . -64.78 1.52 22.63
C5' ATP Q . -64.70 1.18 21.24
C4' ATP Q . -65.98 0.49 20.82
O4' ATP Q . -67.04 0.87 21.71
C3' ATP Q . -66.50 0.85 19.42
O3' ATP Q . -66.02 -0.08 18.45
C2' ATP Q . -68.02 0.80 19.57
O2' ATP Q . -68.57 -0.26 18.78
C1' ATP Q . -68.25 0.54 21.06
N9 ATP Q . -69.32 1.33 21.67
C8 ATP Q . -70.24 0.87 22.57
N7 ATP Q . -71.08 1.79 22.97
C5 ATP Q . -70.68 2.93 22.29
C6 ATP Q . -71.17 4.25 22.28
N6 ATP Q . -72.22 4.66 23.00
N1 ATP Q . -70.54 5.14 21.50
C2 ATP Q . -69.49 4.73 20.77
N3 ATP Q . -68.94 3.52 20.70
C4 ATP Q . -69.59 2.66 21.49
#